data_8AEY
#
_entry.id   8AEY
#
_cell.length_a   1.00
_cell.length_b   1.00
_cell.length_c   1.00
_cell.angle_alpha   90.00
_cell.angle_beta   90.00
_cell.angle_gamma   90.00
#
_symmetry.space_group_name_H-M   'P 1'
#
loop_
_entity.id
_entity.type
_entity.pdbx_description
1 polymer 'Ferritin BfrB'
2 water water
#
_entity_poly.entity_id   1
_entity_poly.type   'polypeptide(L)'
_entity_poly.pdbx_seq_one_letter_code
;MTEYEGPKTKFHALMQEQIHNEFTAAQQYVAIAVYFDSEDLPQLAKHFYSQAVEERNHAMMLVQHLLDRDLRVEIPGVDT
VRNQFDRPREALALALDQERTVTDQVGRLTAVARDEGDFLGEQFMQWFLQEQIEEVALMATLVRVADRAGANLFELENFV
AREVDVAPAASGAPHAAGGRL
;
_entity_poly.pdbx_strand_id   A,B,C,D,E,F,G,H,I,J,K,L,M,N,O,P,Q,R,S,T,V,W,X,Y
#
# COMPACT_ATOMS: atom_id res chain seq x y z
N GLU A 5 43.66 36.26 38.30
CA GLU A 5 42.43 35.73 37.63
C GLU A 5 42.38 34.17 37.55
N GLY A 6 43.52 33.52 37.81
CA GLY A 6 43.70 32.07 37.78
C GLY A 6 44.88 31.64 36.92
N PRO A 7 45.57 30.52 37.25
CA PRO A 7 46.75 30.07 36.49
C PRO A 7 46.41 29.39 35.15
N LYS A 8 46.79 30.03 34.03
CA LYS A 8 46.62 29.46 32.70
C LYS A 8 47.82 28.62 32.30
N THR A 9 47.57 27.35 31.97
CA THR A 9 48.54 26.54 31.24
C THR A 9 48.61 27.07 29.81
N LYS A 10 49.74 26.86 29.12
CA LYS A 10 49.90 27.45 27.78
C LYS A 10 49.19 26.70 26.67
N PHE A 11 48.71 25.49 26.96
CA PHE A 11 47.78 24.82 26.05
C PHE A 11 46.50 25.62 25.98
N HIS A 12 45.97 26.01 27.14
CA HIS A 12 44.77 26.82 27.24
C HIS A 12 45.02 28.18 26.57
N ALA A 13 46.15 28.79 26.91
CA ALA A 13 46.49 30.12 26.41
C ALA A 13 46.70 30.17 24.89
N LEU A 14 47.07 29.03 24.29
CA LEU A 14 47.36 28.95 22.87
C LEU A 14 46.15 28.49 22.08
N MET A 15 45.29 27.72 22.75
CA MET A 15 44.03 27.29 22.18
C MET A 15 43.05 28.45 22.05
N GLN A 16 43.13 29.42 22.97
CA GLN A 16 42.39 30.67 22.84
C GLN A 16 42.80 31.38 21.55
N GLU A 17 44.12 31.46 21.33
CA GLU A 17 44.69 32.04 20.12
C GLU A 17 44.20 31.32 18.88
N GLN A 18 44.05 29.99 18.98
CA GLN A 18 43.59 29.21 17.85
C GLN A 18 42.13 29.47 17.54
N ILE A 19 41.33 29.73 18.59
CA ILE A 19 39.93 30.10 18.40
C ILE A 19 39.88 31.38 17.56
N HIS A 20 40.72 32.33 17.92
CA HIS A 20 40.85 33.59 17.20
C HIS A 20 41.24 33.36 15.74
N ASN A 21 42.20 32.46 15.53
CA ASN A 21 42.66 32.12 14.19
C ASN A 21 41.59 31.51 13.31
N GLU A 22 40.81 30.57 13.86
CA GLU A 22 39.77 29.91 13.09
C GLU A 22 38.66 30.86 12.71
N PHE A 23 38.32 31.79 13.62
CA PHE A 23 37.36 32.84 13.31
C PHE A 23 37.82 33.75 12.16
N THR A 24 39.09 34.16 12.21
CA THR A 24 39.66 34.99 11.14
C THR A 24 39.72 34.23 9.82
N ALA A 25 40.00 32.92 9.91
CA ALA A 25 40.08 32.06 8.75
C ALA A 25 38.73 31.94 8.07
N ALA A 26 37.67 31.83 8.89
CA ALA A 26 36.31 31.77 8.38
C ALA A 26 35.96 33.06 7.64
N GLN A 27 36.31 34.20 8.24
CA GLN A 27 36.03 35.49 7.60
C GLN A 27 36.81 35.67 6.30
N GLN A 28 38.03 35.15 6.27
CA GLN A 28 38.86 35.16 5.06
C GLN A 28 38.26 34.32 3.95
N TYR A 29 37.70 33.15 4.30
CA TYR A 29 36.97 32.29 3.34
C TYR A 29 35.73 33.03 2.82
N VAL A 30 35.03 33.76 3.69
CA VAL A 30 33.87 34.53 3.22
C VAL A 30 34.33 35.57 2.21
N ALA A 31 35.46 36.23 2.49
CA ALA A 31 35.96 37.28 1.59
C ALA A 31 36.37 36.72 0.23
N ILE A 32 37.04 35.57 0.25
CA ILE A 32 37.45 34.86 -0.96
C ILE A 32 36.23 34.48 -1.79
N ALA A 33 35.22 33.90 -1.14
CA ALA A 33 33.95 33.51 -1.78
C ALA A 33 33.19 34.71 -2.37
N VAL A 34 33.25 35.85 -1.69
CA VAL A 34 32.58 37.05 -2.14
C VAL A 34 33.27 37.61 -3.38
N TYR A 35 34.61 37.55 -3.40
CA TYR A 35 35.42 37.93 -4.59
C TYR A 35 35.07 37.02 -5.77
N PHE A 36 34.95 35.72 -5.52
CA PHE A 36 34.57 34.77 -6.56
C PHE A 36 33.15 35.00 -7.05
N ASP A 37 32.26 35.48 -6.18
CA ASP A 37 30.87 35.71 -6.53
C ASP A 37 30.72 36.98 -7.37
N SER A 38 31.60 37.97 -7.12
CA SER A 38 31.60 39.20 -7.89
C SER A 38 32.18 39.00 -9.28
N GLU A 39 33.16 38.09 -9.40
CA GLU A 39 33.78 37.76 -10.68
C GLU A 39 33.06 36.68 -11.48
N ASP A 40 31.83 36.36 -11.08
CA ASP A 40 30.97 35.41 -11.79
C ASP A 40 31.61 34.03 -11.93
N LEU A 41 32.02 33.47 -10.80
CA LEU A 41 32.51 32.09 -10.73
C LEU A 41 31.73 31.38 -9.63
N PRO A 42 30.43 31.08 -9.85
CA PRO A 42 29.54 30.64 -8.78
C PRO A 42 29.78 29.24 -8.19
N GLN A 43 30.43 28.33 -8.91
CA GLN A 43 30.77 27.02 -8.35
C GLN A 43 31.90 27.16 -7.36
N LEU A 44 32.90 27.96 -7.73
CA LEU A 44 33.99 28.31 -6.84
C LEU A 44 33.44 28.98 -5.59
N ALA A 45 32.54 29.94 -5.80
CA ALA A 45 31.93 30.70 -4.72
C ALA A 45 31.16 29.76 -3.79
N LYS A 46 30.40 28.83 -4.38
CA LYS A 46 29.61 27.89 -3.63
C LYS A 46 30.49 27.07 -2.72
N HIS A 47 31.60 26.55 -3.27
CA HIS A 47 32.54 25.77 -2.49
C HIS A 47 33.10 26.54 -1.32
N PHE A 48 33.48 27.79 -1.56
CA PHE A 48 34.07 28.58 -0.49
C PHE A 48 33.09 29.07 0.57
N TYR A 49 31.84 29.27 0.19
CA TYR A 49 30.73 29.56 1.13
C TYR A 49 30.51 28.34 2.02
N SER A 50 30.70 27.14 1.48
CA SER A 50 30.65 25.93 2.29
C SER A 50 31.86 25.84 3.24
N GLN A 51 33.04 26.23 2.75
CA GLN A 51 34.27 26.18 3.55
C GLN A 51 34.28 27.15 4.70
N ALA A 52 33.63 28.30 4.53
CA ALA A 52 33.52 29.30 5.58
C ALA A 52 32.69 28.76 6.74
N VAL A 53 31.60 28.06 6.38
CA VAL A 53 30.75 27.40 7.34
C VAL A 53 31.53 26.34 8.07
N GLU A 54 32.33 25.57 7.33
CA GLU A 54 33.14 24.51 7.92
C GLU A 54 34.14 25.08 8.92
N GLU A 55 34.73 26.23 8.60
CA GLU A 55 35.74 26.86 9.44
C GLU A 55 35.12 27.43 10.71
N ARG A 56 33.93 28.03 10.58
CA ARG A 56 33.12 28.52 11.73
C ARG A 56 32.78 27.34 12.64
N ASN A 57 32.42 26.20 12.05
CA ASN A 57 32.16 24.99 12.81
C ASN A 57 33.37 24.52 13.59
N HIS A 58 34.56 24.61 12.99
CA HIS A 58 35.81 24.28 13.68
C HIS A 58 36.02 25.19 14.88
N ALA A 59 35.79 26.48 14.69
CA ALA A 59 35.90 27.46 15.76
C ALA A 59 34.97 27.11 16.92
N MET A 60 33.72 26.76 16.57
CA MET A 60 32.73 26.35 17.54
C MET A 60 33.13 25.07 18.28
N MET A 61 33.83 24.16 17.59
CA MET A 61 34.31 22.92 18.19
C MET A 61 35.36 23.21 19.25
N LEU A 62 36.29 24.11 18.93
CA LEU A 62 37.31 24.54 19.87
C LEU A 62 36.68 25.21 21.10
N VAL A 63 35.73 26.11 20.84
CA VAL A 63 34.98 26.79 21.89
C VAL A 63 34.30 25.79 22.82
N GLN A 64 33.61 24.81 22.24
CA GLN A 64 32.89 23.78 22.97
C GLN A 64 33.81 22.96 23.83
N HIS A 65 35.03 22.71 23.32
CA HIS A 65 36.04 22.00 24.09
C HIS A 65 36.49 22.77 25.30
N LEU A 66 36.60 24.09 25.16
CA LEU A 66 36.93 24.92 26.31
C LEU A 66 35.81 24.92 27.33
N LEU A 67 34.56 24.97 26.84
CA LEU A 67 33.38 24.96 27.70
C LEU A 67 33.25 23.67 28.49
N ASP A 68 33.65 22.54 27.88
CA ASP A 68 33.56 21.22 28.51
C ASP A 68 34.54 21.03 29.66
N ARG A 69 35.75 21.54 29.50
CA ARG A 69 36.83 21.45 30.52
C ARG A 69 36.76 22.63 31.49
N ASP A 70 35.71 23.45 31.39
CA ASP A 70 35.42 24.55 32.32
C ASP A 70 36.55 25.56 32.45
N LEU A 71 37.28 25.78 31.35
CA LEU A 71 38.28 26.84 31.30
C LEU A 71 37.57 28.05 30.69
N ARG A 72 38.05 29.23 31.08
CA ARG A 72 37.45 30.50 30.57
C ARG A 72 37.77 30.61 29.09
N VAL A 73 36.84 31.15 28.32
CA VAL A 73 37.04 31.27 26.90
C VAL A 73 36.43 32.60 26.47
N GLU A 74 37.17 33.32 25.63
CA GLU A 74 36.75 34.59 25.07
C GLU A 74 36.35 34.30 23.65
N ILE A 75 35.22 34.87 23.22
CA ILE A 75 34.88 34.92 21.82
C ILE A 75 35.50 36.22 21.30
N PRO A 76 36.56 36.16 20.48
CA PRO A 76 37.34 37.35 20.14
C PRO A 76 36.80 38.08 18.90
N GLY A 77 37.41 39.22 18.58
CA GLY A 77 37.18 39.92 17.34
C GLY A 77 37.96 39.23 16.25
N VAL A 78 37.86 39.78 15.04
CA VAL A 78 38.50 39.22 13.86
C VAL A 78 39.28 40.36 13.22
N ASP A 79 40.48 40.04 12.72
CA ASP A 79 41.32 41.05 12.09
C ASP A 79 40.76 41.33 10.73
N THR A 80 41.24 42.40 10.08
CA THR A 80 40.86 42.68 8.71
C THR A 80 41.44 41.58 7.82
N VAL A 81 40.60 41.07 6.93
CA VAL A 81 40.97 40.04 6.00
C VAL A 81 41.13 40.69 4.63
N ARG A 82 41.73 39.95 3.68
CA ARG A 82 42.07 40.45 2.34
C ARG A 82 40.85 40.38 1.41
N ASN A 83 40.64 41.43 0.60
CA ASN A 83 39.55 41.46 -0.38
C ASN A 83 40.00 41.67 -1.83
N GLN A 84 41.12 42.38 -2.03
CA GLN A 84 41.65 42.63 -3.36
C GLN A 84 42.42 41.41 -3.86
N PHE A 85 42.06 40.96 -5.05
CA PHE A 85 42.80 39.96 -5.77
C PHE A 85 42.75 40.37 -7.20
N ASP A 86 43.88 40.28 -7.90
CA ASP A 86 43.95 40.68 -9.30
C ASP A 86 43.46 39.59 -10.26
N ARG A 87 43.60 38.31 -9.87
CA ARG A 87 43.12 37.14 -10.64
C ARG A 87 42.71 36.03 -9.68
N PRO A 88 41.86 35.07 -10.11
CA PRO A 88 41.43 33.97 -9.23
C PRO A 88 42.53 33.07 -8.66
N ARG A 89 43.64 32.94 -9.39
CA ARG A 89 44.78 32.07 -9.01
C ARG A 89 45.33 32.54 -7.66
N GLU A 90 45.36 33.86 -7.43
CA GLU A 90 45.91 34.41 -6.20
C GLU A 90 45.04 34.15 -4.98
N ALA A 91 43.72 34.19 -5.16
CA ALA A 91 42.78 33.94 -4.08
C ALA A 91 42.84 32.48 -3.68
N LEU A 92 42.93 31.61 -4.69
CA LEU A 92 43.11 30.19 -4.44
C LEU A 92 44.44 29.90 -3.73
N ALA A 93 45.49 30.63 -4.12
CA ALA A 93 46.80 30.47 -3.51
C ALA A 93 46.75 30.92 -2.07
N LEU A 94 45.97 31.96 -1.78
CA LEU A 94 45.79 32.47 -0.44
C LEU A 94 45.10 31.44 0.43
N ALA A 95 44.07 30.79 -0.12
CA ALA A 95 43.37 29.73 0.58
C ALA A 95 44.30 28.59 0.95
N LEU A 96 45.06 28.12 -0.04
CA LEU A 96 46.05 27.07 0.13
C LEU A 96 47.06 27.42 1.21
N ASP A 97 47.59 28.64 1.14
CA ASP A 97 48.52 29.19 2.11
C ASP A 97 47.91 29.11 3.52
N GLN A 98 46.68 29.63 3.65
CA GLN A 98 45.99 29.70 4.92
C GLN A 98 45.88 28.32 5.51
N GLU A 99 45.51 27.34 4.69
CA GLU A 99 45.31 26.00 5.18
C GLU A 99 46.60 25.32 5.61
N ARG A 100 47.70 25.61 4.91
CA ARG A 100 49.04 25.12 5.34
C ARG A 100 49.39 25.73 6.69
N THR A 101 49.07 27.01 6.88
CA THR A 101 49.30 27.66 8.17
C THR A 101 48.49 26.96 9.24
N VAL A 102 47.19 26.78 9.00
CA VAL A 102 46.29 26.12 9.95
C VAL A 102 46.83 24.75 10.36
N THR A 103 47.36 24.00 9.39
CA THR A 103 47.98 22.72 9.66
C THR A 103 49.14 22.85 10.62
N ASP A 104 50.02 23.83 10.37
CA ASP A 104 51.16 24.06 11.25
C ASP A 104 50.76 24.49 12.66
N GLN A 105 49.70 25.29 12.75
CA GLN A 105 49.14 25.74 14.02
C GLN A 105 48.60 24.60 14.85
N VAL A 106 47.82 23.71 14.22
CA VAL A 106 47.27 22.55 14.88
C VAL A 106 48.40 21.60 15.31
N GLY A 107 49.45 21.51 14.48
CA GLY A 107 50.65 20.79 14.85
C GLY A 107 51.27 21.33 16.13
N ARG A 108 51.34 22.66 16.20
CA ARG A 108 51.94 23.42 17.33
C ARG A 108 51.13 23.15 18.59
N LEU A 109 49.80 23.11 18.46
CA LEU A 109 48.91 22.77 19.57
C LEU A 109 49.09 21.35 20.10
N THR A 110 49.19 20.38 19.18
CA THR A 110 49.40 18.99 19.57
C THR A 110 50.72 18.85 20.31
N ALA A 111 51.74 19.56 19.82
CA ALA A 111 53.07 19.56 20.43
C ALA A 111 53.07 20.15 21.82
N VAL A 112 52.42 21.31 21.99
CA VAL A 112 52.40 21.98 23.29
C VAL A 112 51.57 21.19 24.31
N ALA A 113 50.52 20.52 23.83
CA ALA A 113 49.69 19.67 24.65
C ALA A 113 50.49 18.50 25.16
N ARG A 114 51.29 17.91 24.26
CA ARG A 114 52.10 16.71 24.59
C ARG A 114 53.26 17.09 25.51
N ASP A 115 53.79 18.31 25.36
CA ASP A 115 54.82 18.78 26.27
C ASP A 115 54.29 18.85 27.70
N GLU A 116 53.18 19.56 27.90
CA GLU A 116 52.64 19.81 29.24
C GLU A 116 51.70 18.75 29.79
N GLY A 117 51.72 17.56 29.18
CA GLY A 117 50.99 16.41 29.67
C GLY A 117 49.49 16.62 29.80
N ASP A 118 48.90 17.29 28.80
CA ASP A 118 47.45 17.51 28.74
C ASP A 118 46.86 16.48 27.78
N PHE A 119 46.52 15.32 28.32
CA PHE A 119 46.14 14.17 27.53
C PHE A 119 44.80 14.32 26.82
N LEU A 120 43.86 15.02 27.47
CA LEU A 120 42.61 15.40 26.86
C LEU A 120 42.87 16.33 25.68
N GLY A 121 43.78 17.27 25.88
CA GLY A 121 44.17 18.20 24.82
C GLY A 121 44.90 17.55 23.67
N GLU A 122 45.76 16.57 23.96
CA GLU A 122 46.45 15.80 22.95
C GLU A 122 45.39 15.12 22.10
N GLN A 123 44.46 14.45 22.77
CA GLN A 123 43.48 13.60 22.10
C GLN A 123 42.47 14.38 21.28
N PHE A 124 42.08 15.57 21.76
CA PHE A 124 41.03 16.34 21.15
C PHE A 124 41.33 16.77 19.72
N MET A 125 42.62 16.95 19.40
CA MET A 125 43.03 17.58 18.15
C MET A 125 43.53 16.64 17.06
N GLN A 126 43.34 15.34 17.30
CA GLN A 126 43.63 14.34 16.32
C GLN A 126 42.66 14.49 15.17
N TRP A 127 41.43 14.90 15.50
CA TRP A 127 40.40 15.07 14.49
C TRP A 127 40.72 16.25 13.60
N PHE A 128 41.34 17.28 14.18
CA PHE A 128 41.76 18.45 13.44
C PHE A 128 42.89 18.13 12.48
N LEU A 129 43.82 17.28 12.92
CA LEU A 129 44.89 16.78 12.04
C LEU A 129 44.31 16.01 10.84
N GLN A 130 43.36 15.13 11.13
CA GLN A 130 42.66 14.35 10.11
C GLN A 130 42.00 15.23 9.08
N GLU A 131 41.32 16.29 9.55
CA GLU A 131 40.62 17.21 8.65
C GLU A 131 41.57 18.02 7.81
N GLN A 132 42.71 18.39 8.40
CA GLN A 132 43.73 19.12 7.67
C GLN A 132 44.33 18.35 6.50
N ILE A 133 44.50 17.03 6.65
CA ILE A 133 45.00 16.21 5.55
C ILE A 133 44.16 16.45 4.29
N GLU A 134 42.87 16.12 4.39
CA GLU A 134 41.94 16.16 3.27
C GLU A 134 41.72 17.59 2.77
N GLU A 135 41.71 18.54 3.71
CA GLU A 135 41.48 19.95 3.38
C GLU A 135 42.62 20.57 2.56
N VAL A 136 43.86 20.37 3.01
CA VAL A 136 45.02 20.86 2.27
C VAL A 136 45.15 20.13 0.93
N ALA A 137 44.74 18.85 0.92
CA ALA A 137 44.73 18.08 -0.32
C ALA A 137 43.84 18.74 -1.35
N LEU A 138 42.62 19.08 -0.93
CA LEU A 138 41.63 19.69 -1.81
C LEU A 138 42.08 21.05 -2.33
N MET A 139 42.63 21.87 -1.43
CA MET A 139 43.14 23.19 -1.81
C MET A 139 44.27 23.13 -2.80
N ALA A 140 45.22 22.21 -2.58
CA ALA A 140 46.35 22.03 -3.48
C ALA A 140 45.88 21.61 -4.85
N THR A 141 44.89 20.69 -4.88
CA THR A 141 44.29 20.23 -6.11
C THR A 141 43.69 21.39 -6.90
N LEU A 142 42.92 22.25 -6.21
CA LEU A 142 42.31 23.42 -6.84
C LEU A 142 43.33 24.42 -7.39
N VAL A 143 44.43 24.62 -6.67
CA VAL A 143 45.46 25.56 -7.11
C VAL A 143 46.17 25.05 -8.38
N ARG A 144 46.46 23.74 -8.41
CA ARG A 144 47.11 23.07 -9.57
C ARG A 144 46.18 23.09 -10.78
N VAL A 145 44.89 22.84 -10.56
CA VAL A 145 43.90 22.88 -11.64
C VAL A 145 43.77 24.31 -12.18
N ALA A 146 43.83 25.31 -11.29
CA ALA A 146 43.76 26.72 -11.68
C ALA A 146 44.97 27.13 -12.50
N ASP A 147 46.12 26.53 -12.23
CA ASP A 147 47.31 26.75 -13.05
C ASP A 147 47.21 26.10 -14.44
N ARG A 148 46.68 24.88 -14.52
CA ARG A 148 46.46 24.15 -15.81
C ARG A 148 45.44 24.90 -16.67
N ALA A 149 44.41 25.47 -16.04
CA ALA A 149 43.37 26.19 -16.75
C ALA A 149 43.90 27.52 -17.29
N GLY A 150 44.72 28.21 -16.51
CA GLY A 150 45.24 29.52 -16.88
C GLY A 150 44.10 30.53 -16.92
N ALA A 151 44.11 31.39 -17.95
CA ALA A 151 43.11 32.43 -18.09
C ALA A 151 41.71 31.90 -18.43
N ASN A 152 41.63 30.71 -19.04
CA ASN A 152 40.36 30.06 -19.37
C ASN A 152 39.71 29.48 -18.13
N LEU A 153 38.85 30.28 -17.48
CA LEU A 153 38.33 29.97 -16.17
C LEU A 153 37.15 29.00 -16.13
N PHE A 154 36.52 28.79 -17.28
CA PHE A 154 35.37 27.90 -17.35
C PHE A 154 35.72 26.44 -17.07
N GLU A 155 36.96 26.05 -17.39
CA GLU A 155 37.41 24.69 -17.19
C GLU A 155 37.68 24.41 -15.71
N LEU A 156 38.22 25.41 -15.02
CA LEU A 156 38.29 25.42 -13.56
C LEU A 156 36.90 25.26 -12.96
N GLU A 157 35.97 26.05 -13.50
CA GLU A 157 34.57 26.03 -13.08
C GLU A 157 33.95 24.63 -13.20
N ASN A 158 34.18 23.97 -14.34
CA ASN A 158 33.67 22.63 -14.59
C ASN A 158 34.30 21.58 -13.72
N PHE A 159 35.60 21.74 -13.45
CA PHE A 159 36.31 20.83 -12.55
C PHE A 159 35.73 20.90 -11.15
N VAL A 160 35.48 22.12 -10.65
CA VAL A 160 34.88 22.31 -9.33
C VAL A 160 33.48 21.72 -9.31
N ALA A 161 32.74 21.87 -10.41
CA ALA A 161 31.36 21.41 -10.48
C ALA A 161 31.21 19.90 -10.44
N ARG A 162 32.02 19.19 -11.23
CA ARG A 162 31.89 17.72 -11.42
C ARG A 162 32.62 16.96 -10.30
N GLU A 163 33.82 17.39 -9.92
CA GLU A 163 34.73 16.53 -9.16
C GLU A 163 34.86 16.87 -7.69
N VAL A 164 34.78 18.16 -7.35
CA VAL A 164 34.82 18.61 -5.98
C VAL A 164 33.40 18.65 -5.43
N ASP A 165 33.16 17.83 -4.41
CA ASP A 165 31.85 17.74 -3.78
C ASP A 165 32.07 17.82 -2.29
N VAL A 166 31.20 18.56 -1.61
CA VAL A 166 31.14 18.57 -0.15
C VAL A 166 30.17 17.47 0.28
N ALA A 167 30.72 16.26 0.46
CA ALA A 167 29.98 15.06 0.86
C ALA A 167 29.48 15.25 2.30
N PRO A 168 28.48 14.45 2.75
CA PRO A 168 28.06 14.50 4.14
C PRO A 168 29.27 14.26 5.06
N ALA A 169 29.36 15.05 6.14
CA ALA A 169 30.44 14.92 7.11
C ALA A 169 30.31 13.57 7.78
N ALA A 170 31.46 12.93 8.01
CA ALA A 170 31.52 11.65 8.66
C ALA A 170 31.43 11.91 10.14
N SER A 171 31.24 10.84 10.91
CA SER A 171 31.32 10.90 12.36
C SER A 171 32.78 11.06 12.80
N GLY A 172 32.99 11.12 14.12
CA GLY A 172 34.28 11.34 14.70
C GLY A 172 34.48 12.81 14.98
N ALA A 173 33.63 13.64 14.35
CA ALA A 173 33.68 15.07 14.54
C ALA A 173 33.23 15.35 15.96
N PRO A 174 34.01 16.09 16.77
CA PRO A 174 33.59 16.43 18.12
C PRO A 174 32.41 17.41 18.07
N HIS A 175 31.74 17.62 19.22
N HIS A 175 31.74 17.62 19.22
CA HIS A 175 30.58 18.48 19.29
CA HIS A 175 30.58 18.49 19.29
C HIS A 175 31.00 19.93 19.13
C HIS A 175 31.00 19.93 19.13
N ALA A 176 30.25 20.67 18.31
CA ALA A 176 30.46 22.09 18.09
C ALA A 176 29.43 22.83 18.92
N ALA A 177 29.86 23.93 19.54
CA ALA A 177 29.01 24.75 20.38
C ALA A 177 27.90 25.33 19.53
N GLY A 178 26.65 25.02 19.91
CA GLY A 178 25.47 25.51 19.21
C GLY A 178 25.14 24.69 17.99
N GLY A 179 25.57 23.43 17.99
CA GLY A 179 25.27 22.51 16.94
C GLY A 179 26.11 22.82 15.74
N ARG A 180 26.68 21.75 15.16
CA ARG A 180 27.39 21.79 13.85
C ARG A 180 26.41 22.31 12.81
N LEU A 181 26.84 23.28 11.98
CA LEU A 181 26.08 23.72 10.83
C LEU A 181 26.50 22.88 9.62
N GLU B 5 58.70 -33.90 -9.61
CA GLU B 5 57.51 -33.22 -9.00
C GLU B 5 56.18 -33.51 -9.75
N GLY B 6 56.28 -34.06 -10.97
CA GLY B 6 55.15 -34.39 -11.85
C GLY B 6 55.32 -33.82 -13.25
N PRO B 7 54.79 -34.49 -14.31
CA PRO B 7 54.94 -34.00 -15.69
C PRO B 7 54.02 -32.83 -16.06
N LYS B 8 54.61 -31.65 -16.31
CA LYS B 8 53.86 -30.48 -16.76
C LYS B 8 53.74 -30.44 -18.27
N THR B 9 52.51 -30.38 -18.78
CA THR B 9 52.25 -30.00 -20.16
C THR B 9 52.54 -28.50 -20.29
N LYS B 10 52.88 -28.04 -21.49
CA LYS B 10 53.28 -26.63 -21.65
C LYS B 10 52.12 -25.64 -21.68
N PHE B 11 50.89 -26.15 -21.81
CA PHE B 11 49.72 -25.31 -21.58
C PHE B 11 49.68 -24.88 -20.13
N HIS B 12 49.89 -25.84 -19.22
CA HIS B 12 49.94 -25.60 -17.79
C HIS B 12 51.11 -24.67 -17.48
N ALA B 13 52.28 -25.00 -18.05
CA ALA B 13 53.50 -24.24 -17.78
C ALA B 13 53.45 -22.80 -18.28
N LEU B 14 52.61 -22.53 -19.30
CA LEU B 14 52.51 -21.21 -19.91
C LEU B 14 51.37 -20.41 -19.31
N MET B 15 50.37 -21.13 -18.82
CA MET B 15 49.25 -20.52 -18.11
C MET B 15 49.68 -20.00 -16.74
N GLN B 16 50.66 -20.67 -16.12
CA GLN B 16 51.29 -20.15 -14.91
C GLN B 16 51.93 -18.80 -15.19
N GLU B 17 52.67 -18.74 -16.31
CA GLU B 17 53.30 -17.51 -16.78
C GLU B 17 52.27 -16.42 -17.01
N GLN B 18 51.10 -16.80 -17.52
CA GLN B 18 50.05 -15.84 -17.78
C GLN B 18 49.44 -15.30 -16.50
N ILE B 19 49.37 -16.15 -15.47
CA ILE B 19 48.90 -15.70 -14.15
C ILE B 19 49.83 -14.59 -13.67
N HIS B 20 51.14 -14.82 -13.82
CA HIS B 20 52.16 -13.84 -13.47
C HIS B 20 51.98 -12.54 -14.24
N ASN B 21 51.72 -12.67 -15.53
CA ASN B 21 51.49 -11.51 -16.40
C ASN B 21 50.29 -10.68 -16.02
N GLU B 22 49.17 -11.33 -15.70
CA GLU B 22 47.95 -10.61 -15.35
C GLU B 22 48.11 -9.88 -14.02
N PHE B 23 48.82 -10.49 -13.07
CA PHE B 23 49.14 -9.82 -11.82
C PHE B 23 49.99 -8.56 -12.02
N THR B 24 51.03 -8.67 -12.86
CA THR B 24 51.88 -7.52 -13.17
C THR B 24 51.10 -6.44 -13.90
N ALA B 25 50.17 -6.86 -14.77
CA ALA B 25 49.34 -5.96 -15.54
C ALA B 25 48.42 -5.16 -14.62
N ALA B 26 47.88 -5.84 -13.60
CA ALA B 26 47.03 -5.19 -12.62
C ALA B 26 47.82 -4.13 -11.85
N GLN B 27 49.03 -4.48 -11.43
CA GLN B 27 49.89 -3.53 -10.70
C GLN B 27 50.28 -2.34 -11.57
N GLN B 28 50.49 -2.58 -12.86
CA GLN B 28 50.78 -1.52 -13.82
C GLN B 28 49.61 -0.57 -13.99
N TYR B 29 48.39 -1.11 -14.03
CA TYR B 29 47.14 -0.30 -14.07
C TYR B 29 47.03 0.54 -12.79
N VAL B 30 47.38 -0.04 -11.63
CA VAL B 30 47.34 0.73 -10.39
C VAL B 30 48.32 1.89 -10.49
N ALA B 31 49.51 1.64 -11.04
CA ALA B 31 50.54 2.69 -11.15
C ALA B 31 50.11 3.82 -12.08
N ILE B 32 49.51 3.44 -13.21
CA ILE B 32 48.96 4.39 -14.18
C ILE B 32 47.89 5.26 -13.55
N ALA B 33 46.96 4.62 -12.84
CA ALA B 33 45.87 5.30 -12.12
C ALA B 33 46.38 6.25 -11.03
N VAL B 34 47.46 5.85 -10.35
CA VAL B 34 48.04 6.66 -9.30
C VAL B 34 48.71 7.89 -9.88
N TYR B 35 49.38 7.73 -11.03
CA TYR B 35 49.97 8.87 -11.80
C TYR B 35 48.86 9.84 -12.23
N PHE B 36 47.74 9.30 -12.72
CA PHE B 36 46.61 10.13 -13.11
C PHE B 36 45.98 10.84 -11.92
N ASP B 37 46.03 10.22 -10.74
CA ASP B 37 45.42 10.79 -9.55
C ASP B 37 46.29 11.92 -8.98
N SER B 38 47.61 11.80 -9.17
CA SER B 38 48.55 12.83 -8.74
C SER B 38 48.50 14.05 -9.64
N GLU B 39 48.26 13.82 -10.94
CA GLU B 39 48.14 14.91 -11.92
C GLU B 39 46.74 15.51 -12.04
N ASP B 40 45.86 15.21 -11.08
CA ASP B 40 44.53 15.78 -11.00
C ASP B 40 43.69 15.51 -12.24
N LEU B 41 43.59 14.23 -12.61
CA LEU B 41 42.71 13.78 -13.69
C LEU B 41 41.85 12.65 -13.14
N PRO B 42 40.88 12.95 -12.25
CA PRO B 42 40.18 11.93 -11.48
C PRO B 42 39.21 11.00 -12.24
N GLN B 43 38.71 11.41 -13.40
CA GLN B 43 37.87 10.52 -14.21
C GLN B 43 38.72 9.45 -14.85
N LEU B 44 39.87 9.87 -15.38
CA LEU B 44 40.87 8.96 -15.91
C LEU B 44 41.31 7.98 -14.83
N ALA B 45 41.59 8.52 -13.64
CA ALA B 45 42.05 7.73 -12.50
C ALA B 45 40.98 6.72 -12.12
N LYS B 46 39.72 7.16 -12.08
CA LYS B 46 38.60 6.32 -11.72
C LYS B 46 38.51 5.13 -12.65
N HIS B 47 38.60 5.40 -13.96
CA HIS B 47 38.56 4.35 -14.96
C HIS B 47 39.65 3.33 -14.78
N PHE B 48 40.87 3.80 -14.52
CA PHE B 48 41.99 2.89 -14.38
C PHE B 48 42.01 2.10 -13.07
N TYR B 49 41.46 2.67 -12.01
CA TYR B 49 41.24 1.98 -10.72
C TYR B 49 40.22 0.85 -10.94
N SER B 50 39.25 1.07 -11.83
CA SER B 50 38.32 0.02 -12.19
C SER B 50 39.01 -1.07 -13.03
N GLN B 51 39.91 -0.66 -13.94
CA GLN B 51 40.63 -1.59 -14.80
C GLN B 51 41.60 -2.48 -14.06
N ALA B 52 42.19 -1.96 -12.99
CA ALA B 52 43.10 -2.72 -12.16
C ALA B 52 42.36 -3.86 -11.46
N VAL B 53 41.15 -3.55 -10.99
CA VAL B 53 40.27 -4.52 -10.37
C VAL B 53 39.90 -5.57 -11.39
N GLU B 54 39.59 -5.14 -12.61
CA GLU B 54 39.22 -6.06 -13.67
C GLU B 54 40.36 -7.02 -14.01
N GLU B 55 41.59 -6.51 -14.00
CA GLU B 55 42.77 -7.30 -14.33
C GLU B 55 43.08 -8.31 -13.24
N ARG B 56 42.93 -7.89 -11.98
CA ARG B 56 43.06 -8.79 -10.79
C ARG B 56 42.01 -9.89 -10.88
N ASN B 57 40.79 -9.55 -11.29
CA ASN B 57 39.75 -10.53 -11.49
C ASN B 57 40.10 -11.55 -12.56
N HIS B 58 40.74 -11.10 -13.64
CA HIS B 58 41.21 -12.00 -14.70
C HIS B 58 42.25 -12.97 -14.14
N ALA B 59 43.18 -12.45 -13.35
CA ALA B 59 44.20 -13.27 -12.71
C ALA B 59 43.56 -14.35 -11.84
N MET B 60 42.56 -13.94 -11.05
CA MET B 60 41.81 -14.84 -10.20
C MET B 60 41.07 -15.91 -11.00
N MET B 61 40.58 -15.54 -12.20
CA MET B 61 39.89 -16.48 -13.08
C MET B 61 40.84 -17.57 -13.56
N LEU B 62 42.03 -17.16 -13.98
CA LEU B 62 43.07 -18.09 -14.39
C LEU B 62 43.46 -19.04 -13.25
N VAL B 63 43.65 -18.46 -12.07
CA VAL B 63 43.97 -19.22 -10.86
C VAL B 63 42.90 -20.27 -10.57
N GLN B 64 41.63 -19.84 -10.62
CA GLN B 64 40.48 -20.70 -10.36
C GLN B 64 40.41 -21.83 -11.34
N HIS B 65 40.78 -21.56 -12.60
CA HIS B 65 40.83 -22.60 -13.62
C HIS B 65 41.87 -23.64 -13.33
N LEU B 66 43.01 -23.21 -12.80
CA LEU B 66 44.04 -24.17 -12.40
C LEU B 66 43.58 -25.00 -11.22
N LEU B 67 42.89 -24.36 -10.27
CA LEU B 67 42.37 -25.04 -9.09
C LEU B 67 41.33 -26.10 -9.44
N ASP B 68 40.52 -25.82 -10.48
CA ASP B 68 39.45 -26.72 -10.91
C ASP B 68 39.96 -28.00 -11.56
N ARG B 69 41.02 -27.88 -12.35
CA ARG B 69 41.65 -29.02 -13.07
C ARG B 69 42.73 -29.67 -12.20
N ASP B 70 42.84 -29.25 -10.94
CA ASP B 70 43.73 -29.85 -9.93
C ASP B 70 45.19 -29.88 -10.34
N LEU B 71 45.62 -28.87 -11.10
CA LEU B 71 47.03 -28.69 -11.41
C LEU B 71 47.58 -27.73 -10.36
N ARG B 72 48.88 -27.88 -10.09
CA ARG B 72 49.55 -27.02 -9.07
C ARG B 72 49.61 -25.61 -9.63
N VAL B 73 49.47 -24.63 -8.75
CA VAL B 73 49.48 -23.25 -9.20
C VAL B 73 50.20 -22.45 -8.12
N GLU B 74 51.09 -21.56 -8.58
CA GLU B 74 51.86 -20.67 -7.72
C GLU B 74 51.20 -19.32 -7.86
N ILE B 75 51.02 -18.63 -6.73
CA ILE B 75 50.69 -17.22 -6.75
C ILE B 75 52.04 -16.50 -6.73
N PRO B 76 52.45 -15.85 -7.84
CA PRO B 76 53.81 -15.35 -7.98
C PRO B 76 53.97 -13.91 -7.45
N GLY B 77 55.20 -13.42 -7.47
CA GLY B 77 55.50 -12.03 -7.22
C GLY B 77 55.20 -11.24 -8.46
N VAL B 78 55.43 -9.92 -8.38
CA VAL B 78 55.16 -8.99 -9.47
C VAL B 78 56.44 -8.21 -9.71
N ASP B 79 56.74 -7.95 -10.98
CA ASP B 79 57.95 -7.22 -11.33
C ASP B 79 57.70 -5.77 -11.04
N THR B 80 58.77 -4.95 -11.05
CA THR B 80 58.61 -3.53 -10.91
C THR B 80 57.89 -3.00 -12.14
N VAL B 81 56.89 -2.15 -11.91
CA VAL B 81 56.10 -1.54 -12.95
C VAL B 81 56.55 -0.09 -13.07
N ARG B 82 56.13 0.57 -14.15
CA ARG B 82 56.54 1.94 -14.51
C ARG B 82 55.71 2.97 -13.74
N ASN B 83 56.36 4.03 -13.22
CA ASN B 83 55.69 5.12 -12.52
C ASN B 83 55.90 6.50 -13.13
N GLN B 84 57.06 6.73 -13.76
CA GLN B 84 57.38 8.00 -14.39
C GLN B 84 56.71 8.09 -15.75
N PHE B 85 55.98 9.18 -15.95
CA PHE B 85 55.44 9.55 -17.23
C PHE B 85 55.56 11.03 -17.31
N ASP B 86 56.00 11.54 -18.47
CA ASP B 86 56.18 12.98 -18.65
C ASP B 86 54.88 13.70 -19.01
N ARG B 87 53.95 13.01 -19.67
CA ARG B 87 52.61 13.54 -20.03
C ARG B 87 51.59 12.40 -20.01
N PRO B 88 50.28 12.70 -19.88
CA PRO B 88 49.24 11.65 -19.87
C PRO B 88 49.16 10.75 -21.10
N ARG B 89 49.55 11.28 -22.26
CA ARG B 89 49.48 10.57 -23.56
C ARG B 89 50.35 9.30 -23.47
N GLU B 90 51.49 9.39 -22.79
CA GLU B 90 52.41 8.27 -22.69
C GLU B 90 51.89 7.14 -21.81
N ALA B 91 51.19 7.49 -20.73
CA ALA B 91 50.64 6.51 -19.82
C ALA B 91 49.50 5.77 -20.50
N LEU B 92 48.69 6.53 -21.25
CA LEU B 92 47.63 5.93 -22.05
C LEU B 92 48.19 5.01 -23.13
N ALA B 93 49.31 5.43 -23.74
CA ALA B 93 49.96 4.63 -24.78
C ALA B 93 50.50 3.36 -24.18
N LEU B 94 50.99 3.43 -22.94
CA LEU B 94 51.50 2.27 -22.22
C LEU B 94 50.38 1.28 -21.96
N ALA B 95 49.22 1.79 -21.55
CA ALA B 95 48.05 0.95 -21.33
C ALA B 95 47.65 0.21 -22.60
N LEU B 96 47.53 0.96 -23.69
CA LEU B 96 47.20 0.42 -25.00
C LEU B 96 48.18 -0.67 -25.42
N ASP B 97 49.47 -0.38 -25.27
CA ASP B 97 50.56 -1.30 -25.55
C ASP B 97 50.35 -2.60 -24.76
N GLN B 98 50.15 -2.45 -23.44
CA GLN B 98 50.01 -3.57 -22.54
C GLN B 98 48.88 -4.45 -23.00
N GLU B 99 47.75 -3.84 -23.37
CA GLU B 99 46.59 -4.60 -23.75
C GLU B 99 46.77 -5.35 -25.07
N ARG B 100 47.50 -4.74 -26.00
CA ARG B 100 47.87 -5.43 -27.27
C ARG B 100 48.75 -6.64 -26.95
N THR B 101 49.67 -6.48 -25.99
CA THR B 101 50.51 -7.59 -25.56
C THR B 101 49.63 -8.69 -24.99
N VAL B 102 48.76 -8.34 -24.05
CA VAL B 102 47.85 -9.29 -23.41
C VAL B 102 47.05 -10.08 -24.45
N THR B 103 46.58 -9.39 -25.48
CA THR B 103 45.87 -10.03 -26.58
C THR B 103 46.73 -11.07 -27.26
N ASP B 104 47.99 -10.71 -27.57
CA ASP B 104 48.91 -11.65 -28.20
C ASP B 104 49.24 -12.85 -27.33
N GLN B 105 49.36 -12.62 -26.02
CA GLN B 105 49.60 -13.67 -25.04
C GLN B 105 48.47 -14.66 -24.96
N VAL B 106 47.23 -14.17 -24.90
CA VAL B 106 46.05 -15.01 -24.86
C VAL B 106 45.92 -15.79 -26.18
N GLY B 107 46.30 -15.15 -27.29
CA GLY B 107 46.38 -15.82 -28.57
C GLY B 107 47.34 -17.00 -28.52
N ARG B 108 48.50 -16.77 -27.91
CA ARG B 108 49.60 -17.76 -27.77
C ARG B 108 49.11 -18.93 -26.94
N LEU B 109 48.35 -18.65 -25.87
CA LEU B 109 47.74 -19.69 -25.04
C LEU B 109 46.72 -20.55 -25.78
N THR B 110 45.84 -19.91 -26.55
CA THR B 110 44.85 -20.64 -27.33
C THR B 110 45.54 -21.55 -28.33
N ALA B 111 46.61 -21.04 -28.94
CA ALA B 111 47.39 -21.79 -29.92
C ALA B 111 48.08 -23.00 -29.30
N VAL B 112 48.72 -22.81 -28.14
CA VAL B 112 49.44 -23.90 -27.49
C VAL B 112 48.47 -24.96 -26.96
N ALA B 113 47.29 -24.52 -26.52
CA ALA B 113 46.24 -25.41 -26.06
C ALA B 113 45.76 -26.27 -27.20
N ARG B 114 45.58 -25.65 -28.36
CA ARG B 114 45.05 -26.35 -29.56
C ARG B 114 46.11 -27.29 -30.13
N ASP B 115 47.39 -26.94 -30.01
CA ASP B 115 48.46 -27.83 -30.42
C ASP B 115 48.42 -29.13 -29.61
N GLU B 116 48.45 -29.01 -28.29
CA GLU B 116 48.56 -30.17 -27.40
C GLU B 116 47.24 -30.83 -27.02
N GLY B 117 46.18 -30.53 -27.76
CA GLY B 117 44.89 -31.18 -27.61
C GLY B 117 44.29 -31.06 -26.22
N ASP B 118 44.39 -29.87 -25.63
CA ASP B 118 43.80 -29.58 -24.32
C ASP B 118 42.50 -28.82 -24.56
N PHE B 119 41.42 -29.57 -24.73
CA PHE B 119 40.14 -29.03 -25.16
C PHE B 119 39.46 -28.14 -24.13
N LEU B 120 39.63 -28.48 -22.86
CA LEU B 120 39.19 -27.64 -21.76
C LEU B 120 39.95 -26.32 -21.78
N GLY B 121 41.26 -26.41 -22.04
CA GLY B 121 42.10 -25.22 -22.14
C GLY B 121 41.79 -24.36 -23.34
N GLU B 122 41.47 -24.98 -24.48
CA GLU B 122 41.06 -24.27 -25.67
C GLU B 122 39.82 -23.47 -25.32
N GLN B 123 38.84 -24.16 -24.73
CA GLN B 123 37.52 -23.59 -24.48
C GLN B 123 37.53 -22.49 -23.44
N PHE B 124 38.38 -22.63 -22.41
CA PHE B 124 38.38 -21.72 -21.29
C PHE B 124 38.70 -20.29 -21.66
N MET B 125 39.49 -20.10 -22.72
CA MET B 125 40.08 -18.80 -23.03
C MET B 125 39.41 -18.03 -24.17
N GLN B 126 38.26 -18.54 -24.61
CA GLN B 126 37.45 -17.87 -25.57
C GLN B 126 36.91 -16.60 -24.95
N TRP B 127 36.63 -16.67 -23.64
CA TRP B 127 36.09 -15.53 -22.93
C TRP B 127 37.13 -14.43 -22.82
N PHE B 128 38.40 -14.83 -22.69
CA PHE B 128 39.50 -13.89 -22.63
C PHE B 128 39.70 -13.19 -23.96
N LEU B 129 39.55 -13.92 -25.06
CA LEU B 129 39.59 -13.33 -26.40
C LEU B 129 38.47 -12.28 -26.58
N GLN B 130 37.27 -12.64 -26.15
CA GLN B 130 36.11 -11.76 -26.19
C GLN B 130 36.36 -10.48 -25.43
N GLU B 131 36.94 -10.59 -24.23
CA GLU B 131 37.22 -9.42 -23.40
C GLU B 131 38.29 -8.55 -23.98
N GLN B 132 39.28 -9.17 -24.62
CA GLN B 132 40.34 -8.42 -25.27
C GLN B 132 39.86 -7.55 -26.43
N ILE B 133 38.87 -8.03 -27.20
CA ILE B 133 38.30 -7.23 -28.28
C ILE B 133 37.88 -5.84 -27.74
N GLU B 134 36.93 -5.85 -26.80
CA GLU B 134 36.32 -4.65 -26.27
C GLU B 134 37.33 -3.81 -25.49
N GLU B 135 38.24 -4.49 -24.79
CA GLU B 135 39.26 -3.81 -23.97
C GLU B 135 40.27 -3.02 -24.80
N VAL B 136 40.82 -3.65 -25.84
CA VAL B 136 41.75 -2.97 -26.74
C VAL B 136 41.03 -1.87 -27.52
N ALA B 137 39.75 -2.10 -27.81
CA ALA B 137 38.93 -1.10 -28.47
C ALA B 137 38.88 0.16 -27.64
N LEU B 138 38.56 0.00 -26.36
CA LEU B 138 38.42 1.11 -25.42
C LEU B 138 39.73 1.88 -25.24
N MET B 139 40.83 1.14 -25.09
CA MET B 139 42.15 1.74 -24.94
C MET B 139 42.57 2.55 -26.16
N ALA B 140 42.34 2.00 -27.35
CA ALA B 140 42.67 2.68 -28.59
C ALA B 140 41.88 3.96 -28.72
N THR B 141 40.59 3.89 -28.36
CA THR B 141 39.72 5.05 -28.38
C THR B 141 40.26 6.16 -27.47
N LEU B 142 40.66 5.79 -26.25
CA LEU B 142 41.23 6.75 -25.30
C LEU B 142 42.53 7.39 -25.78
N VAL B 143 43.38 6.61 -26.44
CA VAL B 143 44.66 7.12 -26.94
C VAL B 143 44.44 8.13 -28.08
N ARG B 144 43.50 7.82 -28.97
CA ARG B 144 43.14 8.69 -30.12
C ARG B 144 42.49 9.98 -29.61
N VAL B 145 41.62 9.88 -28.60
CA VAL B 145 40.99 11.05 -28.01
C VAL B 145 42.03 11.92 -27.31
N ALA B 146 43.02 11.29 -26.66
CA ALA B 146 44.11 12.01 -25.99
C ALA B 146 44.99 12.74 -26.98
N ASP B 147 45.14 12.19 -28.19
CA ASP B 147 45.84 12.89 -29.26
C ASP B 147 45.07 14.09 -29.81
N ARG B 148 43.75 13.95 -30.00
CA ARG B 148 42.86 15.05 -30.48
C ARG B 148 42.82 16.18 -29.45
N ALA B 149 42.83 15.84 -28.16
CA ALA B 149 42.78 16.82 -27.10
C ALA B 149 44.10 17.59 -27.00
N GLY B 150 45.22 16.89 -27.16
CA GLY B 150 46.54 17.49 -27.03
C GLY B 150 46.77 17.92 -25.58
N ALA B 151 47.36 19.11 -25.41
CA ALA B 151 47.67 19.61 -24.09
C ALA B 151 46.44 19.99 -23.25
N ASN B 152 45.32 20.31 -23.92
CA ASN B 152 44.06 20.64 -23.26
C ASN B 152 43.39 19.38 -22.72
N LEU B 153 43.68 19.05 -21.46
CA LEU B 153 43.33 17.78 -20.87
C LEU B 153 41.89 17.67 -20.36
N PHE B 154 41.23 18.81 -20.20
CA PHE B 154 39.85 18.81 -19.70
C PHE B 154 38.87 18.16 -20.65
N GLU B 155 39.16 18.22 -21.96
CA GLU B 155 38.29 17.64 -22.97
C GLU B 155 38.40 16.12 -22.99
N LEU B 156 39.62 15.62 -22.78
CA LEU B 156 39.85 14.20 -22.50
C LEU B 156 39.06 13.77 -21.27
N GLU B 157 39.15 14.59 -20.23
CA GLU B 157 38.44 14.36 -18.97
C GLU B 157 36.92 14.22 -19.18
N ASN B 158 36.35 15.14 -19.96
CA ASN B 158 34.92 15.13 -20.26
C ASN B 158 34.50 13.96 -21.11
N PHE B 159 35.36 13.58 -22.05
CA PHE B 159 35.10 12.40 -22.89
C PHE B 159 35.03 11.14 -22.05
N VAL B 160 35.99 10.98 -21.12
CA VAL B 160 36.00 9.83 -20.22
C VAL B 160 34.76 9.85 -19.33
N ALA B 161 34.35 11.04 -18.89
CA ALA B 161 33.22 11.17 -17.98
C ALA B 161 31.88 10.80 -18.60
N ARG B 162 31.62 11.29 -19.82
CA ARG B 162 30.29 11.14 -20.48
C ARG B 162 30.20 9.80 -21.21
N GLU B 163 31.25 9.38 -21.91
CA GLU B 163 31.12 8.33 -22.93
C GLU B 163 31.67 6.97 -22.53
N VAL B 164 32.74 6.97 -21.74
CA VAL B 164 33.33 5.74 -21.23
C VAL B 164 32.67 5.40 -19.90
N ASP B 165 32.00 4.25 -19.87
CA ASP B 165 31.31 3.78 -18.68
C ASP B 165 31.69 2.34 -18.47
N VAL B 166 31.94 1.97 -17.22
CA VAL B 166 32.11 0.58 -16.83
C VAL B 166 30.73 0.03 -16.47
N ALA B 167 30.04 -0.50 -17.49
CA ALA B 167 28.70 -1.07 -17.38
C ALA B 167 28.78 -2.35 -16.53
N PRO B 168 27.64 -2.85 -15.99
CA PRO B 168 27.64 -4.13 -15.29
C PRO B 168 28.22 -5.22 -16.20
N ALA B 169 29.06 -6.09 -15.64
CA ALA B 169 29.66 -7.19 -16.38
C ALA B 169 28.55 -8.14 -16.79
N ALA B 170 28.66 -8.65 -18.02
CA ALA B 170 27.72 -9.59 -18.56
C ALA B 170 28.08 -10.94 -18.01
N SER B 171 27.19 -11.92 -18.21
CA SER B 171 27.48 -13.31 -17.90
C SER B 171 28.45 -13.88 -18.94
N GLY B 172 28.79 -15.16 -18.78
CA GLY B 172 29.74 -15.83 -19.62
C GLY B 172 31.10 -15.78 -18.99
N ALA B 173 31.26 -14.88 -18.02
CA ALA B 173 32.51 -14.72 -17.31
C ALA B 173 32.69 -15.97 -16.45
N PRO B 174 33.83 -16.67 -16.55
CA PRO B 174 34.08 -17.85 -15.72
C PRO B 174 34.26 -17.42 -14.26
N HIS B 175 34.23 -18.39 -13.33
N HIS B 175 34.23 -18.39 -13.33
CA HIS B 175 34.33 -18.11 -11.91
CA HIS B 175 34.34 -18.10 -11.92
C HIS B 175 35.75 -17.67 -11.58
C HIS B 175 35.75 -17.67 -11.58
N ALA B 176 35.85 -16.61 -10.78
CA ALA B 176 37.12 -16.09 -10.30
C ALA B 176 37.30 -16.58 -8.87
N ALA B 177 38.53 -16.97 -8.54
CA ALA B 177 38.87 -17.49 -7.23
C ALA B 177 38.65 -16.39 -6.21
N GLY B 178 37.78 -16.67 -5.23
CA GLY B 178 37.47 -15.73 -4.17
C GLY B 178 36.44 -14.71 -4.57
N GLY B 179 35.62 -15.06 -5.56
CA GLY B 179 34.55 -14.22 -6.01
C GLY B 179 35.10 -13.10 -6.84
N ARG B 180 34.44 -12.87 -7.98
CA ARG B 180 34.67 -11.69 -8.86
C ARG B 180 34.44 -10.43 -8.02
N LEU B 181 35.37 -9.47 -8.09
CA LEU B 181 35.17 -8.16 -7.50
C LEU B 181 34.54 -7.24 -8.54
N GLU C 5 1.75 -6.13 -68.17
CA GLU C 5 1.76 -6.39 -66.70
C GLU C 5 0.71 -5.58 -65.90
N GLY C 6 0.14 -4.55 -66.54
CA GLY C 6 -0.85 -3.63 -65.96
C GLY C 6 -0.47 -2.17 -66.14
N PRO C 7 -1.46 -1.24 -66.27
CA PRO C 7 -1.15 0.19 -66.48
C PRO C 7 -0.72 0.94 -65.21
N LYS C 8 0.54 1.38 -65.17
CA LYS C 8 1.07 2.18 -64.07
C LYS C 8 0.83 3.66 -64.30
N THR C 9 0.15 4.32 -63.35
CA THR C 9 0.15 5.78 -63.26
C THR C 9 1.54 6.21 -62.80
N LYS C 10 1.95 7.44 -63.12
CA LYS C 10 3.32 7.87 -62.79
C LYS C 10 3.52 8.28 -61.35
N PHE C 11 2.42 8.45 -60.60
CA PHE C 11 2.53 8.57 -59.15
C PHE C 11 3.06 7.27 -58.57
N HIS C 12 2.48 6.15 -59.02
CA HIS C 12 2.91 4.82 -58.60
C HIS C 12 4.35 4.59 -59.05
N ALA C 13 4.63 4.91 -60.31
CA ALA C 13 5.94 4.68 -60.90
C ALA C 13 7.06 5.51 -60.26
N LEU C 14 6.70 6.64 -59.65
CA LEU C 14 7.66 7.56 -59.06
C LEU C 14 7.80 7.32 -57.56
N MET C 15 6.73 6.80 -56.97
CA MET C 15 6.74 6.40 -55.57
C MET C 15 7.59 5.15 -55.36
N GLN C 16 7.64 4.27 -56.36
CA GLN C 16 8.56 3.15 -56.35
C GLN C 16 10.00 3.66 -56.28
N GLU C 17 10.30 4.66 -57.13
CA GLU C 17 11.60 5.32 -57.15
C GLU C 17 11.93 5.93 -55.80
N GLN C 18 10.91 6.48 -55.13
CA GLN C 18 11.11 7.09 -53.83
C GLN C 18 11.42 6.06 -52.76
N ILE C 19 10.81 4.87 -52.89
CA ILE C 19 11.10 3.77 -51.97
C ILE C 19 12.60 3.45 -52.08
N HIS C 20 13.08 3.37 -53.32
CA HIS C 20 14.49 3.14 -53.61
C HIS C 20 15.38 4.20 -52.98
N ASN C 21 14.95 5.46 -53.13
CA ASN C 21 15.68 6.59 -52.56
C ASN C 21 15.80 6.57 -51.06
N GLU C 22 14.70 6.25 -50.37
CA GLU C 22 14.69 6.24 -48.92
C GLU C 22 15.56 5.11 -48.37
N PHE C 23 15.56 3.96 -49.06
CA PHE C 23 16.45 2.87 -48.70
C PHE C 23 17.93 3.25 -48.83
N THR C 24 18.28 3.91 -49.95
CA THR C 24 19.66 4.37 -50.16
C THR C 24 20.05 5.43 -49.14
N ALA C 25 19.08 6.29 -48.77
CA ALA C 25 19.29 7.34 -47.80
C ALA C 25 19.59 6.76 -46.43
N ALA C 26 18.87 5.69 -46.08
CA ALA C 26 19.09 5.00 -44.82
C ALA C 26 20.50 4.41 -44.77
N GLN C 27 20.91 3.77 -45.87
CA GLN C 27 22.25 3.18 -45.94
C GLN C 27 23.34 4.25 -45.87
N GLN C 28 23.08 5.40 -46.47
CA GLN C 28 23.99 6.55 -46.41
C GLN C 28 24.14 7.09 -44.99
N TYR C 29 23.03 7.15 -44.25
CA TYR C 29 23.04 7.53 -42.81
C TYR C 29 23.85 6.51 -42.01
N VAL C 30 23.70 5.21 -42.32
CA VAL C 30 24.50 4.20 -41.62
C VAL C 30 25.98 4.45 -41.88
N ALA C 31 26.33 4.77 -43.13
CA ALA C 31 27.74 4.99 -43.49
C ALA C 31 28.33 6.21 -42.78
N ILE C 32 27.54 7.28 -42.73
CA ILE C 32 27.91 8.51 -42.03
C ILE C 32 28.15 8.24 -40.55
N ALA C 33 27.21 7.52 -39.92
CA ALA C 33 27.29 7.13 -38.52
C ALA C 33 28.50 6.24 -38.22
N VAL C 34 28.84 5.36 -39.16
CA VAL C 34 29.97 4.46 -39.00
C VAL C 34 31.27 5.23 -39.08
N TYR C 35 31.34 6.21 -39.99
CA TYR C 35 32.50 7.14 -40.09
C TYR C 35 32.66 7.93 -38.78
N PHE C 36 31.55 8.42 -38.23
CA PHE C 36 31.59 9.13 -36.96
C PHE C 36 32.00 8.23 -35.80
N ASP C 37 31.67 6.94 -35.88
CA ASP C 37 31.98 6.00 -34.81
C ASP C 37 33.46 5.61 -34.85
N SER C 38 34.05 5.60 -36.06
CA SER C 38 35.47 5.30 -36.22
C SER C 38 36.33 6.47 -35.78
N GLU C 39 35.84 7.70 -35.99
CA GLU C 39 36.55 8.91 -35.58
C GLU C 39 36.29 9.35 -34.14
N ASP C 40 35.70 8.46 -33.34
CA ASP C 40 35.47 8.68 -31.91
C ASP C 40 34.64 9.93 -31.64
N LEU C 41 33.47 9.99 -32.28
CA LEU C 41 32.48 11.03 -32.02
C LEU C 41 31.14 10.36 -31.74
N PRO C 42 31.00 9.69 -30.57
CA PRO C 42 29.88 8.79 -30.31
C PRO C 42 28.49 9.43 -30.14
N GLN C 43 28.40 10.71 -29.79
CA GLN C 43 27.10 11.39 -29.71
C GLN C 43 26.57 11.64 -31.10
N LEU C 44 27.47 12.10 -31.98
CA LEU C 44 27.17 12.28 -33.38
C LEU C 44 26.73 10.95 -33.99
N ALA C 45 27.49 9.90 -33.69
CA ALA C 45 27.23 8.56 -34.20
C ALA C 45 25.86 8.08 -33.72
N LYS C 46 25.57 8.31 -32.44
CA LYS C 46 24.32 7.90 -31.84
C LYS C 46 23.15 8.53 -32.57
N HIS C 47 23.25 9.85 -32.81
CA HIS C 47 22.22 10.57 -33.53
C HIS C 47 21.97 10.01 -34.91
N PHE C 48 23.06 9.72 -35.63
CA PHE C 48 22.90 9.23 -36.99
C PHE C 48 22.44 7.79 -37.10
N TYR C 49 22.76 6.96 -36.11
CA TYR C 49 22.23 5.58 -35.97
C TYR C 49 20.72 5.66 -35.73
N SER C 50 20.27 6.69 -35.01
CA SER C 50 18.84 6.92 -34.84
C SER C 50 18.19 7.38 -36.16
N GLN C 51 18.89 8.23 -36.91
CA GLN C 51 18.38 8.76 -38.18
C GLN C 51 18.26 7.71 -39.26
N ALA C 52 19.15 6.73 -39.25
CA ALA C 52 19.11 5.63 -40.20
C ALA C 52 17.86 4.79 -39.99
N VAL C 53 17.54 4.56 -38.71
CA VAL C 53 16.34 3.85 -38.32
C VAL C 53 15.13 4.63 -38.77
N GLU C 54 15.16 5.94 -38.57
CA GLU C 54 14.05 6.80 -38.97
C GLU C 54 13.82 6.75 -40.47
N GLU C 55 14.90 6.70 -41.25
CA GLU C 55 14.82 6.69 -42.70
C GLU C 55 14.29 5.36 -43.21
N ARG C 56 14.73 4.26 -42.59
CA ARG C 56 14.21 2.89 -42.87
C ARG C 56 12.72 2.85 -42.56
N ASN C 57 12.30 3.48 -41.46
CA ASN C 57 10.89 3.58 -41.12
C ASN C 57 10.09 4.33 -42.18
N HIS C 58 10.66 5.39 -42.73
CA HIS C 58 10.03 6.13 -43.82
C HIS C 58 9.84 5.24 -45.04
N ALA C 59 10.87 4.48 -45.38
CA ALA C 59 10.81 3.55 -46.50
C ALA C 59 9.69 2.53 -46.30
N MET C 60 9.61 2.00 -45.07
CA MET C 60 8.57 1.06 -44.70
C MET C 60 7.17 1.67 -44.79
N MET C 61 7.06 2.97 -44.48
CA MET C 61 5.79 3.69 -44.57
C MET C 61 5.32 3.78 -46.02
N LEU C 62 6.25 4.12 -46.91
CA LEU C 62 5.96 4.18 -48.33
C LEU C 62 5.53 2.81 -48.87
N VAL C 63 6.28 1.78 -48.47
CA VAL C 63 5.98 0.39 -48.84
C VAL C 63 4.57 0.00 -48.39
N GLN C 64 4.24 0.31 -47.13
CA GLN C 64 2.94 0.00 -46.54
C GLN C 64 1.83 0.69 -47.27
N HIS C 65 2.09 1.92 -47.74
CA HIS C 65 1.11 2.66 -48.53
C HIS C 65 0.84 2.00 -49.85
N LEU C 66 1.88 1.45 -50.47
CA LEU C 66 1.68 0.71 -51.71
C LEU C 66 0.89 -0.57 -51.47
N LEU C 67 1.18 -1.25 -50.35
CA LEU C 67 0.49 -2.48 -49.98
C LEU C 67 -0.99 -2.26 -49.72
N ASP C 68 -1.33 -1.09 -49.15
CA ASP C 68 -2.71 -0.75 -48.80
C ASP C 68 -3.59 -0.49 -50.02
N ARG C 69 -3.03 0.17 -51.02
CA ARG C 69 -3.74 0.51 -52.28
C ARG C 69 -3.59 -0.62 -53.31
N ASP C 70 -3.01 -1.75 -52.90
CA ASP C 70 -2.91 -2.97 -53.71
C ASP C 70 -2.20 -2.78 -55.04
N LEU C 71 -1.23 -1.85 -55.07
CA LEU C 71 -0.36 -1.69 -56.23
C LEU C 71 0.86 -2.54 -55.97
N ARG C 72 1.47 -3.01 -57.07
CA ARG C 72 2.68 -3.87 -56.97
C ARG C 72 3.82 -3.01 -56.45
N VAL C 73 4.68 -3.61 -55.64
CA VAL C 73 5.77 -2.86 -55.07
C VAL C 73 6.97 -3.79 -55.02
N GLU C 74 8.13 -3.26 -55.43
CA GLU C 74 9.39 -3.97 -55.43
C GLU C 74 10.15 -3.44 -54.24
N ILE C 75 10.78 -4.34 -53.49
CA ILE C 75 11.78 -3.95 -52.51
C ILE C 75 13.11 -3.97 -53.27
N PRO C 76 13.71 -2.80 -53.55
CA PRO C 76 14.85 -2.72 -54.47
C PRO C 76 16.20 -2.91 -53.77
N GLY C 77 17.27 -2.93 -54.56
CA GLY C 77 18.62 -2.88 -54.05
C GLY C 77 18.96 -1.46 -53.69
N VAL C 78 20.19 -1.26 -53.22
CA VAL C 78 20.67 0.04 -52.78
C VAL C 78 21.97 0.29 -53.52
N ASP C 79 22.19 1.54 -53.94
CA ASP C 79 23.40 1.90 -54.66
C ASP C 79 24.52 1.99 -53.66
N THR C 80 25.76 2.06 -54.15
CA THR C 80 26.89 2.28 -53.28
C THR C 80 26.78 3.69 -52.70
N VAL C 81 26.99 3.78 -51.39
CA VAL C 81 26.93 5.03 -50.67
C VAL C 81 28.37 5.43 -50.34
N ARG C 82 28.55 6.68 -49.91
CA ARG C 82 29.87 7.29 -49.66
C ARG C 82 30.39 6.90 -48.27
N ASN C 83 31.69 6.57 -48.17
CA ASN C 83 32.33 6.24 -46.90
C ASN C 83 33.52 7.12 -46.53
N GLN C 84 34.24 7.63 -47.54
CA GLN C 84 35.39 8.50 -47.32
C GLN C 84 34.92 9.92 -47.03
N PHE C 85 35.42 10.46 -45.92
CA PHE C 85 35.27 11.85 -45.58
C PHE C 85 36.56 12.26 -44.96
N ASP C 86 37.06 13.44 -45.34
CA ASP C 86 38.34 13.93 -44.82
C ASP C 86 38.20 14.61 -43.46
N ARG C 87 37.03 15.20 -43.18
CA ARG C 87 36.72 15.84 -41.87
C ARG C 87 35.22 15.68 -41.59
N PRO C 88 34.79 15.79 -40.31
CA PRO C 88 33.36 15.66 -39.96
C PRO C 88 32.39 16.65 -40.63
N ARG C 89 32.89 17.85 -40.96
CA ARG C 89 32.09 18.94 -41.55
C ARG C 89 31.51 18.45 -42.89
N GLU C 90 32.28 17.67 -43.65
CA GLU C 90 31.85 17.19 -44.95
C GLU C 90 30.75 16.14 -44.87
N ALA C 91 30.81 15.27 -43.86
CA ALA C 91 29.82 14.23 -43.68
C ALA C 91 28.50 14.86 -43.25
N LEU C 92 28.60 15.86 -42.37
CA LEU C 92 27.43 16.62 -41.96
C LEU C 92 26.82 17.38 -43.14
N ALA C 93 27.68 17.93 -44.01
CA ALA C 93 27.23 18.65 -45.19
C ALA C 93 26.53 17.71 -46.14
N LEU C 94 27.01 16.47 -46.22
CA LEU C 94 26.42 15.44 -47.06
C LEU C 94 25.03 15.10 -46.56
N ALA C 95 24.89 14.97 -45.24
CA ALA C 95 23.59 14.71 -44.63
C ALA C 95 22.60 15.80 -44.95
N LEU C 96 23.01 17.06 -44.73
CA LEU C 96 22.21 18.23 -45.03
C LEU C 96 21.76 18.26 -46.49
N ASP C 97 22.72 18.02 -47.39
CA ASP C 97 22.49 17.93 -48.82
C ASP C 97 21.40 16.89 -49.11
N GLN C 98 21.59 15.68 -48.56
CA GLN C 98 20.70 14.56 -48.79
C GLN C 98 19.31 14.94 -48.39
N GLU C 99 19.16 15.58 -47.23
CA GLU C 99 17.85 15.92 -46.73
C GLU C 99 17.16 16.99 -47.55
N ARG C 100 17.93 17.94 -48.08
CA ARG C 100 17.37 18.96 -49.03
C ARG C 100 16.88 18.25 -50.28
N THR C 101 17.63 17.25 -50.76
CA THR C 101 17.21 16.47 -51.91
C THR C 101 15.90 15.77 -51.60
N VAL C 102 15.85 15.06 -50.47
CA VAL C 102 14.66 14.33 -50.04
C VAL C 102 13.43 15.25 -50.00
N THR C 103 13.62 16.47 -49.50
CA THR C 103 12.56 17.46 -49.48
C THR C 103 12.06 17.77 -50.88
N ASP C 104 12.99 17.99 -51.82
CA ASP C 104 12.61 18.26 -53.20
C ASP C 104 11.90 17.09 -53.87
N GLN C 105 12.33 15.87 -53.56
CA GLN C 105 11.72 14.65 -54.06
C GLN C 105 10.30 14.48 -53.59
N VAL C 106 10.06 14.70 -52.29
CA VAL C 106 8.73 14.61 -51.71
C VAL C 106 7.83 15.72 -52.30
N GLY C 107 8.42 16.89 -52.55
CA GLY C 107 7.73 17.95 -53.25
C GLY C 107 7.26 17.51 -54.63
N ARG C 108 8.16 16.83 -55.34
CA ARG C 108 7.94 16.32 -56.72
C ARG C 108 6.81 15.30 -56.70
N LEU C 109 6.78 14.44 -55.68
CA LEU C 109 5.70 13.47 -55.49
C LEU C 109 4.34 14.11 -55.24
N THR C 110 4.30 15.11 -54.37
CA THR C 110 3.06 15.82 -54.08
C THR C 110 2.53 16.48 -55.34
N ALA C 111 3.44 17.05 -56.12
CA ALA C 111 3.11 17.72 -57.38
C ALA C 111 2.55 16.76 -58.41
N VAL C 112 3.21 15.61 -58.59
CA VAL C 112 2.77 14.63 -59.58
C VAL C 112 1.43 13.99 -59.17
N ALA C 113 1.23 13.82 -57.87
CA ALA C 113 -0.01 13.30 -57.33
C ALA C 113 -1.14 14.25 -57.62
N ARG C 114 -0.87 15.55 -57.42
CA ARG C 114 -1.90 16.60 -57.61
C ARG C 114 -2.20 16.79 -59.10
N ASP C 115 -1.20 16.60 -59.96
CA ASP C 115 -1.43 16.66 -61.39
C ASP C 115 -2.42 15.57 -61.82
N GLU C 116 -2.13 14.32 -61.47
CA GLU C 116 -2.93 13.18 -61.94
C GLU C 116 -4.14 12.82 -61.08
N GLY C 117 -4.55 13.74 -60.21
CA GLY C 117 -5.76 13.60 -59.42
C GLY C 117 -5.80 12.37 -58.54
N ASP C 118 -4.66 12.07 -57.90
CA ASP C 118 -4.56 10.95 -56.96
C ASP C 118 -4.66 11.53 -55.55
N PHE C 119 -5.88 11.65 -55.06
CA PHE C 119 -6.17 12.35 -53.82
C PHE C 119 -5.65 11.66 -52.57
N LEU C 120 -5.68 10.32 -52.58
CA LEU C 120 -5.06 9.51 -51.54
C LEU C 120 -3.56 9.76 -51.53
N GLY C 121 -2.97 9.81 -52.72
CA GLY C 121 -1.55 10.09 -52.86
C GLY C 121 -1.15 11.49 -52.45
N GLU C 122 -1.99 12.48 -52.75
CA GLU C 122 -1.77 13.85 -52.33
C GLU C 122 -1.73 13.85 -50.82
N GLN C 123 -2.74 13.24 -50.21
CA GLN C 123 -2.94 13.30 -48.77
C GLN C 123 -1.87 12.56 -47.98
N PHE C 124 -1.40 11.43 -48.52
CA PHE C 124 -0.49 10.56 -47.81
C PHE C 124 0.83 11.21 -47.46
N MET C 125 1.27 12.18 -48.27
CA MET C 125 2.62 12.72 -48.18
C MET C 125 2.75 14.07 -47.51
N GLN C 126 1.66 14.51 -46.90
CA GLN C 126 1.65 15.71 -46.11
C GLN C 126 2.51 15.47 -44.88
N TRP C 127 2.48 14.24 -44.38
CA TRP C 127 3.24 13.88 -43.20
C TRP C 127 4.72 13.91 -43.49
N PHE C 128 5.08 13.53 -44.72
CA PHE C 128 6.46 13.55 -45.16
C PHE C 128 6.98 14.97 -45.29
N LEU C 129 6.14 15.88 -45.78
CA LEU C 129 6.48 17.31 -45.83
C LEU C 129 6.73 17.87 -44.42
N GLN C 130 5.84 17.52 -43.49
CA GLN C 130 5.96 17.91 -42.09
C GLN C 130 7.26 17.45 -41.49
N GLU C 131 7.64 16.19 -41.75
CA GLU C 131 8.87 15.63 -41.21
C GLU C 131 10.10 16.27 -41.80
N GLN C 132 10.03 16.61 -43.09
CA GLN C 132 11.13 17.28 -43.75
C GLN C 132 11.44 18.66 -43.19
N ILE C 133 10.42 19.40 -42.77
CA ILE C 133 10.63 20.71 -42.15
C ILE C 133 11.64 20.57 -40.99
N GLU C 134 11.24 19.80 -39.98
CA GLU C 134 12.00 19.63 -38.75
C GLU C 134 13.34 18.95 -38.99
N GLU C 135 13.36 18.00 -39.93
CA GLU C 135 14.57 17.25 -40.26
C GLU C 135 15.66 18.10 -40.90
N VAL C 136 15.29 18.89 -41.92
CA VAL C 136 16.24 19.79 -42.56
C VAL C 136 16.67 20.90 -41.59
N ALA C 137 15.75 21.29 -40.70
CA ALA C 137 16.06 22.26 -39.67
C ALA C 137 17.20 21.77 -38.81
N LEU C 138 17.06 20.53 -38.33
CA LEU C 138 18.04 19.91 -37.44
C LEU C 138 19.40 19.75 -38.11
N MET C 139 19.39 19.29 -39.36
CA MET C 139 20.62 19.13 -40.13
C MET C 139 21.36 20.43 -40.37
N ALA C 140 20.62 21.48 -40.72
CA ALA C 140 21.19 22.79 -40.95
C ALA C 140 21.83 23.32 -39.68
N THR C 141 21.13 23.12 -38.55
CA THR C 141 21.63 23.52 -37.25
C THR C 141 22.96 22.84 -36.94
N LEU C 142 23.03 21.52 -37.17
CA LEU C 142 24.27 20.76 -36.96
C LEU C 142 25.43 21.21 -37.83
N VAL C 143 25.14 21.55 -39.09
CA VAL C 143 26.18 21.99 -40.02
C VAL C 143 26.76 23.35 -39.60
N ARG C 144 25.88 24.26 -39.17
CA ARG C 144 26.26 25.62 -38.70
C ARG C 144 27.06 25.51 -37.40
N VAL C 145 26.64 24.63 -36.49
CA VAL C 145 27.37 24.41 -35.24
C VAL C 145 28.75 23.81 -35.52
N ALA C 146 28.83 22.91 -36.51
CA ALA C 146 30.10 22.30 -36.91
C ALA C 146 31.05 23.32 -37.51
N ASP C 147 30.51 24.33 -38.18
CA ASP C 147 31.33 25.43 -38.67
C ASP C 147 31.84 26.35 -37.55
N ARG C 148 30.99 26.67 -36.57
CA ARG C 148 31.37 27.50 -35.39
C ARG C 148 32.43 26.78 -34.56
N ALA C 149 32.33 25.45 -34.43
CA ALA C 149 33.26 24.67 -33.65
C ALA C 149 34.62 24.58 -34.36
N GLY C 150 34.61 24.44 -35.68
CA GLY C 150 35.84 24.28 -36.45
C GLY C 150 36.51 22.96 -36.10
N ALA C 151 37.84 23.00 -35.96
CA ALA C 151 38.61 21.80 -35.66
C ALA C 151 38.38 21.23 -34.25
N ASN C 152 37.96 22.10 -33.31
CA ASN C 152 37.64 21.70 -31.94
C ASN C 152 36.31 20.97 -31.88
N LEU C 153 36.36 19.64 -32.00
CA LEU C 153 35.19 18.82 -32.20
C LEU C 153 34.39 18.48 -30.93
N PHE C 154 35.02 18.68 -29.77
CA PHE C 154 34.35 18.37 -28.51
C PHE C 154 33.15 19.26 -28.23
N GLU C 155 33.18 20.50 -28.75
CA GLU C 155 32.10 21.45 -28.54
C GLU C 155 30.88 21.09 -29.39
N LEU C 156 31.15 20.62 -30.61
CA LEU C 156 30.13 19.99 -31.45
C LEU C 156 29.50 18.80 -30.72
N GLU C 157 30.38 17.98 -30.14
CA GLU C 157 29.98 16.80 -29.37
C GLU C 157 29.02 17.16 -28.22
N ASN C 158 29.38 18.20 -27.46
CA ASN C 158 28.57 18.67 -26.35
C ASN C 158 27.25 19.27 -26.77
N PHE C 159 27.26 19.98 -27.90
CA PHE C 159 26.04 20.54 -28.46
C PHE C 159 25.06 19.45 -28.84
N VAL C 160 25.56 18.39 -29.51
CA VAL C 160 24.72 17.25 -29.88
C VAL C 160 24.20 16.56 -28.63
N ALA C 161 25.03 16.46 -27.59
CA ALA C 161 24.66 15.76 -26.37
C ALA C 161 23.55 16.44 -25.58
N ARG C 162 23.65 17.75 -25.40
CA ARG C 162 22.73 18.53 -24.52
C ARG C 162 21.47 18.93 -25.27
N GLU C 163 21.58 19.38 -26.52
CA GLU C 163 20.50 20.12 -27.17
C GLU C 163 19.72 19.35 -28.22
N VAL C 164 20.39 18.45 -28.93
CA VAL C 164 19.75 17.60 -29.92
C VAL C 164 19.29 16.32 -29.23
N ASP C 165 17.98 16.10 -29.22
CA ASP C 165 17.38 14.94 -28.61
C ASP C 165 16.40 14.35 -29.60
N VAL C 166 16.39 13.03 -29.70
CA VAL C 166 15.37 12.30 -30.45
C VAL C 166 14.23 11.99 -29.48
N ALA C 167 13.28 12.94 -29.40
CA ALA C 167 12.10 12.87 -28.54
C ALA C 167 11.19 11.74 -29.05
N PRO C 168 10.24 11.24 -28.22
CA PRO C 168 9.27 10.27 -28.69
C PRO C 168 8.54 10.82 -29.93
N ALA C 169 8.34 9.97 -30.94
CA ALA C 169 7.64 10.35 -32.16
C ALA C 169 6.21 10.66 -31.80
N ALA C 170 5.67 11.71 -32.43
CA ALA C 170 4.31 12.13 -32.23
C ALA C 170 3.45 11.23 -33.08
N SER C 171 2.13 11.31 -32.87
CA SER C 171 1.17 10.65 -33.73
C SER C 171 1.07 11.40 -35.06
N GLY C 172 0.20 10.90 -35.95
CA GLY C 172 0.03 11.43 -37.28
C GLY C 172 0.89 10.66 -38.24
N ALA C 173 1.86 9.91 -37.70
CA ALA C 173 2.75 9.11 -38.50
C ALA C 173 1.92 7.97 -39.08
N PRO C 174 1.93 7.75 -40.41
CA PRO C 174 1.19 6.65 -41.00
C PRO C 174 1.84 5.32 -40.60
N HIS C 175 1.14 4.20 -40.85
N HIS C 175 1.14 4.20 -40.85
CA HIS C 175 1.62 2.88 -40.47
CA HIS C 175 1.63 2.89 -40.47
C HIS C 175 2.78 2.49 -41.35
C HIS C 175 2.78 2.49 -41.35
N ALA C 176 3.83 1.95 -40.73
CA ALA C 176 5.01 1.45 -41.42
C ALA C 176 4.89 -0.06 -41.49
N ALA C 177 5.26 -0.63 -42.64
CA ALA C 177 5.19 -2.05 -42.87
C ALA C 177 6.12 -2.75 -41.90
N GLY C 178 5.55 -3.65 -41.10
CA GLY C 178 6.31 -4.42 -40.12
C GLY C 178 6.56 -3.66 -38.84
N GLY C 179 5.70 -2.68 -38.57
CA GLY C 179 5.77 -1.92 -37.35
C GLY C 179 6.88 -0.92 -37.44
N ARG C 180 6.58 0.31 -37.04
CA ARG C 180 7.56 1.41 -36.85
C ARG C 180 8.61 0.92 -35.84
N LEU C 181 9.90 1.10 -36.15
CA LEU C 181 10.97 0.87 -35.20
C LEU C 181 11.25 2.17 -34.45
N GLU D 5 -43.96 50.26 15.13
CA GLU D 5 -42.95 49.38 14.46
C GLU D 5 -43.24 47.87 14.60
N GLY D 6 -44.16 47.51 15.51
CA GLY D 6 -44.57 46.14 15.81
C GLY D 6 -44.50 45.82 17.30
N PRO D 7 -45.38 44.93 17.83
CA PRO D 7 -45.38 44.61 19.27
C PRO D 7 -44.25 43.66 19.71
N LYS D 8 -43.32 44.16 20.53
CA LYS D 8 -42.25 43.36 21.10
C LYS D 8 -42.68 42.72 22.41
N THR D 9 -42.59 41.39 22.49
CA THR D 9 -42.62 40.68 23.76
C THR D 9 -41.31 40.96 24.49
N LYS D 10 -41.31 40.88 25.82
CA LYS D 10 -40.10 41.25 26.58
C LYS D 10 -39.01 40.20 26.59
N PHE D 11 -39.33 38.98 26.14
CA PHE D 11 -38.29 38.00 25.86
C PHE D 11 -37.43 38.49 24.71
N HIS D 12 -38.08 38.96 23.65
CA HIS D 12 -37.40 39.52 22.49
C HIS D 12 -36.61 40.76 22.91
N ALA D 13 -37.28 41.64 23.66
CA ALA D 13 -36.68 42.90 24.07
C ALA D 13 -35.48 42.74 25.01
N LEU D 14 -35.41 41.61 25.72
CA LEU D 14 -34.37 41.35 26.70
C LEU D 14 -33.25 40.53 26.09
N MET D 15 -33.61 39.73 25.09
CA MET D 15 -32.64 38.96 24.33
C MET D 15 -31.79 39.86 23.44
N GLN D 16 -32.37 40.97 22.96
CA GLN D 16 -31.60 42.00 22.27
C GLN D 16 -30.52 42.56 23.21
N GLU D 17 -30.94 42.86 24.44
CA GLU D 17 -30.03 43.33 25.48
C GLU D 17 -28.92 42.33 25.74
N GLN D 18 -29.26 41.04 25.69
CA GLN D 18 -28.28 40.00 25.92
C GLN D 18 -27.28 39.90 24.80
N ILE D 19 -27.73 40.17 23.56
CA ILE D 19 -26.83 40.21 22.41
C ILE D 19 -25.78 41.28 22.66
N HIS D 20 -26.24 42.45 23.13
CA HIS D 20 -25.38 43.56 23.49
C HIS D 20 -24.37 43.17 24.56
N ASN D 21 -24.86 42.46 25.58
CA ASN D 21 -24.02 42.00 26.68
C ASN D 21 -22.93 41.05 26.26
N GLU D 22 -23.26 40.08 25.39
CA GLU D 22 -22.29 39.09 24.95
C GLU D 22 -21.21 39.73 24.09
N PHE D 23 -21.60 40.71 23.26
CA PHE D 23 -20.62 41.47 22.49
C PHE D 23 -19.64 42.25 23.37
N THR D 24 -20.17 42.92 24.41
CA THR D 24 -19.33 43.65 25.35
C THR D 24 -18.42 42.71 26.13
N ALA D 25 -18.95 41.51 26.46
CA ALA D 25 -18.21 40.50 27.18
C ALA D 25 -17.03 40.00 26.37
N ALA D 26 -17.26 39.82 25.06
CA ALA D 26 -16.21 39.40 24.15
C ALA D 26 -15.10 40.44 24.09
N GLN D 27 -15.49 41.71 23.99
CA GLN D 27 -14.50 42.80 23.94
C GLN D 27 -13.72 42.91 25.25
N GLN D 28 -14.38 42.65 26.37
CA GLN D 28 -13.75 42.62 27.68
C GLN D 28 -12.72 41.51 27.80
N TYR D 29 -13.05 40.33 27.25
CA TYR D 29 -12.11 39.18 27.18
C TYR D 29 -10.90 39.56 26.31
N VAL D 30 -11.14 40.27 25.19
CA VAL D 30 -10.01 40.70 24.36
C VAL D 30 -9.11 41.62 25.16
N ALA D 31 -9.70 42.54 25.93
CA ALA D 31 -8.92 43.50 26.72
C ALA D 31 -8.09 42.81 27.80
N ILE D 32 -8.71 41.84 28.48
CA ILE D 32 -8.05 41.03 29.49
C ILE D 32 -6.86 40.28 28.90
N ALA D 33 -7.08 39.63 27.76
CA ALA D 33 -6.05 38.89 27.02
C ALA D 33 -4.90 39.79 26.55
N VAL D 34 -5.22 41.02 26.15
CA VAL D 34 -4.23 41.96 25.69
C VAL D 34 -3.36 42.43 26.85
N TYR D 35 -3.98 42.64 28.02
CA TYR D 35 -3.25 42.98 29.28
C TYR D 35 -2.31 41.82 29.65
N PHE D 36 -2.79 40.59 29.54
CA PHE D 36 -1.96 39.42 29.82
C PHE D 36 -0.83 39.28 28.82
N ASP D 37 -1.04 39.71 27.58
CA ASP D 37 -0.03 39.59 26.53
C ASP D 37 1.06 40.64 26.70
N SER D 38 0.69 41.81 27.24
CA SER D 38 1.65 42.87 27.51
C SER D 38 2.51 42.55 28.72
N GLU D 39 1.92 41.86 29.72
CA GLU D 39 2.64 41.45 30.92
C GLU D 39 3.39 40.13 30.80
N ASP D 40 3.55 39.63 29.57
CA ASP D 40 4.32 38.43 29.27
C ASP D 40 3.80 37.20 30.02
N LEU D 41 2.51 36.93 29.86
CA LEU D 41 1.89 35.72 30.37
C LEU D 41 1.13 35.05 29.23
N PRO D 42 1.85 34.47 28.24
CA PRO D 42 1.24 34.05 26.98
C PRO D 42 0.29 32.84 27.02
N GLN D 43 0.38 31.98 28.03
CA GLN D 43 -0.58 30.88 28.16
C GLN D 43 -1.91 31.40 28.62
N LEU D 44 -1.87 32.32 29.60
CA LEU D 44 -3.04 33.02 30.06
C LEU D 44 -3.68 33.77 28.91
N ALA D 45 -2.85 34.48 28.14
CA ALA D 45 -3.30 35.27 27.00
C ALA D 45 -3.96 34.37 25.97
N LYS D 46 -3.34 33.22 25.69
CA LYS D 46 -3.84 32.27 24.73
C LYS D 46 -5.22 31.81 25.11
N HIS D 47 -5.40 31.44 26.38
CA HIS D 47 -6.69 31.01 26.88
C HIS D 47 -7.76 32.06 26.71
N PHE D 48 -7.42 33.32 27.03
CA PHE D 48 -8.42 34.37 26.94
C PHE D 48 -8.74 34.82 25.52
N TYR D 49 -7.79 34.70 24.61
CA TYR D 49 -7.99 34.91 23.16
C TYR D 49 -8.95 33.84 22.64
N SER D 50 -8.88 32.63 23.19
CA SER D 50 -9.83 31.59 22.85
C SER D 50 -11.23 31.91 23.43
N GLN D 51 -11.27 32.44 24.65
CA GLN D 51 -12.53 32.78 25.32
C GLN D 51 -13.27 33.91 24.66
N ALA D 52 -12.54 34.86 24.08
CA ALA D 52 -13.14 35.98 23.37
C ALA D 52 -13.87 35.48 22.12
N VAL D 53 -13.24 34.53 21.43
CA VAL D 53 -13.82 33.88 20.27
C VAL D 53 -15.06 33.14 20.69
N GLU D 54 -14.99 32.44 21.82
CA GLU D 54 -16.13 31.68 22.31
C GLU D 54 -17.31 32.60 22.63
N GLU D 55 -17.03 33.77 23.19
CA GLU D 55 -18.06 34.73 23.58
C GLU D 55 -18.71 35.36 22.36
N ARG D 56 -17.89 35.68 21.35
CA ARG D 56 -18.38 36.18 20.03
C ARG D 56 -19.27 35.13 19.39
N ASN D 57 -18.89 33.86 19.48
CA ASN D 57 -19.71 32.77 18.99
C ASN D 57 -21.06 32.69 19.69
N HIS D 58 -21.07 32.92 21.00
CA HIS D 58 -22.32 32.96 21.76
C HIS D 58 -23.22 34.09 21.26
N ALA D 59 -22.63 35.26 21.04
CA ALA D 59 -23.36 36.40 20.51
C ALA D 59 -23.99 36.07 19.16
N MET D 60 -23.20 35.42 18.29
CA MET D 60 -23.66 34.98 16.99
C MET D 60 -24.80 33.97 17.09
N MET D 61 -24.75 33.11 18.12
CA MET D 61 -25.80 32.11 18.35
C MET D 61 -27.11 32.78 18.70
N LEU D 62 -27.06 33.78 19.58
CA LEU D 62 -28.23 34.56 19.95
C LEU D 62 -28.81 35.29 18.73
N VAL D 63 -27.93 35.92 17.96
CA VAL D 63 -28.30 36.61 16.72
C VAL D 63 -29.03 35.67 15.76
N GLN D 64 -28.44 34.48 15.55
CA GLN D 64 -28.99 33.46 14.66
C GLN D 64 -30.35 33.00 15.11
N HIS D 65 -30.55 32.92 16.43
CA HIS D 65 -31.85 32.57 16.98
C HIS D 65 -32.89 33.60 16.69
N LEU D 66 -32.50 34.87 16.74
CA LEU D 66 -33.43 35.94 16.37
C LEU D 66 -33.77 35.89 14.89
N LEU D 67 -32.76 35.60 14.06
CA LEU D 67 -32.94 35.50 12.61
C LEU D 67 -33.88 34.36 12.23
N ASP D 68 -33.82 33.25 12.98
CA ASP D 68 -34.63 32.06 12.71
C ASP D 68 -36.12 32.27 13.00
N ARG D 69 -36.42 32.98 14.07
CA ARG D 69 -37.81 33.28 14.50
C ARG D 69 -38.31 34.57 13.85
N ASP D 70 -37.54 35.14 12.92
CA ASP D 70 -37.92 36.29 12.10
C ASP D 70 -38.30 37.52 12.91
N LEU D 71 -37.67 37.69 14.07
CA LEU D 71 -37.81 38.91 14.86
C LEU D 71 -36.68 39.83 14.44
N ARG D 72 -36.94 41.13 14.55
CA ARG D 72 -35.92 42.15 14.17
C ARG D 72 -34.78 42.07 15.18
N VAL D 73 -33.56 42.28 14.71
CA VAL D 73 -32.42 42.19 15.58
C VAL D 73 -31.44 43.27 15.14
N GLU D 74 -30.89 43.98 16.13
CA GLU D 74 -29.91 45.03 15.94
C GLU D 74 -28.59 44.42 16.32
N ILE D 75 -27.56 44.67 15.51
CA ILE D 75 -26.19 44.41 15.91
C ILE D 75 -25.72 45.70 16.57
N PRO D 76 -25.53 45.73 17.91
CA PRO D 76 -25.31 46.97 18.64
C PRO D 76 -23.83 47.36 18.73
N GLY D 77 -23.57 48.53 19.31
CA GLY D 77 -22.23 48.95 19.67
C GLY D 77 -21.84 48.26 20.94
N VAL D 78 -20.62 48.56 21.41
CA VAL D 78 -20.05 47.96 22.60
C VAL D 78 -19.60 49.10 23.49
N ASP D 79 -19.80 48.96 24.81
CA ASP D 79 -19.41 49.99 25.75
C ASP D 79 -17.92 49.92 25.92
N THR D 80 -17.33 50.94 26.56
CA THR D 80 -15.93 50.90 26.88
C THR D 80 -15.71 49.81 27.93
N VAL D 81 -14.69 48.99 27.70
CA VAL D 81 -14.32 47.91 28.58
C VAL D 81 -13.07 48.34 29.34
N ARG D 82 -12.73 47.59 30.39
CA ARG D 82 -11.62 47.91 31.32
C ARG D 82 -10.28 47.44 30.73
N ASN D 83 -9.23 48.27 30.86
CA ASN D 83 -7.89 47.93 30.41
C ASN D 83 -6.82 47.97 31.50
N GLN D 84 -6.99 48.85 32.50
CA GLN D 84 -6.05 48.97 33.60
C GLN D 84 -6.28 47.86 34.62
N PHE D 85 -5.21 47.16 34.95
CA PHE D 85 -5.19 46.22 36.03
C PHE D 85 -3.84 46.36 36.67
N ASP D 86 -3.80 46.39 38.00
CA ASP D 86 -2.55 46.55 38.72
C ASP D 86 -1.78 45.24 38.88
N ARG D 87 -2.49 44.11 38.92
CA ARG D 87 -1.89 42.75 39.01
C ARG D 87 -2.80 41.76 38.27
N PRO D 88 -2.27 40.58 37.85
CA PRO D 88 -3.08 39.58 37.14
C PRO D 88 -4.31 39.03 37.88
N ARG D 89 -4.24 39.01 39.22
CA ARG D 89 -5.30 38.46 40.09
C ARG D 89 -6.59 39.26 39.85
N GLU D 90 -6.48 40.57 39.64
CA GLU D 90 -7.64 41.43 39.44
C GLU D 90 -8.34 41.20 38.11
N ALA D 91 -7.55 40.94 37.06
CA ALA D 91 -8.10 40.70 35.74
C ALA D 91 -8.83 39.37 35.72
N LEU D 92 -8.23 38.38 36.39
CA LEU D 92 -8.87 37.08 36.55
C LEU D 92 -10.16 37.19 37.36
N ALA D 93 -10.14 38.03 38.39
CA ALA D 93 -11.31 38.26 39.24
C ALA D 93 -12.40 38.93 38.43
N LEU D 94 -12.02 39.82 37.52
CA LEU D 94 -12.96 40.50 36.64
C LEU D 94 -13.62 39.51 35.71
N ALA D 95 -12.84 38.59 35.16
CA ALA D 95 -13.37 37.54 34.31
C ALA D 95 -14.40 36.69 35.04
N LEU D 96 -14.03 36.22 36.24
CA LEU D 96 -14.90 35.44 37.09
C LEU D 96 -16.20 36.16 37.39
N ASP D 97 -16.08 37.43 37.77
CA ASP D 97 -17.20 38.32 38.03
C ASP D 97 -18.14 38.35 36.81
N GLN D 98 -17.55 38.63 35.64
CA GLN D 98 -18.29 38.77 34.41
C GLN D 98 -19.08 37.52 34.15
N GLU D 99 -18.45 36.36 34.33
CA GLU D 99 -19.10 35.11 34.03
C GLU D 99 -20.24 34.79 34.99
N ARG D 100 -20.08 35.17 36.26
CA ARG D 100 -21.19 35.04 37.25
C ARG D 100 -22.36 35.93 36.82
N THR D 101 -22.05 37.13 36.33
CA THR D 101 -23.09 38.02 35.82
C THR D 101 -23.80 37.36 34.66
N VAL D 102 -23.03 36.89 33.67
CA VAL D 102 -23.58 36.23 32.49
C VAL D 102 -24.53 35.08 32.88
N THR D 103 -24.13 34.31 33.88
CA THR D 103 -24.96 33.24 34.40
C THR D 103 -26.29 33.76 34.91
N ASP D 104 -26.24 34.84 35.71
CA ASP D 104 -27.47 35.45 36.22
C ASP D 104 -28.37 36.02 35.14
N GLN D 105 -27.76 36.59 34.10
CA GLN D 105 -28.46 37.13 32.95
C GLN D 105 -29.20 36.06 32.17
N VAL D 106 -28.52 34.94 31.90
CA VAL D 106 -29.11 33.81 31.20
C VAL D 106 -30.24 33.20 32.05
N GLY D 107 -30.04 33.19 33.37
CA GLY D 107 -31.09 32.79 34.29
C GLY D 107 -32.33 33.66 34.13
N ARG D 108 -32.10 34.97 34.04
CA ARG D 108 -33.15 36.01 33.93
C ARG D 108 -33.91 35.80 32.62
N LEU D 109 -33.20 35.47 31.54
CA LEU D 109 -33.81 35.15 30.25
C LEU D 109 -34.69 33.90 30.28
N THR D 110 -34.20 32.83 30.91
CA THR D 110 -34.97 31.61 31.03
C THR D 110 -36.24 31.86 31.81
N ALA D 111 -36.13 32.67 32.86
CA ALA D 111 -37.26 33.03 33.71
C ALA D 111 -38.30 33.84 32.96
N VAL D 112 -37.86 34.87 32.22
CA VAL D 112 -38.79 35.72 31.48
C VAL D 112 -39.46 34.96 30.33
N ALA D 113 -38.73 34.02 29.73
CA ALA D 113 -39.25 33.17 28.67
C ALA D 113 -40.34 32.29 29.23
N ARG D 114 -40.10 31.73 30.42
CA ARG D 114 -41.05 30.79 31.05
C ARG D 114 -42.28 31.55 31.56
N ASP D 115 -42.11 32.81 31.98
CA ASP D 115 -43.24 33.62 32.38
C ASP D 115 -44.19 33.82 31.19
N GLU D 116 -43.66 34.32 30.08
CA GLU D 116 -44.49 34.68 28.92
C GLU D 116 -44.79 33.56 27.94
N GLY D 117 -44.57 32.31 28.36
CA GLY D 117 -44.93 31.14 27.59
C GLY D 117 -44.29 31.06 26.22
N ASP D 118 -43.00 31.42 26.15
CA ASP D 118 -42.22 31.33 24.91
C ASP D 118 -41.38 30.06 24.98
N PHE D 119 -41.97 28.96 24.52
CA PHE D 119 -41.40 27.64 24.69
C PHE D 119 -40.13 27.39 23.88
N LEU D 120 -40.08 27.98 22.68
CA LEU D 120 -38.88 28.00 21.87
C LEU D 120 -37.77 28.75 22.60
N GLY D 121 -38.13 29.87 23.20
CA GLY D 121 -37.19 30.67 23.98
C GLY D 121 -36.71 29.99 25.24
N GLU D 122 -37.60 29.27 25.92
CA GLU D 122 -37.25 28.50 27.10
C GLU D 122 -36.20 27.49 26.67
N GLN D 123 -36.50 26.76 25.60
CA GLN D 123 -35.69 25.63 25.16
C GLN D 123 -34.32 26.05 24.64
N PHE D 124 -34.26 27.19 23.95
CA PHE D 124 -33.06 27.62 23.28
C PHE D 124 -31.89 27.85 24.21
N MET D 125 -32.17 28.23 25.46
CA MET D 125 -31.14 28.72 26.38
C MET D 125 -30.68 27.72 27.44
N GLN D 126 -31.11 26.48 27.27
CA GLN D 126 -30.66 25.40 28.11
C GLN D 126 -29.18 25.17 27.83
N TRP D 127 -28.80 25.36 26.58
CA TRP D 127 -27.42 25.15 26.17
C TRP D 127 -26.52 26.20 26.79
N PHE D 128 -27.06 27.42 26.93
CA PHE D 128 -26.33 28.50 27.55
C PHE D 128 -26.12 28.26 29.04
N LEU D 129 -27.13 27.70 29.70
CA LEU D 129 -27.01 27.29 31.11
C LEU D 129 -25.91 26.22 31.28
N GLN D 130 -25.93 25.23 30.40
CA GLN D 130 -24.92 24.17 30.37
C GLN D 130 -23.52 24.71 30.24
N GLU D 131 -23.35 25.68 29.32
CA GLU D 131 -22.04 26.27 29.08
C GLU D 131 -21.57 27.10 30.24
N GLN D 132 -22.50 27.79 30.90
CA GLN D 132 -22.17 28.58 32.07
C GLN D 132 -21.65 27.76 33.25
N ILE D 133 -22.18 26.55 33.43
CA ILE D 133 -21.69 25.66 34.49
C ILE D 133 -20.16 25.51 34.37
N GLU D 134 -19.73 24.95 33.25
CA GLU D 134 -18.33 24.62 32.99
C GLU D 134 -17.46 25.86 32.93
N GLU D 135 -18.01 26.94 32.35
CA GLU D 135 -17.28 28.20 32.20
C GLU D 135 -16.96 28.89 33.52
N VAL D 136 -17.97 29.02 34.39
CA VAL D 136 -17.76 29.60 35.72
C VAL D 136 -16.86 28.69 36.56
N ALA D 137 -16.97 27.38 36.33
CA ALA D 137 -16.11 26.42 37.01
C ALA D 137 -14.66 26.72 36.71
N LEU D 138 -14.36 26.86 35.41
CA LEU D 138 -13.00 27.10 34.93
C LEU D 138 -12.43 28.41 35.46
N MET D 139 -13.25 29.47 35.41
CA MET D 139 -12.84 30.78 35.91
C MET D 139 -12.54 30.78 37.39
N ALA D 140 -13.39 30.12 38.18
CA ALA D 140 -13.21 30.03 39.62
C ALA D 140 -11.92 29.29 39.94
N THR D 141 -11.67 28.21 39.19
CA THR D 141 -10.45 27.43 39.33
C THR D 141 -9.21 28.30 39.09
N LEU D 142 -9.23 29.09 38.01
CA LEU D 142 -8.13 29.99 37.69
C LEU D 142 -7.88 31.06 38.74
N VAL D 143 -8.96 31.60 39.32
CA VAL D 143 -8.83 32.64 40.34
C VAL D 143 -8.22 32.07 41.62
N ARG D 144 -8.64 30.87 42.01
CA ARG D 144 -8.13 30.16 43.22
C ARG D 144 -6.66 29.79 43.02
N VAL D 145 -6.31 29.32 41.82
CA VAL D 145 -4.92 28.98 41.50
C VAL D 145 -4.04 30.24 41.52
N ALA D 146 -4.59 31.36 41.04
CA ALA D 146 -3.87 32.65 41.05
C ALA D 146 -3.64 33.15 42.45
N ASP D 147 -4.56 32.84 43.37
CA ASP D 147 -4.35 33.16 44.78
C ASP D 147 -3.28 32.28 45.45
N ARG D 148 -3.27 30.98 45.15
CA ARG D 148 -2.25 30.02 45.67
C ARG D 148 -0.86 30.39 45.15
N ALA D 149 -0.77 30.84 43.89
CA ALA D 149 0.49 31.20 43.29
C ALA D 149 1.03 32.51 43.89
N GLY D 150 0.15 33.47 44.14
CA GLY D 150 0.55 34.77 44.65
C GLY D 150 1.36 35.51 43.60
N ALA D 151 2.44 36.16 44.04
CA ALA D 151 3.29 36.94 43.15
C ALA D 151 4.10 36.10 42.15
N ASN D 152 4.36 34.83 42.51
CA ASN D 152 5.07 33.89 41.64
C ASN D 152 4.17 33.40 40.51
N LEU D 153 4.21 34.11 39.38
CA LEU D 153 3.27 33.93 38.30
C LEU D 153 3.55 32.76 37.36
N PHE D 154 4.77 32.24 37.41
CA PHE D 154 5.14 31.13 36.54
C PHE D 154 4.38 29.85 36.84
N GLU D 155 3.98 29.66 38.10
CA GLU D 155 3.27 28.47 38.52
C GLU D 155 1.82 28.51 38.03
N LEU D 156 1.22 29.70 38.06
CA LEU D 156 -0.05 29.97 37.39
C LEU D 156 0.05 29.64 35.91
N GLU D 157 1.14 30.12 35.30
CA GLU D 157 1.43 29.89 33.89
C GLU D 157 1.47 28.39 33.54
N ASN D 158 2.18 27.61 34.37
CA ASN D 158 2.30 26.17 34.18
C ASN D 158 1.00 25.43 34.39
N PHE D 159 0.20 25.90 35.36
CA PHE D 159 -1.11 25.31 35.60
C PHE D 159 -2.02 25.50 34.40
N VAL D 160 -2.03 26.71 33.83
CA VAL D 160 -2.82 26.99 32.64
C VAL D 160 -2.33 26.14 31.47
N ALA D 161 -1.02 25.96 31.37
CA ALA D 161 -0.43 25.23 30.25
C ALA D 161 -0.76 23.74 30.25
N ARG D 162 -0.65 23.09 31.40
CA ARG D 162 -0.79 21.61 31.52
C ARG D 162 -2.26 21.21 31.66
N GLU D 163 -3.04 21.93 32.47
CA GLU D 163 -4.32 21.42 32.96
C GLU D 163 -5.55 22.02 32.30
N VAL D 164 -5.47 23.31 31.94
CA VAL D 164 -6.55 23.98 31.25
C VAL D 164 -6.35 23.82 29.76
N ASP D 165 -7.30 23.15 29.11
CA ASP D 165 -7.26 22.91 27.68
C ASP D 165 -8.60 23.28 27.11
N VAL D 166 -8.59 23.93 25.96
CA VAL D 166 -9.80 24.18 25.18
C VAL D 166 -9.98 22.99 24.23
N ALA D 167 -10.70 21.97 24.73
CA ALA D 167 -10.98 20.73 24.00
C ALA D 167 -11.92 21.06 22.84
N PRO D 168 -12.04 20.16 21.82
CA PRO D 168 -13.02 20.35 20.76
C PRO D 168 -14.42 20.53 21.36
N ALA D 169 -15.19 21.49 20.83
CA ALA D 169 -16.54 21.74 21.29
C ALA D 169 -17.39 20.53 20.97
N ALA D 170 -18.28 20.18 21.91
CA ALA D 170 -19.18 19.07 21.75
C ALA D 170 -20.32 19.55 20.91
N SER D 171 -21.16 18.61 20.46
CA SER D 171 -22.41 18.93 19.80
C SER D 171 -23.42 19.45 20.82
N GLY D 172 -24.63 19.78 20.34
CA GLY D 172 -25.68 20.34 21.15
C GLY D 172 -25.64 21.85 21.04
N ALA D 173 -24.51 22.38 20.54
CA ALA D 173 -24.34 23.80 20.36
C ALA D 173 -25.26 24.21 19.23
N PRO D 174 -26.13 25.22 19.43
CA PRO D 174 -27.00 25.70 18.37
C PRO D 174 -26.17 26.40 17.29
N HIS D 175 -26.78 26.65 16.12
N HIS D 175 -26.78 26.65 16.12
CA HIS D 175 -26.09 27.26 15.00
CA HIS D 175 -26.09 27.26 15.00
C HIS D 175 -25.79 28.71 15.31
C HIS D 175 -25.79 28.71 15.31
N ALA D 176 -24.57 29.14 15.00
CA ALA D 176 -24.13 30.51 15.16
C ALA D 176 -24.16 31.16 13.79
N ALA D 177 -24.62 32.41 13.75
CA ALA D 177 -24.74 33.17 12.52
C ALA D 177 -23.35 33.37 11.93
N GLY D 178 -23.17 32.89 10.70
CA GLY D 178 -21.91 33.00 9.99
C GLY D 178 -20.92 31.94 10.38
N GLY D 179 -21.44 30.81 10.87
CA GLY D 179 -20.62 29.68 11.22
C GLY D 179 -19.92 29.94 12.52
N ARG D 180 -19.95 28.94 13.40
CA ARG D 180 -19.17 28.89 14.66
C ARG D 180 -17.69 29.02 14.29
N LEU D 181 -16.96 29.90 14.98
CA LEU D 181 -15.51 29.98 14.86
C LEU D 181 -14.89 29.05 15.90
N GLU E 5 -27.52 -22.47 58.53
CA GLU E 5 -27.31 -21.95 57.14
C GLU E 5 -26.12 -22.62 56.39
N GLY E 6 -25.27 -23.34 57.13
CA GLY E 6 -24.08 -24.04 56.63
C GLY E 6 -22.82 -23.69 57.42
N PRO E 7 -21.84 -24.62 57.56
CA PRO E 7 -20.62 -24.35 58.33
C PRO E 7 -19.59 -23.47 57.61
N LYS E 8 -19.35 -22.26 58.13
CA LYS E 8 -18.34 -21.35 57.60
C LYS E 8 -16.99 -21.60 58.26
N THR E 9 -15.98 -21.88 57.44
CA THR E 9 -14.58 -21.79 57.87
C THR E 9 -14.24 -20.31 58.04
N LYS E 10 -13.26 -19.99 58.89
CA LYS E 10 -12.97 -18.58 59.18
C LYS E 10 -12.16 -17.87 58.11
N PHE E 11 -11.60 -18.63 57.17
CA PHE E 11 -11.04 -18.01 55.96
C PHE E 11 -12.16 -17.37 55.17
N HIS E 12 -13.26 -18.10 54.98
CA HIS E 12 -14.44 -17.61 54.29
C HIS E 12 -15.02 -16.42 55.06
N ALA E 13 -15.16 -16.60 56.37
CA ALA E 13 -15.77 -15.58 57.22
C ALA E 13 -14.97 -14.28 57.30
N LEU E 14 -13.65 -14.37 57.05
CA LEU E 14 -12.76 -13.22 57.15
C LEU E 14 -12.54 -12.57 55.80
N MET E 15 -12.66 -13.39 54.75
CA MET E 15 -12.60 -12.91 53.38
C MET E 15 -13.83 -12.08 53.02
N GLN E 16 -14.98 -12.43 53.61
CA GLN E 16 -16.18 -11.60 53.51
C GLN E 16 -15.90 -10.21 54.08
N GLU E 17 -15.28 -10.19 55.27
CA GLU E 17 -14.87 -8.96 55.93
C GLU E 17 -13.93 -8.15 55.05
N GLN E 18 -13.04 -8.84 54.33
CA GLN E 18 -12.09 -8.18 53.47
C GLN E 18 -12.77 -7.56 52.26
N ILE E 19 -13.82 -8.21 51.76
CA ILE E 19 -14.61 -7.66 50.66
C ILE E 19 -15.18 -6.32 51.11
N HIS E 20 -15.72 -6.30 52.33
CA HIS E 20 -16.25 -5.09 52.95
C HIS E 20 -15.19 -4.00 53.05
N ASN E 21 -13.99 -4.39 53.48
CA ASN E 21 -12.87 -3.48 53.62
C ASN E 21 -12.43 -2.84 52.32
N GLU E 22 -12.34 -3.65 51.25
CA GLU E 22 -11.90 -3.14 49.96
C GLU E 22 -12.92 -2.18 49.36
N PHE E 23 -14.21 -2.47 49.57
CA PHE E 23 -15.26 -1.55 49.15
C PHE E 23 -15.18 -0.19 49.87
N THR E 24 -14.97 -0.23 51.19
CA THR E 24 -14.82 1.00 51.97
C THR E 24 -13.57 1.77 51.57
N ALA E 25 -12.50 1.02 51.23
CA ALA E 25 -11.24 1.60 50.82
C ALA E 25 -11.39 2.34 49.50
N ALA E 26 -12.17 1.74 48.58
CA ALA E 26 -12.46 2.36 47.30
C ALA E 26 -13.21 3.68 47.49
N GLN E 27 -14.22 3.65 48.37
CA GLN E 27 -15.01 4.86 48.65
C GLN E 27 -14.16 5.95 49.31
N GLN E 28 -13.22 5.54 50.16
CA GLN E 28 -12.27 6.46 50.79
C GLN E 28 -11.35 7.11 49.78
N TYR E 29 -10.88 6.33 48.79
CA TYR E 29 -10.07 6.86 47.66
C TYR E 29 -10.90 7.86 46.85
N VAL E 30 -12.19 7.57 46.63
CA VAL E 30 -13.04 8.52 45.91
C VAL E 30 -13.12 9.82 46.69
N ALA E 31 -13.27 9.72 48.01
CA ALA E 31 -13.40 10.92 48.86
C ALA E 31 -12.12 11.76 48.84
N ILE E 32 -10.98 11.09 48.92
CA ILE E 32 -9.67 11.73 48.86
C ILE E 32 -9.49 12.46 47.53
N ALA E 33 -9.82 11.78 46.43
CA ALA E 33 -9.75 12.33 45.07
C ALA E 33 -10.69 13.53 44.88
N VAL E 34 -11.86 13.49 45.51
CA VAL E 34 -12.83 14.56 45.41
C VAL E 34 -12.34 15.79 46.17
N TYR E 35 -11.71 15.57 47.33
CA TYR E 35 -11.06 16.66 48.11
C TYR E 35 -9.93 17.29 47.29
N PHE E 36 -9.13 16.47 46.62
CA PHE E 36 -8.07 16.97 45.76
C PHE E 36 -8.61 17.73 44.56
N ASP E 37 -9.79 17.34 44.07
CA ASP E 37 -10.39 17.97 42.90
C ASP E 37 -10.99 19.33 43.26
N SER E 38 -11.47 19.45 44.50
CA SER E 38 -12.02 20.71 44.99
C SER E 38 -10.93 21.72 45.29
N GLU E 39 -9.77 21.24 45.75
CA GLU E 39 -8.62 22.09 46.04
C GLU E 39 -7.71 22.37 44.84
N ASP E 40 -8.20 22.07 43.63
CA ASP E 40 -7.50 22.36 42.38
C ASP E 40 -6.12 21.72 42.31
N LEU E 41 -6.08 20.40 42.52
CA LEU E 41 -4.86 19.61 42.35
C LEU E 41 -5.21 18.44 41.44
N PRO E 42 -5.43 18.68 40.13
CA PRO E 42 -6.02 17.69 39.24
C PRO E 42 -5.15 16.47 38.87
N GLN E 43 -3.83 16.56 38.98
CA GLN E 43 -2.97 15.39 38.74
C GLN E 43 -3.08 14.43 39.89
N LEU E 44 -3.07 14.98 41.11
CA LEU E 44 -3.30 14.21 42.31
C LEU E 44 -4.67 13.54 42.25
N ALA E 45 -5.68 14.32 41.85
CA ALA E 45 -7.04 13.84 41.74
C ALA E 45 -7.13 12.71 40.72
N LYS E 46 -6.47 12.89 39.58
CA LYS E 46 -6.46 11.91 38.52
C LYS E 46 -5.92 10.60 39.02
N HIS E 47 -4.78 10.65 39.72
CA HIS E 47 -4.17 9.46 40.28
C HIS E 47 -5.09 8.73 41.23
N PHE E 48 -5.75 9.47 42.11
CA PHE E 48 -6.62 8.84 43.08
C PHE E 48 -7.94 8.31 42.53
N TYR E 49 -8.44 8.93 41.46
CA TYR E 49 -9.61 8.43 40.69
C TYR E 49 -9.22 7.11 40.03
N SER E 50 -7.96 6.97 39.62
CA SER E 50 -7.48 5.70 39.10
C SER E 50 -7.36 4.65 40.21
N GLN E 51 -6.90 5.08 41.40
CA GLN E 51 -6.73 4.17 42.54
C GLN E 51 -8.03 3.64 43.09
N ALA E 52 -9.09 4.44 43.01
CA ALA E 52 -10.41 4.03 43.46
C ALA E 52 -10.94 2.90 42.58
N VAL E 53 -10.70 3.04 41.27
CA VAL E 53 -11.05 2.02 40.30
C VAL E 53 -10.27 0.76 40.58
N GLU E 54 -8.98 0.91 40.88
CA GLU E 54 -8.13 -0.23 41.17
C GLU E 54 -8.62 -0.98 42.42
N GLU E 55 -9.08 -0.24 43.42
CA GLU E 55 -9.53 -0.82 44.68
C GLU E 55 -10.86 -1.55 44.50
N ARG E 56 -11.76 -0.96 43.70
CA ARG E 56 -13.04 -1.60 43.30
C ARG E 56 -12.75 -2.89 42.55
N ASN E 57 -11.75 -2.88 41.67
CA ASN E 57 -11.33 -4.07 40.96
C ASN E 57 -10.84 -5.16 41.90
N HIS E 58 -10.11 -4.78 42.94
CA HIS E 58 -9.65 -5.73 43.96
C HIS E 58 -10.85 -6.37 44.67
N ALA E 59 -11.83 -5.54 45.02
CA ALA E 59 -13.05 -6.02 45.66
C ALA E 59 -13.76 -7.04 44.78
N MET E 60 -13.86 -6.72 43.48
CA MET E 60 -14.46 -7.60 42.49
C MET E 60 -13.69 -8.91 42.35
N MET E 61 -12.36 -8.85 42.50
CA MET E 61 -11.52 -10.05 42.43
C MET E 61 -11.81 -10.98 43.58
N LEU E 62 -11.92 -10.42 44.79
CA LEU E 62 -12.28 -11.19 45.97
C LEU E 62 -13.66 -11.82 45.83
N VAL E 63 -14.62 -11.03 45.36
CA VAL E 63 -15.98 -11.49 45.09
C VAL E 63 -15.98 -12.67 44.12
N GLN E 64 -15.25 -12.53 43.01
CA GLN E 64 -15.15 -13.54 41.98
C GLN E 64 -14.56 -14.82 42.51
N HIS E 65 -13.59 -14.69 43.43
CA HIS E 65 -13.00 -15.85 44.08
C HIS E 65 -13.99 -16.60 44.93
N LEU E 66 -14.86 -15.86 45.61
CA LEU E 66 -15.92 -16.51 46.38
C LEU E 66 -16.91 -17.21 45.47
N LEU E 67 -17.25 -16.57 44.34
CA LEU E 67 -18.17 -17.14 43.37
C LEU E 67 -17.65 -18.42 42.75
N ASP E 68 -16.32 -18.50 42.54
CA ASP E 68 -15.67 -19.65 41.92
C ASP E 68 -15.68 -20.89 42.81
N ARG E 69 -15.47 -20.69 44.10
CA ARG E 69 -15.43 -21.79 45.10
C ARG E 69 -16.83 -22.05 45.67
N ASP E 70 -17.86 -21.41 45.09
CA ASP E 70 -19.27 -21.64 45.41
C ASP E 70 -19.61 -21.45 46.88
N LEU E 71 -18.92 -20.51 47.53
CA LEU E 71 -19.26 -20.10 48.89
C LEU E 71 -20.18 -18.89 48.75
N ARG E 72 -21.05 -18.73 49.74
CA ARG E 72 -22.02 -17.59 49.73
C ARG E 72 -21.23 -16.31 49.93
N VAL E 73 -21.66 -15.24 49.28
CA VAL E 73 -20.95 -13.99 49.39
C VAL E 73 -22.00 -12.89 49.40
N GLU E 74 -21.81 -11.93 50.31
CA GLU E 74 -22.67 -10.77 50.46
C GLU E 74 -21.93 -9.62 49.84
N ILE E 75 -22.63 -8.81 49.05
CA ILE E 75 -22.11 -7.51 48.64
C ILE E 75 -22.58 -6.55 49.72
N PRO E 76 -21.67 -6.02 50.57
CA PRO E 76 -22.06 -5.28 51.77
C PRO E 76 -22.22 -3.78 51.51
N GLY E 77 -22.66 -3.06 52.54
CA GLY E 77 -22.67 -1.61 52.54
C GLY E 77 -21.28 -1.12 52.82
N VAL E 78 -21.13 0.21 52.87
CA VAL E 78 -19.85 0.87 53.08
C VAL E 78 -20.06 1.84 54.23
N ASP E 79 -19.05 1.94 55.12
CA ASP E 79 -19.14 2.83 56.26
C ASP E 79 -18.91 4.23 55.76
N THR E 80 -19.19 5.23 56.61
CA THR E 80 -18.89 6.60 56.27
C THR E 80 -17.37 6.75 56.21
N VAL E 81 -16.90 7.41 55.16
CA VAL E 81 -15.50 7.66 54.94
C VAL E 81 -15.25 9.13 55.25
N ARG E 82 -13.97 9.50 55.37
CA ARG E 82 -13.52 10.85 55.78
C ARG E 82 -13.54 11.80 54.58
N ASN E 83 -14.02 13.04 54.78
CA ASN E 83 -14.03 14.07 53.75
C ASN E 83 -13.27 15.35 54.11
N GLN E 84 -13.22 15.69 55.40
CA GLN E 84 -12.52 16.88 55.87
C GLN E 84 -11.02 16.61 55.96
N PHE E 85 -10.25 17.47 55.33
CA PHE E 85 -8.82 17.50 55.47
C PHE E 85 -8.44 18.95 55.48
N ASP E 86 -7.54 19.33 56.39
CA ASP E 86 -7.11 20.72 56.51
C ASP E 86 -6.03 21.09 55.50
N ARG E 87 -5.20 20.13 55.09
CA ARG E 87 -4.14 20.32 54.07
C ARG E 87 -3.96 19.01 53.28
N PRO E 88 -3.39 19.05 52.06
CA PRO E 88 -3.18 17.84 51.26
C PRO E 88 -2.31 16.73 51.88
N ARG E 89 -1.37 17.13 52.75
CA ARG E 89 -0.42 16.21 53.40
C ARG E 89 -1.20 15.18 54.22
N GLU E 90 -2.30 15.61 54.87
CA GLU E 90 -3.09 14.73 55.71
C GLU E 90 -3.87 13.69 54.93
N ALA E 91 -4.37 14.07 53.75
CA ALA E 91 -5.13 13.16 52.91
C ALA E 91 -4.20 12.10 52.34
N LEU E 92 -3.01 12.54 51.94
CA LEU E 92 -1.98 11.62 51.48
C LEU E 92 -1.55 10.66 52.60
N ALA E 93 -1.45 11.18 53.82
CA ALA E 93 -1.07 10.38 54.98
C ALA E 93 -2.14 9.36 55.27
N LEU E 94 -3.40 9.73 55.06
CA LEU E 94 -4.54 8.84 55.25
C LEU E 94 -4.48 7.71 54.25
N ALA E 95 -4.17 8.03 53.00
CA ALA E 95 -4.01 7.02 51.95
C ALA E 95 -2.93 6.02 52.31
N LEU E 96 -1.76 6.53 52.69
CA LEU E 96 -0.63 5.72 53.11
C LEU E 96 -0.99 4.80 54.26
N ASP E 97 -1.65 5.36 55.27
CA ASP E 97 -2.15 4.64 56.43
C ASP E 97 -3.04 3.48 55.98
N GLN E 98 -4.04 3.81 55.13
CA GLN E 98 -5.01 2.85 54.66
C GLN E 98 -4.31 1.70 54.00
N GLU E 99 -3.32 2.00 53.16
CA GLU E 99 -2.65 0.96 52.42
C GLU E 99 -1.79 0.06 53.30
N ARG E 100 -1.19 0.64 54.35
CA ARG E 100 -0.45 -0.18 55.36
C ARG E 100 -1.43 -1.11 56.06
N THR E 101 -2.63 -0.61 56.37
CA THR E 101 -3.66 -1.44 56.97
C THR E 101 -4.01 -2.58 56.04
N VAL E 102 -4.32 -2.26 54.78
CA VAL E 102 -4.68 -3.25 53.78
C VAL E 102 -3.61 -4.35 53.68
N THR E 103 -2.35 -3.95 53.72
CA THR E 103 -1.24 -4.90 53.72
C THR E 103 -1.31 -5.84 54.90
N ASP E 104 -1.55 -5.29 56.10
CA ASP E 104 -1.68 -6.12 57.29
C ASP E 104 -2.87 -7.06 57.26
N GLN E 105 -3.98 -6.60 56.69
CA GLN E 105 -5.19 -7.39 56.50
C GLN E 105 -4.97 -8.57 55.58
N VAL E 106 -4.32 -8.33 54.44
CA VAL E 106 -4.01 -9.37 53.48
C VAL E 106 -3.02 -10.38 54.10
N GLY E 107 -2.09 -9.87 54.92
CA GLY E 107 -1.21 -10.72 55.69
C GLY E 107 -1.99 -11.66 56.60
N ARG E 108 -2.99 -11.09 57.27
CA ARG E 108 -3.87 -11.80 58.25
C ARG E 108 -4.64 -12.89 57.51
N LEU E 109 -5.12 -12.60 56.31
CA LEU E 109 -5.79 -13.58 55.46
C LEU E 109 -4.91 -14.74 55.03
N THR E 110 -3.68 -14.43 54.60
CA THR E 110 -2.74 -15.47 54.20
C THR E 110 -2.43 -16.37 55.38
N ALA E 111 -2.29 -15.77 56.56
CA ALA E 111 -2.00 -16.50 57.79
C ALA E 111 -3.14 -17.42 58.18
N VAL E 112 -4.38 -16.90 58.16
CA VAL E 112 -5.54 -17.71 58.54
C VAL E 112 -5.80 -18.84 57.54
N ALA E 113 -5.51 -18.58 56.26
CA ALA E 113 -5.64 -19.57 55.21
C ALA E 113 -4.66 -20.69 55.45
N ARG E 114 -3.43 -20.33 55.81
CA ARG E 114 -2.34 -21.32 56.01
C ARG E 114 -2.59 -22.10 57.31
N ASP E 115 -3.20 -21.48 58.31
CA ASP E 115 -3.56 -22.19 59.53
C ASP E 115 -4.55 -23.31 59.21
N GLU E 116 -5.66 -22.97 58.56
CA GLU E 116 -6.75 -23.92 58.32
C GLU E 116 -6.62 -24.77 57.05
N GLY E 117 -5.42 -24.81 56.48
CA GLY E 117 -5.12 -25.67 55.35
C GLY E 117 -5.98 -25.45 54.13
N ASP E 118 -6.25 -24.17 53.82
CA ASP E 118 -7.01 -23.79 52.63
C ASP E 118 -6.01 -23.37 51.55
N PHE E 119 -5.55 -24.34 50.78
CA PHE E 119 -4.45 -24.15 49.85
C PHE E 119 -4.79 -23.25 48.66
N LEU E 120 -6.04 -23.33 48.19
CA LEU E 120 -6.57 -22.43 47.20
C LEU E 120 -6.57 -21.00 47.74
N GLY E 121 -6.99 -20.86 49.00
CA GLY E 121 -7.00 -19.56 49.66
C GLY E 121 -5.62 -19.00 49.92
N GLU E 122 -4.66 -19.85 50.27
CA GLU E 122 -3.28 -19.45 50.44
C GLU E 122 -2.80 -18.88 49.13
N GLN E 123 -3.02 -19.64 48.06
CA GLN E 123 -2.48 -19.31 46.74
C GLN E 123 -3.09 -18.07 46.12
N PHE E 124 -4.39 -17.86 46.35
CA PHE E 124 -5.13 -16.80 45.71
C PHE E 124 -4.61 -15.41 46.04
N MET E 125 -4.03 -15.24 47.23
CA MET E 125 -3.71 -13.93 47.78
C MET E 125 -2.25 -13.51 47.70
N GLN E 126 -1.47 -14.32 46.97
CA GLN E 126 -0.10 -13.99 46.69
C GLN E 126 -0.07 -12.77 45.79
N TRP E 127 -1.07 -12.67 44.91
CA TRP E 127 -1.14 -11.56 43.98
C TRP E 127 -1.45 -10.27 44.72
N PHE E 128 -2.25 -10.38 45.78
CA PHE E 128 -2.58 -9.24 46.61
C PHE E 128 -1.37 -8.74 47.39
N LEU E 129 -0.55 -9.67 47.87
CA LEU E 129 0.72 -9.32 48.52
C LEU E 129 1.65 -8.56 47.55
N GLN E 130 1.76 -9.09 46.34
CA GLN E 130 2.55 -8.47 45.27
C GLN E 130 2.11 -7.05 44.99
N GLU E 131 0.78 -6.85 44.90
CA GLU E 131 0.24 -5.52 44.62
C GLU E 131 0.45 -4.56 45.75
N GLN E 132 0.38 -5.06 46.98
CA GLN E 132 0.63 -4.24 48.15
C GLN E 132 2.04 -3.69 48.24
N ILE E 133 3.04 -4.48 47.81
CA ILE E 133 4.42 -4.01 47.78
C ILE E 133 4.50 -2.67 47.03
N GLU E 134 4.14 -2.71 45.74
CA GLU E 134 4.27 -1.58 44.84
C GLU E 134 3.34 -0.44 45.24
N GLU E 135 2.15 -0.79 45.73
CA GLU E 135 1.16 0.21 46.14
C GLU E 135 1.58 1.04 47.35
N VAL E 136 2.05 0.36 48.41
CA VAL E 136 2.55 1.06 49.59
C VAL E 136 3.82 1.84 49.26
N ALA E 137 4.61 1.31 48.32
CA ALA E 137 5.80 2.00 47.85
C ALA E 137 5.43 3.35 47.28
N LEU E 138 4.45 3.34 46.37
CA LEU E 138 3.99 4.54 45.68
C LEU E 138 3.42 5.58 46.65
N MET E 139 2.59 5.11 47.59
CA MET E 139 2.00 5.99 48.60
C MET E 139 3.03 6.64 49.49
N ALA E 140 4.02 5.87 49.94
CA ALA E 140 5.09 6.38 50.79
C ALA E 140 5.89 7.44 50.05
N THR E 141 6.16 7.17 48.77
CA THR E 141 6.87 8.11 47.91
C THR E 141 6.12 9.44 47.83
N LEU E 142 4.80 9.38 47.60
CA LEU E 142 3.96 10.57 47.52
C LEU E 142 3.93 11.37 48.82
N VAL E 143 3.89 10.68 49.96
CA VAL E 143 3.85 11.34 51.26
C VAL E 143 5.17 12.08 51.54
N ARG E 144 6.29 11.44 51.21
CA ARG E 144 7.65 12.01 51.39
C ARG E 144 7.83 13.21 50.46
N VAL E 145 7.36 13.11 49.22
CA VAL E 145 7.44 14.21 48.26
C VAL E 145 6.57 15.39 48.73
N ALA E 146 5.41 15.08 49.32
CA ALA E 146 4.51 16.11 49.86
C ALA E 146 5.12 16.83 51.04
N ASP E 147 5.94 16.12 51.82
CA ASP E 147 6.69 16.76 52.90
C ASP E 147 7.82 17.67 52.39
N ARG E 148 8.56 17.23 51.37
CA ARG E 148 9.65 18.03 50.73
C ARG E 148 9.08 19.29 50.09
N ALA E 149 7.89 19.18 49.48
CA ALA E 149 7.25 20.30 48.81
C ALA E 149 6.74 21.33 49.84
N GLY E 150 6.19 20.85 50.95
CA GLY E 150 5.60 21.71 51.96
C GLY E 150 4.37 22.41 51.40
N ALA E 151 4.25 23.71 51.70
CA ALA E 151 3.10 24.49 51.27
C ALA E 151 3.06 24.74 49.75
N ASN E 152 4.22 24.71 49.10
CA ASN E 152 4.33 24.88 47.65
C ASN E 152 3.88 23.63 46.92
N LEU E 153 2.58 23.58 46.57
CA LEU E 153 1.94 22.39 46.09
C LEU E 153 2.14 22.07 44.61
N PHE E 154 2.60 23.07 43.85
CA PHE E 154 2.81 22.87 42.42
C PHE E 154 3.92 21.88 42.10
N GLU E 155 4.91 21.78 43.00
CA GLU E 155 6.04 20.88 42.81
C GLU E 155 5.63 19.43 43.05
N LEU E 156 4.76 19.23 44.05
CA LEU E 156 4.06 17.95 44.24
C LEU E 156 3.28 17.58 42.99
N GLU E 157 2.55 18.57 42.46
CA GLU E 157 1.76 18.42 41.25
C GLU E 157 2.60 17.94 40.06
N ASN E 158 3.76 18.58 39.86
CA ASN E 158 4.68 18.23 38.79
C ASN E 158 5.31 16.87 38.96
N PHE E 159 5.62 16.52 40.21
CA PHE E 159 6.16 15.19 40.51
C PHE E 159 5.17 14.10 40.15
N VAL E 160 3.89 14.30 40.52
CA VAL E 160 2.84 13.34 40.19
C VAL E 160 2.67 13.26 38.68
N ALA E 161 2.78 14.40 37.99
CA ALA E 161 2.56 14.45 36.55
C ALA E 161 3.62 13.72 35.74
N ARG E 162 4.90 13.93 36.08
CA ARG E 162 6.05 13.41 35.28
C ARG E 162 6.38 11.97 35.69
N GLU E 163 6.38 11.66 36.98
CA GLU E 163 7.05 10.45 37.48
C GLU E 163 6.11 9.32 37.88
N VAL E 164 4.94 9.66 38.41
CA VAL E 164 3.94 8.68 38.78
C VAL E 164 3.03 8.45 37.58
N ASP E 165 3.03 7.21 37.09
CA ASP E 165 2.23 6.82 35.94
C ASP E 165 1.52 5.54 36.30
N VAL E 166 0.25 5.45 35.93
CA VAL E 166 -0.51 4.20 36.01
C VAL E 166 -0.31 3.46 34.69
N ALA E 167 0.75 2.63 34.65
CA ALA E 167 1.14 1.83 33.50
C ALA E 167 0.07 0.76 33.27
N PRO E 168 0.01 0.14 32.06
CA PRO E 168 -0.89 -0.98 31.82
C PRO E 168 -0.65 -2.07 32.88
N ALA E 169 -1.74 -2.64 33.41
CA ALA E 169 -1.65 -3.71 34.40
C ALA E 169 -1.03 -4.92 33.74
N ALA E 170 -0.16 -5.60 34.49
CA ALA E 170 0.50 -6.79 34.03
C ALA E 170 -0.47 -7.92 34.20
N SER E 171 -0.12 -9.08 33.62
CA SER E 171 -0.85 -10.31 33.85
C SER E 171 -0.56 -10.84 35.25
N GLY E 172 -1.17 -11.98 35.59
CA GLY E 172 -1.07 -12.58 36.88
C GLY E 172 -2.23 -12.15 37.74
N ALA E 173 -2.91 -11.08 37.31
CA ALA E 173 -4.06 -10.56 38.02
C ALA E 173 -5.17 -11.58 37.86
N PRO E 174 -5.80 -12.04 38.96
CA PRO E 174 -6.90 -12.99 38.87
C PRO E 174 -8.12 -12.29 38.25
N HIS E 175 -9.14 -13.08 37.85
N HIS E 175 -9.14 -13.08 37.85
CA HIS E 175 -10.32 -12.55 37.21
CA HIS E 175 -10.32 -12.55 37.21
C HIS E 175 -11.15 -11.78 38.22
C HIS E 175 -11.15 -11.78 38.22
N ALA E 176 -11.63 -10.60 37.81
CA ALA E 176 -12.50 -9.77 38.62
C ALA E 176 -13.91 -9.96 38.11
N ALA E 177 -14.86 -10.03 39.04
CA ALA E 177 -16.26 -10.24 38.73
C ALA E 177 -16.76 -9.05 37.92
N GLY E 178 -17.25 -9.33 36.72
CA GLY E 178 -17.78 -8.31 35.82
C GLY E 178 -16.71 -7.60 35.05
N GLY E 179 -15.57 -8.28 34.87
CA GLY E 179 -14.48 -7.76 34.09
C GLY E 179 -13.76 -6.70 34.87
N ARG E 180 -12.42 -6.80 34.85
CA ARG E 180 -11.50 -5.77 35.38
C ARG E 180 -11.79 -4.46 34.64
N LEU E 181 -11.93 -3.35 35.39
CA LEU E 181 -12.01 -2.03 34.81
C LEU E 181 -10.61 -1.45 34.69
N GLU F 5 -42.47 -17.36 -50.82
CA GLU F 5 -41.26 -17.06 -49.99
C GLU F 5 -41.34 -17.59 -48.54
N GLY F 6 -42.54 -17.98 -48.12
CA GLY F 6 -42.84 -18.49 -46.77
C GLY F 6 -44.01 -17.77 -46.11
N PRO F 7 -44.81 -18.45 -45.25
CA PRO F 7 -45.97 -17.81 -44.61
C PRO F 7 -45.62 -16.87 -43.44
N LYS F 8 -45.88 -15.58 -43.62
CA LYS F 8 -45.68 -14.58 -42.56
C LYS F 8 -46.92 -14.44 -41.70
N THR F 9 -46.77 -14.63 -40.38
CA THR F 9 -47.76 -14.20 -39.41
C THR F 9 -47.70 -12.67 -39.34
N LYS F 10 -48.80 -12.03 -38.95
CA LYS F 10 -48.84 -10.56 -38.98
C LYS F 10 -48.13 -9.89 -37.81
N PHE F 11 -47.78 -10.66 -36.78
CA PHE F 11 -46.86 -10.16 -35.76
C PHE F 11 -45.50 -9.90 -36.39
N HIS F 12 -45.02 -10.87 -37.17
CA HIS F 12 -43.76 -10.74 -37.89
C HIS F 12 -43.85 -9.59 -38.89
N ALA F 13 -44.94 -9.56 -39.65
CA ALA F 13 -45.13 -8.56 -40.69
C ALA F 13 -45.25 -7.13 -40.16
N LEU F 14 -45.67 -6.98 -38.90
CA LEU F 14 -45.89 -5.68 -38.28
C LEU F 14 -44.68 -5.24 -37.47
N MET F 15 -43.94 -6.23 -36.99
CA MET F 15 -42.69 -5.99 -36.29
C MET F 15 -41.60 -5.50 -37.25
N GLN F 16 -41.65 -5.97 -38.51
CA GLN F 16 -40.80 -5.43 -39.56
C GLN F 16 -41.08 -3.93 -39.74
N GLU F 17 -42.37 -3.59 -39.80
CA GLU F 17 -42.81 -2.21 -39.89
C GLU F 17 -42.31 -1.39 -38.71
N GLN F 18 -42.29 -2.00 -37.52
CA GLN F 18 -41.83 -1.31 -36.34
C GLN F 18 -40.34 -1.05 -36.37
N ILE F 19 -39.58 -1.98 -36.97
CA ILE F 19 -38.14 -1.79 -37.16
C ILE F 19 -37.93 -0.54 -38.00
N HIS F 20 -38.71 -0.42 -39.07
CA HIS F 20 -38.69 0.74 -39.95
C HIS F 20 -39.00 2.03 -39.19
N ASN F 21 -40.03 1.96 -38.34
CA ASN F 21 -40.44 3.09 -37.52
C ASN F 21 -39.38 3.57 -36.56
N GLU F 22 -38.71 2.64 -35.87
CA GLU F 22 -37.70 3.00 -34.89
C GLU F 22 -36.48 3.62 -35.56
N PHE F 23 -36.12 3.12 -36.75
CA PHE F 23 -35.05 3.72 -37.53
C PHE F 23 -35.37 5.16 -37.94
N THR F 24 -36.60 5.39 -38.42
CA THR F 24 -37.03 6.74 -38.79
C THR F 24 -37.08 7.67 -37.58
N ALA F 25 -37.48 7.11 -36.43
CA ALA F 25 -37.57 7.85 -35.19
C ALA F 25 -36.19 8.31 -34.73
N ALA F 26 -35.20 7.42 -34.89
CA ALA F 26 -33.82 7.74 -34.55
C ALA F 26 -33.31 8.89 -35.43
N GLN F 27 -33.59 8.81 -36.73
CA GLN F 27 -33.17 9.87 -37.66
C GLN F 27 -33.85 11.20 -37.36
N GLN F 28 -35.11 11.14 -36.94
CA GLN F 28 -35.87 12.32 -36.52
C GLN F 28 -35.28 12.97 -35.28
N TYR F 29 -34.85 12.15 -34.31
CA TYR F 29 -34.13 12.63 -33.10
C TYR F 29 -32.81 13.29 -33.50
N VAL F 30 -32.10 12.71 -34.48
CA VAL F 30 -30.85 13.33 -34.93
C VAL F 30 -31.16 14.70 -35.52
N ALA F 31 -32.24 14.80 -36.30
CA ALA F 31 -32.60 16.07 -36.94
C ALA F 31 -32.97 17.15 -35.92
N ILE F 32 -33.74 16.74 -34.91
CA ILE F 32 -34.14 17.61 -33.80
C ILE F 32 -32.91 18.12 -33.06
N ALA F 33 -31.99 17.22 -32.73
CA ALA F 33 -30.73 17.53 -32.05
C ALA F 33 -29.84 18.47 -32.87
N VAL F 34 -29.84 18.30 -34.18
CA VAL F 34 -29.04 19.12 -35.07
C VAL F 34 -29.61 20.53 -35.14
N TYR F 35 -30.94 20.64 -35.16
CA TYR F 35 -31.64 21.96 -35.09
C TYR F 35 -31.31 22.66 -33.77
N PHE F 36 -31.32 21.91 -32.66
CA PHE F 36 -30.96 22.47 -31.37
C PHE F 36 -29.50 22.88 -31.30
N ASP F 37 -28.63 22.19 -32.04
CA ASP F 37 -27.20 22.48 -32.03
C ASP F 37 -26.89 23.73 -32.86
N SER F 38 -27.69 23.96 -33.90
CA SER F 38 -27.54 25.14 -34.74
C SER F 38 -28.05 26.39 -34.04
N GLU F 39 -29.11 26.23 -33.22
CA GLU F 39 -29.68 27.34 -32.45
C GLU F 39 -29.01 27.59 -31.10
N ASP F 40 -27.83 26.99 -30.89
CA ASP F 40 -27.02 27.21 -29.70
C ASP F 40 -27.77 26.86 -28.41
N LEU F 41 -28.29 25.63 -28.36
CA LEU F 41 -28.90 25.09 -27.15
C LEU F 41 -28.27 23.73 -26.88
N PRO F 42 -26.98 23.70 -26.45
CA PRO F 42 -26.19 22.47 -26.41
C PRO F 42 -26.58 21.41 -25.37
N GLN F 43 -27.27 21.78 -24.29
CA GLN F 43 -27.76 20.79 -23.32
C GLN F 43 -28.92 20.03 -23.91
N LEU F 44 -29.82 20.77 -24.56
CA LEU F 44 -30.93 20.18 -25.28
C LEU F 44 -30.40 19.25 -26.36
N ALA F 45 -29.41 19.73 -27.11
CA ALA F 45 -28.80 18.97 -28.20
C ALA F 45 -28.17 17.70 -27.65
N LYS F 46 -27.46 17.81 -26.53
CA LYS F 46 -26.80 16.69 -25.90
C LYS F 46 -27.80 15.61 -25.56
N HIS F 47 -28.91 16.01 -24.93
CA HIS F 47 -29.96 15.08 -24.57
C HIS F 47 -30.53 14.35 -25.77
N PHE F 48 -30.77 15.09 -26.86
CA PHE F 48 -31.36 14.46 -28.03
C PHE F 48 -30.41 13.59 -28.83
N TYR F 49 -29.11 13.90 -28.80
CA TYR F 49 -28.04 13.06 -29.37
C TYR F 49 -27.98 11.74 -28.59
N SER F 50 -28.25 11.80 -27.28
CA SER F 50 -28.35 10.59 -26.48
C SER F 50 -29.61 9.79 -26.84
N GLN F 51 -30.73 10.49 -27.08
CA GLN F 51 -32.00 9.85 -27.41
C GLN F 51 -31.99 9.16 -28.76
N ALA F 52 -31.24 9.71 -29.71
CA ALA F 52 -31.10 9.12 -31.03
C ALA F 52 -30.38 7.77 -30.94
N VAL F 53 -29.35 7.73 -30.09
CA VAL F 53 -28.61 6.52 -29.82
C VAL F 53 -29.52 5.51 -29.17
N GLU F 54 -30.34 5.97 -28.23
CA GLU F 54 -31.27 5.08 -27.54
C GLU F 54 -32.28 4.47 -28.50
N GLU F 55 -32.74 5.26 -29.47
CA GLU F 55 -33.74 4.82 -30.43
C GLU F 55 -33.15 3.82 -31.41
N ARG F 56 -31.91 4.07 -31.85
CA ARG F 56 -31.13 3.13 -32.70
C ARG F 56 -30.94 1.81 -31.95
N ASN F 57 -30.65 1.88 -30.65
CA ASN F 57 -30.54 0.70 -29.83
C ASN F 57 -31.83 -0.10 -29.77
N HIS F 58 -32.97 0.59 -29.69
CA HIS F 58 -34.27 -0.05 -29.73
C HIS F 58 -34.48 -0.79 -31.04
N ALA F 59 -34.12 -0.14 -32.14
CA ALA F 59 -34.22 -0.74 -33.46
C ALA F 59 -33.38 -2.02 -33.54
N MET F 60 -32.16 -1.94 -33.01
CA MET F 60 -31.25 -3.08 -32.95
C MET F 60 -31.82 -4.21 -32.10
N MET F 61 -32.55 -3.86 -31.03
CA MET F 61 -33.17 -4.86 -30.16
C MET F 61 -34.25 -5.63 -30.91
N LEU F 62 -35.08 -4.90 -31.65
CA LEU F 62 -36.11 -5.51 -32.48
C LEU F 62 -35.50 -6.43 -33.54
N VAL F 63 -34.46 -5.93 -34.19
CA VAL F 63 -33.72 -6.70 -35.20
C VAL F 63 -33.18 -8.01 -34.61
N GLN F 64 -32.54 -7.90 -33.44
CA GLN F 64 -31.96 -9.04 -32.74
C GLN F 64 -33.00 -10.06 -32.37
N HIS F 65 -34.20 -9.59 -32.02
CA HIS F 65 -35.31 -10.48 -31.72
C HIS F 65 -35.76 -11.25 -32.93
N LEU F 66 -35.75 -10.61 -34.09
CA LEU F 66 -36.08 -11.32 -35.32
C LEU F 66 -35.01 -12.35 -35.66
N LEU F 67 -33.74 -11.99 -35.44
CA LEU F 67 -32.62 -12.88 -35.70
C LEU F 67 -32.65 -14.12 -34.82
N ASP F 68 -33.11 -13.96 -33.57
CA ASP F 68 -33.17 -15.05 -32.59
C ASP F 68 -34.23 -16.10 -32.92
N ARG F 69 -35.38 -15.65 -33.40
CA ARG F 69 -36.52 -16.53 -33.78
C ARG F 69 -36.41 -16.97 -35.24
N ASP F 70 -35.28 -16.65 -35.89
CA ASP F 70 -34.95 -17.11 -37.25
C ASP F 70 -35.98 -16.74 -38.30
N LEU F 71 -36.64 -15.58 -38.11
CA LEU F 71 -37.52 -15.03 -39.13
C LEU F 71 -36.69 -14.07 -39.95
N ARG F 72 -37.08 -13.93 -41.22
CA ARG F 72 -36.35 -13.03 -42.15
C ARG F 72 -36.57 -11.60 -41.69
N VAL F 73 -35.55 -10.77 -41.84
CA VAL F 73 -35.67 -9.40 -41.39
C VAL F 73 -34.91 -8.54 -42.41
N GLU F 74 -35.54 -7.42 -42.79
CA GLU F 74 -34.98 -6.45 -43.71
C GLU F 74 -34.52 -5.30 -42.86
N ILE F 75 -33.32 -4.79 -43.15
CA ILE F 75 -32.90 -3.51 -42.63
C ILE F 75 -33.36 -2.49 -43.66
N PRO F 76 -34.38 -1.65 -43.34
CA PRO F 76 -35.03 -0.82 -44.35
C PRO F 76 -34.37 0.56 -44.50
N GLY F 77 -34.86 1.34 -45.46
CA GLY F 77 -34.49 2.73 -45.60
C GLY F 77 -35.27 3.54 -44.59
N VAL F 78 -35.04 4.85 -44.61
CA VAL F 78 -35.66 5.78 -43.68
C VAL F 78 -36.31 6.87 -44.51
N ASP F 79 -37.50 7.33 -44.10
CA ASP F 79 -38.21 8.36 -44.83
C ASP F 79 -37.55 9.67 -44.52
N THR F 80 -37.89 10.72 -45.27
CA THR F 80 -37.41 12.04 -44.97
C THR F 80 -38.03 12.49 -43.65
N VAL F 81 -37.19 13.04 -42.78
CA VAL F 81 -37.60 13.53 -41.49
C VAL F 81 -37.62 15.05 -41.56
N ARG F 82 -38.22 15.69 -40.55
CA ARG F 82 -38.44 17.15 -40.50
C ARG F 82 -37.18 17.86 -40.00
N ASN F 83 -36.83 18.99 -40.63
CA ASN F 83 -35.69 19.81 -40.22
C ASN F 83 -36.03 21.26 -39.86
N GLN F 84 -37.07 21.82 -40.50
CA GLN F 84 -37.50 23.18 -40.24
C GLN F 84 -38.35 23.23 -38.98
N PHE F 85 -37.96 24.13 -38.07
CA PHE F 85 -38.74 24.47 -36.91
C PHE F 85 -38.56 25.94 -36.73
N ASP F 86 -39.66 26.64 -36.44
CA ASP F 86 -39.62 28.09 -36.26
C ASP F 86 -39.17 28.50 -34.85
N ARG F 87 -39.44 27.66 -33.85
CA ARG F 87 -39.02 27.89 -32.44
C ARG F 87 -38.77 26.53 -31.77
N PRO F 88 -37.98 26.48 -30.67
CA PRO F 88 -37.70 25.21 -29.98
C PRO F 88 -38.90 24.43 -29.44
N ARG F 89 -39.98 25.15 -29.10
CA ARG F 89 -41.21 24.57 -28.52
C ARG F 89 -41.79 23.56 -29.51
N GLU F 90 -41.72 23.85 -30.81
CA GLU F 90 -42.29 22.99 -31.83
C GLU F 90 -41.52 21.69 -32.02
N ALA F 91 -40.19 21.76 -31.90
CA ALA F 91 -39.35 20.59 -32.05
C ALA F 91 -39.55 19.66 -30.87
N LEU F 92 -39.66 20.26 -29.68
CA LEU F 92 -39.98 19.50 -28.48
C LEU F 92 -41.36 18.85 -28.57
N ALA F 93 -42.32 19.58 -29.14
CA ALA F 93 -43.68 19.08 -29.32
C ALA F 93 -43.67 17.92 -30.30
N LEU F 94 -42.82 17.99 -31.31
CA LEU F 94 -42.67 16.94 -32.30
C LEU F 94 -42.12 15.69 -31.65
N ALA F 95 -41.13 15.85 -30.78
CA ALA F 95 -40.56 14.73 -30.04
C ALA F 95 -41.62 14.04 -29.19
N LEU F 96 -42.36 14.84 -28.41
CA LEU F 96 -43.44 14.35 -27.57
C LEU F 96 -44.48 13.58 -28.38
N ASP F 97 -44.89 14.17 -29.50
CA ASP F 97 -45.82 13.57 -30.44
C ASP F 97 -45.31 12.19 -30.88
N GLN F 98 -44.05 12.16 -31.34
CA GLN F 98 -43.43 10.97 -31.86
C GLN F 98 -43.48 9.88 -30.82
N GLU F 99 -43.15 10.23 -29.58
CA GLU F 99 -43.08 9.24 -28.53
C GLU F 99 -44.46 8.69 -28.15
N ARG F 100 -45.48 9.55 -28.20
CA ARG F 100 -46.89 9.08 -28.00
C ARG F 100 -47.26 8.10 -29.11
N THR F 101 -46.84 8.39 -30.34
CA THR F 101 -47.07 7.48 -31.45
C THR F 101 -46.40 6.16 -31.18
N VAL F 102 -45.11 6.20 -30.85
CA VAL F 102 -44.33 5.00 -30.56
C VAL F 102 -45.01 4.13 -29.50
N THR F 103 -45.55 4.78 -28.46
CA THR F 103 -46.29 4.09 -27.42
C THR F 103 -47.49 3.36 -27.98
N ASP F 104 -48.26 4.05 -28.84
CA ASP F 104 -49.43 3.43 -29.47
C ASP F 104 -49.07 2.27 -30.39
N GLN F 105 -47.96 2.40 -31.10
CA GLN F 105 -47.43 1.36 -31.98
C GLN F 105 -47.04 0.11 -31.22
N VAL F 106 -46.31 0.28 -30.11
CA VAL F 106 -45.90 -0.83 -29.27
C VAL F 106 -47.13 -1.49 -28.63
N GLY F 107 -48.13 -0.67 -28.29
CA GLY F 107 -49.41 -1.19 -27.84
C GLY F 107 -50.05 -2.10 -28.87
N ARG F 108 -50.02 -1.64 -30.13
CA ARG F 108 -50.61 -2.33 -31.30
C ARG F 108 -49.90 -3.66 -31.50
N LEU F 109 -48.58 -3.68 -31.34
CA LEU F 109 -47.78 -4.91 -31.40
C LEU F 109 -48.12 -5.92 -30.31
N THR F 110 -48.25 -5.45 -29.08
CA THR F 110 -48.61 -6.33 -27.97
C THR F 110 -49.97 -6.94 -28.20
N ALA F 111 -50.89 -6.13 -28.72
CA ALA F 111 -52.25 -6.57 -29.03
C ALA F 111 -52.28 -7.62 -30.12
N VAL F 112 -51.55 -7.38 -31.22
CA VAL F 112 -51.54 -8.32 -32.34
C VAL F 112 -50.84 -9.64 -31.96
N ALA F 113 -49.83 -9.55 -31.10
CA ALA F 113 -49.12 -10.71 -30.59
C ALA F 113 -50.05 -11.55 -29.76
N ARG F 114 -50.85 -10.88 -28.92
CA ARG F 114 -51.77 -11.58 -27.99
C ARG F 114 -52.94 -12.17 -28.77
N ASP F 115 -53.37 -11.52 -29.86
CA ASP F 115 -54.40 -12.08 -30.71
C ASP F 115 -53.95 -13.42 -31.30
N GLU F 116 -52.79 -13.42 -31.96
CA GLU F 116 -52.31 -14.60 -32.69
C GLU F 116 -51.51 -15.60 -31.87
N GLY F 117 -51.59 -15.50 -30.55
CA GLY F 117 -50.99 -16.46 -29.64
C GLY F 117 -49.49 -16.62 -29.80
N ASP F 118 -48.79 -15.50 -29.99
CA ASP F 118 -47.33 -15.49 -30.08
C ASP F 118 -46.77 -15.06 -28.73
N PHE F 119 -46.57 -16.03 -27.85
CA PHE F 119 -46.24 -15.78 -26.46
C PHE F 119 -44.85 -15.18 -26.25
N LEU F 120 -43.89 -15.60 -27.08
CA LEU F 120 -42.57 -14.99 -27.12
C LEU F 120 -42.69 -13.53 -27.53
N GLY F 121 -43.53 -13.27 -28.53
CA GLY F 121 -43.78 -11.91 -28.99
C GLY F 121 -44.49 -11.04 -27.98
N GLU F 122 -45.45 -11.61 -27.25
CA GLU F 122 -46.14 -10.91 -26.18
C GLU F 122 -45.10 -10.49 -25.17
N GLN F 123 -44.27 -11.44 -24.75
CA GLN F 123 -43.33 -11.25 -23.66
C GLN F 123 -42.21 -10.27 -24.00
N PHE F 124 -41.75 -10.29 -25.25
CA PHE F 124 -40.60 -9.53 -25.66
C PHE F 124 -40.78 -8.03 -25.51
N MET F 125 -42.02 -7.55 -25.63
CA MET F 125 -42.31 -6.12 -25.74
C MET F 125 -42.82 -5.44 -24.48
N GLN F 126 -42.76 -6.18 -23.38
CA GLN F 126 -43.08 -5.64 -22.09
C GLN F 126 -42.03 -4.60 -21.72
N TRP F 127 -40.80 -4.86 -22.15
CA TRP F 127 -39.70 -3.96 -21.86
C TRP F 127 -39.87 -2.65 -22.61
N PHE F 128 -40.43 -2.74 -23.82
CA PHE F 128 -40.70 -1.57 -24.62
C PHE F 128 -41.79 -0.72 -24.02
N LEU F 129 -42.82 -1.36 -23.46
CA LEU F 129 -43.87 -0.65 -22.72
C LEU F 129 -43.30 0.10 -21.51
N GLN F 130 -42.44 -0.59 -20.76
CA GLN F 130 -41.75 -0.02 -19.61
C GLN F 130 -40.96 1.21 -19.98
N GLU F 131 -40.22 1.13 -21.10
CA GLU F 131 -39.40 2.25 -21.55
C GLU F 131 -40.22 3.42 -22.02
N GLN F 132 -41.36 3.12 -22.65
CA GLN F 132 -42.26 4.16 -23.09
C GLN F 132 -42.86 4.99 -21.97
N ILE F 133 -43.15 4.36 -20.83
CA ILE F 133 -43.66 5.09 -19.66
C ILE F 133 -42.73 6.27 -19.34
N GLU F 134 -41.48 5.94 -19.00
CA GLU F 134 -40.48 6.91 -18.56
C GLU F 134 -40.12 7.89 -19.65
N GLU F 135 -40.07 7.39 -20.89
CA GLU F 135 -39.71 8.22 -22.05
C GLU F 135 -40.73 9.31 -22.36
N VAL F 136 -42.01 8.94 -22.42
CA VAL F 136 -43.08 9.90 -22.65
C VAL F 136 -43.19 10.86 -21.46
N ALA F 137 -42.90 10.35 -20.26
CA ALA F 137 -42.88 11.18 -19.07
C ALA F 137 -41.89 12.31 -19.23
N LEU F 138 -40.67 11.95 -19.62
CA LEU F 138 -39.57 12.90 -19.78
C LEU F 138 -39.87 13.94 -20.85
N MET F 139 -40.40 13.49 -21.99
CA MET F 139 -40.77 14.38 -23.08
C MET F 139 -41.85 15.37 -22.70
N ALA F 140 -42.88 14.90 -22.00
CA ALA F 140 -43.97 15.75 -21.55
C ALA F 140 -43.45 16.81 -20.60
N THR F 141 -42.55 16.39 -19.69
CA THR F 141 -41.93 17.29 -18.75
C THR F 141 -41.18 18.41 -19.47
N LEU F 142 -40.38 18.05 -20.49
CA LEU F 142 -39.64 19.02 -21.28
C LEU F 142 -40.53 20.00 -22.04
N VAL F 143 -41.65 19.52 -22.57
CA VAL F 143 -42.57 20.37 -23.31
C VAL F 143 -43.24 21.39 -22.39
N ARG F 144 -43.64 20.95 -21.20
CA ARG F 144 -44.29 21.81 -20.17
C ARG F 144 -43.29 22.85 -19.66
N VAL F 145 -42.03 22.44 -19.44
CA VAL F 145 -40.99 23.36 -19.00
C VAL F 145 -40.69 24.40 -20.09
N ALA F 146 -40.72 23.97 -21.36
CA ALA F 146 -40.51 24.87 -22.50
C ALA F 146 -41.63 25.88 -22.62
N ASP F 147 -42.84 25.50 -22.24
CA ASP F 147 -43.95 26.45 -22.20
C ASP F 147 -43.83 27.46 -21.05
N ARG F 148 -43.41 27.02 -19.86
CA ARG F 148 -43.18 27.91 -18.68
C ARG F 148 -42.05 28.89 -18.97
N ALA F 149 -41.01 28.45 -19.68
CA ALA F 149 -39.87 29.29 -20.00
C ALA F 149 -40.25 30.35 -21.05
N GLY F 150 -41.05 29.96 -22.04
CA GLY F 150 -41.43 30.85 -23.12
C GLY F 150 -40.21 31.18 -23.97
N ALA F 151 -40.09 32.46 -24.35
CA ALA F 151 -38.99 32.90 -25.19
C ALA F 151 -37.61 32.89 -24.50
N ASN F 152 -37.61 32.98 -23.16
CA ASN F 152 -36.39 32.92 -22.36
C ASN F 152 -35.87 31.50 -22.27
N LEU F 153 -34.98 31.13 -23.21
CA LEU F 153 -34.57 29.77 -23.41
C LEU F 153 -33.48 29.25 -22.47
N PHE F 154 -32.80 30.18 -21.79
CA PHE F 154 -31.73 29.79 -20.87
C PHE F 154 -32.23 29.01 -19.67
N GLU F 155 -33.48 29.26 -19.25
CA GLU F 155 -34.06 28.59 -18.11
C GLU F 155 -34.43 27.15 -18.44
N LEU F 156 -34.92 26.94 -19.67
CA LEU F 156 -35.08 25.61 -20.25
C LEU F 156 -33.74 24.88 -20.26
N GLU F 157 -32.71 25.60 -20.72
CA GLU F 157 -31.35 25.09 -20.78
C GLU F 157 -30.84 24.59 -19.42
N ASN F 158 -31.06 25.41 -18.38
CA ASN F 158 -30.66 25.08 -17.02
C ASN F 158 -31.43 23.92 -16.43
N PHE F 159 -32.73 23.86 -16.76
CA PHE F 159 -33.56 22.74 -16.32
C PHE F 159 -33.07 21.43 -16.89
N VAL F 160 -32.74 21.42 -18.20
CA VAL F 160 -32.20 20.23 -18.85
C VAL F 160 -30.86 19.86 -18.24
N ALA F 161 -30.04 20.86 -17.91
CA ALA F 161 -28.71 20.63 -17.38
C ALA F 161 -28.69 20.00 -15.99
N ARG F 162 -29.52 20.52 -15.08
CA ARG F 162 -29.51 20.11 -13.65
C ARG F 162 -30.36 18.86 -13.43
N GLU F 163 -31.54 18.78 -14.04
CA GLU F 163 -32.57 17.83 -13.61
C GLU F 163 -32.75 16.62 -14.50
N VAL F 164 -32.57 16.81 -15.81
CA VAL F 164 -32.66 15.72 -16.77
C VAL F 164 -31.28 15.11 -16.93
N ASP F 165 -31.16 13.83 -16.56
CA ASP F 165 -29.91 13.10 -16.65
C ASP F 165 -30.20 11.78 -17.32
N VAL F 166 -29.31 11.37 -18.22
CA VAL F 166 -29.34 10.03 -18.80
C VAL F 166 -28.49 9.13 -17.90
N ALA F 167 -29.16 8.54 -16.89
CA ALA F 167 -28.55 7.65 -15.90
C ALA F 167 -28.12 6.36 -16.61
N PRO F 168 -27.22 5.55 -16.00
CA PRO F 168 -26.88 4.25 -16.56
C PRO F 168 -28.15 3.41 -16.78
N ALA F 169 -28.24 2.74 -17.93
CA ALA F 169 -29.38 1.89 -18.25
C ALA F 169 -29.41 0.74 -17.26
N ALA F 170 -30.62 0.39 -16.83
CA ALA F 170 -30.83 -0.70 -15.92
C ALA F 170 -30.81 -1.97 -16.73
N SER F 171 -30.76 -3.11 -16.04
CA SER F 171 -30.91 -4.40 -16.67
C SER F 171 -32.37 -4.62 -17.07
N GLY F 172 -32.65 -5.79 -17.65
CA GLY F 172 -33.96 -6.13 -18.15
C GLY F 172 -34.04 -5.80 -19.62
N ALA F 173 -33.09 -4.98 -20.10
CA ALA F 173 -33.02 -4.59 -21.48
C ALA F 173 -32.63 -5.83 -22.27
N PRO F 174 -33.38 -6.22 -23.31
CA PRO F 174 -33.02 -7.37 -24.13
C PRO F 174 -31.76 -7.04 -24.94
N HIS F 175 -31.14 -8.07 -25.54
N HIS F 175 -31.14 -8.07 -25.54
CA HIS F 175 -29.91 -7.91 -26.29
CA HIS F 175 -29.91 -7.91 -26.29
C HIS F 175 -30.20 -7.16 -27.58
C HIS F 175 -30.20 -7.16 -27.58
N ALA F 176 -29.34 -6.20 -27.90
CA ALA F 176 -29.41 -5.43 -29.13
C ALA F 176 -28.36 -5.98 -30.08
N ALA F 177 -28.73 -6.09 -31.35
CA ALA F 177 -27.87 -6.63 -32.38
C ALA F 177 -26.66 -5.71 -32.52
N GLY F 178 -25.47 -6.29 -32.32
CA GLY F 178 -24.22 -5.57 -32.42
C GLY F 178 -23.88 -4.80 -31.18
N GLY F 179 -24.43 -5.24 -30.05
CA GLY F 179 -24.14 -4.65 -28.77
C GLY F 179 -24.89 -3.36 -28.62
N ARG F 180 -25.51 -3.19 -27.47
CA ARG F 180 -26.14 -1.92 -27.02
C ARG F 180 -25.05 -0.84 -27.03
N LEU F 181 -25.35 0.33 -27.62
CA LEU F 181 -24.49 1.49 -27.53
C LEU F 181 -24.91 2.31 -26.32
N GLU G 5 19.99 42.16 -50.10
CA GLU G 5 19.87 41.41 -48.81
C GLU G 5 19.52 39.91 -49.00
N GLY G 6 19.09 39.54 -50.21
CA GLY G 6 18.68 38.18 -50.58
C GLY G 6 17.30 38.14 -51.24
N PRO G 7 17.04 37.19 -52.18
CA PRO G 7 15.74 37.12 -52.87
C PRO G 7 14.60 36.51 -52.03
N LYS G 8 13.60 37.32 -51.69
CA LYS G 8 12.42 36.86 -50.97
C LYS G 8 11.35 36.38 -51.93
N THR G 9 10.90 35.12 -51.77
CA THR G 9 9.67 34.64 -52.37
C THR G 9 8.51 35.31 -51.62
N LYS G 10 7.35 35.45 -52.28
CA LYS G 10 6.24 36.18 -51.65
C LYS G 10 5.46 35.39 -50.62
N PHE G 11 5.69 34.07 -50.56
CA PHE G 11 5.20 33.29 -49.43
C PHE G 11 5.90 33.74 -48.16
N HIS G 12 7.23 33.89 -48.23
CA HIS G 12 8.03 34.37 -47.12
C HIS G 12 7.61 35.79 -46.77
N ALA G 13 7.50 36.63 -47.80
CA ALA G 13 7.18 38.04 -47.61
C ALA G 13 5.79 38.29 -47.03
N LEU G 14 4.87 37.33 -47.23
CA LEU G 14 3.49 37.46 -46.78
C LEU G 14 3.28 36.78 -45.43
N MET G 15 4.11 35.78 -45.17
CA MET G 15 4.12 35.10 -43.89
C MET G 15 4.70 35.99 -42.79
N GLN G 16 5.64 36.86 -43.16
CA GLN G 16 6.13 37.90 -42.25
C GLN G 16 4.97 38.81 -41.84
N GLU G 17 4.19 39.23 -42.84
CA GLU G 17 2.99 40.04 -42.63
C GLU G 17 2.01 39.34 -41.70
N GLN G 18 1.89 38.01 -41.85
CA GLN G 18 0.98 37.25 -41.03
C GLN G 18 1.45 37.17 -39.59
N ILE G 19 2.77 37.13 -39.39
CA ILE G 19 3.34 37.15 -38.04
C ILE G 19 2.90 38.45 -37.36
N HIS G 20 3.01 39.55 -38.10
CA HIS G 20 2.58 40.86 -37.64
C HIS G 20 1.10 40.87 -37.28
N ASN G 21 0.29 40.27 -38.14
CA ASN G 21 -1.15 40.17 -37.92
C ASN G 21 -1.54 39.40 -36.68
N GLU G 22 -0.88 38.25 -36.45
CA GLU G 22 -1.20 37.42 -35.29
C GLU G 22 -0.82 38.11 -33.99
N PHE G 23 0.31 38.84 -34.00
CA PHE G 23 0.70 39.64 -32.85
C PHE G 23 -0.32 40.73 -32.52
N THR G 24 -0.79 41.45 -33.55
CA THR G 24 -1.80 42.49 -33.36
C THR G 24 -3.12 41.89 -32.89
N ALA G 25 -3.44 40.69 -33.39
CA ALA G 25 -4.65 39.99 -33.02
C ALA G 25 -4.64 39.60 -31.55
N ALA G 26 -3.46 39.16 -31.08
CA ALA G 26 -3.28 38.81 -29.69
C ALA G 26 -3.49 40.03 -28.79
N GLN G 27 -2.90 41.16 -29.20
CA GLN G 27 -3.06 42.40 -28.43
C GLN G 27 -4.50 42.89 -28.41
N GLN G 28 -5.21 42.69 -29.52
CA GLN G 28 -6.63 43.02 -29.62
C GLN G 28 -7.48 42.16 -28.70
N TYR G 29 -7.16 40.87 -28.60
CA TYR G 29 -7.82 39.94 -27.64
C TYR G 29 -7.54 40.40 -26.20
N VAL G 30 -6.31 40.85 -25.92
CA VAL G 30 -6.02 41.35 -24.57
C VAL G 30 -6.90 42.56 -24.28
N ALA G 31 -7.05 43.45 -25.26
CA ALA G 31 -7.85 44.67 -25.07
C ALA G 31 -9.33 44.36 -24.83
N ILE G 32 -9.85 43.41 -25.61
CA ILE G 32 -11.22 42.93 -25.47
C ILE G 32 -11.45 42.35 -24.08
N ALA G 33 -10.54 41.48 -23.64
CA ALA G 33 -10.57 40.86 -22.32
C ALA G 33 -10.49 41.88 -21.18
N VAL G 34 -9.70 42.93 -21.37
CA VAL G 34 -9.54 43.96 -20.37
C VAL G 34 -10.81 44.79 -20.25
N TYR G 35 -11.46 45.07 -21.39
CA TYR G 35 -12.79 45.74 -21.41
C TYR G 35 -13.83 44.89 -20.68
N PHE G 36 -13.82 43.58 -20.93
CA PHE G 36 -14.72 42.67 -20.24
C PHE G 36 -14.44 42.59 -18.75
N ASP G 37 -13.18 42.75 -18.35
CA ASP G 37 -12.79 42.66 -16.95
C ASP G 37 -13.18 43.93 -16.19
N SER G 38 -13.18 45.07 -16.89
CA SER G 38 -13.60 46.33 -16.31
C SER G 38 -15.11 46.41 -16.14
N GLU G 39 -15.85 45.79 -17.07
CA GLU G 39 -17.31 45.74 -17.01
C GLU G 39 -17.88 44.59 -16.19
N ASP G 40 -17.03 43.94 -15.39
CA ASP G 40 -17.43 42.89 -14.46
C ASP G 40 -18.12 41.73 -15.17
N LEU G 41 -17.45 41.18 -16.18
CA LEU G 41 -17.90 39.96 -16.86
C LEU G 41 -16.74 38.98 -16.87
N PRO G 42 -16.38 38.39 -15.71
CA PRO G 42 -15.13 37.65 -15.56
C PRO G 42 -15.02 36.30 -16.29
N GLN G 43 -16.13 35.66 -16.64
CA GLN G 43 -16.07 34.42 -17.43
C GLN G 43 -15.71 34.74 -18.86
N LEU G 44 -16.33 35.79 -19.39
CA LEU G 44 -16.01 36.32 -20.70
C LEU G 44 -14.54 36.72 -20.74
N ALA G 45 -14.10 37.44 -19.71
CA ALA G 45 -12.73 37.92 -19.61
C ALA G 45 -11.77 36.74 -19.57
N LYS G 46 -12.11 35.71 -18.79
CA LYS G 46 -11.29 34.53 -18.65
C LYS G 46 -11.08 33.87 -19.99
N HIS G 47 -12.17 33.70 -20.75
CA HIS G 47 -12.10 33.11 -22.07
C HIS G 47 -11.19 33.87 -23.00
N PHE G 48 -11.32 35.20 -22.99
CA PHE G 48 -10.52 36.01 -23.89
C PHE G 48 -9.05 36.14 -23.51
N TYR G 49 -8.75 36.06 -22.22
CA TYR G 49 -7.36 35.98 -21.69
C TYR G 49 -6.74 34.67 -22.16
N SER G 50 -7.54 33.60 -22.26
CA SER G 50 -7.07 32.35 -22.82
C SER G 50 -6.83 32.47 -24.33
N GLN G 51 -7.72 33.18 -25.03
CA GLN G 51 -7.62 33.36 -26.48
C GLN G 51 -6.43 34.19 -26.90
N ALA G 52 -6.05 35.16 -26.07
CA ALA G 52 -4.89 36.00 -26.33
C ALA G 52 -3.61 35.17 -26.29
N VAL G 53 -3.55 34.25 -25.31
CA VAL G 53 -2.46 33.32 -25.17
C VAL G 53 -2.41 32.42 -26.39
N GLU G 54 -3.58 31.95 -26.82
CA GLU G 54 -3.65 31.07 -27.98
C GLU G 54 -3.15 31.77 -29.24
N GLU G 55 -3.46 33.06 -29.38
CA GLU G 55 -3.08 33.83 -30.56
C GLU G 55 -1.59 34.11 -30.57
N ARG G 56 -1.03 34.41 -29.39
CA ARG G 56 0.44 34.57 -29.20
C ARG G 56 1.14 33.27 -29.55
N ASN G 57 0.57 32.13 -29.15
CA ASN G 57 1.10 30.83 -29.51
C ASN G 57 1.12 30.60 -31.01
N HIS G 58 0.07 31.04 -31.70
CA HIS G 58 0.01 30.96 -33.16
C HIS G 58 1.13 31.78 -33.79
N ALA G 59 1.34 32.99 -33.28
CA ALA G 59 2.41 33.86 -33.75
C ALA G 59 3.77 33.18 -33.59
N MET G 60 3.98 32.57 -32.42
CA MET G 60 5.19 31.84 -32.12
C MET G 60 5.38 30.65 -33.05
N MET G 61 4.28 30.00 -33.45
CA MET G 61 4.33 28.87 -34.38
C MET G 61 4.81 29.31 -35.75
N LEU G 62 4.27 30.43 -36.23
CA LEU G 62 4.70 31.01 -37.49
C LEU G 62 6.18 31.39 -37.45
N VAL G 63 6.58 32.04 -36.36
CA VAL G 63 7.98 32.42 -36.14
C VAL G 63 8.90 31.20 -36.19
N GLN G 64 8.52 30.14 -35.48
CA GLN G 64 9.28 28.90 -35.40
C GLN G 64 9.42 28.26 -36.76
N HIS G 65 8.37 28.37 -37.58
CA HIS G 65 8.41 27.85 -38.94
C HIS G 65 9.40 28.59 -39.79
N LEU G 66 9.49 29.91 -39.60
CA LEU G 66 10.50 30.68 -40.32
C LEU G 66 11.91 30.31 -39.87
N LEU G 67 12.08 30.10 -38.55
CA LEU G 67 13.36 29.72 -37.98
C LEU G 67 13.84 28.37 -38.49
N ASP G 68 12.90 27.44 -38.72
CA ASP G 68 13.22 26.08 -39.17
C ASP G 68 13.71 26.03 -40.61
N ARG G 69 13.12 26.84 -41.47
CA ARG G 69 13.47 26.92 -42.91
C ARG G 69 14.58 27.95 -43.14
N ASP G 70 15.15 28.50 -42.06
CA ASP G 70 16.31 29.39 -42.09
C ASP G 70 16.10 30.63 -42.95
N LEU G 71 14.86 31.13 -42.98
CA LEU G 71 14.56 32.41 -43.62
C LEU G 71 14.61 33.45 -42.52
N ARG G 72 14.96 34.68 -42.92
CA ARG G 72 15.06 35.80 -41.94
C ARG G 72 13.66 36.12 -41.46
N VAL G 73 13.55 36.49 -40.19
CA VAL G 73 12.24 36.78 -39.64
C VAL G 73 12.43 37.95 -38.68
N GLU G 74 11.50 38.91 -38.76
CA GLU G 74 11.47 40.09 -37.91
C GLU G 74 10.38 39.84 -36.91
N ILE G 75 10.65 40.15 -35.64
CA ILE G 75 9.60 40.24 -34.64
C ILE G 75 9.15 41.69 -34.69
N PRO G 76 7.93 41.98 -35.19
CA PRO G 76 7.51 43.35 -35.48
C PRO G 76 6.84 44.04 -34.29
N GLY G 77 6.51 45.31 -34.46
CA GLY G 77 5.69 46.05 -33.52
C GLY G 77 4.25 45.68 -33.76
N VAL G 78 3.36 46.30 -32.97
CA VAL G 78 1.93 46.03 -33.02
C VAL G 78 1.25 47.38 -33.18
N ASP G 79 0.19 47.42 -34.00
CA ASP G 79 -0.54 48.65 -34.23
C ASP G 79 -1.39 48.91 -33.02
N THR G 80 -1.96 50.12 -32.93
CA THR G 80 -2.90 50.42 -31.88
C THR G 80 -4.16 49.59 -32.11
N VAL G 81 -4.64 48.97 -31.04
CA VAL G 81 -5.83 48.15 -31.06
C VAL G 81 -6.95 48.95 -30.40
N ARG G 82 -8.19 48.47 -30.56
CA ARG G 82 -9.41 49.16 -30.10
C ARG G 82 -9.65 48.88 -28.61
N ASN G 83 -10.04 49.91 -27.85
CA ASN G 83 -10.37 49.78 -26.43
C ASN G 83 -11.79 50.22 -26.06
N GLN G 84 -12.34 51.20 -26.78
CA GLN G 84 -13.68 51.69 -26.53
C GLN G 84 -14.71 50.76 -27.15
N PHE G 85 -15.67 50.34 -26.32
CA PHE G 85 -16.83 49.62 -26.75
C PHE G 85 -17.96 50.14 -25.93
N ASP G 86 -19.11 50.40 -26.56
CA ASP G 86 -20.27 50.93 -25.85
C ASP G 86 -21.08 49.84 -25.14
N ARG G 87 -21.07 48.62 -25.67
CA ARG G 87 -21.76 47.44 -25.07
C ARG G 87 -20.95 46.18 -25.39
N PRO G 88 -21.12 45.08 -24.62
CA PRO G 88 -20.39 43.83 -24.87
C PRO G 88 -20.59 43.18 -26.25
N ARG G 89 -21.76 43.40 -26.85
CA ARG G 89 -22.14 42.80 -28.15
C ARG G 89 -21.13 43.27 -29.22
N GLU G 90 -20.68 44.52 -29.14
CA GLU G 90 -19.77 45.08 -30.12
C GLU G 90 -18.37 44.50 -30.04
N ALA G 91 -17.90 44.22 -28.81
CA ALA G 91 -16.58 43.66 -28.60
C ALA G 91 -16.56 42.23 -29.10
N LEU G 92 -17.65 41.50 -28.82
CA LEU G 92 -17.80 40.15 -29.34
C LEU G 92 -17.87 40.13 -30.86
N ALA G 93 -18.54 41.12 -31.44
CA ALA G 93 -18.66 41.25 -32.89
C ALA G 93 -17.31 41.54 -33.49
N LEU G 94 -16.49 42.32 -32.79
CA LEU G 94 -15.14 42.64 -33.22
C LEU G 94 -14.28 41.39 -33.24
N ALA G 95 -14.41 40.57 -32.20
CA ALA G 95 -13.69 39.30 -32.14
C ALA G 95 -14.04 38.40 -33.31
N LEU G 96 -15.35 38.23 -33.54
CA LEU G 96 -15.87 37.44 -34.64
C LEU G 96 -15.33 37.93 -35.98
N ASP G 97 -15.40 39.24 -36.19
CA ASP G 97 -14.88 39.91 -37.37
C ASP G 97 -13.40 39.55 -37.57
N GLN G 98 -12.61 39.74 -36.50
CA GLN G 98 -11.18 39.52 -36.54
C GLN G 98 -10.90 38.10 -36.97
N GLU G 99 -11.64 37.15 -36.41
CA GLU G 99 -11.39 35.75 -36.71
C GLU G 99 -11.75 35.38 -38.14
N ARG G 100 -12.81 35.99 -38.67
CA ARG G 100 -13.17 35.81 -40.11
C ARG G 100 -12.04 36.36 -40.98
N THR G 101 -11.47 37.50 -40.58
CA THR G 101 -10.33 38.06 -41.31
C THR G 101 -9.17 37.09 -41.28
N VAL G 102 -8.81 36.62 -40.08
CA VAL G 102 -7.71 35.67 -39.90
C VAL G 102 -7.89 34.44 -40.80
N THR G 103 -9.12 33.94 -40.89
CA THR G 103 -9.44 32.83 -41.77
C THR G 103 -9.12 33.15 -43.22
N ASP G 104 -9.55 34.34 -43.67
CA ASP G 104 -9.27 34.76 -45.04
C ASP G 104 -7.79 34.95 -45.33
N GLN G 105 -7.05 35.45 -44.34
CA GLN G 105 -5.61 35.63 -44.42
C GLN G 105 -4.87 34.32 -44.56
N VAL G 106 -5.23 33.33 -43.74
CA VAL G 106 -4.64 32.01 -43.80
C VAL G 106 -4.99 31.33 -45.14
N GLY G 107 -6.20 31.58 -45.63
CA GLY G 107 -6.59 31.14 -46.95
C GLY G 107 -5.67 31.70 -48.02
N ARG G 108 -5.38 33.00 -47.90
CA ARG G 108 -4.53 33.77 -48.85
C ARG G 108 -3.12 33.19 -48.83
N LEU G 109 -2.62 32.84 -47.65
CA LEU G 109 -1.32 32.18 -47.50
C LEU G 109 -1.24 30.81 -48.15
N THR G 110 -2.26 29.99 -47.94
CA THR G 110 -2.31 28.66 -48.56
C THR G 110 -2.31 28.79 -50.06
N ALA G 111 -3.06 29.77 -50.57
CA ALA G 111 -3.17 30.03 -52.00
C ALA G 111 -1.84 30.47 -52.60
N VAL G 112 -1.17 31.43 -51.94
CA VAL G 112 0.10 31.94 -52.45
C VAL G 112 1.21 30.87 -52.39
N ALA G 113 1.15 30.01 -51.37
CA ALA G 113 2.07 28.91 -51.22
C ALA G 113 1.90 27.93 -52.35
N ARG G 114 0.63 27.65 -52.68
CA ARG G 114 0.30 26.65 -53.73
C ARG G 114 0.63 27.23 -55.11
N ASP G 115 0.50 28.54 -55.29
CA ASP G 115 0.89 29.17 -56.54
C ASP G 115 2.39 28.97 -56.79
N GLU G 116 3.22 29.36 -55.82
CA GLU G 116 4.67 29.35 -55.99
C GLU G 116 5.37 28.04 -55.65
N GLY G 117 4.60 26.96 -55.56
CA GLY G 117 5.13 25.62 -55.38
C GLY G 117 5.98 25.45 -54.13
N ASP G 118 5.53 26.04 -53.02
CA ASP G 118 6.20 25.90 -51.72
C ASP G 118 5.44 24.85 -50.92
N PHE G 119 5.83 23.60 -51.09
CA PHE G 119 5.10 22.47 -50.57
C PHE G 119 5.13 22.35 -49.04
N LEU G 120 6.27 22.72 -48.45
CA LEU G 120 6.40 22.84 -47.02
C LEU G 120 5.46 23.92 -46.49
N GLY G 121 5.39 25.03 -47.21
CA GLY G 121 4.49 26.13 -46.86
C GLY G 121 3.03 25.78 -47.02
N GLU G 122 2.68 25.02 -48.06
CA GLU G 122 1.33 24.54 -48.26
C GLU G 122 0.95 23.71 -47.06
N GLN G 123 1.82 22.76 -46.71
CA GLN G 123 1.54 21.77 -45.69
C GLN G 123 1.46 22.35 -44.29
N PHE G 124 2.29 23.36 -44.00
CA PHE G 124 2.41 23.90 -42.67
C PHE G 124 1.13 24.51 -42.15
N MET G 125 0.29 25.03 -43.05
CA MET G 125 -0.85 25.86 -42.67
C MET G 125 -2.21 25.18 -42.70
N GLN G 126 -2.18 23.86 -42.89
CA GLN G 126 -3.36 23.06 -42.81
C GLN G 126 -3.87 23.07 -41.39
N TRP G 127 -2.93 23.13 -40.44
CA TRP G 127 -3.28 23.14 -39.03
C TRP G 127 -3.97 24.44 -38.66
N PHE G 128 -3.54 25.53 -39.30
CA PHE G 128 -4.14 26.83 -39.09
C PHE G 128 -5.56 26.89 -39.63
N LEU G 129 -5.79 26.26 -40.78
CA LEU G 129 -7.14 26.12 -41.33
C LEU G 129 -8.07 25.34 -40.37
N GLN G 130 -7.55 24.23 -39.86
CA GLN G 130 -8.25 23.41 -38.88
C GLN G 130 -8.65 24.19 -37.66
N GLU G 131 -7.72 25.00 -37.14
CA GLU G 131 -7.99 25.80 -35.94
C GLU G 131 -8.99 26.90 -36.19
N GLN G 132 -8.94 27.47 -37.39
CA GLN G 132 -9.90 28.50 -37.77
C GLN G 132 -11.34 28.02 -37.83
N ILE G 133 -11.56 26.77 -38.27
CA ILE G 133 -12.90 26.20 -38.29
C ILE G 133 -13.55 26.34 -36.90
N GLU G 134 -12.93 25.70 -35.90
CA GLU G 134 -13.45 25.61 -34.55
C GLU G 134 -13.49 26.98 -33.88
N GLU G 135 -12.48 27.81 -34.17
CA GLU G 135 -12.38 29.15 -33.58
C GLU G 135 -13.48 30.10 -34.03
N VAL G 136 -13.72 30.17 -35.35
CA VAL G 136 -14.80 31.00 -35.88
C VAL G 136 -16.16 30.44 -35.44
N ALA G 137 -16.24 29.12 -35.30
CA ALA G 137 -17.45 28.48 -34.81
C ALA G 137 -17.80 29.01 -33.43
N LEU G 138 -16.80 28.98 -32.54
CA LEU G 138 -16.97 29.41 -31.16
C LEU G 138 -17.35 30.88 -31.05
N MET G 139 -16.67 31.73 -31.83
CA MET G 139 -16.96 33.16 -31.85
C MET G 139 -18.36 33.47 -32.33
N ALA G 140 -18.80 32.80 -33.40
CA ALA G 140 -20.13 32.99 -33.94
C ALA G 140 -21.18 32.59 -32.92
N THR G 141 -20.93 31.47 -32.23
CA THR G 141 -21.81 30.99 -31.19
C THR G 141 -21.97 32.04 -30.08
N LEU G 142 -20.85 32.61 -29.63
CA LEU G 142 -20.86 33.65 -28.60
C LEU G 142 -21.62 34.91 -29.02
N VAL G 143 -21.47 35.31 -30.28
CA VAL G 143 -22.14 36.51 -30.78
C VAL G 143 -23.66 36.30 -30.84
N ARG G 144 -24.09 35.13 -31.29
CA ARG G 144 -25.53 34.75 -31.38
C ARG G 144 -26.13 34.65 -29.98
N VAL G 145 -25.39 34.07 -29.03
CA VAL G 145 -25.85 33.97 -27.65
C VAL G 145 -25.97 35.36 -27.02
N ALA G 146 -25.03 36.25 -27.35
CA ALA G 146 -25.05 37.64 -26.86
C ALA G 146 -26.23 38.41 -27.41
N ASP G 147 -26.66 38.09 -28.63
CA ASP G 147 -27.87 38.67 -29.19
C ASP G 147 -29.15 38.15 -28.51
N ARG G 148 -29.23 36.84 -28.23
CA ARG G 148 -30.38 36.21 -27.53
C ARG G 148 -30.50 36.76 -26.11
N ALA G 149 -29.36 37.00 -25.44
CA ALA G 149 -29.34 37.50 -24.08
C ALA G 149 -29.79 38.98 -24.04
N GLY G 150 -29.35 39.77 -25.02
CA GLY G 150 -29.65 41.19 -25.05
C GLY G 150 -28.95 41.89 -23.89
N ALA G 151 -29.67 42.81 -23.24
CA ALA G 151 -29.12 43.58 -22.14
C ALA G 151 -28.86 42.76 -20.87
N ASN G 152 -29.58 41.65 -20.70
CA ASN G 152 -29.41 40.74 -19.57
C ASN G 152 -28.16 39.90 -19.73
N LEU G 153 -27.04 40.40 -19.20
CA LEU G 153 -25.73 39.86 -19.46
C LEU G 153 -25.34 38.63 -18.64
N PHE G 154 -26.08 38.38 -17.56
CA PHE G 154 -25.79 37.24 -16.70
C PHE G 154 -26.00 35.90 -17.38
N GLU G 155 -26.94 35.85 -18.35
CA GLU G 155 -27.25 34.63 -19.06
C GLU G 155 -26.16 34.29 -20.07
N LEU G 156 -25.61 35.33 -20.71
CA LEU G 156 -24.38 35.21 -21.49
C LEU G 156 -23.25 34.66 -20.63
N GLU G 157 -23.12 35.24 -19.44
CA GLU G 157 -22.11 34.84 -18.46
C GLU G 157 -22.21 33.35 -18.11
N ASN G 158 -23.43 32.88 -17.85
CA ASN G 158 -23.68 31.48 -17.52
C ASN G 158 -23.43 30.54 -18.67
N PHE G 159 -23.78 30.99 -19.88
CA PHE G 159 -23.51 30.21 -21.08
C PHE G 159 -22.03 30.00 -21.28
N VAL G 160 -21.23 31.07 -21.12
CA VAL G 160 -19.78 30.98 -21.23
C VAL G 160 -19.23 30.06 -20.14
N ALA G 161 -19.80 30.13 -18.94
CA ALA G 161 -19.30 29.35 -17.81
C ALA G 161 -19.51 27.85 -17.96
N ARG G 162 -20.71 27.45 -18.38
CA ARG G 162 -21.11 26.01 -18.42
C ARG G 162 -20.64 25.36 -19.72
N GLU G 163 -20.78 26.03 -20.86
CA GLU G 163 -20.73 25.36 -22.16
C GLU G 163 -19.45 25.58 -22.95
N VAL G 164 -18.87 26.76 -22.82
CA VAL G 164 -17.61 27.09 -23.47
C VAL G 164 -16.47 26.72 -22.53
N ASP G 165 -15.64 25.77 -22.97
CA ASP G 165 -14.51 25.30 -22.20
C ASP G 165 -13.31 25.30 -23.11
N VAL G 166 -12.17 25.73 -22.58
CA VAL G 166 -10.88 25.60 -23.26
C VAL G 166 -10.28 24.25 -22.83
N ALA G 167 -10.63 23.20 -23.60
CA ALA G 167 -10.18 21.83 -23.37
C ALA G 167 -8.68 21.76 -23.63
N PRO G 168 -7.98 20.70 -23.14
CA PRO G 168 -6.57 20.51 -23.47
C PRO G 168 -6.38 20.50 -25.00
N ALA G 169 -5.34 21.18 -25.48
CA ALA G 169 -5.04 21.23 -26.90
C ALA G 169 -4.67 19.83 -27.36
N ALA G 170 -5.14 19.47 -28.56
CA ALA G 170 -4.86 18.20 -29.15
C ALA G 170 -3.50 18.29 -29.77
N SER G 171 -2.96 17.14 -30.17
CA SER G 171 -1.73 17.08 -30.95
C SER G 171 -2.00 17.55 -32.38
N GLY G 172 -0.95 17.54 -33.21
CA GLY G 172 -1.01 18.01 -34.56
C GLY G 172 -0.56 19.45 -34.62
N ALA G 173 -0.54 20.10 -33.45
CA ALA G 173 -0.12 21.47 -33.34
C ALA G 173 1.38 21.50 -33.62
N PRO G 174 1.86 22.34 -34.56
CA PRO G 174 3.29 22.43 -34.82
C PRO G 174 3.99 23.10 -33.63
N HIS G 175 5.33 23.02 -33.60
N HIS G 175 5.33 23.02 -33.60
CA HIS G 175 6.11 23.56 -32.50
CA HIS G 175 6.11 23.56 -32.50
C HIS G 175 6.07 25.08 -32.53
C HIS G 175 6.07 25.08 -32.53
N ALA G 176 5.86 25.68 -31.36
CA ALA G 176 5.86 27.12 -31.19
C ALA G 176 7.20 27.51 -30.60
N ALA G 177 7.76 28.62 -31.09
CA ALA G 177 9.05 29.12 -30.65
C ALA G 177 8.95 29.49 -29.18
N GLY G 178 9.79 28.85 -28.37
CA GLY G 178 9.84 29.09 -26.93
C GLY G 178 8.79 28.33 -26.18
N GLY G 179 8.33 27.23 -26.76
CA GLY G 179 7.37 26.36 -26.13
C GLY G 179 6.01 26.98 -26.19
N ARG G 180 5.03 26.15 -26.58
CA ARG G 180 3.58 26.48 -26.52
C ARG G 180 3.24 26.83 -25.07
N LEU G 181 2.53 27.95 -24.87
CA LEU G 181 1.98 28.29 -23.57
C LEU G 181 0.57 27.70 -23.46
N GLU H 5 -13.30 64.03 -20.26
CA GLU H 5 -13.32 62.55 -20.06
C GLU H 5 -13.09 62.11 -18.59
N GLY H 6 -12.61 63.03 -17.75
CA GLY H 6 -12.31 62.82 -16.34
C GLY H 6 -10.91 63.29 -15.96
N PRO H 7 -10.67 63.76 -14.71
CA PRO H 7 -9.35 64.26 -14.30
C PRO H 7 -8.32 63.15 -14.00
N LYS H 8 -7.27 63.06 -14.82
CA LYS H 8 -6.17 62.12 -14.61
C LYS H 8 -5.10 62.73 -13.73
N THR H 9 -4.78 62.06 -12.62
CA THR H 9 -3.55 62.31 -11.87
C THR H 9 -2.39 61.78 -12.70
N LYS H 10 -1.19 62.34 -12.51
CA LYS H 10 -0.05 61.95 -13.36
C LYS H 10 0.59 60.62 -12.99
N PHE H 11 0.24 60.08 -11.82
CA PHE H 11 0.59 58.70 -11.51
C PHE H 11 -0.13 57.77 -12.47
N HIS H 12 -1.43 58.01 -12.65
CA HIS H 12 -2.26 57.24 -13.57
C HIS H 12 -1.74 57.44 -15.00
N ALA H 13 -1.49 58.69 -15.36
CA ALA H 13 -1.06 59.04 -16.71
C ALA H 13 0.31 58.47 -17.08
N LEU H 14 1.15 58.20 -16.08
CA LEU H 14 2.51 57.73 -16.28
C LEU H 14 2.58 56.22 -16.18
N MET H 15 1.66 55.65 -15.40
CA MET H 15 1.51 54.21 -15.28
C MET H 15 0.95 53.60 -16.57
N GLN H 16 0.11 54.36 -17.28
CA GLN H 16 -0.33 53.97 -18.61
C GLN H 16 0.87 53.84 -19.54
N GLU H 17 1.75 54.85 -19.49
CA GLU H 17 2.99 54.86 -20.25
C GLU H 17 3.86 53.66 -19.91
N GLN H 18 3.86 53.27 -18.63
CA GLN H 18 4.65 52.14 -18.20
C GLN H 18 4.10 50.83 -18.72
N ILE H 19 2.77 50.75 -18.83
CA ILE H 19 2.13 49.57 -19.41
C ILE H 19 2.64 49.41 -20.85
N HIS H 20 2.67 50.52 -21.58
CA HIS H 20 3.18 50.57 -22.94
C HIS H 20 4.64 50.11 -23.00
N ASN H 21 5.44 50.59 -22.06
CA ASN H 21 6.85 50.23 -21.97
C ASN H 21 7.09 48.76 -21.73
N GLU H 22 6.33 48.16 -20.81
CA GLU H 22 6.51 46.75 -20.48
C GLU H 22 6.11 45.86 -21.64
N PHE H 23 5.06 46.25 -22.37
CA PHE H 23 4.67 45.53 -23.58
C PHE H 23 5.76 45.56 -24.66
N THR H 24 6.35 46.75 -24.88
CA THR H 24 7.44 46.88 -25.85
C THR H 24 8.67 46.10 -25.41
N ALA H 25 8.91 46.07 -24.09
CA ALA H 25 10.04 45.36 -23.52
C ALA H 25 9.90 43.86 -23.74
N ALA H 26 8.66 43.36 -23.59
CA ALA H 26 8.37 41.96 -23.82
C ALA H 26 8.64 41.59 -25.29
N GLN H 27 8.18 42.45 -26.20
CA GLN H 27 8.39 42.21 -27.63
C GLN H 27 9.87 42.26 -28.00
N GLN H 28 10.62 43.13 -27.34
CA GLN H 28 12.07 43.23 -27.52
C GLN H 28 12.79 41.98 -27.05
N TYR H 29 12.35 41.41 -25.92
CA TYR H 29 12.86 40.12 -25.40
C TYR H 29 12.55 39.00 -26.40
N VAL H 30 11.35 39.02 -27.00
CA VAL H 30 11.02 38.00 -28.00
C VAL H 30 11.99 38.13 -29.18
N ALA H 31 12.27 39.36 -29.60
CA ALA H 31 13.16 39.59 -30.75
C ALA H 31 14.59 39.11 -30.48
N ILE H 32 15.07 39.41 -29.27
CA ILE H 32 16.39 38.98 -28.80
C ILE H 32 16.48 37.46 -28.80
N ALA H 33 15.47 36.81 -28.23
CA ALA H 33 15.38 35.34 -28.17
C ALA H 33 15.32 34.70 -29.56
N VAL H 34 14.63 35.35 -30.49
CA VAL H 34 14.50 34.85 -31.85
C VAL H 34 15.84 34.94 -32.57
N TYR H 35 16.58 36.03 -32.35
CA TYR H 35 17.95 36.21 -32.88
C TYR H 35 18.87 35.11 -32.32
N PHE H 36 18.76 34.83 -31.02
CA PHE H 36 19.54 33.77 -30.41
C PHE H 36 19.17 32.40 -30.93
N ASP H 37 17.91 32.21 -31.31
CA ASP H 37 17.43 30.92 -31.80
C ASP H 37 17.89 30.68 -33.24
N SER H 38 18.03 31.76 -34.01
CA SER H 38 18.51 31.67 -35.38
C SER H 38 20.01 31.41 -35.42
N GLU H 39 20.75 31.97 -34.45
CA GLU H 39 22.20 31.77 -34.34
C GLU H 39 22.61 30.52 -33.58
N ASP H 40 21.66 29.61 -33.34
CA ASP H 40 21.92 28.32 -32.71
C ASP H 40 22.55 28.45 -31.33
N LEU H 41 21.89 29.23 -30.47
CA LEU H 41 22.27 29.34 -29.06
C LEU H 41 21.03 29.08 -28.21
N PRO H 42 20.55 27.82 -28.16
CA PRO H 42 19.24 27.50 -27.61
C PRO H 42 19.05 27.66 -26.09
N GLN H 43 20.12 27.64 -25.30
CA GLN H 43 19.99 27.89 -23.86
C GLN H 43 19.75 29.35 -23.61
N LEU H 44 20.49 30.19 -24.33
CA LEU H 44 20.29 31.63 -24.32
C LEU H 44 18.87 31.95 -24.75
N ALA H 45 18.44 31.32 -25.84
CA ALA H 45 17.11 31.52 -26.40
C ALA H 45 16.05 31.12 -25.39
N LYS H 46 16.25 29.98 -24.74
CA LYS H 46 15.32 29.47 -23.75
C LYS H 46 15.13 30.47 -22.64
N HIS H 47 16.25 31.00 -22.12
CA HIS H 47 16.20 31.99 -21.06
C HIS H 47 15.42 33.22 -21.45
N PHE H 48 15.66 33.71 -22.68
CA PHE H 48 14.99 34.92 -23.10
C PHE H 48 13.52 34.75 -23.45
N TYR H 49 13.14 33.56 -23.91
CA TYR H 49 11.72 33.17 -24.12
C TYR H 49 11.02 33.14 -22.76
N SER H 50 11.72 32.75 -21.70
CA SER H 50 11.18 32.83 -20.36
C SER H 50 11.04 34.28 -19.89
N GLN H 51 12.03 35.12 -20.23
CA GLN H 51 12.02 36.53 -19.83
C GLN H 51 10.94 37.34 -20.49
N ALA H 52 10.60 36.99 -21.73
CA ALA H 52 9.53 37.65 -22.46
C ALA H 52 8.18 37.40 -21.79
N VAL H 53 7.99 36.16 -21.34
CA VAL H 53 6.81 35.77 -20.60
C VAL H 53 6.76 36.54 -19.30
N GLU H 54 7.90 36.65 -18.63
CA GLU H 54 7.97 37.37 -17.36
C GLU H 54 7.60 38.84 -17.54
N GLU H 55 8.04 39.44 -18.65
CA GLU H 55 7.79 40.86 -18.93
C GLU H 55 6.33 41.10 -19.26
N ARG H 56 5.73 40.18 -20.03
CA ARG H 56 4.27 40.20 -20.34
C ARG H 56 3.48 40.08 -19.04
N ASN H 57 3.93 39.22 -18.13
CA ASN H 57 3.31 39.10 -16.83
C ASN H 57 3.36 40.39 -16.03
N HIS H 58 4.48 41.10 -16.10
CA HIS H 58 4.61 42.40 -15.46
C HIS H 58 3.61 43.40 -16.02
N ALA H 59 3.48 43.41 -17.35
CA ALA H 59 2.52 44.28 -18.02
C ALA H 59 1.10 43.99 -17.54
N MET H 60 0.77 42.69 -17.45
CA MET H 60 -0.52 42.25 -16.96
C MET H 60 -0.76 42.65 -15.51
N MET H 61 0.30 42.67 -14.70
CA MET H 61 0.21 43.09 -13.30
C MET H 61 -0.15 44.56 -13.20
N LEU H 62 0.51 45.39 -14.01
CA LEU H 62 0.21 46.81 -14.07
C LEU H 62 -1.24 47.05 -14.52
N VAL H 63 -1.65 46.34 -15.57
CA VAL H 63 -3.01 46.40 -16.08
C VAL H 63 -4.03 46.06 -15.00
N GLN H 64 -3.78 44.96 -14.28
CA GLN H 64 -4.65 44.48 -13.21
C GLN H 64 -4.77 45.49 -12.10
N HIS H 65 -3.67 46.19 -11.82
CA HIS H 65 -3.68 47.25 -10.81
C HIS H 65 -4.55 48.40 -11.22
N LEU H 66 -4.54 48.74 -12.51
CA LEU H 66 -5.43 49.79 -13.00
C LEU H 66 -6.88 49.35 -12.92
N LEU H 67 -7.15 48.08 -13.25
CA LEU H 67 -8.49 47.52 -13.20
C LEU H 67 -9.06 47.51 -11.78
N ASP H 68 -8.19 47.27 -10.78
CA ASP H 68 -8.60 47.19 -9.38
C ASP H 68 -9.01 48.54 -8.80
N ARG H 69 -8.30 49.59 -9.17
CA ARG H 69 -8.56 50.97 -8.70
C ARG H 69 -9.56 51.68 -9.62
N ASP H 70 -10.14 50.95 -10.58
CA ASP H 70 -11.21 51.43 -11.46
C ASP H 70 -10.85 52.67 -12.26
N LEU H 71 -9.57 52.79 -12.62
CA LEU H 71 -9.13 53.84 -13.53
C LEU H 71 -9.15 53.23 -14.92
N ARG H 72 -9.36 54.10 -15.91
CA ARG H 72 -9.42 53.65 -17.32
C ARG H 72 -8.02 53.21 -17.73
N VAL H 73 -7.95 52.18 -18.56
CA VAL H 73 -6.66 51.67 -18.97
C VAL H 73 -6.80 51.25 -20.43
N GLU H 74 -5.79 51.62 -21.22
CA GLU H 74 -5.71 51.30 -22.63
C GLU H 74 -4.70 50.18 -22.73
N ILE H 75 -5.02 49.16 -23.53
CA ILE H 75 -4.03 48.19 -23.95
C ILE H 75 -3.44 48.75 -25.24
N PRO H 76 -2.18 49.22 -25.23
CA PRO H 76 -1.62 49.98 -26.35
C PRO H 76 -0.97 49.09 -27.41
N GLY H 77 -0.52 49.71 -28.50
CA GLY H 77 0.31 49.06 -29.49
C GLY H 77 1.72 49.01 -28.98
N VAL H 78 2.61 48.44 -29.80
CA VAL H 78 4.01 48.26 -29.45
C VAL H 78 4.82 48.87 -30.59
N ASP H 79 5.92 49.54 -30.24
CA ASP H 79 6.77 50.17 -31.25
C ASP H 79 7.57 49.09 -31.90
N THR H 80 8.23 49.42 -33.02
CA THR H 80 9.14 48.48 -33.65
C THR H 80 10.33 48.27 -32.73
N VAL H 81 10.70 47.00 -32.55
CA VAL H 81 11.80 46.61 -31.72
C VAL H 81 12.95 46.21 -32.65
N ARG H 82 14.15 46.06 -32.07
CA ARG H 82 15.40 45.80 -32.82
C ARG H 82 15.53 44.30 -33.13
N ASN H 83 15.96 43.97 -34.35
CA ASN H 83 16.20 42.58 -34.76
C ASN H 83 17.62 42.28 -35.23
N GLN H 84 18.30 43.28 -35.81
CA GLN H 84 19.66 43.13 -36.29
C GLN H 84 20.64 43.23 -35.13
N PHE H 85 21.50 42.23 -35.01
CA PHE H 85 22.63 42.26 -34.12
C PHE H 85 23.74 41.60 -34.85
N ASP H 86 24.94 42.18 -34.78
CA ASP H 86 26.10 41.63 -35.47
C ASP H 86 26.78 40.49 -34.71
N ARG H 87 26.69 40.51 -33.37
CA ARG H 87 27.23 39.44 -32.49
C ARG H 87 26.34 39.32 -31.25
N PRO H 88 26.37 38.17 -30.54
CA PRO H 88 25.55 37.98 -29.33
C PRO H 88 25.77 38.98 -28.18
N ARG H 89 26.98 39.51 -28.08
CA ARG H 89 27.39 40.44 -27.00
C ARG H 89 26.49 41.69 -27.07
N GLU H 90 26.15 42.14 -28.28
CA GLU H 90 25.34 43.34 -28.46
C GLU H 90 23.89 43.15 -28.04
N ALA H 91 23.34 41.97 -28.29
CA ALA H 91 21.96 41.67 -27.93
C ALA H 91 21.84 41.57 -26.42
N LEU H 92 22.85 40.94 -25.81
CA LEU H 92 22.91 40.88 -24.35
C LEU H 92 23.06 42.28 -23.74
N ALA H 93 23.86 43.13 -24.39
CA ALA H 93 24.07 44.49 -23.92
C ALA H 93 22.78 45.28 -24.03
N LEU H 94 21.99 45.00 -25.07
CA LEU H 94 20.71 45.65 -25.27
C LEU H 94 19.75 45.26 -24.17
N ALA H 95 19.74 43.97 -23.81
CA ALA H 95 18.91 43.49 -22.71
C ALA H 95 19.25 44.19 -21.41
N LEU H 96 20.54 44.21 -21.08
CA LEU H 96 21.06 44.88 -19.90
C LEU H 96 20.65 46.35 -19.85
N ASP H 97 20.83 47.03 -20.97
CA ASP H 97 20.45 48.42 -21.16
C ASP H 97 18.96 48.60 -20.83
N GLN H 98 18.12 47.76 -21.47
CA GLN H 98 16.69 47.83 -21.33
C GLN H 98 16.31 47.71 -19.89
N GLU H 99 16.93 46.76 -19.18
CA GLU H 99 16.57 46.52 -17.80
C GLU H 99 16.99 47.66 -16.87
N ARG H 100 18.12 48.29 -17.17
CA ARG H 100 18.55 49.51 -16.42
C ARG H 100 17.52 50.62 -16.65
N THR H 101 17.03 50.74 -17.88
CA THR H 101 16.00 51.73 -18.18
C THR H 101 14.75 51.42 -17.36
N VAL H 102 14.29 50.18 -17.42
CA VAL H 102 13.10 49.74 -16.69
C VAL H 102 13.21 50.08 -15.19
N THR H 103 14.40 49.86 -14.63
CA THR H 103 14.67 50.21 -13.24
C THR H 103 14.47 51.69 -12.99
N ASP H 104 15.03 52.52 -13.88
CA ASP H 104 14.86 53.97 -13.75
C ASP H 104 13.42 54.43 -13.89
N GLN H 105 12.68 53.79 -14.78
CA GLN H 105 11.26 54.06 -15.00
C GLN H 105 10.42 53.75 -13.78
N VAL H 106 10.65 52.58 -13.18
CA VAL H 106 9.95 52.17 -11.97
C VAL H 106 10.31 53.11 -10.81
N GLY H 107 11.57 53.55 -10.78
CA GLY H 107 12.00 54.57 -9.83
C GLY H 107 11.19 55.84 -9.98
N ARG H 108 11.01 56.25 -11.23
CA ARG H 108 10.28 57.50 -11.62
C ARG H 108 8.83 57.38 -11.18
N LEU H 109 8.23 56.20 -11.35
CA LEU H 109 6.87 55.93 -10.88
C LEU H 109 6.71 56.01 -9.37
N THR H 110 7.64 55.41 -8.63
CA THR H 110 7.61 55.45 -7.18
C THR H 110 7.72 56.89 -6.70
N ALA H 111 8.57 57.66 -7.36
CA ALA H 111 8.78 59.07 -7.03
C ALA H 111 7.54 59.91 -7.28
N VAL H 112 6.91 59.73 -8.45
CA VAL H 112 5.73 60.51 -8.80
C VAL H 112 4.53 60.13 -7.91
N ALA H 113 4.46 58.86 -7.51
CA ALA H 113 3.43 58.38 -6.61
C ALA H 113 3.59 59.02 -5.26
N ARG H 114 4.84 59.11 -4.80
CA ARG H 114 5.14 59.66 -3.46
C ARG H 114 4.94 61.18 -3.46
N ASP H 115 5.20 61.84 -4.59
CA ASP H 115 4.94 63.26 -4.70
C ASP H 115 3.44 63.54 -4.51
N GLU H 116 2.60 62.88 -5.29
CA GLU H 116 1.16 63.16 -5.30
C GLU H 116 0.33 62.40 -4.27
N GLY H 117 1.00 61.83 -3.27
CA GLY H 117 0.34 61.19 -2.14
C GLY H 117 -0.59 60.06 -2.52
N ASP H 118 -0.16 59.22 -3.47
CA ASP H 118 -0.91 58.04 -3.89
C ASP H 118 -0.29 56.83 -3.20
N PHE H 119 -0.78 56.54 -2.00
CA PHE H 119 -0.18 55.55 -1.13
C PHE H 119 -0.31 54.12 -1.62
N LEU H 120 -1.44 53.82 -2.26
CA LEU H 120 -1.66 52.56 -2.95
C LEU H 120 -0.64 52.41 -4.07
N GLY H 121 -0.44 53.49 -4.81
CA GLY H 121 0.53 53.51 -5.90
C GLY H 121 1.96 53.39 -5.44
N GLU H 122 2.30 54.03 -4.31
CA GLU H 122 3.62 53.91 -3.72
C GLU H 122 3.85 52.45 -3.40
N GLN H 123 2.88 51.85 -2.72
CA GLN H 123 3.02 50.50 -2.19
C GLN H 123 3.07 49.43 -3.27
N PHE H 124 2.31 49.63 -4.35
CA PHE H 124 2.16 48.62 -5.38
C PHE H 124 3.46 48.27 -6.07
N MET H 125 4.39 49.22 -6.15
CA MET H 125 5.57 49.10 -6.99
C MET H 125 6.87 48.74 -6.27
N GLN H 126 6.73 48.40 -5.00
CA GLN H 126 7.84 47.92 -4.21
C GLN H 126 8.26 46.57 -4.77
N TRP H 127 7.28 45.81 -5.24
CA TRP H 127 7.54 44.49 -5.78
C TRP H 127 8.32 44.59 -7.08
N PHE H 128 8.03 45.64 -7.85
CA PHE H 128 8.73 45.89 -9.09
C PHE H 128 10.17 46.28 -8.85
N LEU H 129 10.41 47.08 -7.81
CA LEU H 129 11.78 47.41 -7.39
C LEU H 129 12.57 46.15 -7.00
N GLN H 130 11.93 45.30 -6.21
CA GLN H 130 12.51 44.02 -5.79
C GLN H 130 12.91 43.16 -6.97
N GLU H 131 12.01 43.08 -7.97
CA GLU H 131 12.28 42.27 -9.16
C GLU H 131 13.38 42.84 -10.01
N GLN H 132 13.46 44.16 -10.07
CA GLN H 132 14.52 44.82 -10.81
C GLN H 132 15.92 44.56 -10.26
N ILE H 133 16.05 44.46 -8.94
CA ILE H 133 17.33 44.15 -8.32
C ILE H 133 17.91 42.87 -8.96
N GLU H 134 17.18 41.77 -8.78
CA GLU H 134 17.61 40.44 -9.22
C GLU H 134 17.73 40.35 -10.73
N GLU H 135 16.82 41.03 -11.44
CA GLU H 135 16.80 41.01 -12.90
C GLU H 135 18.01 41.69 -13.53
N VAL H 136 18.33 42.91 -13.07
CA VAL H 136 19.51 43.62 -13.56
C VAL H 136 20.78 42.89 -13.14
N ALA H 137 20.74 42.24 -11.97
CA ALA H 137 21.86 41.44 -11.51
C ALA H 137 22.16 40.34 -12.51
N LEU H 138 21.12 39.61 -12.90
CA LEU H 138 21.25 38.48 -13.83
C LEU H 138 21.75 38.92 -15.20
N MET H 139 21.19 40.02 -15.71
CA MET H 139 21.61 40.57 -17.00
C MET H 139 23.06 41.01 -17.02
N ALA H 140 23.49 41.69 -15.96
CA ALA H 140 24.87 42.15 -15.84
C ALA H 140 25.82 40.97 -15.81
N THR H 141 25.43 39.92 -15.07
CA THR H 141 26.20 38.70 -14.98
C THR H 141 26.39 38.07 -16.37
N LEU H 142 25.29 37.97 -17.14
CA LEU H 142 25.35 37.43 -18.50
C LEU H 142 26.23 38.23 -19.45
N VAL H 143 26.19 39.56 -19.33
CA VAL H 143 26.99 40.43 -20.19
C VAL H 143 28.49 40.27 -19.90
N ARG H 144 28.83 40.19 -18.61
CA ARG H 144 30.24 40.00 -18.14
C ARG H 144 30.75 38.63 -18.57
N VAL H 145 29.91 37.59 -18.45
CA VAL H 145 30.28 36.24 -18.87
C VAL H 145 30.48 36.20 -20.39
N ALA H 146 29.64 36.93 -21.13
CA ALA H 146 29.75 37.01 -22.59
C ALA H 146 31.03 37.70 -23.02
N ASP H 147 31.49 38.66 -22.22
CA ASP H 147 32.79 39.29 -22.47
C ASP H 147 33.98 38.36 -22.18
N ARG H 148 33.92 37.60 -21.09
CA ARG H 148 34.97 36.60 -20.72
C ARG H 148 35.05 35.50 -21.77
N ALA H 149 33.90 35.08 -22.32
CA ALA H 149 33.85 34.03 -23.31
C ALA H 149 34.41 34.52 -24.65
N GLY H 150 34.11 35.76 -25.02
CA GLY H 150 34.53 36.31 -26.30
C GLY H 150 33.83 35.58 -27.44
N ALA H 151 34.59 35.28 -28.50
CA ALA H 151 34.05 34.62 -29.67
C ALA H 151 33.64 33.15 -29.43
N ASN H 152 34.26 32.51 -28.43
CA ASN H 152 33.95 31.13 -28.05
C ASN H 152 32.63 31.07 -27.29
N LEU H 153 31.53 30.86 -28.02
CA LEU H 153 30.19 31.01 -27.49
C LEU H 153 29.66 29.81 -26.71
N PHE H 154 30.31 28.66 -26.86
CA PHE H 154 29.87 27.46 -26.16
C PHE H 154 30.00 27.55 -24.65
N GLU H 155 30.98 28.33 -24.18
CA GLU H 155 31.23 28.49 -22.76
C GLU H 155 30.17 29.38 -22.12
N LEU H 156 29.75 30.42 -22.85
CA LEU H 156 28.57 31.20 -22.51
C LEU H 156 27.34 30.30 -22.41
N GLU H 157 27.20 29.44 -23.42
CA GLU H 157 26.11 28.47 -23.49
C GLU H 157 26.05 27.57 -22.25
N ASN H 158 27.21 27.03 -21.85
CA ASN H 158 27.32 26.17 -20.68
C ASN H 158 27.05 26.89 -19.38
N PHE H 159 27.51 28.14 -19.30
CA PHE H 159 27.24 28.97 -18.12
C PHE H 159 25.76 29.20 -17.94
N VAL H 160 25.05 29.53 -19.03
CA VAL H 160 23.61 29.73 -18.99
C VAL H 160 22.92 28.43 -18.61
N ALA H 161 23.42 27.30 -19.11
CA ALA H 161 22.79 26.00 -18.86
C ALA H 161 22.88 25.54 -17.42
N ARG H 162 24.06 25.66 -16.81
CA ARG H 162 24.33 25.11 -15.45
C ARG H 162 23.89 26.09 -14.37
N GLU H 163 24.15 27.39 -14.53
CA GLU H 163 24.11 28.33 -13.41
C GLU H 163 22.91 29.25 -13.38
N VAL H 164 22.42 29.65 -14.55
CA VAL H 164 21.24 30.47 -14.66
C VAL H 164 20.02 29.57 -14.76
N ASP H 165 19.14 29.68 -13.77
CA ASP H 165 17.92 28.89 -13.71
C ASP H 165 16.78 29.83 -13.41
N VAL H 166 15.66 29.61 -14.08
CA VAL H 166 14.41 30.29 -13.77
C VAL H 166 13.67 29.43 -12.74
N ALA H 167 13.96 29.70 -11.45
CA ALA H 167 13.39 29.00 -10.31
C ALA H 167 11.89 29.34 -10.22
N PRO H 168 11.08 28.55 -9.49
CA PRO H 168 9.69 28.89 -9.26
C PRO H 168 9.59 30.31 -8.66
N ALA H 169 8.64 31.11 -9.16
CA ALA H 169 8.42 32.46 -8.67
C ALA H 169 7.96 32.37 -7.23
N ALA H 170 8.47 33.29 -6.40
CA ALA H 170 8.12 33.37 -5.01
C ALA H 170 6.80 34.09 -4.94
N SER H 171 6.19 34.07 -3.75
CA SER H 171 5.01 34.86 -3.47
C SER H 171 5.40 36.34 -3.32
N GLY H 172 4.40 37.18 -3.05
CA GLY H 172 4.58 38.61 -2.94
C GLY H 172 4.26 39.25 -4.27
N ALA H 173 4.23 38.43 -5.33
CA ALA H 173 3.92 38.90 -6.66
C ALA H 173 2.46 39.29 -6.66
N PRO H 174 2.10 40.52 -7.09
CA PRO H 174 0.70 40.93 -7.16
C PRO H 174 -0.01 40.15 -8.27
N HIS H 175 -1.35 40.21 -8.30
N HIS H 175 -1.35 40.21 -8.30
CA HIS H 175 -2.14 39.47 -9.27
CA HIS H 175 -2.13 39.48 -9.27
C HIS H 175 -1.96 40.09 -10.64
C HIS H 175 -1.96 40.09 -10.64
N ALA H 176 -1.77 39.23 -11.64
CA ALA H 176 -1.66 39.63 -13.03
C ALA H 176 -2.99 39.35 -13.70
N ALA H 177 -3.42 40.28 -14.56
CA ALA H 177 -4.68 40.18 -15.26
C ALA H 177 -4.63 38.96 -16.17
N GLY H 178 -5.58 38.04 -15.95
CA GLY H 178 -5.68 36.82 -16.74
C GLY H 178 -4.75 35.75 -16.28
N GLY H 179 -4.35 35.82 -15.01
CA GLY H 179 -3.51 34.82 -14.41
C GLY H 179 -2.10 35.00 -14.86
N ARG H 180 -1.18 34.93 -13.90
CA ARG H 180 0.29 34.89 -14.14
C ARG H 180 0.57 33.67 -15.01
N LEU H 181 1.37 33.85 -16.08
CA LEU H 181 1.87 32.74 -16.87
C LEU H 181 3.21 32.29 -16.29
N GLU I 5 22.01 -64.83 -0.69
CA GLU I 5 21.92 -63.34 -0.63
C GLU I 5 20.74 -62.80 0.21
N GLY I 6 19.79 -63.69 0.53
CA GLY I 6 18.57 -63.39 1.29
C GLY I 6 17.30 -63.87 0.59
N PRO I 7 16.24 -64.27 1.33
CA PRO I 7 15.00 -64.77 0.72
C PRO I 7 14.09 -63.68 0.13
N LYS I 8 13.94 -63.67 -1.20
CA LYS I 8 13.04 -62.74 -1.89
C LYS I 8 11.64 -63.32 -1.99
N THR I 9 10.64 -62.59 -1.48
CA THR I 9 9.24 -62.83 -1.81
C THR I 9 9.03 -62.39 -3.25
N LYS I 10 8.03 -62.96 -3.93
CA LYS I 10 7.85 -62.65 -5.36
C LYS I 10 7.17 -61.33 -5.64
N PHE I 11 6.59 -60.70 -4.61
CA PHE I 11 6.17 -59.31 -4.73
C PHE I 11 7.38 -58.43 -4.95
N HIS I 12 8.41 -58.64 -4.14
CA HIS I 12 9.67 -57.91 -4.25
C HIS I 12 10.31 -58.22 -5.61
N ALA I 13 10.36 -59.50 -5.95
CA ALA I 13 11.01 -59.94 -7.18
C ALA I 13 10.32 -59.44 -8.45
N LEU I 14 9.02 -59.13 -8.36
CA LEU I 14 8.22 -58.70 -9.50
C LEU I 14 8.14 -57.19 -9.58
N MET I 15 8.25 -56.56 -8.41
CA MET I 15 8.31 -55.11 -8.32
C MET I 15 9.63 -54.56 -8.86
N GLN I 16 10.71 -55.34 -8.71
CA GLN I 16 11.98 -55.03 -9.36
C GLN I 16 11.79 -54.99 -10.88
N GLU I 17 11.11 -56.02 -11.40
CA GLU I 17 10.77 -56.11 -12.81
C GLU I 17 9.95 -54.92 -13.27
N GLN I 18 9.05 -54.45 -12.40
CA GLN I 18 8.22 -53.31 -12.73
C GLN I 18 9.01 -52.02 -12.78
N ILE I 19 10.03 -51.91 -11.92
CA ILE I 19 10.93 -50.76 -11.95
C ILE I 19 11.58 -50.70 -13.34
N HIS I 20 12.05 -51.86 -13.80
CA HIS I 20 12.65 -52.01 -15.11
C HIS I 20 11.69 -51.59 -16.22
N ASN I 21 10.44 -52.04 -16.09
CA ASN I 21 9.39 -51.70 -17.06
C ASN I 21 9.09 -50.23 -17.15
N GLU I 22 8.99 -49.55 -16.01
CA GLU I 22 8.67 -48.13 -15.99
C GLU I 22 9.80 -47.30 -16.58
N PHE I 23 11.04 -47.71 -16.32
CA PHE I 23 12.19 -47.06 -16.94
C PHE I 23 12.19 -47.19 -18.47
N THR I 24 11.90 -48.40 -18.97
CA THR I 24 11.81 -48.63 -20.41
C THR I 24 10.66 -47.86 -21.03
N ALA I 25 9.55 -47.75 -20.28
CA ALA I 25 8.37 -47.03 -20.72
C ALA I 25 8.67 -45.55 -20.87
N ALA I 26 9.44 -45.01 -19.92
CA ALA I 26 9.85 -43.61 -19.97
C ALA I 26 10.71 -43.35 -21.21
N GLN I 27 11.66 -44.25 -21.47
CA GLN I 27 12.53 -44.11 -22.64
C GLN I 27 11.75 -44.22 -23.95
N GLN I 28 10.73 -45.08 -23.96
CA GLN I 28 9.83 -45.22 -25.11
C GLN I 28 9.03 -43.96 -25.37
N TYR I 29 8.55 -43.31 -24.29
CA TYR I 29 7.85 -42.00 -24.38
C TYR I 29 8.81 -40.94 -24.93
N VAL I 30 10.08 -40.97 -24.50
CA VAL I 30 11.05 -40.01 -25.04
C VAL I 30 11.20 -40.24 -26.54
N ALA I 31 11.27 -41.50 -26.96
CA ALA I 31 11.45 -41.82 -28.38
C ALA I 31 10.26 -41.37 -29.23
N ILE I 32 9.06 -41.61 -28.71
CA ILE I 32 7.81 -41.18 -29.34
C ILE I 32 7.78 -39.67 -29.50
N ALA I 33 8.11 -38.95 -28.43
CA ALA I 33 8.18 -37.49 -28.41
C ALA I 33 9.21 -36.93 -29.38
N VAL I 34 10.34 -37.62 -29.52
CA VAL I 34 11.40 -37.20 -30.41
C VAL I 34 10.98 -37.38 -31.86
N TYR I 35 10.27 -38.48 -32.15
CA TYR I 35 9.67 -38.72 -33.50
C TYR I 35 8.65 -37.61 -33.82
N PHE I 36 7.82 -37.25 -32.85
CA PHE I 36 6.86 -36.17 -33.04
C PHE I 36 7.53 -34.82 -33.23
N ASP I 37 8.70 -34.63 -32.61
CA ASP I 37 9.41 -33.36 -32.70
C ASP I 37 10.12 -33.22 -34.05
N SER I 38 10.54 -34.36 -34.63
CA SER I 38 11.17 -34.37 -35.94
C SER I 38 10.15 -34.16 -37.05
N GLU I 39 8.92 -34.67 -36.85
CA GLU I 39 7.83 -34.50 -37.81
C GLU I 39 7.03 -33.21 -37.65
N ASP I 40 7.56 -32.26 -36.87
CA ASP I 40 6.96 -30.94 -36.69
C ASP I 40 5.54 -31.01 -36.16
N LEU I 41 5.37 -31.71 -35.04
CA LEU I 41 4.10 -31.74 -34.31
C LEU I 41 4.38 -31.40 -32.85
N PRO I 42 4.71 -30.12 -32.56
CA PRO I 42 5.26 -29.73 -31.26
C PRO I 42 4.31 -29.79 -30.05
N GLN I 43 3.00 -29.74 -30.25
CA GLN I 43 2.05 -29.89 -29.14
C GLN I 43 2.02 -31.33 -28.69
N LEU I 44 1.98 -32.24 -29.67
CA LEU I 44 2.08 -33.66 -29.43
C LEU I 44 3.38 -33.98 -28.71
N ALA I 45 4.47 -33.40 -29.21
CA ALA I 45 5.80 -33.61 -28.65
C ALA I 45 5.84 -33.11 -27.21
N LYS I 46 5.27 -31.94 -26.96
CA LYS I 46 5.24 -31.34 -25.65
C LYS I 46 4.55 -32.26 -24.67
N HIS I 47 3.39 -32.78 -25.05
CA HIS I 47 2.64 -33.70 -24.22
C HIS I 47 3.43 -34.94 -23.86
N PHE I 48 4.12 -35.51 -24.86
CA PHE I 48 4.86 -36.73 -24.60
C PHE I 48 6.16 -36.54 -23.82
N TYR I 49 6.78 -35.37 -23.94
CA TYR I 49 7.93 -34.95 -23.12
C TYR I 49 7.48 -34.83 -21.66
N SER I 50 6.23 -34.39 -21.45
CA SER I 50 5.67 -34.36 -20.11
C SER I 50 5.40 -35.78 -19.59
N GLN I 51 4.91 -36.66 -20.47
CA GLN I 51 4.59 -38.04 -20.10
C GLN I 51 5.81 -38.86 -19.75
N ALA I 52 6.93 -38.58 -20.39
CA ALA I 52 8.19 -39.26 -20.11
C ALA I 52 8.67 -38.94 -18.70
N VAL I 53 8.52 -37.66 -18.33
CA VAL I 53 8.83 -37.19 -17.00
C VAL I 53 7.93 -37.87 -16.00
N GLU I 54 6.65 -37.98 -16.33
CA GLU I 54 5.69 -38.62 -15.44
C GLU I 54 6.03 -40.08 -15.21
N GLU I 55 6.49 -40.76 -16.26
CA GLU I 55 6.82 -42.18 -16.19
C GLU I 55 8.08 -42.41 -15.37
N ARG I 56 9.08 -41.53 -15.55
CA ARG I 56 10.33 -41.52 -14.73
C ARG I 56 9.97 -41.30 -13.26
N ASN I 57 9.03 -40.40 -12.99
CA ASN I 57 8.54 -40.17 -11.65
C ASN I 57 7.90 -41.41 -11.04
N HIS I 58 7.15 -42.16 -11.84
CA HIS I 58 6.56 -43.42 -11.40
C HIS I 58 7.64 -44.42 -11.02
N ALA I 59 8.67 -44.52 -11.86
CA ALA I 59 9.80 -45.40 -11.59
C ALA I 59 10.48 -45.04 -10.27
N MET I 60 10.68 -43.73 -10.06
CA MET I 60 11.25 -43.22 -8.83
C MET I 60 10.39 -43.53 -7.61
N MET I 61 9.06 -43.53 -7.80
CA MET I 61 8.12 -43.85 -6.72
C MET I 61 8.27 -45.30 -6.29
N LEU I 62 8.35 -46.19 -7.28
CA LEU I 62 8.57 -47.61 -7.02
C LEU I 62 9.90 -47.84 -6.29
N VAL I 63 10.94 -47.18 -6.79
CA VAL I 63 12.27 -47.24 -6.18
C VAL I 63 12.23 -46.81 -4.72
N GLN I 64 11.58 -45.67 -4.46
CA GLN I 64 11.45 -45.10 -3.12
C GLN I 64 10.72 -46.03 -2.20
N HIS I 65 9.72 -46.74 -2.73
CA HIS I 65 8.99 -47.73 -1.95
C HIS I 65 9.86 -48.89 -1.54
N LEU I 66 10.75 -49.30 -2.43
CA LEU I 66 11.70 -50.36 -2.08
C LEU I 66 12.68 -49.88 -1.02
N LEU I 67 13.14 -48.63 -1.15
CA LEU I 67 14.06 -48.03 -0.19
C LEU I 67 13.46 -47.91 1.20
N ASP I 68 12.15 -47.63 1.27
CA ASP I 68 11.44 -47.45 2.54
C ASP I 68 11.29 -48.75 3.33
N ARG I 69 11.02 -49.84 2.63
CA ARG I 69 10.83 -51.18 3.24
C ARG I 69 12.17 -51.92 3.34
N ASP I 70 13.28 -51.23 3.03
CA ASP I 70 14.64 -51.74 3.21
C ASP I 70 14.92 -53.04 2.47
N LEU I 71 14.27 -53.22 1.32
CA LEU I 71 14.58 -54.33 0.43
C LEU I 71 15.59 -53.82 -0.57
N ARG I 72 16.42 -54.75 -1.06
CA ARG I 72 17.48 -54.39 -2.04
C ARG I 72 16.79 -54.01 -3.34
N VAL I 73 17.36 -53.04 -4.04
CA VAL I 73 16.75 -52.59 -5.28
C VAL I 73 17.90 -52.26 -6.23
N GLU I 74 17.74 -52.71 -7.48
CA GLU I 74 18.69 -52.48 -8.55
C GLU I 74 18.08 -51.40 -9.41
N ILE I 75 18.89 -50.42 -9.81
CA ILE I 75 18.52 -49.50 -10.87
C ILE I 75 19.00 -50.17 -12.16
N PRO I 76 18.09 -50.66 -13.02
CA PRO I 76 18.47 -51.51 -14.14
C PRO I 76 18.79 -50.71 -15.41
N GLY I 77 19.23 -51.41 -16.45
CA GLY I 77 19.37 -50.85 -17.78
C GLY I 77 18.01 -50.80 -18.43
N VAL I 78 17.97 -50.31 -19.67
CA VAL I 78 16.75 -50.15 -20.43
C VAL I 78 16.97 -50.85 -21.76
N ASP I 79 15.93 -51.52 -22.25
CA ASP I 79 16.02 -52.24 -23.52
C ASP I 79 15.95 -51.23 -24.62
N THR I 80 16.27 -51.65 -25.85
CA THR I 80 16.10 -50.78 -27.00
C THR I 80 14.61 -50.53 -27.20
N VAL I 81 14.26 -49.27 -27.42
CA VAL I 81 12.90 -48.85 -27.65
C VAL I 81 12.76 -48.55 -29.14
N ARG I 82 11.51 -48.40 -29.60
CA ARG I 82 11.17 -48.21 -31.02
C ARG I 82 11.33 -46.75 -31.43
N ASN I 83 11.91 -46.50 -32.61
CA ASN I 83 12.07 -45.15 -33.16
C ASN I 83 11.41 -44.92 -34.52
N GLN I 84 11.31 -45.98 -35.34
CA GLN I 84 10.69 -45.89 -36.65
C GLN I 84 9.18 -45.95 -36.52
N PHE I 85 8.51 -44.96 -37.12
CA PHE I 85 7.09 -44.96 -37.28
C PHE I 85 6.84 -44.38 -38.64
N ASP I 86 5.92 -44.98 -39.39
CA ASP I 86 5.61 -44.51 -40.74
C ASP I 86 4.63 -43.35 -40.75
N ARG I 87 3.75 -43.27 -39.75
CA ARG I 87 2.77 -42.16 -39.58
C ARG I 87 2.52 -41.94 -38.09
N PRO I 88 2.02 -40.75 -37.68
CA PRO I 88 1.75 -40.46 -36.26
C PRO I 88 0.76 -41.39 -35.55
N ARG I 89 -0.19 -41.95 -36.30
CA ARG I 89 -1.26 -42.82 -35.77
C ARG I 89 -0.61 -44.04 -35.11
N GLU I 90 0.47 -44.56 -35.68
CA GLU I 90 1.13 -45.74 -35.16
C GLU I 90 1.86 -45.50 -33.85
N ALA I 91 2.47 -44.31 -33.71
CA ALA I 91 3.19 -43.96 -32.51
C ALA I 91 2.21 -43.76 -31.37
N LEU I 92 1.08 -43.12 -31.68
CA LEU I 92 0.00 -42.97 -30.71
C LEU I 92 -0.58 -44.32 -30.30
N ALA I 93 -0.70 -45.24 -31.27
CA ALA I 93 -1.21 -46.57 -31.00
C ALA I 93 -0.25 -47.33 -30.11
N LEU I 94 1.05 -47.10 -30.30
CA LEU I 94 2.08 -47.72 -29.49
C LEU I 94 1.99 -47.23 -28.06
N ALA I 95 1.78 -45.93 -27.89
CA ALA I 95 1.60 -45.35 -26.56
C ALA I 95 0.42 -45.97 -25.84
N LEU I 96 -0.73 -46.01 -26.52
CA LEU I 96 -1.95 -46.62 -26.01
C LEU I 96 -1.74 -48.07 -25.59
N ASP I 97 -1.09 -48.83 -26.47
CA ASP I 97 -0.73 -50.22 -26.24
C ASP I 97 0.09 -50.33 -24.94
N GLN I 98 1.15 -49.51 -24.85
CA GLN I 98 2.07 -49.53 -23.74
C GLN I 98 1.31 -49.31 -22.46
N GLU I 99 0.40 -48.34 -22.46
CA GLU I 99 -0.32 -47.99 -21.25
C GLU I 99 -1.30 -49.08 -20.82
N ARG I 100 -1.91 -49.77 -21.79
CA ARG I 100 -2.77 -50.94 -21.49
C ARG I 100 -1.92 -52.04 -20.85
N THR I 101 -0.70 -52.23 -21.36
CA THR I 101 0.22 -53.20 -20.78
C THR I 101 0.52 -52.81 -19.34
N VAL I 102 0.92 -51.56 -19.13
CA VAL I 102 1.25 -51.05 -17.80
C VAL I 102 0.11 -51.29 -16.81
N THR I 103 -1.12 -51.07 -17.27
CA THR I 103 -2.31 -51.33 -16.47
C THR I 103 -2.38 -52.79 -16.05
N ASP I 104 -2.17 -53.69 -17.02
CA ASP I 104 -2.18 -55.12 -16.72
C ASP I 104 -1.08 -55.56 -15.77
N GLN I 105 0.10 -54.95 -15.91
CA GLN I 105 1.24 -55.19 -15.04
C GLN I 105 0.98 -54.78 -13.61
N VAL I 106 0.42 -53.59 -13.42
CA VAL I 106 0.07 -53.08 -12.10
C VAL I 106 -1.04 -53.95 -11.48
N GLY I 107 -1.96 -54.42 -12.32
CA GLY I 107 -2.96 -55.39 -11.89
C GLY I 107 -2.32 -56.65 -11.34
N ARG I 108 -1.31 -57.14 -12.07
CA ARG I 108 -0.56 -58.38 -11.75
C ARG I 108 0.15 -58.20 -10.42
N LEU I 109 0.73 -57.02 -10.18
CA LEU I 109 1.36 -56.67 -8.91
C LEU I 109 0.41 -56.65 -7.73
N THR I 110 -0.76 -56.03 -7.91
CA THR I 110 -1.77 -55.99 -6.86
C THR I 110 -2.22 -57.39 -6.51
N ALA I 111 -2.38 -58.22 -7.53
CA ALA I 111 -2.79 -59.61 -7.36
C ALA I 111 -1.77 -60.43 -6.60
N VAL I 112 -0.48 -60.31 -6.99
CA VAL I 112 0.57 -61.08 -6.34
C VAL I 112 0.79 -60.62 -4.89
N ALA I 113 0.60 -59.32 -4.65
CA ALA I 113 0.70 -58.75 -3.32
C ALA I 113 -0.38 -59.31 -2.44
N ARG I 114 -1.59 -59.40 -2.99
CA ARG I 114 -2.78 -59.88 -2.23
C ARG I 114 -2.68 -61.38 -1.99
N ASP I 115 -2.07 -62.12 -2.93
CA ASP I 115 -1.85 -63.54 -2.72
C ASP I 115 -0.94 -63.77 -1.51
N GLU I 116 0.23 -63.14 -1.51
CA GLU I 116 1.25 -63.38 -0.48
C GLU I 116 1.12 -62.53 0.79
N GLY I 117 -0.05 -61.92 0.98
CA GLY I 117 -0.36 -61.19 2.20
C GLY I 117 0.59 -60.06 2.52
N ASP I 118 0.98 -59.30 1.49
CA ASP I 118 1.84 -58.13 1.65
C ASP I 118 0.95 -56.89 1.62
N PHE I 119 0.45 -56.51 2.79
CA PHE I 119 -0.57 -55.49 2.91
C PHE I 119 -0.08 -54.08 2.57
N LEU I 120 1.18 -53.80 2.90
CA LEU I 120 1.84 -52.57 2.49
C LEU I 120 1.94 -52.52 0.97
N GLY I 121 2.29 -53.66 0.38
CA GLY I 121 2.37 -53.78 -1.07
C GLY I 121 1.04 -53.67 -1.77
N GLU I 122 -0.01 -54.23 -1.18
CA GLU I 122 -1.36 -54.12 -1.70
C GLU I 122 -1.71 -52.64 -1.74
N GLN I 123 -1.50 -51.97 -0.61
CA GLN I 123 -1.93 -50.59 -0.42
C GLN I 123 -1.17 -49.60 -1.29
N PHE I 124 0.13 -49.85 -1.49
CA PHE I 124 0.98 -48.91 -2.18
C PHE I 124 0.57 -48.63 -3.61
N MET I 125 -0.06 -49.61 -4.26
CA MET I 125 -0.29 -49.58 -5.70
C MET I 125 -1.71 -49.21 -6.14
N GLN I 126 -2.50 -48.78 -5.17
CA GLN I 126 -3.82 -48.29 -5.43
C GLN I 126 -3.70 -46.98 -6.20
N TRP I 127 -2.65 -46.23 -5.89
CA TRP I 127 -2.42 -44.95 -6.54
C TRP I 127 -2.05 -45.16 -8.00
N PHE I 128 -1.32 -46.25 -8.27
CA PHE I 128 -0.94 -46.60 -9.62
C PHE I 128 -2.14 -47.01 -10.45
N LEU I 129 -3.07 -47.75 -9.83
CA LEU I 129 -4.34 -48.09 -10.49
C LEU I 129 -5.14 -46.83 -10.85
N GLN I 130 -5.23 -45.91 -9.90
CA GLN I 130 -5.89 -44.63 -10.10
C GLN I 130 -5.32 -43.86 -11.26
N GLU I 131 -3.98 -43.81 -11.34
CA GLU I 131 -3.30 -43.09 -12.41
C GLU I 131 -3.50 -43.74 -13.76
N GLN I 132 -3.54 -45.07 -13.77
CA GLN I 132 -3.78 -45.80 -15.00
C GLN I 132 -5.15 -45.54 -15.62
N ILE I 133 -6.17 -45.36 -14.79
CA ILE I 133 -7.51 -45.04 -15.28
C ILE I 133 -7.43 -43.82 -16.22
N GLU I 134 -7.01 -42.69 -15.66
CA GLU I 134 -6.97 -41.41 -16.35
C GLU I 134 -5.98 -41.42 -17.51
N GLU I 135 -4.86 -42.11 -17.31
CA GLU I 135 -3.80 -42.19 -18.33
C GLU I 135 -4.23 -42.95 -19.58
N VAL I 136 -4.81 -44.14 -19.41
CA VAL I 136 -5.32 -44.91 -20.54
C VAL I 136 -6.49 -44.19 -21.20
N ALA I 137 -7.27 -43.47 -20.39
CA ALA I 137 -8.37 -42.67 -20.91
C ALA I 137 -7.84 -41.64 -21.90
N LEU I 138 -6.82 -40.91 -21.48
CA LEU I 138 -6.21 -39.85 -22.29
C LEU I 138 -5.61 -40.39 -23.58
N MET I 139 -4.89 -41.50 -23.48
CA MET I 139 -4.28 -42.14 -24.64
C MET I 139 -5.30 -42.62 -25.65
N ALA I 140 -6.38 -43.24 -25.17
CA ALA I 140 -7.44 -43.73 -26.04
C ALA I 140 -8.10 -42.58 -26.77
N THR I 141 -8.32 -41.48 -26.04
CA THR I 141 -8.90 -40.27 -26.60
C THR I 141 -8.03 -39.74 -27.75
N LEU I 142 -6.71 -39.66 -27.52
CA LEU I 142 -5.77 -39.21 -28.54
C LEU I 142 -5.74 -40.10 -29.79
N VAL I 143 -5.83 -41.42 -29.59
CA VAL I 143 -5.81 -42.35 -30.71
C VAL I 143 -7.07 -42.22 -31.58
N ARG I 144 -8.22 -42.06 -30.92
CA ARG I 144 -9.54 -41.88 -31.60
C ARG I 144 -9.56 -40.55 -32.35
N VAL I 145 -9.02 -39.49 -31.74
CA VAL I 145 -8.95 -38.18 -32.38
C VAL I 145 -8.01 -38.24 -33.59
N ALA I 146 -6.91 -38.99 -33.47
CA ALA I 146 -5.96 -39.17 -34.57
C ALA I 146 -6.58 -39.93 -35.74
N ASP I 147 -7.50 -40.85 -35.44
CA ASP I 147 -8.25 -41.52 -36.49
C ASP I 147 -9.27 -40.61 -37.19
N ARG I 148 -9.98 -39.77 -36.43
CA ARG I 148 -10.96 -38.79 -36.98
C ARG I 148 -10.24 -37.76 -37.85
N ALA I 149 -9.03 -37.35 -37.44
CA ALA I 149 -8.27 -36.36 -38.17
C ALA I 149 -7.72 -36.94 -39.48
N GLY I 150 -7.28 -38.20 -39.45
CA GLY I 150 -6.68 -38.84 -40.61
C GLY I 150 -5.37 -38.17 -40.96
N ALA I 151 -5.15 -37.96 -42.26
CA ALA I 151 -3.91 -37.35 -42.74
C ALA I 151 -3.75 -35.86 -42.39
N ASN I 152 -4.88 -35.18 -42.16
CA ASN I 152 -4.89 -33.77 -41.76
C ASN I 152 -4.51 -33.62 -40.29
N LEU I 153 -3.21 -33.44 -40.04
CA LEU I 153 -2.64 -33.51 -38.72
C LEU I 153 -2.79 -32.25 -37.86
N PHE I 154 -3.11 -31.13 -38.50
CA PHE I 154 -3.26 -29.88 -37.78
C PHE I 154 -4.43 -29.88 -36.81
N GLU I 155 -5.47 -30.65 -37.12
CA GLU I 155 -6.66 -30.72 -36.29
C GLU I 155 -6.39 -31.54 -35.02
N LEU I 156 -5.60 -32.61 -35.18
CA LEU I 156 -5.03 -33.34 -34.05
C LEU I 156 -4.21 -32.40 -33.17
N GLU I 157 -3.37 -31.60 -33.83
CA GLU I 157 -2.53 -30.62 -33.17
C GLU I 157 -3.34 -29.63 -32.31
N ASN I 158 -4.43 -29.11 -32.89
CA ASN I 158 -5.31 -28.17 -32.20
C ASN I 158 -6.07 -28.80 -31.05
N PHE I 159 -6.47 -30.06 -31.24
CA PHE I 159 -7.14 -30.79 -30.17
C PHE I 159 -6.24 -30.98 -28.97
N VAL I 160 -4.97 -31.36 -29.22
CA VAL I 160 -3.99 -31.51 -28.16
C VAL I 160 -3.74 -30.17 -27.48
N ALA I 161 -3.71 -29.09 -28.26
CA ALA I 161 -3.40 -27.77 -27.73
C ALA I 161 -4.47 -27.21 -26.80
N ARG I 162 -5.74 -27.33 -27.20
CA ARG I 162 -6.88 -26.70 -26.48
C ARG I 162 -7.36 -27.60 -25.34
N GLU I 163 -7.47 -28.91 -25.56
CA GLU I 163 -8.26 -29.77 -24.68
C GLU I 163 -7.46 -30.65 -23.75
N VAL I 164 -6.30 -31.11 -24.20
CA VAL I 164 -5.40 -31.91 -23.39
C VAL I 164 -4.45 -30.98 -22.65
N ASP I 165 -4.53 -31.01 -21.32
CA ASP I 165 -3.70 -30.18 -20.47
C ASP I 165 -3.13 -31.07 -19.39
N VAL I 166 -1.86 -30.87 -19.09
CA VAL I 166 -1.21 -31.49 -17.93
C VAL I 166 -1.40 -30.55 -16.74
N ALA I 167 -2.53 -30.74 -16.03
CA ALA I 167 -2.91 -29.96 -14.86
C ALA I 167 -1.93 -30.25 -13.72
N PRO I 168 -1.86 -29.38 -12.68
CA PRO I 168 -1.04 -29.68 -11.51
C PRO I 168 -1.43 -31.05 -10.93
N ALA I 169 -0.44 -31.85 -10.56
CA ALA I 169 -0.67 -33.16 -9.97
C ALA I 169 -1.36 -32.97 -8.64
N ALA I 170 -2.33 -33.85 -8.36
CA ALA I 170 -3.07 -33.83 -7.12
C ALA I 170 -2.21 -34.51 -6.09
N SER I 171 -2.62 -34.39 -4.82
CA SER I 171 -2.01 -35.14 -3.74
C SER I 171 -2.43 -36.61 -3.82
N GLY I 172 -1.94 -37.41 -2.86
CA GLY I 172 -2.18 -38.83 -2.82
C GLY I 172 -1.03 -39.55 -3.49
N ALA I 173 -0.23 -38.79 -4.27
CA ALA I 173 0.91 -39.34 -4.95
C ALA I 173 1.94 -39.69 -3.89
N PRO I 174 2.45 -40.93 -3.86
CA PRO I 174 3.48 -41.31 -2.89
C PRO I 174 4.79 -40.58 -3.22
N HIS I 175 5.75 -40.61 -2.28
N HIS I 175 5.75 -40.61 -2.28
CA HIS I 175 7.02 -39.92 -2.45
CA HIS I 175 7.01 -39.92 -2.46
C HIS I 175 7.85 -40.62 -3.50
C HIS I 175 7.85 -40.62 -3.50
N ALA I 176 8.45 -39.83 -4.40
CA ALA I 176 9.34 -40.33 -5.43
C ALA I 176 10.76 -40.06 -4.97
N ALA I 177 11.64 -41.03 -5.21
CA ALA I 177 13.03 -40.94 -4.82
C ALA I 177 13.68 -39.79 -5.57
N GLY I 178 14.22 -38.83 -4.81
CA GLY I 178 14.88 -37.66 -5.36
C GLY I 178 13.92 -36.58 -5.77
N GLY I 179 12.74 -36.58 -5.15
CA GLY I 179 11.75 -35.57 -5.39
C GLY I 179 11.07 -35.82 -6.70
N ARG I 180 9.75 -35.71 -6.68
CA ARG I 180 8.88 -35.72 -7.89
C ARG I 180 9.33 -34.57 -8.79
N LEU I 181 9.52 -34.84 -10.09
CA LEU I 181 9.75 -33.80 -11.07
C LEU I 181 8.41 -33.35 -11.64
N GLU J 5 20.52 2.79 65.26
CA GLU J 5 20.23 3.10 63.82
C GLU J 5 18.83 2.65 63.34
N GLY J 6 18.17 1.80 64.14
CA GLY J 6 16.84 1.24 63.87
C GLY J 6 16.81 -0.28 64.00
N PRO J 7 15.67 -0.89 64.42
CA PRO J 7 15.59 -2.35 64.59
C PRO J 7 15.46 -3.14 63.28
N LYS J 8 16.49 -3.93 62.94
CA LYS J 8 16.47 -4.80 61.78
C LYS J 8 15.88 -6.16 62.12
N THR J 9 14.83 -6.56 61.41
CA THR J 9 14.38 -7.95 61.37
C THR J 9 15.42 -8.75 60.58
N LYS J 10 15.53 -10.05 60.84
CA LYS J 10 16.59 -10.85 60.19
C LYS J 10 16.29 -11.24 58.76
N PHE J 11 15.04 -11.06 58.32
CA PHE J 11 14.74 -11.15 56.89
C PHE J 11 15.46 -10.04 56.15
N HIS J 12 15.36 -8.82 56.68
CA HIS J 12 16.04 -7.65 56.13
C HIS J 12 17.55 -7.87 56.19
N ALA J 13 18.02 -8.30 57.35
CA ALA J 13 19.46 -8.48 57.58
C ALA J 13 20.09 -9.57 56.71
N LEU J 14 19.28 -10.53 56.26
CA LEU J 14 19.75 -11.66 55.48
C LEU J 14 19.58 -11.41 53.99
N MET J 15 18.58 -10.59 53.66
CA MET J 15 18.35 -10.16 52.30
C MET J 15 19.45 -9.20 51.82
N GLN J 16 20.00 -8.41 52.75
CA GLN J 16 21.18 -7.60 52.47
C GLN J 16 22.34 -8.50 52.06
N GLU J 17 22.54 -9.57 52.84
CA GLU J 17 23.55 -10.58 52.56
C GLU J 17 23.35 -11.20 51.19
N GLN J 18 22.08 -11.41 50.82
CA GLN J 18 21.76 -12.01 49.54
C GLN J 18 22.07 -11.07 48.39
N ILE J 19 21.88 -9.76 48.61
CA ILE J 19 22.24 -8.76 47.61
C ILE J 19 23.74 -8.89 47.33
N HIS J 20 24.52 -9.00 48.40
CA HIS J 20 25.96 -9.19 48.32
C HIS J 20 26.32 -10.44 47.54
N ASN J 21 25.60 -11.53 47.82
CA ASN J 21 25.81 -12.80 47.14
C ASN J 21 25.54 -12.76 45.66
N GLU J 22 24.45 -12.11 45.26
CA GLU J 22 24.08 -12.04 43.85
C GLU J 22 25.07 -11.19 43.07
N PHE J 23 25.57 -10.12 43.69
CA PHE J 23 26.62 -9.32 43.07
C PHE J 23 27.91 -10.11 42.84
N THR J 24 28.33 -10.88 43.86
CA THR J 24 29.52 -11.73 43.73
C THR J 24 29.32 -12.82 42.69
N ALA J 25 28.08 -13.34 42.61
CA ALA J 25 27.73 -14.37 41.66
C ALA J 25 27.83 -13.86 40.23
N ALA J 26 27.38 -12.61 40.04
CA ALA J 26 27.47 -11.96 38.74
C ALA J 26 28.93 -11.80 38.31
N GLN J 27 29.77 -11.35 39.25
CA GLN J 27 31.19 -11.18 38.96
C GLN J 27 31.88 -12.51 38.65
N GLN J 28 31.46 -13.56 39.34
CA GLN J 28 31.95 -14.92 39.10
C GLN J 28 31.58 -15.42 37.71
N TYR J 29 30.35 -15.13 37.27
CA TYR J 29 29.88 -15.45 35.90
C TYR J 29 30.72 -14.67 34.88
N VAL J 30 31.04 -13.41 35.17
CA VAL J 30 31.89 -12.64 34.25
C VAL J 30 33.25 -13.31 34.15
N ALA J 31 33.80 -13.77 35.27
CA ALA J 31 35.13 -14.40 35.28
C ALA J 31 35.15 -15.70 34.49
N ILE J 32 34.09 -16.51 34.68
CA ILE J 32 33.90 -17.76 33.96
C ILE J 32 33.83 -17.51 32.45
N ALA J 33 33.02 -16.54 32.05
CA ALA J 33 32.85 -16.13 30.65
C ALA J 33 34.15 -15.61 30.03
N VAL J 34 34.95 -14.90 30.82
CA VAL J 34 36.21 -14.36 30.35
C VAL J 34 37.22 -15.48 30.13
N TYR J 35 37.22 -16.48 31.02
CA TYR J 35 38.06 -17.70 30.87
C TYR J 35 37.65 -18.45 29.59
N PHE J 36 36.35 -18.58 29.35
CA PHE J 36 35.85 -19.22 28.15
C PHE J 36 36.20 -18.43 26.89
N ASP J 37 36.29 -17.11 27.00
CA ASP J 37 36.58 -16.26 25.86
C ASP J 37 38.07 -16.31 25.50
N SER J 38 38.92 -16.51 26.52
CA SER J 38 40.35 -16.64 26.31
C SER J 38 40.71 -17.99 25.71
N GLU J 39 39.95 -19.04 26.09
CA GLU J 39 40.16 -20.39 25.56
C GLU J 39 39.43 -20.68 24.25
N ASP J 40 38.94 -19.62 23.58
CA ASP J 40 38.31 -19.72 22.27
C ASP J 40 37.10 -20.66 22.27
N LEU J 41 36.17 -20.41 23.18
CA LEU J 41 34.89 -21.11 23.21
C LEU J 41 33.77 -20.07 23.25
N PRO J 42 33.54 -19.35 22.13
CA PRO J 42 32.70 -18.15 22.13
C PRO J 42 31.19 -18.35 22.34
N GLN J 43 30.65 -19.54 22.07
CA GLN J 43 29.23 -19.81 22.36
C GLN J 43 29.02 -19.96 23.84
N LEU J 44 29.94 -20.69 24.48
CA LEU J 44 29.97 -20.82 25.92
C LEU J 44 30.10 -19.45 26.57
N ALA J 45 31.03 -18.65 26.04
CA ALA J 45 31.29 -17.32 26.55
C ALA J 45 30.05 -16.44 26.41
N LYS J 46 29.39 -16.53 25.26
CA LYS J 46 28.20 -15.76 24.98
C LYS J 46 27.13 -16.06 26.00
N HIS J 47 26.90 -17.35 26.26
CA HIS J 47 25.92 -17.77 27.24
C HIS J 47 26.20 -17.22 28.61
N PHE J 48 27.47 -17.28 29.03
CA PHE J 48 27.81 -16.82 30.36
C PHE J 48 27.82 -15.30 30.53
N TYR J 49 28.11 -14.57 29.46
CA TYR J 49 27.98 -13.10 29.41
C TYR J 49 26.50 -12.73 29.55
N SER J 50 25.60 -13.55 29.02
CA SER J 50 24.18 -13.35 29.22
C SER J 50 23.78 -13.66 30.68
N GLN J 51 24.37 -14.71 31.26
CA GLN J 51 24.06 -15.11 32.63
C GLN J 51 24.52 -14.12 33.67
N ALA J 52 25.63 -13.43 33.40
CA ALA J 52 26.15 -12.41 34.29
C ALA J 52 25.18 -11.23 34.36
N VAL J 53 24.63 -10.87 33.20
CA VAL J 53 23.62 -9.83 33.09
C VAL J 53 22.39 -10.24 33.86
N GLU J 54 22.00 -11.50 33.72
CA GLU J 54 20.82 -12.02 34.40
C GLU J 54 21.00 -11.96 35.92
N GLU J 55 22.21 -12.25 36.40
CA GLU J 55 22.51 -12.28 37.83
C GLU J 55 22.52 -10.87 38.40
N ARG J 56 23.09 -9.92 37.64
CA ARG J 56 23.08 -8.47 38.00
C ARG J 56 21.63 -7.99 38.07
N ASN J 57 20.79 -8.43 37.14
CA ASN J 57 19.37 -8.11 37.17
C ASN J 57 18.68 -8.63 38.42
N HIS J 58 19.04 -9.83 38.85
CA HIS J 58 18.52 -10.40 40.09
C HIS J 58 18.90 -9.54 41.29
N ALA J 59 20.17 -9.13 41.32
CA ALA J 59 20.66 -8.26 42.39
C ALA J 59 19.87 -6.95 42.44
N MET J 60 19.63 -6.37 41.25
CA MET J 60 18.85 -5.16 41.12
C MET J 60 17.41 -5.35 41.58
N MET J 61 16.85 -6.55 41.36
CA MET J 61 15.49 -6.87 41.79
C MET J 61 15.40 -6.89 43.30
N LEU J 62 16.38 -7.51 43.95
CA LEU J 62 16.46 -7.53 45.41
C LEU J 62 16.59 -6.12 45.98
N VAL J 63 17.48 -5.33 45.37
CA VAL J 63 17.69 -3.93 45.74
C VAL J 63 16.39 -3.14 45.66
N GLN J 64 15.68 -3.29 44.53
CA GLN J 64 14.42 -2.60 44.27
C GLN J 64 13.37 -2.96 45.28
N HIS J 65 13.38 -4.23 45.72
CA HIS J 65 12.46 -4.69 46.75
C HIS J 65 12.73 -4.03 48.08
N LEU J 66 14.01 -3.82 48.39
CA LEU J 66 14.35 -3.10 49.62
C LEU J 66 13.93 -1.65 49.53
N LEU J 67 14.11 -1.04 48.35
CA LEU J 67 13.74 0.35 48.12
C LEU J 67 12.24 0.57 48.25
N ASP J 68 11.44 -0.42 47.82
CA ASP J 68 9.98 -0.34 47.85
C ASP J 68 9.40 -0.38 49.26
N ARG J 69 9.98 -1.21 50.11
CA ARG J 69 9.54 -1.38 51.52
C ARG J 69 10.26 -0.38 52.44
N ASP J 70 11.02 0.55 51.85
CA ASP J 70 11.67 1.66 52.56
C ASP J 70 12.60 1.22 53.68
N LEU J 71 13.24 0.06 53.50
CA LEU J 71 14.29 -0.39 54.41
C LEU J 71 15.60 0.08 53.82
N ARG J 72 16.57 0.31 54.71
CA ARG J 72 17.91 0.79 54.28
C ARG J 72 18.59 -0.34 53.52
N VAL J 73 19.35 0.01 52.49
CA VAL J 73 20.00 -1.00 51.70
C VAL J 73 21.37 -0.45 51.32
N GLU J 74 22.39 -1.31 51.44
CA GLU J 74 23.76 -0.99 51.09
C GLU J 74 24.01 -1.67 49.78
N ILE J 75 24.66 -0.96 48.85
CA ILE J 75 25.23 -1.59 47.67
C ILE J 75 26.65 -1.98 48.08
N PRO J 76 26.94 -3.28 48.24
CA PRO J 76 28.20 -3.72 48.84
C PRO J 76 29.32 -3.90 47.82
N GLY J 77 30.52 -4.22 48.31
CA GLY J 77 31.63 -4.63 47.49
C GLY J 77 31.44 -6.08 47.11
N VAL J 78 32.40 -6.61 46.35
CA VAL J 78 32.36 -7.98 45.85
C VAL J 78 33.68 -8.62 46.24
N ASP J 79 33.62 -9.89 46.64
CA ASP J 79 34.82 -10.61 47.06
C ASP J 79 35.57 -10.98 45.81
N THR J 80 36.83 -11.43 45.98
CA THR J 80 37.58 -11.93 44.85
C THR J 80 36.93 -13.22 44.37
N VAL J 81 36.77 -13.32 43.06
CA VAL J 81 36.18 -14.47 42.42
C VAL J 81 37.31 -15.26 41.76
N ARG J 82 37.01 -16.49 41.35
CA ARG J 82 37.99 -17.45 40.79
C ARG J 82 38.23 -17.16 39.31
N ASN J 83 39.50 -17.22 38.87
CA ASN J 83 39.87 -17.04 37.47
C ASN J 83 40.62 -18.21 36.85
N GLN J 84 41.40 -18.95 37.66
CA GLN J 84 42.15 -20.10 37.19
C GLN J 84 41.24 -21.32 37.07
N PHE J 85 41.26 -21.93 35.90
CA PHE J 85 40.64 -23.21 35.66
C PHE J 85 41.56 -23.95 34.76
N ASP J 86 41.78 -25.23 35.04
CA ASP J 86 42.68 -26.05 34.24
C ASP J 86 42.02 -26.61 32.98
N ARG J 87 40.70 -26.83 33.02
CA ARG J 87 39.89 -27.30 31.86
C ARG J 87 38.49 -26.71 31.96
N PRO J 88 37.73 -26.64 30.84
CA PRO J 88 36.37 -26.10 30.85
C PRO J 88 35.35 -26.79 31.77
N ARG J 89 35.55 -28.09 32.01
CA ARG J 89 34.65 -28.92 32.83
C ARG J 89 34.59 -28.34 34.25
N GLU J 90 35.72 -27.84 34.76
CA GLU J 90 35.79 -27.31 36.11
C GLU J 90 35.04 -25.99 36.27
N ALA J 91 35.10 -25.13 35.25
CA ALA J 91 34.43 -23.85 35.28
C ALA J 91 32.93 -24.05 35.22
N LEU J 92 32.52 -25.00 34.38
CA LEU J 92 31.11 -25.38 34.32
C LEU J 92 30.62 -25.98 35.64
N ALA J 93 31.48 -26.78 36.28
CA ALA J 93 31.15 -27.39 37.56
C ALA J 93 31.02 -26.32 38.62
N LEU J 94 31.84 -25.28 38.53
CA LEU J 94 31.80 -24.15 39.45
C LEU J 94 30.49 -23.41 39.30
N ALA J 95 30.07 -23.19 38.06
CA ALA J 95 28.79 -22.55 37.79
C ALA J 95 27.63 -23.32 38.39
N LEU J 96 27.60 -24.63 38.12
CA LEU J 96 26.59 -25.53 38.66
C LEU J 96 26.54 -25.49 40.18
N ASP J 97 27.72 -25.56 40.80
CA ASP J 97 27.89 -25.47 42.24
C ASP J 97 27.26 -24.17 42.75
N GLN J 98 27.65 -23.04 42.13
CA GLN J 98 27.21 -21.73 42.53
C GLN J 98 25.71 -21.68 42.51
N GLU J 99 25.10 -22.20 41.45
CA GLU J 99 23.66 -22.13 41.30
C GLU J 99 22.92 -22.99 42.32
N ARG J 100 23.49 -24.14 42.67
CA ARG J 100 22.92 -24.99 43.76
C ARG J 100 22.99 -24.21 45.08
N THR J 101 24.08 -23.49 45.31
CA THR J 101 24.21 -22.67 46.50
C THR J 101 23.12 -21.61 46.50
N VAL J 102 23.00 -20.87 45.39
CA VAL J 102 22.00 -19.81 45.25
C VAL J 102 20.59 -20.34 45.56
N THR J 103 20.29 -21.54 45.07
CA THR J 103 19.02 -22.19 45.36
C THR J 103 18.82 -22.39 46.84
N ASP J 104 19.85 -22.90 47.52
CA ASP J 104 19.78 -23.10 48.97
C ASP J 104 19.62 -21.81 49.76
N GLN J 105 20.29 -20.75 49.30
CA GLN J 105 20.21 -19.42 49.88
C GLN J 105 18.82 -18.84 49.78
N VAL J 106 18.21 -18.93 48.60
CA VAL J 106 16.86 -18.44 48.37
C VAL J 106 15.86 -19.26 49.20
N GLY J 107 16.13 -20.56 49.34
CA GLY J 107 15.36 -21.41 50.24
C GLY J 107 15.40 -20.90 51.67
N ARG J 108 16.61 -20.53 52.10
CA ARG J 108 16.90 -20.04 53.47
C ARG J 108 16.14 -18.74 53.70
N LEU J 109 16.11 -17.87 52.69
CA LEU J 109 15.34 -16.62 52.74
C LEU J 109 13.83 -16.83 52.87
N THR J 110 13.29 -17.75 52.07
CA THR J 110 11.87 -18.05 52.13
C THR J 110 11.51 -18.58 53.50
N ALA J 111 12.38 -19.42 54.05
CA ALA J 111 12.19 -20.01 55.38
C ALA J 111 12.21 -18.97 56.48
N VAL J 112 13.20 -18.06 56.44
CA VAL J 112 13.32 -17.04 57.47
C VAL J 112 12.17 -16.02 57.39
N ALA J 113 11.70 -15.76 56.18
CA ALA J 113 10.57 -14.88 55.95
C ALA J 113 9.33 -15.48 56.55
N ARG J 114 9.15 -16.78 56.34
CA ARG J 114 7.95 -17.51 56.82
C ARG J 114 7.99 -17.66 58.34
N ASP J 115 9.19 -17.79 58.92
CA ASP J 115 9.32 -17.84 60.36
C ASP J 115 8.82 -16.53 60.98
N GLU J 116 9.36 -15.40 60.53
CA GLU J 116 9.07 -14.10 61.13
C GLU J 116 7.84 -13.37 60.60
N GLY J 117 6.98 -14.11 59.90
CA GLY J 117 5.70 -13.60 59.43
C GLY J 117 5.80 -12.37 58.54
N ASP J 118 6.77 -12.38 57.62
CA ASP J 118 6.95 -11.31 56.64
C ASP J 118 6.34 -11.78 55.33
N PHE J 119 5.05 -11.52 55.16
CA PHE J 119 4.27 -12.07 54.07
C PHE J 119 4.64 -11.51 52.70
N LEU J 120 5.00 -10.22 52.67
CA LEU J 120 5.55 -9.58 51.49
C LEU J 120 6.86 -10.25 51.10
N GLY J 121 7.69 -10.52 52.11
CA GLY J 121 8.95 -11.20 51.89
C GLY J 121 8.82 -12.63 51.45
N GLU J 122 7.83 -13.35 51.99
CA GLU J 122 7.53 -14.71 51.58
C GLU J 122 7.19 -14.67 50.10
N GLN J 123 6.28 -13.77 49.75
CA GLN J 123 5.71 -13.72 48.40
C GLN J 123 6.72 -13.28 47.35
N PHE J 124 7.61 -12.36 47.71
CA PHE J 124 8.52 -11.76 46.76
C PHE J 124 9.47 -12.75 46.11
N MET J 125 9.80 -13.83 46.82
CA MET J 125 10.88 -14.74 46.42
C MET J 125 10.44 -16.05 45.78
N GLN J 126 9.15 -16.13 45.49
CA GLN J 126 8.60 -17.25 44.77
C GLN J 126 9.15 -17.22 43.35
N TRP J 127 9.35 -16.01 42.84
CA TRP J 127 9.86 -15.84 41.49
C TRP J 127 11.30 -16.31 41.40
N PHE J 128 12.05 -16.09 42.48
CA PHE J 128 13.43 -16.53 42.56
C PHE J 128 13.53 -18.04 42.61
N LEU J 129 12.61 -18.68 43.33
CA LEU J 129 12.53 -20.15 43.34
C LEU J 129 12.24 -20.71 41.94
N GLN J 130 11.29 -20.09 41.25
CA GLN J 130 10.93 -20.44 39.88
C GLN J 130 12.11 -20.36 38.95
N GLU J 131 12.89 -19.26 39.07
CA GLU J 131 14.06 -19.06 38.21
C GLU J 131 15.16 -20.05 38.50
N GLN J 132 15.32 -20.40 39.78
CA GLN J 132 16.31 -21.39 40.17
C GLN J 132 16.06 -22.78 39.60
N ILE J 133 14.80 -23.18 39.48
CA ILE J 133 14.46 -24.47 38.87
C ILE J 133 15.13 -24.58 37.49
N GLU J 134 14.74 -23.68 36.59
CA GLU J 134 15.18 -23.69 35.20
C GLU J 134 16.68 -23.44 35.07
N GLU J 135 17.20 -22.57 35.94
CA GLU J 135 18.62 -22.22 35.92
C GLU J 135 19.54 -23.37 36.30
N VAL J 136 19.23 -24.05 37.41
CA VAL J 136 20.01 -25.22 37.83
C VAL J 136 19.84 -26.36 36.82
N ALA J 137 18.65 -26.44 36.21
CA ALA J 137 18.41 -27.42 35.17
C ALA J 137 19.38 -27.24 34.03
N LEU J 138 19.49 -26.00 33.55
CA LEU J 138 20.35 -25.65 32.42
C LEU J 138 21.82 -25.92 32.72
N MET J 139 22.26 -25.52 33.92
CA MET J 139 23.64 -25.75 34.35
C MET J 139 24.00 -27.21 34.44
N ALA J 140 23.11 -28.02 35.01
CA ALA J 140 23.32 -29.45 35.14
C ALA J 140 23.43 -30.09 33.77
N THR J 141 22.56 -29.66 32.84
CA THR J 141 22.58 -30.13 31.47
C THR J 141 23.93 -29.86 30.82
N LEU J 142 24.43 -28.62 30.97
CA LEU J 142 25.74 -28.24 30.43
C LEU J 142 26.91 -29.04 31.00
N VAL J 143 26.86 -29.33 32.30
CA VAL J 143 27.93 -30.09 32.95
C VAL J 143 27.96 -31.54 32.45
N ARG J 144 26.78 -32.14 32.29
CA ARG J 144 26.62 -33.53 31.79
C ARG J 144 27.06 -33.61 30.33
N VAL J 145 26.70 -32.61 29.52
CA VAL J 145 27.12 -32.56 28.12
C VAL J 145 28.64 -32.40 28.02
N ALA J 146 29.22 -31.60 28.92
CA ALA J 146 30.67 -31.39 28.97
C ALA J 146 31.41 -32.66 29.34
N ASP J 147 30.79 -33.50 30.17
CA ASP J 147 31.35 -34.81 30.48
C ASP J 147 31.28 -35.79 29.31
N ARG J 148 30.15 -35.81 28.58
CA ARG J 148 29.97 -36.67 27.37
C ARG J 148 30.95 -36.26 26.28
N ALA J 149 31.20 -34.95 26.13
CA ALA J 149 32.10 -34.45 25.11
C ALA J 149 33.55 -34.78 25.45
N GLY J 150 33.92 -34.69 26.73
CA GLY J 150 35.29 -34.92 27.16
C GLY J 150 36.20 -33.84 26.60
N ALA J 151 37.38 -34.25 26.13
CA ALA J 151 38.36 -33.32 25.60
C ALA J 151 37.96 -32.66 24.27
N ASN J 152 37.09 -33.33 23.51
CA ASN J 152 36.57 -32.81 22.25
C ASN J 152 35.53 -31.72 22.49
N LEU J 153 35.99 -30.46 22.55
CA LEU J 153 35.19 -29.35 23.00
C LEU J 153 34.24 -28.75 21.97
N PHE J 154 34.46 -29.07 20.69
CA PHE J 154 33.62 -28.54 19.63
C PHE J 154 32.18 -29.04 19.70
N GLU J 155 31.99 -30.25 20.23
CA GLU J 155 30.67 -30.84 20.34
C GLU J 155 29.86 -30.18 21.45
N LEU J 156 30.54 -29.85 22.55
CA LEU J 156 29.99 -28.98 23.59
C LEU J 156 29.57 -27.64 23.00
N GLU J 157 30.47 -27.08 22.19
CA GLU J 157 30.25 -25.81 21.51
C GLU J 157 28.97 -25.84 20.65
N ASN J 158 28.81 -26.91 19.86
CA ASN J 158 27.65 -27.08 19.00
C ASN J 158 26.36 -27.29 19.77
N PHE J 159 26.46 -28.02 20.88
CA PHE J 159 25.30 -28.22 21.75
C PHE J 159 24.81 -26.91 22.32
N VAL J 160 25.74 -26.06 22.80
CA VAL J 160 25.39 -24.75 23.33
C VAL J 160 24.79 -23.89 22.23
N ALA J 161 25.32 -24.00 21.01
CA ALA J 161 24.88 -23.17 19.90
C ALA J 161 23.46 -23.47 19.43
N ARG J 162 23.13 -24.76 19.29
CA ARG J 162 21.84 -25.20 18.69
C ARG J 162 20.74 -25.24 19.76
N GLU J 163 21.03 -25.75 20.95
CA GLU J 163 19.99 -26.18 21.88
C GLU J 163 19.75 -25.25 23.06
N VAL J 164 20.81 -24.61 23.55
CA VAL J 164 20.70 -23.65 24.63
C VAL J 164 20.48 -22.27 24.03
N ASP J 165 19.32 -21.69 24.35
CA ASP J 165 18.95 -20.37 23.86
C ASP J 165 18.47 -19.57 25.04
N VAL J 166 18.87 -18.30 25.09
CA VAL J 166 18.32 -17.34 26.04
C VAL J 166 17.11 -16.68 25.38
N ALA J 167 15.94 -17.31 25.59
CA ALA J 167 14.65 -16.87 25.05
C ALA J 167 14.26 -15.55 25.72
N PRO J 168 13.32 -14.77 25.14
CA PRO J 168 12.82 -13.58 25.80
C PRO J 168 12.30 -13.94 27.20
N ALA J 169 12.62 -13.11 28.20
CA ALA J 169 12.17 -13.32 29.57
C ALA J 169 10.66 -13.19 29.60
N ALA J 170 10.02 -14.06 30.38
CA ALA J 170 8.59 -14.06 30.55
C ALA J 170 8.27 -12.99 31.55
N SER J 171 6.98 -12.67 31.68
CA SER J 171 6.49 -11.80 32.73
C SER J 171 6.52 -12.53 34.07
N GLY J 172 6.08 -11.84 35.13
CA GLY J 172 6.10 -12.35 36.47
C GLY J 172 7.37 -11.90 37.17
N ALA J 173 8.35 -11.44 36.37
CA ALA J 173 9.60 -10.95 36.90
C ALA J 173 9.30 -9.65 37.61
N PRO J 174 9.71 -9.50 38.89
CA PRO J 174 9.49 -8.25 39.61
C PRO J 174 10.38 -7.15 39.01
N HIS J 175 10.11 -5.88 39.38
N HIS J 175 10.11 -5.88 39.38
CA HIS J 175 10.84 -4.75 38.84
CA HIS J 175 10.84 -4.75 38.84
C HIS J 175 12.25 -4.74 39.39
C HIS J 175 12.25 -4.74 39.39
N ALA J 176 13.22 -4.50 38.50
CA ALA J 176 14.62 -4.39 38.86
C ALA J 176 14.96 -2.91 38.89
N ALA J 177 15.76 -2.52 39.89
CA ALA J 177 16.16 -1.14 40.08
C ALA J 177 16.99 -0.71 38.88
N GLY J 178 16.51 0.35 38.21
CA GLY J 178 17.19 0.90 37.05
C GLY J 178 16.88 0.15 35.78
N GLY J 179 15.73 -0.53 35.77
CA GLY J 179 15.27 -1.23 34.61
C GLY J 179 16.03 -2.51 34.45
N ARG J 180 15.30 -3.59 34.17
CA ARG J 180 15.85 -4.91 33.79
C ARG J 180 16.70 -4.71 32.53
N LEU J 181 17.92 -5.26 32.52
CA LEU J 181 18.73 -5.31 31.32
C LEU J 181 18.43 -6.61 30.58
N GLU K 5 -58.89 -34.87 -1.69
CA GLU K 5 -57.54 -34.34 -1.33
C GLU K 5 -57.41 -32.81 -1.44
N GLY K 6 -58.38 -32.17 -2.11
CA GLY K 6 -58.44 -30.73 -2.35
C GLY K 6 -58.66 -30.39 -3.82
N PRO K 7 -59.35 -29.26 -4.15
CA PRO K 7 -59.62 -28.90 -5.55
C PRO K 7 -58.42 -28.30 -6.30
N LYS K 8 -57.91 -29.02 -7.31
CA LYS K 8 -56.83 -28.53 -8.16
C LYS K 8 -57.37 -27.75 -9.34
N THR K 9 -56.93 -26.50 -9.49
CA THR K 9 -57.07 -25.76 -10.74
C THR K 9 -56.12 -26.39 -11.76
N LYS K 10 -56.43 -26.25 -13.05
CA LYS K 10 -55.61 -26.93 -14.07
C LYS K 10 -54.30 -26.24 -14.39
N PHE K 11 -54.14 -24.99 -13.93
CA PHE K 11 -52.82 -24.36 -13.96
C PHE K 11 -51.88 -25.13 -13.04
N HIS K 12 -52.35 -25.43 -11.83
CA HIS K 12 -51.59 -26.20 -10.86
C HIS K 12 -51.33 -27.60 -11.42
N ALA K 13 -52.38 -28.22 -11.94
CA ALA K 13 -52.30 -29.59 -12.45
C ALA K 13 -51.38 -29.75 -13.66
N LEU K 14 -51.17 -28.66 -14.41
CA LEU K 14 -50.37 -28.67 -15.63
C LEU K 14 -48.95 -28.23 -15.35
N MET K 15 -48.80 -27.40 -14.32
CA MET K 15 -47.49 -26.97 -13.85
C MET K 15 -46.74 -28.11 -13.18
N GLN K 16 -47.48 -29.02 -12.53
CA GLN K 16 -46.89 -30.26 -12.02
C GLN K 16 -46.29 -31.06 -13.16
N GLU K 17 -47.07 -31.19 -14.25
CA GLU K 17 -46.63 -31.86 -15.47
C GLU K 17 -45.39 -31.21 -16.04
N GLN K 18 -45.31 -29.88 -15.95
CA GLN K 18 -44.17 -29.16 -16.46
C GLN K 18 -42.93 -29.40 -15.63
N ILE K 19 -43.11 -29.57 -14.31
CA ILE K 19 -42.00 -29.91 -13.42
C ILE K 19 -41.40 -31.24 -13.90
N HIS K 20 -42.28 -32.19 -14.18
CA HIS K 20 -41.90 -33.50 -14.70
C HIS K 20 -41.13 -33.37 -16.01
N ASN K 21 -41.63 -32.52 -16.90
CA ASN K 21 -40.99 -32.27 -18.18
C ASN K 21 -39.60 -31.69 -18.09
N GLU K 22 -39.41 -30.71 -17.20
CA GLU K 22 -38.12 -30.06 -17.06
C GLU K 22 -37.09 -31.01 -16.47
N PHE K 23 -37.52 -31.86 -15.54
CA PHE K 23 -36.65 -32.90 -15.00
C PHE K 23 -36.19 -33.89 -16.08
N THR K 24 -37.13 -34.34 -16.92
CA THR K 24 -36.80 -35.25 -18.02
C THR K 24 -35.89 -34.58 -19.04
N ALA K 25 -36.11 -33.28 -19.26
CA ALA K 25 -35.32 -32.50 -20.19
C ALA K 25 -33.88 -32.38 -19.72
N ALA K 26 -33.71 -32.19 -18.40
CA ALA K 26 -32.39 -32.12 -17.80
C ALA K 26 -31.65 -33.45 -17.98
N GLN K 27 -32.35 -34.56 -17.74
CA GLN K 27 -31.74 -35.88 -17.90
C GLN K 27 -31.38 -36.16 -19.35
N GLN K 28 -32.20 -35.68 -20.28
CA GLN K 28 -31.93 -35.79 -21.71
C GLN K 28 -30.69 -35.01 -22.12
N TYR K 29 -30.52 -33.81 -21.56
CA TYR K 29 -29.30 -32.98 -21.77
C TYR K 29 -28.08 -33.72 -21.21
N VAL K 30 -28.22 -34.38 -20.05
CA VAL K 30 -27.09 -35.14 -19.51
C VAL K 30 -26.73 -36.26 -20.48
N ALA K 31 -27.73 -36.94 -21.04
CA ALA K 31 -27.49 -38.05 -21.96
C ALA K 31 -26.79 -37.60 -23.24
N ILE K 32 -27.25 -36.46 -23.78
CA ILE K 32 -26.66 -35.84 -24.96
C ILE K 32 -25.20 -35.48 -24.71
N ALA K 33 -24.93 -34.84 -23.57
CA ALA K 33 -23.58 -34.46 -23.15
C ALA K 33 -22.66 -35.66 -22.95
N VAL K 34 -23.21 -36.76 -22.44
CA VAL K 34 -22.45 -37.97 -22.20
C VAL K 34 -22.07 -38.62 -23.53
N TYR K 35 -23.00 -38.60 -24.50
CA TYR K 35 -22.74 -39.09 -25.88
C TYR K 35 -21.63 -38.24 -26.52
N PHE K 36 -21.69 -36.92 -26.34
CA PHE K 36 -20.66 -36.04 -26.86
C PHE K 36 -19.31 -36.26 -26.19
N ASP K 37 -19.32 -36.66 -24.92
CA ASP K 37 -18.10 -36.87 -24.16
C ASP K 37 -17.43 -38.19 -24.56
N SER K 38 -18.25 -39.18 -24.95
CA SER K 38 -17.74 -40.47 -25.41
C SER K 38 -17.15 -40.36 -26.81
N GLU K 39 -17.75 -39.50 -27.65
CA GLU K 39 -17.26 -39.27 -29.01
C GLU K 39 -16.16 -38.22 -29.13
N ASP K 40 -15.56 -37.83 -28.00
CA ASP K 40 -14.43 -36.92 -27.95
C ASP K 40 -14.74 -35.57 -28.59
N LEU K 41 -15.82 -34.94 -28.12
CA LEU K 41 -16.17 -33.58 -28.50
C LEU K 41 -16.40 -32.77 -27.23
N PRO K 42 -15.32 -32.45 -26.48
CA PRO K 42 -15.43 -31.92 -25.13
C PRO K 42 -15.98 -30.49 -24.97
N GLN K 43 -15.90 -29.65 -26.00
CA GLN K 43 -16.51 -28.32 -25.93
C GLN K 43 -18.00 -28.42 -26.02
N LEU K 44 -18.47 -29.27 -26.94
CA LEU K 44 -19.87 -29.59 -27.07
C LEU K 44 -20.40 -30.17 -25.76
N ALA K 45 -19.63 -31.11 -25.20
CA ALA K 45 -19.99 -31.78 -23.96
C ALA K 45 -20.08 -30.77 -22.83
N LYS K 46 -19.11 -29.86 -22.76
CA LYS K 46 -19.05 -28.85 -21.73
C LYS K 46 -20.30 -27.99 -21.77
N HIS K 47 -20.68 -27.54 -22.97
CA HIS K 47 -21.87 -26.74 -23.15
C HIS K 47 -23.12 -27.45 -22.68
N PHE K 48 -23.25 -28.73 -23.03
CA PHE K 48 -24.44 -29.46 -22.65
C PHE K 48 -24.52 -29.85 -21.18
N TYR K 49 -23.37 -30.04 -20.54
CA TYR K 49 -23.26 -30.24 -19.07
C TYR K 49 -23.70 -28.96 -18.37
N SER K 50 -23.43 -27.80 -18.97
CA SER K 50 -23.93 -26.54 -18.44
C SER K 50 -25.45 -26.42 -18.63
N GLN K 51 -25.95 -26.88 -19.79
CA GLN K 51 -27.38 -26.81 -20.10
C GLN K 51 -28.23 -27.70 -19.24
N ALA K 52 -27.68 -28.84 -18.83
CA ALA K 52 -28.38 -29.77 -17.95
C ALA K 52 -28.59 -29.13 -16.57
N VAL K 53 -27.56 -28.42 -16.10
CA VAL K 53 -27.62 -27.68 -14.86
C VAL K 53 -28.66 -26.60 -14.97
N GLU K 54 -28.68 -25.91 -16.11
CA GLU K 54 -29.63 -24.83 -16.34
C GLU K 54 -31.07 -25.36 -16.31
N GLU K 55 -31.29 -26.54 -16.87
CA GLU K 55 -32.61 -27.14 -16.96
C GLU K 55 -33.09 -27.61 -15.59
N ARG K 56 -32.17 -28.19 -14.80
CA ARG K 56 -32.43 -28.58 -13.39
C ARG K 56 -32.80 -27.33 -12.58
N ASN K 57 -32.10 -26.23 -12.82
CA ASN K 57 -32.42 -24.97 -12.18
C ASN K 57 -33.82 -24.48 -12.52
N HIS K 58 -34.23 -24.64 -13.77
CA HIS K 58 -35.58 -24.30 -14.19
C HIS K 58 -36.62 -25.13 -13.44
N ALA K 59 -36.35 -26.43 -13.33
CA ALA K 59 -37.23 -27.33 -12.60
C ALA K 59 -37.37 -26.89 -11.14
N MET K 60 -36.24 -26.53 -10.53
CA MET K 60 -36.21 -26.03 -9.17
C MET K 60 -36.99 -24.72 -9.02
N MET K 61 -36.96 -23.88 -10.06
CA MET K 61 -37.70 -22.61 -10.05
C MET K 61 -39.19 -22.86 -10.03
N LEU K 62 -39.65 -23.80 -10.86
CA LEU K 62 -41.05 -24.20 -10.89
C LEU K 62 -41.49 -24.77 -9.55
N VAL K 63 -40.66 -25.66 -8.99
CA VAL K 63 -40.90 -26.25 -7.68
C VAL K 63 -41.05 -25.18 -6.61
N GLN K 64 -40.12 -24.22 -6.59
CA GLN K 64 -40.10 -23.12 -5.63
C GLN K 64 -41.34 -22.28 -5.74
N HIS K 65 -41.83 -22.09 -6.97
CA HIS K 65 -43.07 -21.36 -7.19
C HIS K 65 -44.26 -22.06 -6.61
N LEU K 66 -44.28 -23.39 -6.71
CA LEU K 66 -45.36 -24.15 -6.08
C LEU K 66 -45.28 -24.06 -4.56
N LEU K 67 -44.06 -24.11 -4.02
CA LEU K 67 -43.83 -24.01 -2.58
C LEU K 67 -44.27 -22.67 -2.02
N ASP K 68 -44.09 -21.59 -2.80
CA ASP K 68 -44.43 -20.23 -2.38
C ASP K 68 -45.93 -19.99 -2.28
N ARG K 69 -46.69 -20.55 -3.22
CA ARG K 69 -48.16 -20.42 -3.27
C ARG K 69 -48.84 -21.53 -2.47
N ASP K 70 -48.05 -22.33 -1.74
CA ASP K 70 -48.54 -23.36 -0.81
C ASP K 70 -49.44 -24.39 -1.44
N LEU K 71 -49.20 -24.70 -2.72
CA LEU K 71 -49.88 -25.79 -3.40
C LEU K 71 -48.99 -27.01 -3.25
N ARG K 72 -49.63 -28.18 -3.24
CA ARG K 72 -48.89 -29.46 -3.09
C ARG K 72 -48.07 -29.67 -4.35
N VAL K 73 -46.88 -30.24 -4.19
CA VAL K 73 -46.02 -30.45 -5.33
C VAL K 73 -45.32 -31.79 -5.11
N GLU K 74 -45.26 -32.59 -6.18
CA GLU K 74 -44.61 -33.88 -6.20
C GLU K 74 -43.31 -33.67 -6.92
N ILE K 75 -42.23 -34.23 -6.39
CA ILE K 75 -40.99 -34.36 -7.14
C ILE K 75 -41.10 -35.71 -7.85
N PRO K 76 -41.26 -35.73 -9.18
CA PRO K 76 -41.60 -36.96 -9.90
C PRO K 76 -40.36 -37.76 -10.34
N GLY K 77 -40.60 -38.93 -10.93
CA GLY K 77 -39.58 -39.70 -11.59
C GLY K 77 -39.34 -39.11 -12.95
N VAL K 78 -38.42 -39.73 -13.69
CA VAL K 78 -38.02 -39.27 -15.02
C VAL K 78 -38.15 -40.46 -15.95
N ASP K 79 -38.62 -40.21 -17.17
CA ASP K 79 -38.80 -41.28 -18.14
C ASP K 79 -37.45 -41.63 -18.68
N THR K 80 -37.36 -42.76 -19.41
CA THR K 80 -36.13 -43.11 -20.08
C THR K 80 -35.88 -42.09 -21.19
N VAL K 81 -34.64 -41.61 -21.26
CA VAL K 81 -34.21 -40.65 -22.24
C VAL K 81 -33.37 -41.40 -23.27
N ARG K 82 -33.10 -40.74 -24.40
CA ARG K 82 -32.41 -41.33 -25.56
C ARG K 82 -30.89 -41.28 -25.35
N ASN K 83 -30.19 -42.38 -25.70
CA ASN K 83 -28.73 -42.45 -25.62
C ASN K 83 -28.03 -42.76 -26.94
N GLN K 84 -28.69 -43.51 -27.83
CA GLN K 84 -28.13 -43.86 -29.13
C GLN K 84 -28.29 -42.69 -30.10
N PHE K 85 -27.18 -42.31 -30.72
CA PHE K 85 -27.16 -41.38 -31.81
C PHE K 85 -26.12 -41.88 -32.75
N ASP K 86 -26.42 -41.87 -34.05
CA ASP K 86 -25.49 -42.36 -35.06
C ASP K 86 -24.44 -41.31 -35.45
N ARG K 87 -24.78 -40.03 -35.36
CA ARG K 87 -23.86 -38.89 -35.64
C ARG K 87 -24.23 -37.71 -34.74
N PRO K 88 -23.29 -36.76 -34.51
CA PRO K 88 -23.58 -35.59 -33.66
C PRO K 88 -24.74 -34.68 -34.09
N ARG K 89 -25.00 -34.63 -35.40
CA ARG K 89 -26.05 -33.77 -35.99
C ARG K 89 -27.41 -34.17 -35.40
N GLU K 90 -27.63 -35.47 -35.18
CA GLU K 90 -28.90 -35.96 -34.67
C GLU K 90 -29.14 -35.59 -33.21
N ALA K 91 -28.08 -35.61 -32.40
CA ALA K 91 -28.19 -35.27 -31.00
C ALA K 91 -28.47 -33.79 -30.85
N LEU K 92 -27.80 -32.99 -31.68
CA LEU K 92 -28.06 -31.56 -31.72
C LEU K 92 -29.49 -31.26 -32.18
N ALA K 93 -29.97 -32.04 -33.16
CA ALA K 93 -31.33 -31.88 -33.67
C ALA K 93 -32.33 -32.24 -32.59
N LEU K 94 -32.00 -33.23 -31.76
CA LEU K 94 -32.85 -33.65 -30.66
C LEU K 94 -32.94 -32.55 -29.63
N ALA K 95 -31.81 -31.91 -29.33
CA ALA K 95 -31.79 -30.78 -28.40
C ALA K 95 -32.68 -29.65 -28.89
N LEU K 96 -32.50 -29.26 -30.15
CA LEU K 96 -33.29 -28.23 -30.80
C LEU K 96 -34.79 -28.53 -30.73
N ASP K 97 -35.13 -29.77 -31.07
CA ASP K 97 -36.49 -30.28 -31.01
C ASP K 97 -37.06 -30.09 -29.60
N GLN K 98 -36.30 -30.57 -28.60
CA GLN K 98 -36.71 -30.54 -27.22
C GLN K 98 -37.02 -29.13 -26.82
N GLU K 99 -36.15 -28.19 -27.20
CA GLU K 99 -36.31 -26.82 -26.79
C GLU K 99 -37.52 -26.15 -27.45
N ARG K 100 -37.80 -26.51 -28.70
CA ARG K 100 -39.04 -26.03 -29.38
C ARG K 100 -40.26 -26.56 -28.64
N THR K 101 -40.20 -27.81 -28.19
CA THR K 101 -41.29 -28.39 -27.41
C THR K 101 -41.46 -27.60 -26.13
N VAL K 102 -40.37 -27.40 -25.39
CA VAL K 102 -40.39 -26.66 -24.13
C VAL K 102 -41.03 -25.28 -24.31
N THR K 103 -40.69 -24.61 -25.41
CA THR K 103 -41.29 -23.32 -25.75
C THR K 103 -42.79 -23.42 -25.89
N ASP K 104 -43.25 -24.44 -26.62
CA ASP K 104 -44.69 -24.65 -26.79
C ASP K 104 -45.41 -24.98 -25.50
N GLN K 105 -44.76 -25.74 -24.63
CA GLN K 105 -45.27 -26.10 -23.31
C GLN K 105 -45.45 -24.89 -22.42
N VAL K 106 -44.43 -24.02 -22.37
CA VAL K 106 -44.48 -22.80 -21.59
C VAL K 106 -45.56 -21.86 -22.15
N GLY K 107 -45.71 -21.85 -23.47
CA GLY K 107 -46.79 -21.14 -24.11
C GLY K 107 -48.15 -21.62 -23.62
N ARG K 108 -48.29 -22.94 -23.54
CA ARG K 108 -49.53 -23.64 -23.12
C ARG K 108 -49.84 -23.27 -21.68
N LEU K 109 -48.82 -23.20 -20.83
CA LEU K 109 -48.96 -22.76 -19.44
C LEU K 109 -49.43 -21.32 -19.29
N THR K 110 -48.82 -20.41 -20.06
CA THR K 110 -49.21 -19.01 -20.03
C THR K 110 -50.66 -18.86 -20.45
N ALA K 111 -51.05 -19.63 -21.47
CA ALA K 111 -52.42 -19.61 -21.99
C ALA K 111 -53.43 -20.12 -20.97
N VAL K 112 -53.12 -21.25 -20.32
CA VAL K 112 -54.04 -21.83 -19.35
C VAL K 112 -54.15 -20.95 -18.10
N ALA K 113 -53.06 -20.29 -17.73
CA ALA K 113 -53.03 -19.36 -16.62
C ALA K 113 -53.92 -18.18 -16.91
N ARG K 114 -53.84 -17.68 -18.14
CA ARG K 114 -54.61 -16.48 -18.56
C ARG K 114 -56.08 -16.84 -18.71
N ASP K 115 -56.39 -18.07 -19.11
CA ASP K 115 -57.77 -18.51 -19.18
C ASP K 115 -58.41 -18.47 -17.79
N GLU K 116 -57.79 -19.14 -16.82
CA GLU K 116 -58.37 -19.29 -15.48
C GLU K 116 -58.07 -18.17 -14.50
N GLY K 117 -57.62 -17.02 -15.01
CA GLY K 117 -57.42 -15.83 -14.22
C GLY K 117 -56.46 -15.99 -13.06
N ASP K 118 -55.35 -16.70 -13.30
CA ASP K 118 -54.30 -16.89 -12.30
C ASP K 118 -53.17 -15.91 -12.62
N PHE K 119 -53.28 -14.71 -12.08
CA PHE K 119 -52.42 -13.60 -12.43
C PHE K 119 -50.97 -13.76 -11.98
N LEU K 120 -50.79 -14.39 -10.82
CA LEU K 120 -49.48 -14.78 -10.32
C LEU K 120 -48.86 -15.79 -11.28
N GLY K 121 -49.67 -16.74 -11.73
CA GLY K 121 -49.23 -17.74 -12.69
C GLY K 121 -48.90 -17.18 -14.05
N GLU K 122 -49.69 -16.21 -14.52
CA GLU K 122 -49.43 -15.53 -15.77
C GLU K 122 -48.07 -14.88 -15.66
N GLN K 123 -47.87 -14.14 -14.58
CA GLN K 123 -46.68 -13.31 -14.40
C GLN K 123 -45.41 -14.12 -14.22
N PHE K 124 -45.51 -15.26 -13.53
CA PHE K 124 -44.35 -16.04 -13.16
C PHE K 124 -43.57 -16.56 -14.35
N MET K 125 -44.25 -16.80 -15.47
CA MET K 125 -43.68 -17.52 -16.60
C MET K 125 -43.23 -16.67 -17.78
N GLN K 126 -43.23 -15.36 -17.56
CA GLN K 126 -42.72 -14.42 -18.53
C GLN K 126 -41.21 -14.63 -18.64
N TRP K 127 -40.60 -14.98 -17.51
CA TRP K 127 -39.16 -15.19 -17.47
C TRP K 127 -38.78 -16.43 -18.25
N PHE K 128 -39.66 -17.43 -18.22
CA PHE K 128 -39.46 -18.66 -18.96
C PHE K 128 -39.57 -18.43 -20.45
N LEU K 129 -40.52 -17.58 -20.86
CA LEU K 129 -40.63 -17.17 -22.27
C LEU K 129 -39.35 -16.46 -22.75
N GLN K 130 -38.86 -15.54 -21.93
CA GLN K 130 -37.62 -14.81 -22.20
C GLN K 130 -36.45 -15.74 -22.40
N GLU K 131 -36.34 -16.75 -21.52
CA GLU K 131 -35.24 -17.70 -21.60
C GLU K 131 -35.33 -18.59 -22.81
N GLN K 132 -36.56 -18.95 -23.18
CA GLN K 132 -36.78 -19.75 -24.37
C GLN K 132 -36.36 -19.08 -25.67
N ILE K 133 -36.54 -17.76 -25.76
CA ILE K 133 -36.10 -17.02 -26.94
C ILE K 133 -34.62 -17.32 -27.22
N GLU K 134 -33.77 -16.94 -26.26
CA GLU K 134 -32.32 -17.04 -26.38
C GLU K 134 -31.85 -18.48 -26.48
N GLU K 135 -32.53 -19.38 -25.75
CA GLU K 135 -32.18 -20.80 -25.73
C GLU K 135 -32.42 -21.50 -27.07
N VAL K 136 -33.60 -21.30 -27.66
CA VAL K 136 -33.91 -21.87 -28.96
C VAL K 136 -33.03 -21.23 -30.04
N ALA K 137 -32.70 -19.95 -29.84
CA ALA K 137 -31.80 -19.25 -30.75
C ALA K 137 -30.46 -19.96 -30.81
N LEU K 138 -29.90 -20.23 -29.63
CA LEU K 138 -28.60 -20.87 -29.50
C LEU K 138 -28.58 -22.27 -30.10
N MET K 139 -29.63 -23.05 -29.80
CA MET K 139 -29.76 -24.40 -30.34
C MET K 139 -29.85 -24.44 -31.85
N ALA K 140 -30.65 -23.53 -32.43
CA ALA K 140 -30.81 -23.44 -33.87
C ALA K 140 -29.49 -23.10 -34.53
N THR K 141 -28.75 -22.16 -33.90
CA THR K 141 -27.44 -21.76 -34.38
C THR K 141 -26.49 -22.96 -34.43
N LEU K 142 -26.46 -23.74 -33.34
CA LEU K 142 -25.62 -24.94 -33.28
C LEU K 142 -25.96 -26.00 -34.32
N VAL K 143 -27.26 -26.18 -34.59
CA VAL K 143 -27.70 -27.17 -35.57
C VAL K 143 -27.29 -26.76 -36.99
N ARG K 144 -27.44 -25.47 -37.30
CA ARG K 144 -27.06 -24.89 -38.62
C ARG K 144 -25.55 -24.97 -38.81
N VAL K 145 -24.78 -24.67 -37.76
CA VAL K 145 -23.32 -24.76 -37.81
C VAL K 145 -22.88 -26.21 -38.00
N ALA K 146 -23.58 -27.15 -37.36
CA ALA K 146 -23.30 -28.58 -37.49
C ALA K 146 -23.58 -29.08 -38.90
N ASP K 147 -24.57 -28.49 -39.56
CA ASP K 147 -24.82 -28.80 -40.97
C ASP K 147 -23.75 -28.24 -41.92
N ARG K 148 -23.29 -27.00 -41.68
CA ARG K 148 -22.20 -26.36 -42.48
C ARG K 148 -20.90 -27.13 -42.31
N ALA K 149 -20.63 -27.64 -41.10
CA ALA K 149 -19.41 -28.37 -40.82
C ALA K 149 -19.44 -29.75 -41.48
N GLY K 150 -20.59 -30.41 -41.47
CA GLY K 150 -20.73 -31.75 -42.01
C GLY K 150 -19.92 -32.73 -41.17
N ALA K 151 -19.23 -33.65 -41.85
CA ALA K 151 -18.45 -34.67 -41.17
C ALA K 151 -17.20 -34.14 -40.44
N ASN K 152 -16.69 -32.98 -40.90
CA ASN K 152 -15.54 -32.32 -40.28
C ASN K 152 -15.95 -31.64 -38.98
N LEU K 153 -15.82 -32.37 -37.86
CA LEU K 153 -16.38 -31.97 -36.59
C LEU K 153 -15.55 -30.96 -35.79
N PHE K 154 -14.27 -30.82 -36.16
CA PHE K 154 -13.40 -29.89 -35.46
C PHE K 154 -13.80 -28.44 -35.61
N GLU K 155 -14.44 -28.10 -36.73
CA GLU K 155 -14.86 -26.74 -37.00
C GLU K 155 -16.09 -26.37 -36.17
N LEU K 156 -16.99 -27.34 -36.00
CA LEU K 156 -18.08 -27.25 -35.02
C LEU K 156 -17.51 -27.03 -33.62
N GLU K 157 -16.49 -27.82 -33.29
CA GLU K 157 -15.80 -27.74 -32.01
C GLU K 157 -15.25 -26.33 -31.74
N ASN K 158 -14.58 -25.76 -32.75
CA ASN K 158 -14.01 -24.42 -32.65
C ASN K 158 -15.05 -23.33 -32.55
N PHE K 159 -16.16 -23.51 -33.28
CA PHE K 159 -17.27 -22.56 -33.20
C PHE K 159 -17.86 -22.52 -31.81
N VAL K 160 -18.07 -23.70 -31.20
CA VAL K 160 -18.58 -23.79 -29.84
C VAL K 160 -17.59 -23.16 -28.87
N ALA K 161 -16.30 -23.37 -29.10
CA ALA K 161 -15.26 -22.88 -28.20
C ALA K 161 -15.14 -21.36 -28.17
N ARG K 162 -15.14 -20.73 -29.34
CA ARG K 162 -14.87 -19.26 -29.48
C ARG K 162 -16.15 -18.46 -29.26
N GLU K 163 -17.28 -18.89 -29.81
CA GLU K 163 -18.44 -18.02 -29.98
C GLU K 163 -19.59 -18.26 -29.02
N VAL K 164 -19.80 -19.53 -28.64
CA VAL K 164 -20.82 -19.89 -27.67
C VAL K 164 -20.20 -19.85 -26.29
N ASP K 165 -20.73 -18.96 -25.44
CA ASP K 165 -20.26 -18.79 -24.08
C ASP K 165 -21.47 -18.78 -23.18
N VAL K 166 -21.36 -19.45 -22.05
CA VAL K 166 -22.35 -19.37 -20.98
C VAL K 166 -21.93 -18.22 -20.06
N ALA K 167 -22.43 -17.01 -20.40
CA ALA K 167 -22.15 -15.77 -19.67
C ALA K 167 -22.82 -15.85 -18.29
N PRO K 168 -22.42 -15.01 -17.32
CA PRO K 168 -23.10 -14.95 -16.04
C PRO K 168 -24.60 -14.69 -16.27
N ALA K 169 -25.46 -15.41 -15.52
CA ALA K 169 -26.90 -15.24 -15.61
C ALA K 169 -27.25 -13.85 -15.14
N ALA K 170 -28.21 -13.22 -15.84
CA ALA K 170 -28.68 -11.91 -15.50
C ALA K 170 -29.67 -12.07 -14.38
N SER K 171 -30.05 -10.95 -13.77
CA SER K 171 -31.13 -10.92 -12.80
C SER K 171 -32.48 -11.09 -13.52
N GLY K 172 -33.56 -11.07 -12.74
CA GLY K 172 -34.90 -11.28 -13.23
C GLY K 172 -35.27 -12.73 -13.08
N ALA K 173 -34.25 -13.59 -12.87
CA ALA K 173 -34.46 -15.00 -12.68
C ALA K 173 -35.15 -15.18 -11.34
N PRO K 174 -36.29 -15.88 -11.28
CA PRO K 174 -36.97 -16.12 -10.01
C PRO K 174 -36.13 -17.08 -9.15
N HIS K 175 -36.47 -17.19 -7.85
N HIS K 175 -36.47 -17.19 -7.85
CA HIS K 175 -35.72 -18.01 -6.92
CA HIS K 175 -35.73 -18.02 -6.93
C HIS K 175 -35.95 -19.48 -7.24
C HIS K 175 -35.95 -19.48 -7.24
N ALA K 176 -34.86 -20.25 -7.23
CA ALA K 176 -34.89 -21.68 -7.45
C ALA K 176 -34.76 -22.35 -6.09
N ALA K 177 -35.54 -23.41 -5.89
CA ALA K 177 -35.56 -24.15 -4.64
C ALA K 177 -34.18 -24.76 -4.42
N GLY K 178 -33.57 -24.39 -3.28
CA GLY K 178 -32.26 -24.89 -2.91
C GLY K 178 -31.14 -24.15 -3.58
N GLY K 179 -31.41 -22.90 -3.97
CA GLY K 179 -30.42 -22.05 -4.55
C GLY K 179 -30.18 -22.44 -5.98
N ARG K 180 -30.13 -21.45 -6.85
CA ARG K 180 -29.71 -21.58 -8.27
C ARG K 180 -28.29 -22.14 -8.28
N LEU K 181 -28.04 -23.17 -9.10
CA LEU K 181 -26.70 -23.66 -9.34
C LEU K 181 -26.12 -22.92 -10.54
N GLU L 5 -25.63 -58.21 25.34
CA GLU L 5 -25.27 -56.77 25.11
C GLU L 5 -25.30 -56.36 23.61
N GLY L 6 -25.34 -57.36 22.71
CA GLY L 6 -25.35 -57.19 21.26
C GLY L 6 -24.28 -58.02 20.56
N PRO L 7 -24.52 -58.50 19.31
CA PRO L 7 -23.54 -59.34 18.60
C PRO L 7 -22.35 -58.56 18.01
N LYS L 8 -21.14 -58.81 18.53
CA LYS L 8 -19.92 -58.22 18.02
C LYS L 8 -19.32 -59.07 16.92
N THR L 9 -19.12 -58.48 15.74
CA THR L 9 -18.24 -59.05 14.72
C THR L 9 -16.80 -58.91 15.21
N LYS L 10 -15.90 -59.78 14.74
CA LYS L 10 -14.52 -59.76 15.27
C LYS L 10 -13.64 -58.67 14.70
N PHE L 11 -14.10 -58.01 13.63
CA PHE L 11 -13.45 -56.77 13.20
C PHE L 11 -13.62 -55.71 14.27
N HIS L 12 -14.84 -55.57 14.78
CA HIS L 12 -15.15 -54.64 15.85
C HIS L 12 -14.37 -55.03 17.10
N ALA L 13 -14.42 -56.31 17.44
CA ALA L 13 -13.78 -56.82 18.65
C ALA L 13 -12.25 -56.69 18.64
N LEU L 14 -11.65 -56.64 17.44
CA LEU L 14 -10.21 -56.57 17.29
C LEU L 14 -9.73 -55.15 17.12
N MET L 15 -10.62 -54.31 16.57
CA MET L 15 -10.36 -52.89 16.44
C MET L 15 -10.39 -52.19 17.80
N GLN L 16 -11.20 -52.70 18.73
CA GLN L 16 -11.17 -52.25 20.11
C GLN L 16 -9.79 -52.50 20.71
N GLU L 17 -9.28 -53.73 20.47
CA GLU L 17 -7.94 -54.12 20.90
C GLU L 17 -6.88 -53.21 20.31
N GLN L 18 -7.08 -52.79 19.05
CA GLN L 18 -6.14 -51.92 18.39
C GLN L 18 -6.14 -50.53 18.98
N ILE L 19 -7.32 -50.07 19.43
CA ILE L 19 -7.42 -48.78 20.11
C ILE L 19 -6.54 -48.83 21.36
N HIS L 20 -6.65 -49.93 22.10
CA HIS L 20 -5.85 -50.17 23.28
C HIS L 20 -4.36 -50.15 22.97
N ASN L 21 -3.99 -50.81 21.87
CA ASN L 21 -2.61 -50.86 21.42
C ASN L 21 -2.02 -49.52 21.07
N GLU L 22 -2.78 -48.69 20.34
CA GLU L 22 -2.29 -47.38 19.93
C GLU L 22 -2.11 -46.45 21.12
N PHE L 23 -3.02 -46.55 22.10
CA PHE L 23 -2.87 -45.80 23.34
C PHE L 23 -1.60 -46.18 24.11
N THR L 24 -1.34 -47.49 24.22
CA THR L 24 -0.13 -47.98 24.89
C THR L 24 1.13 -47.57 24.13
N ALA L 25 1.03 -47.56 22.79
CA ALA L 25 2.13 -47.18 21.93
C ALA L 25 2.49 -45.71 22.12
N ALA L 26 1.45 -44.87 22.27
CA ALA L 26 1.65 -43.45 22.52
C ALA L 26 2.36 -43.24 23.85
N GLN L 27 1.92 -43.96 24.88
CA GLN L 27 2.55 -43.85 26.20
C GLN L 27 4.00 -44.33 26.19
N GLN L 28 4.27 -45.36 25.40
CA GLN L 28 5.63 -45.88 25.21
C GLN L 28 6.53 -44.87 24.53
N TYR L 29 6.00 -44.16 23.52
CA TYR L 29 6.72 -43.05 22.84
C TYR L 29 7.01 -41.93 23.85
N VAL L 30 6.04 -41.62 24.73
CA VAL L 30 6.29 -40.59 25.74
C VAL L 30 7.43 -41.04 26.64
N ALA L 31 7.45 -42.31 27.03
CA ALA L 31 8.49 -42.83 27.92
C ALA L 31 9.88 -42.78 27.27
N ILE L 32 9.94 -43.15 26.00
CA ILE L 32 11.16 -43.10 25.21
C ILE L 32 11.69 -41.68 25.12
N ALA L 33 10.80 -40.74 24.80
CA ALA L 33 11.12 -39.30 24.71
C ALA L 33 11.59 -38.72 26.04
N VAL L 34 11.01 -39.19 27.14
CA VAL L 34 11.38 -38.72 28.46
C VAL L 34 12.77 -39.22 28.84
N TYR L 35 13.08 -40.47 28.47
CA TYR L 35 14.43 -41.05 28.65
C TYR L 35 15.46 -40.25 27.84
N PHE L 36 15.11 -39.90 26.60
CA PHE L 36 15.98 -39.09 25.76
C PHE L 36 16.16 -37.68 26.31
N ASP L 37 15.15 -37.15 26.99
CA ASP L 37 15.20 -35.80 27.54
C ASP L 37 16.05 -35.76 28.80
N SER L 38 16.07 -36.86 29.55
CA SER L 38 16.88 -36.97 30.75
C SER L 38 18.36 -37.15 30.41
N GLU L 39 18.63 -37.86 29.30
CA GLU L 39 20.00 -38.08 28.83
C GLU L 39 20.55 -36.98 27.94
N ASP L 40 19.88 -35.82 27.91
CA ASP L 40 20.33 -34.64 27.19
C ASP L 40 20.52 -34.90 25.70
N LEU L 41 19.47 -35.42 25.06
CA LEU L 41 19.44 -35.59 23.61
C LEU L 41 18.16 -34.94 23.10
N PRO L 42 18.06 -33.60 23.11
CA PRO L 42 16.80 -32.89 22.90
C PRO L 42 16.20 -32.94 21.48
N GLN L 43 17.00 -33.19 20.45
CA GLN L 43 16.44 -33.34 19.10
C GLN L 43 15.73 -34.66 18.97
N LEU L 44 16.36 -35.71 19.52
CA LEU L 44 15.76 -37.02 19.61
C LEU L 44 14.46 -36.94 20.40
N ALA L 45 14.52 -36.25 21.54
CA ALA L 45 13.38 -36.09 22.42
C ALA L 45 12.25 -35.36 21.69
N LYS L 46 12.60 -34.30 20.97
CA LYS L 46 11.65 -33.50 20.23
C LYS L 46 10.90 -34.36 19.23
N HIS L 47 11.65 -35.17 18.47
CA HIS L 47 11.06 -36.07 17.50
C HIS L 47 10.08 -37.04 18.12
N PHE L 48 10.47 -37.63 19.25
CA PHE L 48 9.60 -38.60 19.89
C PHE L 48 8.38 -38.03 20.59
N TYR L 49 8.49 -36.79 21.08
CA TYR L 49 7.35 -36.02 21.63
C TYR L 49 6.36 -35.74 20.49
N SER L 50 6.86 -35.53 19.27
CA SER L 50 6.00 -35.40 18.12
C SER L 50 5.33 -36.73 17.76
N GLN L 51 6.09 -37.83 17.86
CA GLN L 51 5.58 -39.17 17.53
C GLN L 51 4.51 -39.65 18.48
N ALA L 52 4.61 -39.26 19.74
CA ALA L 52 3.62 -39.62 20.75
C ALA L 52 2.27 -38.97 20.42
N VAL L 53 2.34 -37.71 19.99
CA VAL L 53 1.18 -36.96 19.55
C VAL L 53 0.58 -37.63 18.34
N GLU L 54 1.43 -38.05 17.41
CA GLU L 54 0.97 -38.71 16.19
C GLU L 54 0.25 -40.02 16.52
N GLU L 55 0.76 -40.76 17.50
CA GLU L 55 0.20 -42.05 17.88
C GLU L 55 -1.14 -41.88 18.58
N ARG L 56 -1.24 -40.85 19.45
CA ARG L 56 -2.51 -40.46 20.11
C ARG L 56 -3.54 -40.07 19.05
N ASN L 57 -3.11 -39.35 18.02
CA ASN L 57 -3.97 -39.00 16.91
C ASN L 57 -4.50 -40.22 16.17
N HIS L 58 -3.65 -41.23 15.99
CA HIS L 58 -4.06 -42.49 15.38
C HIS L 58 -5.13 -43.17 16.22
N ALA L 59 -4.92 -43.20 17.53
CA ALA L 59 -5.89 -43.77 18.46
C ALA L 59 -7.24 -43.07 18.34
N MET L 60 -7.19 -41.73 18.29
CA MET L 60 -8.37 -40.91 18.13
C MET L 60 -9.09 -41.18 16.80
N MET L 61 -8.31 -41.48 15.75
CA MET L 61 -8.87 -41.80 14.43
C MET L 61 -9.65 -43.09 14.48
N LEU L 62 -9.08 -44.11 15.13
CA LEU L 62 -9.75 -45.38 15.32
C LEU L 62 -11.04 -45.22 16.12
N VAL L 63 -10.95 -44.46 17.21
CA VAL L 63 -12.10 -44.14 18.06
C VAL L 63 -13.21 -43.48 17.25
N GLN L 64 -12.85 -42.47 16.45
CA GLN L 64 -13.78 -41.72 15.62
C GLN L 64 -14.46 -42.61 14.62
N HIS L 65 -13.71 -43.59 14.09
CA HIS L 65 -14.28 -44.56 13.16
C HIS L 65 -15.32 -45.43 13.81
N LEU L 66 -15.08 -45.80 15.07
CA LEU L 66 -16.08 -46.57 15.81
C LEU L 66 -17.32 -45.73 16.08
N LEU L 67 -17.11 -44.45 16.42
CA LEU L 67 -18.21 -43.53 16.68
C LEU L 67 -19.09 -43.30 15.46
N ASP L 68 -18.47 -43.28 14.27
CA ASP L 68 -19.17 -43.04 13.01
C ASP L 68 -20.09 -44.19 12.60
N ARG L 69 -19.64 -45.41 12.82
CA ARG L 69 -20.40 -46.64 12.48
C ARG L 69 -21.29 -47.07 13.65
N ASP L 70 -21.38 -46.23 14.69
CA ASP L 70 -22.29 -46.42 15.83
C ASP L 70 -22.11 -47.74 16.55
N LEU L 71 -20.87 -48.24 16.59
CA LEU L 71 -20.53 -49.41 17.40
C LEU L 71 -20.03 -48.87 18.73
N ARG L 72 -20.23 -49.68 19.77
CA ARG L 72 -19.79 -49.28 21.14
C ARG L 72 -18.28 -49.28 21.17
N VAL L 73 -17.70 -48.34 21.91
CA VAL L 73 -16.26 -48.24 21.96
C VAL L 73 -15.90 -47.86 23.39
N GLU L 74 -14.88 -48.53 23.92
CA GLU L 74 -14.35 -48.29 25.25
C GLU L 74 -13.08 -47.52 25.06
N ILE L 75 -12.88 -46.48 25.87
CA ILE L 75 -11.58 -45.85 25.99
C ILE L 75 -10.87 -46.61 27.11
N PRO L 76 -9.84 -47.42 26.80
CA PRO L 76 -9.26 -48.35 27.77
C PRO L 76 -8.13 -47.73 28.60
N GLY L 77 -7.62 -48.49 29.56
CA GLY L 77 -6.42 -48.15 30.29
C GLY L 77 -5.23 -48.48 29.44
N VAL L 78 -4.04 -48.23 29.99
CA VAL L 78 -2.78 -48.45 29.29
C VAL L 78 -1.92 -49.30 30.21
N ASP L 79 -1.19 -50.25 29.62
CA ASP L 79 -0.33 -51.13 30.40
C ASP L 79 0.89 -50.35 30.80
N THR L 80 1.68 -50.90 31.73
CA THR L 80 2.95 -50.29 32.07
C THR L 80 3.88 -50.39 30.87
N VAL L 81 4.54 -49.28 30.56
CA VAL L 81 5.47 -49.19 29.46
C VAL L 81 6.87 -49.18 30.06
N ARG L 82 7.88 -49.36 29.19
CA ARG L 82 9.29 -49.49 29.59
C ARG L 82 9.92 -48.11 29.80
N ASN L 83 10.73 -47.96 30.86
CA ASN L 83 11.45 -46.72 31.15
C ASN L 83 12.97 -46.86 31.23
N GLN L 84 13.45 -48.03 31.66
CA GLN L 84 14.88 -48.30 31.78
C GLN L 84 15.46 -48.64 30.41
N PHE L 85 16.52 -47.92 30.05
CA PHE L 85 17.32 -48.23 28.90
C PHE L 85 18.73 -47.95 29.30
N ASP L 86 19.65 -48.85 28.95
CA ASP L 86 21.06 -48.69 29.31
C ASP L 86 21.81 -47.76 28.36
N ARG L 87 21.39 -47.70 27.09
CA ARG L 87 21.97 -46.80 26.06
C ARG L 87 20.88 -46.38 25.08
N PRO L 88 21.06 -45.26 24.34
CA PRO L 88 20.05 -44.80 23.37
C PRO L 88 19.68 -45.77 22.24
N ARG L 89 20.62 -46.63 21.86
CA ARG L 89 20.45 -47.60 20.75
C ARG L 89 19.28 -48.54 21.09
N GLU L 90 19.14 -48.91 22.36
CA GLU L 90 18.10 -49.84 22.78
C GLU L 90 16.71 -49.23 22.73
N ALA L 91 16.60 -47.94 23.08
CA ALA L 91 15.32 -47.25 23.06
C ALA L 91 14.86 -47.07 21.63
N LEU L 92 15.81 -46.73 20.76
CA LEU L 92 15.52 -46.64 19.33
C LEU L 92 15.11 -47.99 18.75
N ALA L 93 15.77 -49.06 19.21
CA ALA L 93 15.45 -50.41 18.76
C ALA L 93 14.06 -50.79 19.21
N LEU L 94 13.67 -50.34 20.41
CA LEU L 94 12.35 -50.59 20.96
C LEU L 94 11.30 -49.90 20.12
N ALA L 95 11.57 -48.66 19.72
CA ALA L 95 10.66 -47.91 18.85
C ALA L 95 10.45 -48.63 17.53
N LEU L 96 11.56 -49.01 16.89
CA LEU L 96 11.54 -49.76 15.64
C LEU L 96 10.73 -51.04 15.75
N ASP L 97 10.99 -51.79 16.82
CA ASP L 97 10.28 -53.02 17.14
C ASP L 97 8.77 -52.74 17.21
N GLN L 98 8.40 -51.73 18.01
CA GLN L 98 7.02 -51.38 18.24
C GLN L 98 6.34 -51.10 16.93
N GLU L 99 7.00 -50.34 16.05
CA GLU L 99 6.40 -49.95 14.80
C GLU L 99 6.22 -51.13 13.84
N ARG L 100 7.16 -52.07 13.86
CA ARG L 100 7.02 -53.33 13.08
C ARG L 100 5.81 -54.11 13.60
N THR L 101 5.62 -54.13 14.92
CA THR L 101 4.46 -54.79 15.51
C THR L 101 3.20 -54.11 15.02
N VAL L 102 3.14 -52.78 15.14
CA VAL L 102 1.98 -52.00 14.72
C VAL L 102 1.61 -52.30 13.26
N THR L 103 2.63 -52.41 12.41
CA THR L 103 2.43 -52.77 11.01
C THR L 103 1.76 -54.11 10.87
N ASP L 104 2.26 -55.11 11.62
CA ASP L 104 1.66 -56.44 11.59
C ASP L 104 0.23 -56.48 12.11
N GLN L 105 -0.05 -55.68 13.14
CA GLN L 105 -1.38 -55.54 13.71
C GLN L 105 -2.38 -54.95 12.73
N VAL L 106 -1.98 -53.88 12.04
CA VAL L 106 -2.82 -53.24 11.04
C VAL L 106 -3.04 -54.20 9.86
N GLY L 107 -2.01 -54.98 9.53
CA GLY L 107 -2.15 -56.04 8.54
C GLY L 107 -3.23 -57.04 8.94
N ARG L 108 -3.20 -57.42 10.21
CA ARG L 108 -4.13 -58.42 10.82
C ARG L 108 -5.55 -57.87 10.75
N LEU L 109 -5.72 -56.58 11.02
CA LEU L 109 -7.01 -55.91 10.90
C LEU L 109 -7.57 -55.88 9.48
N THR L 110 -6.72 -55.54 8.51
CA THR L 110 -7.13 -55.53 7.11
C THR L 110 -7.56 -56.91 6.68
N ALA L 111 -6.83 -57.92 7.13
CA ALA L 111 -7.12 -59.32 6.82
C ALA L 111 -8.44 -59.77 7.40
N VAL L 112 -8.68 -59.46 8.68
CA VAL L 112 -9.92 -59.88 9.34
C VAL L 112 -11.13 -59.15 8.77
N ALA L 113 -10.94 -57.89 8.36
CA ALA L 113 -11.97 -57.10 7.73
C ALA L 113 -12.35 -57.71 6.41
N ARG L 114 -11.34 -58.13 5.65
CA ARG L 114 -11.55 -58.70 4.30
C ARG L 114 -12.17 -60.10 4.40
N ASP L 115 -11.84 -60.84 5.46
CA ASP L 115 -12.47 -62.13 5.68
C ASP L 115 -13.98 -61.97 5.88
N GLU L 116 -14.37 -61.12 6.83
CA GLU L 116 -15.78 -60.97 7.21
C GLU L 116 -16.59 -59.97 6.39
N GLY L 117 -16.06 -59.58 5.24
CA GLY L 117 -16.76 -58.74 4.29
C GLY L 117 -17.20 -57.40 4.84
N ASP L 118 -16.32 -56.76 5.62
CA ASP L 118 -16.57 -55.43 6.18
C ASP L 118 -15.83 -54.42 5.31
N PHE L 119 -16.49 -53.96 4.26
CA PHE L 119 -15.87 -53.15 3.22
C PHE L 119 -15.46 -51.76 3.68
N LEU L 120 -16.26 -51.17 4.57
CA LEU L 120 -15.92 -49.93 5.23
C LEU L 120 -14.66 -50.12 6.07
N GLY L 121 -14.60 -51.24 6.78
CA GLY L 121 -13.43 -51.58 7.59
C GLY L 121 -12.19 -51.86 6.78
N GLU L 122 -12.34 -52.52 5.63
CA GLU L 122 -11.25 -52.77 4.71
C GLU L 122 -10.69 -51.43 4.30
N GLN L 123 -11.59 -50.55 3.86
CA GLN L 123 -11.20 -49.27 3.26
C GLN L 123 -10.57 -48.31 4.25
N PHE L 124 -11.06 -48.32 5.49
CA PHE L 124 -10.65 -47.35 6.49
C PHE L 124 -9.17 -47.41 6.82
N MET L 125 -8.57 -48.59 6.70
CA MET L 125 -7.22 -48.85 7.21
C MET L 125 -6.11 -48.86 6.17
N GLN L 126 -6.46 -48.45 4.96
CA GLN L 126 -5.49 -48.27 3.91
C GLN L 126 -4.57 -47.13 4.28
N TRP L 127 -5.14 -46.13 4.96
CA TRP L 127 -4.38 -44.96 5.36
C TRP L 127 -3.37 -45.33 6.43
N PHE L 128 -3.74 -46.28 7.29
CA PHE L 128 -2.86 -46.77 8.33
C PHE L 128 -1.70 -47.55 7.74
N LEU L 129 -1.97 -48.34 6.71
CA LEU L 129 -0.91 -49.04 5.97
C LEU L 129 0.09 -48.05 5.34
N GLN L 130 -0.45 -47.02 4.71
CA GLN L 130 0.35 -45.94 4.11
C GLN L 130 1.25 -45.28 5.12
N GLU L 131 0.70 -44.98 6.31
CA GLU L 131 1.48 -44.33 7.36
C GLU L 131 2.55 -45.22 7.92
N GLN L 132 2.26 -46.52 8.02
CA GLN L 132 3.23 -47.48 8.49
C GLN L 132 4.46 -47.61 7.60
N ILE L 133 4.27 -47.51 6.27
CA ILE L 133 5.40 -47.55 5.35
C ILE L 133 6.46 -46.52 5.78
N GLU L 134 6.07 -45.24 5.75
CA GLU L 134 6.95 -44.12 6.00
C GLU L 134 7.47 -44.12 7.44
N GLU L 135 6.61 -44.53 8.37
CA GLU L 135 6.96 -44.56 9.79
C GLU L 135 8.04 -45.59 10.13
N VAL L 136 7.87 -46.83 9.65
CA VAL L 136 8.88 -47.87 9.85
C VAL L 136 10.16 -47.52 9.10
N ALA L 137 10.01 -46.84 7.96
CA ALA L 137 11.17 -46.38 7.20
C ALA L 137 12.01 -45.46 8.05
N LEU L 138 11.36 -44.47 8.66
CA LEU L 138 12.03 -43.46 9.48
C LEU L 138 12.72 -44.08 10.69
N MET L 139 12.01 -44.99 11.37
CA MET L 139 12.57 -45.68 12.53
C MET L 139 13.78 -46.52 12.20
N ALA L 140 13.72 -47.26 11.09
CA ALA L 140 14.83 -48.09 10.65
C ALA L 140 16.04 -47.23 10.34
N THR L 141 15.80 -46.09 9.68
CA THR L 141 16.84 -45.14 9.36
C THR L 141 17.54 -44.64 10.63
N LEU L 142 16.75 -44.26 11.64
CA LEU L 142 17.29 -43.81 12.92
C LEU L 142 18.12 -44.87 13.65
N VAL L 143 17.67 -46.13 13.60
CA VAL L 143 18.38 -47.22 14.26
C VAL L 143 19.74 -47.49 13.60
N ARG L 144 19.76 -47.46 12.26
CA ARG L 144 20.99 -47.67 11.45
C ARG L 144 21.96 -46.51 11.68
N VAL L 145 21.45 -45.28 11.74
CA VAL L 145 22.29 -44.11 12.00
C VAL L 145 22.87 -44.18 13.42
N ALA L 146 22.07 -44.66 14.38
CA ALA L 146 22.52 -44.83 15.77
C ALA L 146 23.61 -45.88 15.88
N ASP L 147 23.56 -46.90 15.03
CA ASP L 147 24.64 -47.89 14.96
C ASP L 147 25.93 -47.33 14.35
N ARG L 148 25.82 -46.54 13.28
CA ARG L 148 26.99 -45.87 12.62
C ARG L 148 27.64 -44.88 13.58
N ALA L 149 26.84 -44.17 14.38
CA ALA L 149 27.35 -43.19 15.31
C ALA L 149 28.06 -43.86 16.49
N GLY L 150 27.52 -44.98 16.97
CA GLY L 150 28.07 -45.68 18.12
C GLY L 150 27.92 -44.82 19.37
N ALA L 151 28.98 -44.79 20.19
CA ALA L 151 28.96 -44.04 21.43
C ALA L 151 28.94 -42.52 21.25
N ASN L 152 29.45 -42.04 20.11
CA ASN L 152 29.46 -40.62 19.77
C ASN L 152 28.07 -40.15 19.35
N LEU L 153 27.30 -39.66 20.33
CA LEU L 153 25.89 -39.40 20.17
C LEU L 153 25.54 -38.07 19.49
N PHE L 154 26.51 -37.16 19.44
CA PHE L 154 26.27 -35.86 18.83
C PHE L 154 25.99 -35.93 17.33
N GLU L 155 26.55 -36.94 16.66
CA GLU L 155 26.38 -37.11 15.23
C GLU L 155 24.98 -37.63 14.91
N LEU L 156 24.48 -38.53 15.76
CA LEU L 156 23.07 -38.93 15.76
C LEU L 156 22.18 -37.71 15.94
N GLU L 157 22.54 -36.88 16.92
CA GLU L 157 21.83 -35.64 17.22
C GLU L 157 21.73 -34.71 16.00
N ASN L 158 22.85 -34.52 15.31
CA ASN L 158 22.91 -33.68 14.12
C ASN L 158 22.13 -34.25 12.95
N PHE L 159 22.17 -35.58 12.81
CA PHE L 159 21.39 -36.24 11.77
C PHE L 159 19.91 -36.03 11.97
N VAL L 160 19.43 -36.18 13.22
CA VAL L 160 18.03 -35.96 13.55
C VAL L 160 17.67 -34.50 13.30
N ALA L 161 18.58 -33.58 13.62
CA ALA L 161 18.32 -32.15 13.49
C ALA L 161 18.17 -31.68 12.05
N ARG L 162 19.07 -32.12 11.17
CA ARG L 162 19.14 -31.62 9.77
C ARG L 162 18.17 -32.39 8.87
N GLU L 163 18.09 -33.71 9.01
CA GLU L 163 17.50 -34.56 7.97
C GLU L 163 16.11 -35.09 8.28
N VAL L 164 15.84 -35.37 9.55
CA VAL L 164 14.54 -35.83 9.99
C VAL L 164 13.70 -34.61 10.35
N ASP L 165 12.60 -34.43 9.62
CA ASP L 165 11.69 -33.32 9.84
C ASP L 165 10.29 -33.88 9.87
N VAL L 166 9.49 -33.37 10.80
CA VAL L 166 8.05 -33.65 10.83
C VAL L 166 7.36 -32.58 9.99
N ALA L 167 7.23 -32.87 8.68
CA ALA L 167 6.61 -32.00 7.70
C ALA L 167 5.11 -31.88 8.00
N PRO L 168 4.41 -30.86 7.46
CA PRO L 168 2.96 -30.79 7.61
C PRO L 168 2.32 -32.09 7.11
N ALA L 169 1.33 -32.60 7.86
CA ALA L 169 0.62 -33.81 7.48
C ALA L 169 -0.14 -33.54 6.21
N ALA L 170 -0.15 -34.54 5.31
CA ALA L 170 -0.85 -34.46 4.06
C ALA L 170 -2.29 -34.76 4.35
N SER L 171 -3.15 -34.52 3.35
CA SER L 171 -4.54 -34.93 3.40
C SER L 171 -4.64 -36.45 3.22
N GLY L 172 -5.87 -36.96 3.24
CA GLY L 172 -6.14 -38.37 3.16
C GLY L 172 -6.29 -38.95 4.54
N ALA L 173 -5.81 -38.19 5.54
CA ALA L 173 -5.90 -38.61 6.92
C ALA L 173 -7.37 -38.56 7.31
N PRO L 174 -7.94 -39.65 7.85
CA PRO L 174 -9.33 -39.64 8.28
C PRO L 174 -9.48 -38.73 9.51
N HIS L 175 -10.73 -38.40 9.88
N HIS L 175 -10.73 -38.40 9.88
CA HIS L 175 -11.01 -37.50 10.98
CA HIS L 175 -11.00 -37.51 10.99
C HIS L 175 -10.68 -38.20 12.29
C HIS L 175 -10.68 -38.20 12.29
N ALA L 176 -10.00 -37.46 13.18
CA ALA L 176 -9.66 -37.94 14.51
C ALA L 176 -10.65 -37.31 15.48
N ALA L 177 -11.09 -38.11 16.45
CA ALA L 177 -12.05 -37.68 17.45
C ALA L 177 -11.43 -36.56 18.27
N GLY L 178 -12.09 -35.40 18.26
CA GLY L 178 -11.64 -34.23 19.00
C GLY L 178 -10.58 -33.45 18.28
N GLY L 179 -10.56 -33.59 16.96
CA GLY L 179 -9.65 -32.85 16.13
C GLY L 179 -8.28 -33.44 16.22
N ARG L 180 -7.65 -33.61 15.05
CA ARG L 180 -6.22 -34.00 14.91
C ARG L 180 -5.39 -32.95 15.64
N LEU L 181 -4.44 -33.39 16.48
CA LEU L 181 -3.45 -32.50 17.07
C LEU L 181 -2.24 -32.44 16.16
N GLU M 5 39.17 55.67 -7.31
CA GLU M 5 38.65 54.27 -7.29
C GLU M 5 37.19 54.13 -7.78
N GLY M 6 36.49 55.27 -7.88
CA GLY M 6 35.08 55.36 -8.30
C GLY M 6 34.23 56.16 -7.32
N PRO M 7 33.17 56.88 -7.79
CA PRO M 7 32.33 57.69 -6.90
C PRO M 7 31.32 56.88 -6.06
N LYS M 8 31.51 56.87 -4.74
CA LYS M 8 30.59 56.22 -3.81
C LYS M 8 29.49 57.17 -3.38
N THR M 9 28.22 56.77 -3.60
CA THR M 9 27.08 57.39 -2.94
C THR M 9 27.12 56.98 -1.47
N LYS M 10 26.53 57.79 -0.59
CA LYS M 10 26.64 57.50 0.85
C LYS M 10 25.69 56.41 1.35
N PHE M 11 24.73 56.01 0.51
CA PHE M 11 23.96 54.80 0.79
C PHE M 11 24.88 53.60 0.73
N HIS M 12 25.70 53.54 -0.32
CA HIS M 12 26.68 52.48 -0.50
C HIS M 12 27.70 52.53 0.64
N ALA M 13 28.20 53.73 0.91
CA ALA M 13 29.23 53.92 1.93
C ALA M 13 28.77 53.59 3.35
N LEU M 14 27.46 53.67 3.60
CA LEU M 14 26.89 53.45 4.91
C LEU M 14 26.39 52.02 5.07
N MET M 15 26.02 51.43 3.93
CA MET M 15 25.63 50.03 3.89
C MET M 15 26.84 49.11 4.10
N GLN M 16 28.02 49.55 3.65
CA GLN M 16 29.26 48.86 3.98
C GLN M 16 29.46 48.82 5.49
N GLU M 17 29.26 49.98 6.12
CA GLU M 17 29.33 50.11 7.57
C GLU M 17 28.34 49.18 8.26
N GLN M 18 27.15 49.03 7.67
CA GLN M 18 26.14 48.17 8.24
C GLN M 18 26.52 46.71 8.14
N ILE M 19 27.21 46.34 7.06
CA ILE M 19 27.72 44.97 6.91
C ILE M 19 28.65 44.68 8.07
N HIS M 20 29.53 45.64 8.36
CA HIS M 20 30.46 45.56 9.48
C HIS M 20 29.73 45.40 10.81
N ASN M 21 28.68 46.19 10.98
CA ASN M 21 27.85 46.13 12.19
C ASN M 21 27.17 44.80 12.42
N GLU M 22 26.60 44.22 11.36
CA GLU M 22 25.89 42.96 11.48
C GLU M 22 26.84 41.82 11.79
N PHE M 23 28.04 41.86 11.21
CA PHE M 23 29.07 40.89 11.55
C PHE M 23 29.49 40.96 13.02
N THR M 24 29.70 42.18 13.53
CA THR M 24 30.05 42.37 14.94
C THR M 24 28.91 41.94 15.86
N ALA M 25 27.67 42.18 15.41
CA ALA M 25 26.48 41.82 16.16
C ALA M 25 26.37 40.30 16.29
N ALA M 26 26.69 39.60 15.20
CA ALA M 26 26.68 38.15 15.19
C ALA M 26 27.71 37.60 16.19
N GLN M 27 28.91 38.18 16.17
CA GLN M 27 29.97 37.75 17.09
C GLN M 27 29.60 38.03 18.54
N GLN M 28 28.91 39.14 18.78
CA GLN M 28 28.41 39.50 20.11
C GLN M 28 27.37 38.52 20.61
N TYR M 29 26.48 38.07 19.72
CA TYR M 29 25.48 37.01 20.02
C TYR M 29 26.20 35.70 20.36
N VAL M 30 27.27 35.38 19.62
CA VAL M 30 28.02 34.16 19.93
C VAL M 30 28.61 34.28 21.34
N ALA M 31 29.14 35.45 21.68
CA ALA M 31 29.76 35.66 23.00
C ALA M 31 28.74 35.53 24.14
N ILE M 32 27.56 36.13 23.92
CA ILE M 32 26.45 36.06 24.86
C ILE M 32 26.02 34.61 25.09
N ALA M 33 25.85 33.87 23.99
CA ALA M 33 25.49 32.45 24.01
C ALA M 33 26.53 31.58 24.71
N VAL M 34 27.81 31.91 24.53
CA VAL M 34 28.89 31.17 25.14
C VAL M 34 28.91 31.41 26.65
N TYR M 35 28.65 32.65 27.07
CA TYR M 35 28.50 33.01 28.51
C TYR M 35 27.33 32.23 29.12
N PHE M 36 26.21 32.16 28.40
CA PHE M 36 25.06 31.40 28.87
C PHE M 36 25.34 29.91 28.93
N ASP M 37 26.20 29.40 28.05
CA ASP M 37 26.53 27.98 28.00
C ASP M 37 27.47 27.60 29.14
N SER M 38 28.33 28.54 29.55
CA SER M 38 29.25 28.32 30.66
C SER M 38 28.52 28.37 32.00
N GLU M 39 27.49 29.22 32.09
CA GLU M 39 26.68 29.34 33.30
C GLU M 39 25.52 28.34 33.40
N ASP M 40 25.54 27.31 32.55
CA ASP M 40 24.57 26.23 32.57
C ASP M 40 23.13 26.72 32.41
N LEU M 41 22.90 27.48 31.34
CA LEU M 41 21.56 27.90 30.96
C LEU M 41 21.35 27.55 29.49
N PRO M 42 21.21 26.24 29.17
CA PRO M 42 21.28 25.76 27.79
C PRO M 42 20.11 26.13 26.86
N GLN M 43 18.93 26.46 27.39
CA GLN M 43 17.83 26.92 26.54
C GLN M 43 18.10 28.32 26.06
N LEU M 44 18.57 29.16 26.99
CA LEU M 44 19.01 30.51 26.67
C LEU M 44 20.12 30.46 25.64
N ALA M 45 21.09 29.58 25.87
CA ALA M 45 22.24 29.42 24.98
C ALA M 45 21.77 28.98 23.60
N LYS M 46 20.84 28.03 23.55
CA LYS M 46 20.31 27.52 22.31
C LYS M 46 19.69 28.63 21.50
N HIS M 47 18.86 29.45 22.15
CA HIS M 47 18.23 30.58 21.49
C HIS M 47 19.23 31.54 20.90
N PHE M 48 20.28 31.86 21.67
CA PHE M 48 21.25 32.82 21.19
C PHE M 48 22.20 32.30 20.12
N TYR M 49 22.46 30.99 20.12
CA TYR M 49 23.21 30.29 19.05
C TYR M 49 22.38 30.36 17.76
N SER M 50 21.05 30.30 17.88
CA SER M 50 20.19 30.49 16.73
C SER M 50 20.21 31.95 16.25
N GLN M 51 20.24 32.90 17.19
CA GLN M 51 20.25 34.33 16.85
C GLN M 51 21.52 34.78 16.18
N ALA M 52 22.64 34.16 16.53
CA ALA M 52 23.93 34.46 15.92
C ALA M 52 23.92 34.06 14.44
N VAL M 53 23.32 32.90 14.17
CA VAL M 53 23.14 32.41 12.82
C VAL M 53 22.25 33.36 12.05
N GLU M 54 21.18 33.81 12.69
CA GLU M 54 20.25 34.74 12.05
C GLU M 54 20.94 36.05 11.69
N GLU M 55 21.82 36.53 12.56
CA GLU M 55 22.52 37.79 12.35
C GLU M 55 23.54 37.68 11.24
N ARG M 56 24.25 36.54 11.19
CA ARG M 56 25.20 36.21 10.09
C ARG M 56 24.43 36.16 8.77
N ASN M 57 23.24 35.57 8.78
CA ASN M 57 22.39 35.55 7.60
C ASN M 57 22.00 36.94 7.13
N HIS M 58 21.72 37.84 8.07
CA HIS M 58 21.43 39.23 7.74
C HIS M 58 22.62 39.90 7.06
N ALA M 59 23.81 39.66 7.61
CA ALA M 59 25.04 40.19 7.04
C ALA M 59 25.23 39.70 5.60
N MET M 60 24.98 38.40 5.40
CA MET M 60 25.06 37.78 4.08
C MET M 60 24.04 38.38 3.11
N MET M 61 22.86 38.75 3.63
CA MET M 61 21.81 39.37 2.81
C MET M 61 22.26 40.73 2.31
N LEU M 62 22.84 41.53 3.20
CA LEU M 62 23.39 42.83 2.84
C LEU M 62 24.50 42.69 1.80
N VAL M 63 25.40 41.74 2.04
CA VAL M 63 26.50 41.44 1.11
C VAL M 63 25.97 41.09 -0.27
N GLN M 64 24.97 40.20 -0.32
CA GLN M 64 24.35 39.74 -1.56
C GLN M 64 23.71 40.88 -2.30
N HIS M 65 23.13 41.83 -1.56
CA HIS M 65 22.54 43.02 -2.17
C HIS M 65 23.57 43.89 -2.83
N LEU M 66 24.74 43.99 -2.20
CA LEU M 66 25.83 44.74 -2.83
C LEU M 66 26.34 44.04 -4.08
N LEU M 67 26.42 42.71 -4.02
CA LEU M 67 26.87 41.90 -5.16
C LEU M 67 25.93 42.01 -6.35
N ASP M 68 24.62 42.13 -6.08
CA ASP M 68 23.60 42.21 -7.12
C ASP M 68 23.63 43.52 -7.89
N ARG M 69 23.87 44.62 -7.19
CA ARG M 69 23.93 45.98 -7.78
C ARG M 69 25.35 46.31 -8.25
N ASP M 70 26.26 45.32 -8.20
CA ASP M 70 27.62 45.42 -8.73
C ASP M 70 28.44 46.55 -8.14
N LEU M 71 28.18 46.87 -6.86
CA LEU M 71 29.00 47.81 -6.12
C LEU M 71 30.04 46.99 -5.39
N ARG M 72 31.20 47.62 -5.16
CA ARG M 72 32.32 46.94 -4.47
C ARG M 72 31.91 46.72 -3.02
N VAL M 73 32.33 45.60 -2.45
CA VAL M 73 31.95 45.30 -1.09
C VAL M 73 33.15 44.63 -0.44
N GLU M 74 33.45 45.05 0.80
CA GLU M 74 34.52 44.51 1.60
C GLU M 74 33.87 43.62 2.62
N ILE M 75 34.44 42.44 2.84
CA ILE M 75 34.09 41.63 3.99
C ILE M 75 35.05 42.08 5.09
N PRO M 76 34.58 42.78 6.13
CA PRO M 76 35.46 43.44 7.10
C PRO M 76 35.84 42.53 8.28
N GLY M 77 36.70 43.04 9.15
CA GLY M 77 37.01 42.42 10.42
C GLY M 77 35.90 42.74 11.38
N VAL M 78 36.04 42.23 12.61
CA VAL M 78 35.05 42.40 13.66
C VAL M 78 35.79 42.96 14.87
N ASP M 79 35.15 43.89 15.59
CA ASP M 79 35.76 44.49 16.75
C ASP M 79 35.68 43.50 17.88
N THR M 80 36.40 43.77 18.97
CA THR M 80 36.29 42.94 20.15
C THR M 80 34.89 43.13 20.74
N VAL M 81 34.26 42.01 21.08
CA VAL M 81 32.94 41.99 21.66
C VAL M 81 33.10 41.69 23.15
N ARG M 82 32.01 41.89 23.91
CA ARG M 82 32.00 41.76 25.38
C ARG M 82 31.83 40.29 25.79
N ASN M 83 32.59 39.84 26.80
CA ASN M 83 32.49 38.49 27.34
C ASN M 83 32.15 38.41 28.82
N GLN M 84 32.57 39.41 29.61
CA GLN M 84 32.31 39.45 31.03
C GLN M 84 30.89 39.96 31.29
N PHE M 85 30.14 39.18 32.07
CA PHE M 85 28.87 39.58 32.59
C PHE M 85 28.81 39.04 33.98
N ASP M 86 28.33 39.86 34.92
CA ASP M 86 28.25 39.45 36.32
C ASP M 86 27.00 38.61 36.62
N ARG M 87 25.91 38.84 35.88
CA ARG M 87 24.65 38.07 36.01
C ARG M 87 23.98 37.98 34.63
N PRO M 88 23.07 36.99 34.40
CA PRO M 88 22.38 36.85 33.11
C PRO M 88 21.55 38.05 32.63
N ARG M 89 21.03 38.83 33.58
CA ARG M 89 20.15 39.99 33.31
C ARG M 89 20.94 41.00 32.45
N GLU M 90 22.23 41.16 32.72
CA GLU M 90 23.06 42.12 32.00
C GLU M 90 23.33 41.73 30.56
N ALA M 91 23.51 40.43 30.32
CA ALA M 91 23.78 39.92 28.98
C ALA M 91 22.52 40.06 28.14
N LEU M 92 21.38 39.76 28.75
CA LEU M 92 20.09 39.96 28.09
C LEU M 92 19.84 41.44 27.78
N ALA M 93 20.23 42.31 28.71
CA ALA M 93 20.08 43.75 28.53
C ALA M 93 20.96 44.23 27.40
N LEU M 94 22.14 43.63 27.27
CA LEU M 94 23.08 43.95 26.20
C LEU M 94 22.49 43.57 24.86
N ALA M 95 21.87 42.39 24.80
CA ALA M 95 21.21 41.94 23.58
C ALA M 95 20.11 42.90 23.16
N LEU M 96 19.24 43.25 24.11
CA LEU M 96 18.15 44.19 23.89
C LEU M 96 18.66 45.54 23.38
N ASP M 97 19.70 46.04 24.04
CA ASP M 97 20.38 47.28 23.67
C ASP M 97 20.84 47.20 22.21
N GLN M 98 21.57 46.11 21.88
CA GLN M 98 22.14 45.91 20.57
C GLN M 98 21.05 45.97 19.54
N GLU M 99 19.93 45.29 19.80
CA GLU M 99 18.86 45.22 18.83
C GLU M 99 18.17 46.56 18.62
N ARG M 100 18.04 47.35 19.69
CA ARG M 100 17.50 48.74 19.56
C ARG M 100 18.45 49.56 18.69
N THR M 101 19.76 49.38 18.87
CA THR M 101 20.74 50.06 18.03
C THR M 101 20.55 49.66 16.59
N VAL M 102 20.51 48.35 16.33
CA VAL M 102 20.33 47.82 14.98
C VAL M 102 19.09 48.42 14.31
N THR M 103 18.00 48.54 15.07
CA THR M 103 16.79 49.17 14.57
C THR M 103 17.03 50.59 14.14
N ASP M 104 17.73 51.36 14.98
CA ASP M 104 18.05 52.75 14.64
C ASP M 104 18.96 52.88 13.43
N GLN M 105 19.91 51.96 13.29
CA GLN M 105 20.82 51.90 12.16
C GLN M 105 20.09 51.63 10.85
N VAL M 106 19.18 50.65 10.86
CA VAL M 106 18.39 50.32 9.69
C VAL M 106 17.46 51.49 9.33
N GLY M 107 16.95 52.18 10.36
CA GLY M 107 16.20 53.41 10.16
C GLY M 107 17.02 54.45 9.42
N ARG M 108 18.27 54.60 9.85
CA ARG M 108 19.24 55.59 9.31
C ARG M 108 19.52 55.26 7.85
N LEU M 109 19.65 53.97 7.52
CA LEU M 109 19.82 53.51 6.15
C LEU M 109 18.63 53.80 5.24
N THR M 110 17.42 53.54 5.74
CA THR M 110 16.21 53.83 4.98
C THR M 110 16.10 55.31 4.69
N ALA M 111 16.46 56.12 5.69
CA ALA M 111 16.43 57.57 5.58
C ALA M 111 17.43 58.09 4.56
N VAL M 112 18.67 57.59 4.62
CA VAL M 112 19.71 58.04 3.69
C VAL M 112 19.42 57.59 2.25
N ALA M 113 18.80 56.42 2.11
CA ALA M 113 18.40 55.89 0.82
C ALA M 113 17.33 56.78 0.22
N ARG M 114 16.38 57.19 1.06
CA ARG M 114 15.23 58.01 0.60
C ARG M 114 15.70 59.43 0.29
N ASP M 115 16.71 59.93 1.01
CA ASP M 115 17.27 61.23 0.71
C ASP M 115 17.87 61.24 -0.70
N GLU M 116 18.77 60.29 -0.98
CA GLU M 116 19.52 60.27 -2.24
C GLU M 116 18.84 59.55 -3.39
N GLY M 117 17.54 59.30 -3.27
CA GLY M 117 16.73 58.74 -4.33
C GLY M 117 17.20 57.40 -4.84
N ASP M 118 17.60 56.52 -3.92
CA ASP M 118 18.02 55.15 -4.24
C ASP M 118 16.85 54.23 -3.95
N PHE M 119 15.99 54.05 -4.93
CA PHE M 119 14.72 53.37 -4.76
C PHE M 119 14.84 51.87 -4.50
N LEU M 120 15.84 51.24 -5.13
CA LEU M 120 16.21 49.87 -4.84
C LEU M 120 16.67 49.74 -3.40
N GLY M 121 17.47 50.71 -2.96
CA GLY M 121 17.94 50.74 -1.58
C GLY M 121 16.86 50.99 -0.56
N GLU M 122 15.90 51.86 -0.90
CA GLU M 122 14.75 52.12 -0.05
C GLU M 122 14.01 50.80 0.13
N GLN M 123 13.73 50.14 -0.99
CA GLN M 123 12.89 48.96 -1.01
C GLN M 123 13.52 47.75 -0.33
N PHE M 124 14.84 47.61 -0.46
CA PHE M 124 15.54 46.44 0.02
C PHE M 124 15.44 46.24 1.52
N MET M 125 15.30 47.33 2.27
CA MET M 125 15.44 47.31 3.72
C MET M 125 14.13 47.35 4.51
N GLN M 126 13.03 47.21 3.79
CA GLN M 126 11.73 47.11 4.39
C GLN M 126 11.67 45.79 5.16
N TRP M 127 12.34 44.78 4.62
CA TRP M 127 12.35 43.47 5.24
C TRP M 127 13.12 43.50 6.55
N PHE M 128 14.17 44.33 6.59
CA PHE M 128 14.96 44.50 7.79
C PHE M 128 14.18 45.21 8.87
N LEU M 129 13.38 46.20 8.49
CA LEU M 129 12.47 46.87 9.42
C LEU M 129 11.46 45.89 10.03
N GLN M 130 10.87 45.06 9.17
CA GLN M 130 9.94 44.02 9.57
C GLN M 130 10.54 43.08 10.58
N GLU M 131 11.79 42.64 10.32
CA GLU M 131 12.47 41.72 11.21
C GLU M 131 12.82 42.34 12.54
N GLN M 132 13.17 43.63 12.51
CA GLN M 132 13.46 44.35 13.73
C GLN M 132 12.28 44.48 14.68
N ILE M 133 11.07 44.63 14.15
CA ILE M 133 9.87 44.69 14.98
C ILE M 133 9.83 43.46 15.91
N GLU M 134 9.75 42.28 15.30
CA GLU M 134 9.59 41.02 16.01
C GLU M 134 10.80 40.70 16.88
N GLU M 135 11.99 41.05 16.38
CA GLU M 135 13.24 40.78 17.09
C GLU M 135 13.38 41.58 18.39
N VAL M 136 13.14 42.89 18.32
CA VAL M 136 13.18 43.74 19.51
C VAL M 136 12.05 43.36 20.47
N ALA M 137 10.92 42.92 19.91
CA ALA M 137 9.81 42.45 20.72
C ALA M 137 10.25 41.29 21.59
N LEU M 138 10.88 40.30 20.95
CA LEU M 138 11.33 39.08 21.62
C LEU M 138 12.37 39.38 22.70
N MET M 139 13.33 40.24 22.37
CA MET M 139 14.37 40.63 23.33
C MET M 139 13.82 41.35 24.54
N ALA M 140 12.88 42.27 24.32
CA ALA M 140 12.26 43.01 25.41
C ALA M 140 11.50 42.07 26.32
N THR M 141 10.79 41.11 25.71
CA THR M 141 10.06 40.10 26.45
C THR M 141 11.00 39.30 27.36
N LEU M 142 12.14 38.86 26.82
CA LEU M 142 13.13 38.11 27.58
C LEU M 142 13.73 38.90 28.74
N VAL M 143 13.97 40.20 28.53
CA VAL M 143 14.55 41.05 29.57
C VAL M 143 13.56 41.24 30.72
N ARG M 144 12.29 41.45 30.39
CA ARG M 144 11.19 41.64 31.38
C ARG M 144 10.97 40.34 32.16
N VAL M 145 11.01 39.20 31.48
CA VAL M 145 10.86 37.90 32.13
C VAL M 145 12.05 37.63 33.06
N ALA M 146 13.25 38.04 32.65
CA ALA M 146 14.46 37.90 33.47
C ALA M 146 14.40 38.76 34.71
N ASP M 147 13.74 39.91 34.62
CA ASP M 147 13.51 40.73 35.81
C ASP M 147 12.47 40.13 36.77
N ARG M 148 11.38 39.56 36.25
CA ARG M 148 10.34 38.88 37.06
C ARG M 148 10.92 37.66 37.76
N ALA M 149 11.82 36.93 37.08
CA ALA M 149 12.43 35.73 37.63
C ALA M 149 13.43 36.10 38.75
N GLY M 150 14.19 37.17 38.55
CA GLY M 150 15.22 37.57 39.50
C GLY M 150 16.33 36.53 39.53
N ALA M 151 16.80 36.21 40.74
CA ALA M 151 17.88 35.27 40.92
C ALA M 151 17.51 33.81 40.59
N ASN M 152 16.21 33.48 40.68
CA ASN M 152 15.70 32.15 40.35
C ASN M 152 15.64 31.96 38.84
N LEU M 153 16.73 31.41 38.28
CA LEU M 153 16.94 31.37 36.85
C LEU M 153 16.23 30.24 36.10
N PHE M 154 15.77 29.24 36.85
CA PHE M 154 15.09 28.11 36.23
C PHE M 154 13.76 28.48 35.59
N GLU M 155 13.10 29.51 36.12
CA GLU M 155 11.82 29.95 35.61
C GLU M 155 11.98 30.71 34.29
N LEU M 156 13.05 31.50 34.21
CA LEU M 156 13.51 32.07 32.94
C LEU M 156 13.77 30.97 31.92
N GLU M 157 14.48 29.94 32.38
CA GLU M 157 14.82 28.78 31.56
C GLU M 157 13.57 28.10 30.98
N ASN M 158 12.56 27.89 31.83
CA ASN M 158 11.30 27.27 31.42
C ASN M 158 10.49 28.14 30.48
N PHE M 159 10.52 29.45 30.71
CA PHE M 159 9.85 30.39 29.82
C PHE M 159 10.44 30.35 28.42
N VAL M 160 11.78 30.34 28.33
CA VAL M 160 12.46 30.24 27.05
C VAL M 160 12.14 28.91 26.38
N ALA M 161 12.06 27.84 27.17
CA ALA M 161 11.82 26.51 26.63
C ALA M 161 10.44 26.32 26.02
N ARG M 162 9.40 26.78 26.73
CA ARG M 162 7.98 26.53 26.34
C ARG M 162 7.51 27.57 25.32
N GLU M 163 7.84 28.85 25.51
CA GLU M 163 7.14 29.94 24.83
C GLU M 163 7.90 30.59 23.69
N VAL M 164 9.22 30.67 23.82
CA VAL M 164 10.08 31.21 22.78
C VAL M 164 10.50 30.08 21.86
N ASP M 165 10.10 30.17 20.59
CA ASP M 165 10.41 29.18 19.59
C ASP M 165 10.93 29.90 18.38
N VAL M 166 11.97 29.35 17.76
CA VAL M 166 12.45 29.81 16.46
C VAL M 166 11.71 29.00 15.39
N ALA M 167 10.54 29.54 14.98
CA ALA M 167 9.67 28.94 13.98
C ALA M 167 10.38 28.99 12.63
N PRO M 168 9.93 28.18 11.63
CA PRO M 168 10.47 28.27 10.28
C PRO M 168 10.36 29.72 9.76
N ALA M 169 11.42 30.21 9.12
CA ALA M 169 11.43 31.55 8.56
C ALA M 169 10.41 31.62 7.46
N ALA M 170 9.69 32.75 7.39
CA ALA M 170 8.70 32.99 6.39
C ALA M 170 9.42 33.43 5.15
N SER M 171 8.69 33.48 4.03
CA SER M 171 9.20 34.06 2.80
C SER M 171 9.25 35.59 2.93
N GLY M 172 9.69 36.25 1.85
CA GLY M 172 9.88 37.68 1.82
C GLY M 172 11.31 38.01 2.15
N ALA M 173 12.02 37.03 2.73
CA ALA M 173 13.41 37.20 3.08
C ALA M 173 14.19 37.28 1.78
N PRO M 174 15.02 38.32 1.58
CA PRO M 174 15.83 38.42 0.37
C PRO M 174 16.92 37.34 0.39
N HIS M 175 17.58 37.12 -0.76
N HIS M 175 17.58 37.12 -0.76
CA HIS M 175 18.59 36.08 -0.89
CA HIS M 175 18.59 36.08 -0.89
C HIS M 175 19.83 36.48 -0.11
C HIS M 175 19.83 36.48 -0.11
N ALA M 176 20.38 35.52 0.63
CA ALA M 176 21.61 35.70 1.39
C ALA M 176 22.72 35.05 0.60
N ALA M 177 23.88 35.71 0.57
CA ALA M 177 25.04 35.24 -0.15
C ALA M 177 25.49 33.92 0.45
N GLY M 178 25.52 32.88 -0.39
CA GLY M 178 25.94 31.55 0.03
C GLY M 178 24.85 30.78 0.71
N GLY M 179 23.60 31.14 0.40
CA GLY M 179 22.45 30.45 0.92
C GLY M 179 22.22 30.84 2.35
N ARG M 180 20.97 31.12 2.67
CA ARG M 180 20.47 31.33 4.05
C ARG M 180 20.78 30.06 4.85
N LEU M 181 21.36 30.22 6.05
CA LEU M 181 21.53 29.12 6.98
C LEU M 181 20.30 29.05 7.89
N GLU N 5 55.62 -17.06 36.09
CA GLU N 5 54.29 -17.07 35.40
C GLU N 5 54.31 -16.36 34.02
N GLY N 6 55.38 -15.59 33.75
CA GLY N 6 55.57 -14.81 32.52
C GLY N 6 55.90 -13.35 32.80
N PRO N 7 56.71 -12.67 31.93
CA PRO N 7 57.09 -11.27 32.16
C PRO N 7 55.99 -10.25 31.83
N LYS N 8 55.48 -9.56 32.86
CA LYS N 8 54.50 -8.49 32.69
C LYS N 8 55.17 -7.15 32.47
N THR N 9 54.84 -6.49 31.35
CA THR N 9 55.13 -5.07 31.16
C THR N 9 54.19 -4.29 32.09
N LYS N 10 54.58 -3.08 32.49
CA LYS N 10 53.77 -2.34 33.46
C LYS N 10 52.54 -1.65 32.87
N PHE N 11 52.46 -1.59 31.54
CA PHE N 11 51.21 -1.21 30.90
C PHE N 11 50.15 -2.26 31.19
N HIS N 12 50.51 -3.53 31.02
CA HIS N 12 49.64 -4.65 31.30
C HIS N 12 49.29 -4.66 32.79
N ALA N 13 50.32 -4.51 33.63
CA ALA N 13 50.15 -4.56 35.07
C ALA N 13 49.29 -3.43 35.64
N LEU N 14 49.23 -2.30 34.92
CA LEU N 14 48.49 -1.12 35.37
C LEU N 14 47.10 -1.07 34.77
N MET N 15 46.97 -1.69 33.60
CA MET N 15 45.68 -1.84 32.94
C MET N 15 44.79 -2.84 33.68
N GLN N 16 45.40 -3.85 34.31
CA GLN N 16 44.69 -4.74 35.21
C GLN N 16 44.09 -3.94 36.37
N GLU N 17 44.91 -3.07 36.95
CA GLU N 17 44.49 -2.17 38.02
C GLU N 17 43.33 -1.30 37.56
N GLN N 18 43.37 -0.85 36.31
CA GLN N 18 42.33 0.00 35.78
C GLN N 18 41.03 -0.75 35.60
N ILE N 19 41.12 -2.04 35.25
CA ILE N 19 39.93 -2.89 35.15
C ILE N 19 39.25 -2.92 36.52
N HIS N 20 40.06 -3.10 37.56
CA HIS N 20 39.59 -3.10 38.94
C HIS N 20 38.91 -1.78 39.30
N ASN N 21 39.54 -0.68 38.89
CA ASN N 21 39.00 0.66 39.13
C ASN N 21 37.66 0.92 38.48
N GLU N 22 37.52 0.50 37.21
CA GLU N 22 36.27 0.73 36.49
C GLU N 22 35.13 -0.09 37.07
N PHE N 23 35.43 -1.31 37.52
CA PHE N 23 34.44 -2.13 38.21
C PHE N 23 33.96 -1.48 39.52
N THR N 24 34.90 -0.97 40.31
CA THR N 24 34.56 -0.28 41.56
C THR N 24 33.77 0.99 41.29
N ALA N 25 34.12 1.69 40.19
CA ALA N 25 33.46 2.91 39.79
C ALA N 25 32.00 2.64 39.42
N ALA N 26 31.78 1.52 38.72
CA ALA N 26 30.44 1.11 38.34
C ALA N 26 29.59 0.84 39.59
N GLN N 27 30.18 0.12 40.55
CA GLN N 27 29.47 -0.19 41.80
C GLN N 27 29.16 1.07 42.61
N GLN N 28 30.08 2.03 42.57
CA GLN N 28 29.89 3.33 43.22
C GLN N 28 28.75 4.12 42.59
N TYR N 29 28.65 4.08 41.26
CA TYR N 29 27.51 4.69 40.51
C TYR N 29 26.20 4.01 40.90
N VAL N 30 26.22 2.68 41.06
CA VAL N 30 25.00 1.98 41.48
C VAL N 30 24.60 2.47 42.87
N ALA N 31 25.57 2.64 43.76
CA ALA N 31 25.28 3.08 45.14
C ALA N 31 24.71 4.49 45.17
N ILE N 32 25.29 5.38 44.37
CA ILE N 32 24.83 6.76 44.23
C ILE N 32 23.39 6.79 43.72
N ALA N 33 23.11 6.02 42.67
CA ALA N 33 21.78 5.89 42.07
C ALA N 33 20.75 5.33 43.05
N VAL N 34 21.17 4.39 43.89
CA VAL N 34 20.29 3.77 44.86
C VAL N 34 19.94 4.77 45.96
N TYR N 35 20.92 5.57 46.38
CA TYR N 35 20.70 6.69 47.35
C TYR N 35 19.70 7.70 46.76
N PHE N 36 19.87 8.04 45.48
CA PHE N 36 18.95 8.95 44.81
C PHE N 36 17.56 8.36 44.67
N ASP N 37 17.46 7.04 44.54
CA ASP N 37 16.17 6.37 44.37
C ASP N 37 15.42 6.29 45.70
N SER N 38 16.17 6.19 46.81
CA SER N 38 15.58 6.17 48.13
C SER N 38 15.09 7.54 48.56
N GLU N 39 15.80 8.59 48.12
CA GLU N 39 15.42 9.97 48.42
C GLU N 39 14.42 10.58 47.44
N ASP N 40 13.79 9.74 46.61
CA ASP N 40 12.74 10.16 45.68
C ASP N 40 13.21 11.23 44.71
N LEU N 41 14.31 10.95 44.01
CA LEU N 41 14.81 11.80 42.93
C LEU N 41 15.01 10.92 41.71
N PRO N 42 13.93 10.45 41.06
CA PRO N 42 14.01 9.40 40.05
C PRO N 42 14.67 9.76 38.71
N GLN N 43 14.73 11.04 38.34
CA GLN N 43 15.44 11.44 37.11
C GLN N 43 16.93 11.35 37.33
N LEU N 44 17.37 11.83 38.50
CA LEU N 44 18.75 11.70 38.93
C LEU N 44 19.14 10.23 38.98
N ALA N 45 18.27 9.42 39.58
CA ALA N 45 18.50 7.98 39.73
C ALA N 45 18.60 7.33 38.36
N LYS N 46 17.71 7.70 37.44
CA LYS N 46 17.68 7.16 36.10
C LYS N 46 19.00 7.41 35.41
N HIS N 47 19.49 8.66 35.49
CA HIS N 47 20.75 9.02 34.89
C HIS N 47 21.90 8.21 35.42
N PHE N 48 21.95 8.03 36.74
CA PHE N 48 23.05 7.29 37.33
C PHE N 48 23.00 5.78 37.12
N TYR N 49 21.80 5.22 36.98
CA TYR N 49 21.59 3.81 36.58
C TYR N 49 22.11 3.61 35.16
N SER N 50 21.97 4.64 34.31
CA SER N 50 22.54 4.60 32.98
C SER N 50 24.08 4.69 33.03
N GLN N 51 24.60 5.53 33.93
CA GLN N 51 26.05 5.72 34.08
C GLN N 51 26.77 4.51 34.60
N ALA N 52 26.10 3.74 35.46
CA ALA N 52 26.66 2.51 36.01
C ALA N 52 26.85 1.48 34.90
N VAL N 53 25.86 1.41 34.00
CA VAL N 53 25.91 0.55 32.84
C VAL N 53 27.04 0.98 31.95
N GLU N 54 27.19 2.29 31.76
CA GLU N 54 28.25 2.82 30.92
C GLU N 54 29.63 2.47 31.47
N GLU N 55 29.77 2.51 32.79
CA GLU N 55 31.04 2.24 33.46
C GLU N 55 31.39 0.77 33.38
N ARG N 56 30.39 -0.10 33.55
CA ARG N 56 30.53 -1.57 33.37
C ARG N 56 30.96 -1.86 31.93
N ASN N 57 30.37 -1.16 30.96
CA ASN N 57 30.76 -1.29 29.57
C ASN N 57 32.22 -0.91 29.34
N HIS N 58 32.68 0.14 30.00
CA HIS N 58 34.09 0.55 29.93
C HIS N 58 35.00 -0.56 30.47
N ALA N 59 34.61 -1.14 31.60
CA ALA N 59 35.35 -2.24 32.19
C ALA N 59 35.46 -3.42 31.22
N MET N 60 34.33 -3.74 30.58
CA MET N 60 34.26 -4.80 29.58
C MET N 60 35.14 -4.50 28.38
N MET N 61 35.25 -3.21 28.00
CA MET N 61 36.10 -2.79 26.88
C MET N 61 37.57 -3.04 27.20
N LEU N 62 37.98 -2.68 28.41
CA LEU N 62 39.34 -2.93 28.87
C LEU N 62 39.65 -4.42 28.89
N VAL N 63 38.71 -5.19 29.43
CA VAL N 63 38.82 -6.65 29.48
C VAL N 63 39.01 -7.24 28.09
N GLN N 64 38.16 -6.80 27.15
CA GLN N 64 38.19 -7.26 25.76
C GLN N 64 39.50 -6.94 25.10
N HIS N 65 40.08 -5.78 25.44
CA HIS N 65 41.38 -5.40 24.92
C HIS N 65 42.47 -6.31 25.41
N LEU N 66 42.38 -6.74 26.67
CA LEU N 66 43.35 -7.71 27.18
C LEU N 66 43.19 -9.06 26.50
N LEU N 67 41.94 -9.47 26.27
CA LEU N 67 41.64 -10.73 25.60
C LEU N 67 42.16 -10.77 24.17
N ASP N 68 42.12 -9.62 23.48
CA ASP N 68 42.56 -9.51 22.09
C ASP N 68 44.06 -9.64 21.91
N ARG N 69 44.82 -9.06 22.83
CA ARG N 69 46.30 -9.09 22.82
C ARG N 69 46.83 -10.32 23.57
N ASP N 70 45.93 -11.22 23.97
CA ASP N 70 46.27 -12.52 24.57
C ASP N 70 47.13 -12.41 25.82
N LEU N 71 46.92 -11.33 26.59
CA LEU N 71 47.55 -11.19 27.90
C LEU N 71 46.55 -11.72 28.91
N ARG N 72 47.08 -12.24 30.02
CA ARG N 72 46.22 -12.81 31.09
C ARG N 72 45.46 -11.66 31.74
N VAL N 73 44.23 -11.93 32.13
CA VAL N 73 43.42 -10.88 32.72
C VAL N 73 42.59 -11.54 33.82
N GLU N 74 42.52 -10.86 34.97
CA GLU N 74 41.76 -11.28 36.12
C GLU N 74 40.53 -10.42 36.14
N ILE N 75 39.37 -11.04 36.38
CA ILE N 75 38.17 -10.29 36.72
C ILE N 75 38.20 -10.17 38.24
N PRO N 76 38.44 -8.97 38.80
CA PRO N 76 38.71 -8.81 40.23
C PRO N 76 37.44 -8.61 41.06
N GLY N 77 37.61 -8.54 42.38
CA GLY N 77 36.56 -8.14 43.29
C GLY N 77 36.45 -6.64 43.26
N VAL N 78 35.53 -6.12 44.07
CA VAL N 78 35.24 -4.69 44.14
C VAL N 78 35.33 -4.31 45.61
N ASP N 79 35.89 -3.13 45.89
CA ASP N 79 36.03 -2.67 47.26
C ASP N 79 34.69 -2.19 47.72
N THR N 80 34.54 -1.95 49.03
CA THR N 80 33.33 -1.36 49.54
C THR N 80 33.23 0.07 49.02
N VAL N 81 32.04 0.43 48.54
CA VAL N 81 31.76 1.74 48.02
C VAL N 81 30.92 2.47 49.06
N ARG N 82 30.77 3.79 48.88
CA ARG N 82 30.10 4.69 49.84
C ARG N 82 28.58 4.65 49.63
N ASN N 83 27.81 4.61 50.73
CA ASN N 83 26.35 4.63 50.68
C ASN N 83 25.70 5.79 51.44
N GLN N 84 26.34 6.26 52.51
CA GLN N 84 25.83 7.36 53.31
C GLN N 84 26.15 8.69 52.63
N PHE N 85 25.11 9.50 52.45
CA PHE N 85 25.23 10.86 52.03
C PHE N 85 24.21 11.62 52.80
N ASP N 86 24.59 12.80 53.31
CA ASP N 86 23.68 13.62 54.10
C ASP N 86 22.75 14.47 53.24
N ARG N 87 23.20 14.86 52.04
CA ARG N 87 22.39 15.63 51.06
C ARG N 87 22.81 15.23 49.64
N PRO N 88 21.95 15.46 48.62
CA PRO N 88 22.29 15.11 47.23
C PRO N 88 23.55 15.75 46.63
N ARG N 89 23.89 16.95 47.11
CA ARG N 89 25.04 17.74 46.62
C ARG N 89 26.32 16.92 46.83
N GLU N 90 26.42 16.20 47.95
CA GLU N 90 27.60 15.43 48.27
C GLU N 90 27.80 14.21 47.38
N ALA N 91 26.69 13.56 47.01
CA ALA N 91 26.74 12.38 46.16
C ALA N 91 27.15 12.80 44.76
N LEU N 92 26.60 13.93 44.31
CA LEU N 92 26.99 14.50 43.02
C LEU N 92 28.46 14.91 43.02
N ALA N 93 28.93 15.46 44.13
CA ALA N 93 30.32 15.87 44.27
C ALA N 93 31.22 14.66 44.24
N LEU N 94 30.76 13.55 44.81
CA LEU N 94 31.50 12.29 44.81
C LEU N 94 31.63 11.77 43.40
N ALA N 95 30.55 11.84 42.63
CA ALA N 95 30.57 11.42 41.23
C ALA N 95 31.58 12.22 40.43
N LEU N 96 31.51 13.56 40.56
CA LEU N 96 32.42 14.48 39.91
C LEU N 96 33.87 14.16 40.25
N ASP N 97 34.13 13.97 41.54
CA ASP N 97 35.44 13.60 42.07
C ASP N 97 35.94 12.33 41.37
N GLN N 98 35.08 11.29 41.38
CA GLN N 98 35.42 10.00 40.83
C GLN N 98 35.82 10.15 39.39
N GLU N 99 35.06 10.93 38.63
CA GLU N 99 35.32 11.08 37.22
C GLU N 99 36.61 11.83 36.93
N ARG N 100 36.94 12.82 37.77
CA ARG N 100 38.25 13.53 37.67
C ARG N 100 39.37 12.53 37.94
N THR N 101 39.18 11.64 38.91
CA THR N 101 40.16 10.60 39.19
C THR N 101 40.34 9.72 37.98
N VAL N 102 39.22 9.21 37.44
CA VAL N 102 39.24 8.34 36.27
C VAL N 102 40.00 8.98 35.11
N THR N 103 39.79 10.28 34.91
CA THR N 103 40.51 11.03 33.89
C THR N 103 42.01 10.99 34.12
N ASP N 104 42.42 11.23 35.38
CA ASP N 104 43.84 11.18 35.72
C ASP N 104 44.46 9.80 35.55
N GLN N 105 43.69 8.77 35.87
CA GLN N 105 44.09 7.38 35.71
C GLN N 105 44.32 7.01 34.26
N VAL N 106 43.38 7.39 33.39
CA VAL N 106 43.49 7.13 31.97
C VAL N 106 44.68 7.92 31.38
N GLY N 107 44.90 9.13 31.91
CA GLY N 107 46.08 9.90 31.56
C GLY N 107 47.36 9.14 31.89
N ARG N 108 47.38 8.54 33.08
CA ARG N 108 48.53 7.78 33.63
C ARG N 108 48.79 6.57 32.74
N LEU N 109 47.73 5.90 32.29
CA LEU N 109 47.83 4.78 31.35
C LEU N 109 48.41 5.16 29.99
N THR N 110 47.93 6.27 29.43
CA THR N 110 48.44 6.75 28.15
C THR N 110 49.92 7.08 28.26
N ALA N 111 50.30 7.68 29.39
CA ALA N 111 51.69 8.04 29.66
C ALA N 111 52.59 6.83 29.78
N VAL N 112 52.15 5.82 30.56
CA VAL N 112 52.95 4.62 30.75
C VAL N 112 53.07 3.80 29.46
N ALA N 113 52.02 3.82 28.65
CA ALA N 113 52.01 3.15 27.36
C ALA N 113 53.02 3.80 26.44
N ARG N 114 53.05 5.13 26.46
CA ARG N 114 53.94 5.90 25.56
C ARG N 114 55.39 5.78 26.03
N ASP N 115 55.61 5.65 27.34
CA ASP N 115 56.95 5.42 27.86
C ASP N 115 57.51 4.10 27.31
N GLU N 116 56.77 3.01 27.51
CA GLU N 116 57.25 1.67 27.16
C GLU N 116 57.00 1.23 25.72
N GLY N 117 56.68 2.18 24.85
CA GLY N 117 56.54 1.93 23.43
C GLY N 117 55.51 0.89 23.07
N ASP N 118 54.36 0.93 23.75
CA ASP N 118 53.23 0.03 23.47
C ASP N 118 52.22 0.80 22.63
N PHE N 119 52.40 0.76 21.32
CA PHE N 119 51.67 1.59 20.39
C PHE N 119 50.18 1.23 20.28
N LEU N 120 49.88 -0.07 20.38
CA LEU N 120 48.52 -0.54 20.47
C LEU N 120 47.86 0.00 21.74
N GLY N 121 48.61 -0.03 22.84
CA GLY N 121 48.13 0.50 24.11
C GLY N 121 47.95 2.00 24.12
N GLU N 122 48.84 2.73 23.45
CA GLU N 122 48.72 4.17 23.30
C GLU N 122 47.41 4.44 22.58
N GLN N 123 47.21 3.75 21.46
CA GLN N 123 46.09 4.01 20.56
C GLN N 123 44.75 3.64 21.16
N PHE N 124 44.71 2.55 21.94
CA PHE N 124 43.47 2.02 22.45
C PHE N 124 42.71 2.98 23.35
N MET N 125 43.43 3.86 24.05
CA MET N 125 42.87 4.67 25.12
C MET N 125 42.56 6.12 24.77
N GLN N 126 42.67 6.43 23.48
CA GLN N 126 42.29 7.71 22.97
C GLN N 126 40.79 7.87 23.12
N TRP N 127 40.08 6.75 22.96
CA TRP N 127 38.63 6.76 23.05
C TRP N 127 38.19 7.03 24.48
N PHE N 128 38.98 6.53 25.44
CA PHE N 128 38.71 6.76 26.84
C PHE N 128 38.93 8.21 27.22
N LEU N 129 39.96 8.83 26.66
CA LEU N 129 40.20 10.27 26.84
C LEU N 129 39.02 11.10 26.30
N GLN N 130 38.56 10.75 25.11
CA GLN N 130 37.41 11.38 24.47
C GLN N 130 36.18 11.30 25.34
N GLU N 131 35.92 10.12 25.91
CA GLU N 131 34.75 9.92 26.75
C GLU N 131 34.83 10.68 28.05
N GLN N 132 36.05 10.78 28.59
CA GLN N 132 36.26 11.54 29.81
C GLN N 132 35.98 13.03 29.68
N ILE N 133 36.29 13.61 28.51
CA ILE N 133 35.97 15.02 28.27
C ILE N 133 34.49 15.28 28.57
N GLU N 134 33.62 14.62 27.80
CA GLU N 134 32.18 14.82 27.85
C GLU N 134 31.60 14.40 29.19
N GLU N 135 32.15 13.32 29.76
CA GLU N 135 31.68 12.79 31.04
C GLU N 135 31.93 13.73 32.22
N VAL N 136 33.16 14.24 32.34
CA VAL N 136 33.49 15.19 33.39
C VAL N 136 32.74 16.51 33.17
N ALA N 137 32.50 16.85 31.90
CA ALA N 137 31.72 18.03 31.56
C ALA N 137 30.34 17.93 32.16
N LEU N 138 29.69 16.78 31.91
CA LEU N 138 28.32 16.53 32.37
C LEU N 138 28.22 16.54 33.90
N MET N 139 29.17 15.88 34.55
CA MET N 139 29.22 15.84 36.01
C MET N 139 29.39 17.21 36.64
N ALA N 140 30.30 18.01 36.08
CA ALA N 140 30.55 19.36 36.57
C ALA N 140 29.30 20.21 36.44
N THR N 141 28.62 20.07 35.29
CA THR N 141 27.38 20.77 35.03
C THR N 141 26.33 20.44 36.10
N LEU N 142 26.17 19.15 36.40
CA LEU N 142 25.23 18.69 37.42
C LEU N 142 25.54 19.21 38.82
N VAL N 143 26.82 19.27 39.16
CA VAL N 143 27.23 19.75 40.48
C VAL N 143 26.94 21.25 40.63
N ARG N 144 27.22 22.02 39.59
CA ARG N 144 26.97 23.49 39.55
C ARG N 144 25.47 23.77 39.60
N VAL N 145 24.67 22.98 38.87
CA VAL N 145 23.22 23.13 38.89
C VAL N 145 22.66 22.78 40.27
N ALA N 146 23.25 21.77 40.92
CA ALA N 146 22.84 21.37 42.28
C ALA N 146 23.16 22.44 43.30
N ASP N 147 24.24 23.19 43.07
CA ASP N 147 24.55 24.34 43.92
C ASP N 147 23.58 25.52 43.72
N ARG N 148 23.22 25.81 42.47
CA ARG N 148 22.24 26.89 42.13
C ARG N 148 20.86 26.55 42.69
N ALA N 149 20.48 25.27 42.67
CA ALA N 149 19.19 24.84 43.16
C ALA N 149 19.13 24.91 44.69
N GLY N 150 20.22 24.54 45.35
CA GLY N 150 20.27 24.51 46.81
C GLY N 150 19.34 23.43 47.33
N ALA N 151 18.60 23.76 48.40
CA ALA N 151 17.70 22.81 49.03
C ALA N 151 16.47 22.46 48.18
N ASN N 152 16.08 23.36 47.27
CA ASN N 152 14.96 23.15 46.35
C ASN N 152 15.35 22.18 45.24
N LEU N 153 15.10 20.89 45.47
CA LEU N 153 15.61 19.83 44.63
C LEU N 153 14.83 19.56 43.35
N PHE N 154 13.60 20.07 43.29
CA PHE N 154 12.76 19.85 42.11
C PHE N 154 13.30 20.51 40.86
N GLU N 155 14.03 21.62 41.02
CA GLU N 155 14.59 22.36 39.90
C GLU N 155 15.79 21.63 39.31
N LEU N 156 16.59 21.02 40.19
CA LEU N 156 17.62 20.06 39.79
C LEU N 156 17.00 18.91 39.00
N GLU N 157 15.90 18.39 39.54
CA GLU N 157 15.14 17.31 38.92
C GLU N 157 14.70 17.65 37.49
N ASN N 158 14.14 18.86 37.32
CA ASN N 158 13.68 19.34 36.02
C ASN N 158 14.81 19.57 35.04
N PHE N 159 15.94 20.07 35.56
CA PHE N 159 17.12 20.27 34.72
C PHE N 159 17.63 18.95 34.17
N VAL N 160 17.70 17.92 35.03
CA VAL N 160 18.13 16.59 34.61
C VAL N 160 17.14 16.03 33.59
N ALA N 161 15.85 16.28 33.80
CA ALA N 161 14.81 15.73 32.94
C ALA N 161 14.82 16.30 31.52
N ARG N 162 14.94 17.62 31.40
CA ARG N 162 14.81 18.33 30.09
C ARG N 162 16.14 18.33 29.35
N GLU N 163 17.26 18.57 30.02
CA GLU N 163 18.50 18.97 29.35
C GLU N 163 19.56 17.89 29.27
N VAL N 164 19.63 17.04 30.29
CA VAL N 164 20.56 15.92 30.30
C VAL N 164 19.88 14.71 29.69
N ASP N 165 20.43 14.24 28.57
CA ASP N 165 19.90 13.09 27.86
C ASP N 165 21.05 12.16 27.57
N VAL N 166 20.81 10.87 27.73
CA VAL N 166 21.75 9.83 27.29
C VAL N 166 21.38 9.47 25.85
N ALA N 167 22.00 10.21 24.91
CA ALA N 167 21.79 10.04 23.47
C ALA N 167 22.37 8.69 23.05
N PRO N 168 21.98 8.15 21.86
CA PRO N 168 22.60 6.94 21.34
C PRO N 168 24.13 7.11 21.28
N ALA N 169 24.87 6.08 21.70
CA ALA N 169 26.32 6.10 21.67
C ALA N 169 26.77 6.17 20.22
N ALA N 170 27.81 6.97 19.98
CA ALA N 170 28.38 7.13 18.67
C ALA N 170 29.28 5.95 18.44
N SER N 171 29.73 5.79 17.19
CA SER N 171 30.75 4.82 16.84
C SER N 171 32.11 5.30 17.36
N GLY N 172 33.15 4.49 17.10
CA GLY N 172 34.48 4.74 17.56
C GLY N 172 34.72 4.01 18.86
N ALA N 173 33.62 3.58 19.50
CA ALA N 173 33.69 2.85 20.73
C ALA N 173 34.29 1.48 20.41
N PRO N 174 35.36 1.05 21.10
CA PRO N 174 35.94 -0.26 20.87
C PRO N 174 34.96 -1.35 21.35
N HIS N 175 35.22 -2.61 20.97
N HIS N 175 35.22 -2.61 20.97
CA HIS N 175 34.35 -3.72 21.32
CA HIS N 175 34.35 -3.72 21.32
C HIS N 175 34.47 -4.01 22.80
C HIS N 175 34.47 -4.01 22.80
N ALA N 176 33.32 -4.22 23.44
CA ALA N 176 33.24 -4.58 24.85
C ALA N 176 32.97 -6.07 24.92
N ALA N 177 33.64 -6.74 25.86
CA ALA N 177 33.52 -8.17 26.05
C ALA N 177 32.09 -8.49 26.44
N GLY N 178 31.45 -9.33 25.63
CA GLY N 178 30.07 -9.76 25.87
C GLY N 178 29.06 -8.76 25.38
N GLY N 179 29.47 -7.94 24.40
CA GLY N 179 28.59 -6.99 23.79
C GLY N 179 28.39 -5.82 24.70
N ARG N 180 28.50 -4.62 24.12
CA ARG N 180 28.14 -3.33 24.77
C ARG N 180 26.68 -3.42 25.21
N LEU N 181 26.39 -3.04 26.46
CA LEU N 181 25.02 -2.89 26.93
C LEU N 181 24.58 -1.45 26.68
N GLU O 5 -33.67 31.63 -50.53
CA GLU O 5 -33.28 31.02 -49.22
C GLU O 5 -31.80 31.29 -48.82
N GLY O 6 -30.99 31.76 -49.78
CA GLY O 6 -29.57 32.06 -49.62
C GLY O 6 -28.71 31.40 -50.69
N PRO O 7 -27.57 32.01 -51.10
CA PRO O 7 -26.71 31.43 -52.15
C PRO O 7 -25.83 30.26 -51.68
N LYS O 8 -26.09 29.05 -52.19
CA LYS O 8 -25.28 27.88 -51.90
C LYS O 8 -24.13 27.75 -52.88
N THR O 9 -22.91 27.70 -52.36
CA THR O 9 -21.75 27.22 -53.12
C THR O 9 -21.91 25.72 -53.32
N LYS O 10 -21.30 25.17 -54.37
CA LYS O 10 -21.51 23.74 -54.68
C LYS O 10 -20.70 22.79 -53.82
N PHE O 11 -19.73 23.31 -53.07
CA PHE O 11 -19.09 22.52 -52.03
C PHE O 11 -20.11 22.19 -50.95
N HIS O 12 -20.86 23.21 -50.52
CA HIS O 12 -21.92 23.05 -49.54
C HIS O 12 -22.99 22.11 -50.09
N ALA O 13 -23.40 22.37 -51.33
CA ALA O 13 -24.47 21.60 -51.96
C ALA O 13 -24.12 20.13 -52.19
N LEU O 14 -22.82 19.82 -52.29
CA LEU O 14 -22.35 18.47 -52.56
C LEU O 14 -22.00 17.74 -51.29
N MET O 15 -21.61 18.52 -50.27
CA MET O 15 -21.35 17.99 -48.95
C MET O 15 -22.63 17.54 -48.26
N GLN O 16 -23.75 18.22 -48.55
CA GLN O 16 -25.06 17.77 -48.12
C GLN O 16 -25.35 16.38 -48.68
N GLU O 17 -25.08 16.23 -49.99
CA GLU O 17 -25.23 14.96 -50.69
C GLU O 17 -24.37 13.88 -50.05
N GLN O 18 -23.16 14.26 -49.60
CA GLN O 18 -22.26 13.32 -48.98
C GLN O 18 -22.76 12.87 -47.62
N ILE O 19 -23.42 13.79 -46.89
CA ILE O 19 -24.03 13.44 -45.61
C ILE O 19 -25.06 12.33 -45.86
N HIS O 20 -25.87 12.52 -46.90
CA HIS O 20 -26.86 11.54 -47.31
C HIS O 20 -26.23 10.20 -47.64
N ASN O 21 -25.11 10.24 -48.37
CA ASN O 21 -24.37 9.05 -48.75
C ASN O 21 -23.82 8.27 -47.58
N GLU O 22 -23.24 8.97 -46.60
CA GLU O 22 -22.65 8.31 -45.45
C GLU O 22 -23.72 7.66 -44.58
N PHE O 23 -24.88 8.31 -44.46
CA PHE O 23 -26.01 7.72 -43.76
C PHE O 23 -26.51 6.43 -44.42
N THR O 24 -26.63 6.45 -45.75
CA THR O 24 -27.05 5.26 -46.50
C THR O 24 -26.01 4.16 -46.39
N ALA O 25 -24.72 4.55 -46.37
CA ALA O 25 -23.62 3.62 -46.26
C ALA O 25 -23.65 2.90 -44.92
N ALA O 26 -23.96 3.67 -43.86
CA ALA O 26 -24.08 3.11 -42.53
C ALA O 26 -25.21 2.07 -42.47
N GLN O 27 -26.35 2.42 -43.07
CA GLN O 27 -27.50 1.50 -43.10
C GLN O 27 -27.19 0.24 -43.90
N GLN O 28 -26.42 0.39 -44.98
CA GLN O 28 -25.97 -0.73 -45.79
C GLN O 28 -25.05 -1.67 -45.02
N TYR O 29 -24.14 -1.09 -44.22
CA TYR O 29 -23.26 -1.87 -43.31
C TYR O 29 -24.11 -2.62 -42.28
N VAL O 30 -25.17 -1.98 -41.75
CA VAL O 30 -26.04 -2.67 -40.80
C VAL O 30 -26.69 -3.86 -41.49
N ALA O 31 -27.13 -3.68 -42.74
CA ALA O 31 -27.81 -4.75 -43.47
C ALA O 31 -26.87 -5.93 -43.75
N ILE O 32 -25.64 -5.61 -44.14
CA ILE O 32 -24.59 -6.60 -44.38
C ILE O 32 -24.31 -7.40 -43.11
N ALA O 33 -24.14 -6.70 -41.99
CA ALA O 33 -23.90 -7.30 -40.68
C ALA O 33 -25.06 -8.19 -40.21
N VAL O 34 -26.28 -7.78 -40.52
CA VAL O 34 -27.46 -8.53 -40.14
C VAL O 34 -27.55 -9.82 -40.95
N TYR O 35 -27.20 -9.75 -42.24
CA TYR O 35 -27.11 -10.95 -43.13
C TYR O 35 -26.05 -11.91 -42.58
N PHE O 36 -24.90 -11.38 -42.17
CA PHE O 36 -23.85 -12.20 -41.59
C PHE O 36 -24.26 -12.81 -40.26
N ASP O 37 -25.11 -12.12 -39.51
CA ASP O 37 -25.56 -12.60 -38.20
C ASP O 37 -26.60 -13.71 -38.35
N SER O 38 -27.39 -13.64 -39.42
CA SER O 38 -28.38 -14.66 -39.71
C SER O 38 -27.74 -15.94 -40.23
N GLU O 39 -26.64 -15.79 -40.99
CA GLU O 39 -25.90 -16.93 -41.53
C GLU O 39 -24.84 -17.50 -40.58
N ASP O 40 -24.90 -17.11 -39.30
CA ASP O 40 -24.03 -17.64 -38.26
C ASP O 40 -22.55 -17.43 -38.57
N LEU O 41 -22.19 -16.17 -38.83
CA LEU O 41 -20.79 -15.77 -39.00
C LEU O 41 -20.54 -14.59 -38.07
N PRO O 42 -20.49 -14.81 -36.74
CA PRO O 42 -20.52 -13.72 -35.77
C PRO O 42 -19.27 -12.82 -35.68
N GLN O 43 -18.10 -13.28 -36.12
CA GLN O 43 -16.92 -12.42 -36.14
C GLN O 43 -17.03 -11.42 -37.26
N LEU O 44 -17.49 -11.90 -38.42
CA LEU O 44 -17.78 -11.06 -39.56
C LEU O 44 -18.83 -10.02 -39.18
N ALA O 45 -19.89 -10.49 -38.51
CA ALA O 45 -20.99 -9.65 -38.08
C ALA O 45 -20.49 -8.58 -37.12
N LYS O 46 -19.64 -8.98 -36.17
CA LYS O 46 -19.09 -8.09 -35.18
C LYS O 46 -18.33 -6.97 -35.85
N HIS O 47 -17.47 -7.32 -36.81
CA HIS O 47 -16.70 -6.34 -37.55
C HIS O 47 -17.58 -5.34 -38.27
N PHE O 48 -18.63 -5.83 -38.92
CA PHE O 48 -19.50 -4.93 -39.67
C PHE O 48 -20.42 -4.06 -38.82
N TYR O 49 -20.80 -4.55 -37.64
CA TYR O 49 -21.53 -3.77 -36.62
C TYR O 49 -20.63 -2.64 -36.13
N SER O 50 -19.32 -2.88 -36.05
CA SER O 50 -18.38 -1.83 -35.72
C SER O 50 -18.25 -0.82 -36.87
N GLN O 51 -18.25 -1.31 -38.11
CA GLN O 51 -18.11 -0.46 -39.29
C GLN O 51 -19.30 0.45 -39.51
N ALA O 52 -20.49 -0.01 -39.15
CA ALA O 52 -21.70 0.78 -39.26
C ALA O 52 -21.65 1.98 -38.32
N VAL O 53 -21.14 1.73 -37.11
CA VAL O 53 -20.92 2.76 -36.12
C VAL O 53 -19.91 3.75 -36.64
N GLU O 54 -18.84 3.25 -37.25
CA GLU O 54 -17.80 4.11 -37.79
C GLU O 54 -18.35 5.02 -38.89
N GLU O 55 -19.23 4.48 -39.73
CA GLU O 55 -19.81 5.21 -40.85
C GLU O 55 -20.77 6.28 -40.36
N ARG O 56 -21.57 5.95 -39.34
CA ARG O 56 -22.48 6.92 -38.66
C ARG O 56 -21.65 8.04 -38.05
N ASN O 57 -20.51 7.70 -37.45
CA ASN O 57 -19.60 8.70 -36.92
C ASN O 57 -19.07 9.64 -37.99
N HIS O 58 -18.76 9.10 -39.17
CA HIS O 58 -18.32 9.91 -40.30
C HIS O 58 -19.42 10.89 -40.71
N ALA O 59 -20.66 10.40 -40.78
CA ALA O 59 -21.81 11.23 -41.11
C ALA O 59 -21.94 12.39 -40.11
N MET O 60 -21.80 12.05 -38.82
CA MET O 60 -21.86 13.02 -37.75
C MET O 60 -20.74 14.06 -37.85
N MET O 61 -19.56 13.63 -38.33
CA MET O 61 -18.42 14.53 -38.52
C MET O 61 -18.71 15.55 -39.60
N LEU O 62 -19.28 15.09 -40.71
CA LEU O 62 -19.68 15.97 -41.79
C LEU O 62 -20.74 16.97 -41.33
N VAL O 63 -21.74 16.47 -40.61
CA VAL O 63 -22.79 17.29 -40.03
C VAL O 63 -22.22 18.39 -39.13
N GLN O 64 -21.30 17.99 -38.24
CA GLN O 64 -20.65 18.90 -37.30
C GLN O 64 -19.87 19.97 -38.01
N HIS O 65 -19.25 19.60 -39.14
CA HIS O 65 -18.53 20.57 -39.96
C HIS O 65 -19.44 21.60 -40.56
N LEU O 66 -20.63 21.17 -40.97
CA LEU O 66 -21.62 22.13 -41.48
C LEU O 66 -22.11 23.05 -40.37
N LEU O 67 -22.31 22.49 -39.17
CA LEU O 67 -22.76 23.26 -38.02
C LEU O 67 -21.75 24.32 -37.60
N ASP O 68 -20.45 24.00 -37.74
CA ASP O 68 -19.36 24.90 -37.34
C ASP O 68 -19.24 26.12 -38.25
N ARG O 69 -19.42 25.91 -39.54
CA ARG O 69 -19.33 26.99 -40.56
C ARG O 69 -20.69 27.66 -40.76
N ASP O 70 -21.68 27.32 -39.93
CA ASP O 70 -22.99 27.97 -39.89
C ASP O 70 -23.73 27.93 -41.21
N LEU O 71 -23.53 26.86 -41.98
CA LEU O 71 -24.31 26.62 -43.19
C LEU O 71 -25.46 25.72 -42.78
N ARG O 72 -26.57 25.85 -43.52
CA ARG O 72 -27.78 25.04 -43.23
C ARG O 72 -27.47 23.60 -43.57
N VAL O 73 -28.01 22.67 -42.79
CA VAL O 73 -27.75 21.28 -43.02
C VAL O 73 -29.04 20.53 -42.73
N GLU O 74 -29.37 19.58 -43.62
CA GLU O 74 -30.54 18.73 -43.50
C GLU O 74 -30.02 17.40 -43.05
N ILE O 75 -30.71 16.79 -42.08
CA ILE O 75 -30.50 15.39 -41.77
C ILE O 75 -31.48 14.63 -42.67
N PRO O 76 -31.00 13.91 -43.69
CA PRO O 76 -31.88 13.35 -44.72
C PRO O 76 -32.40 11.95 -44.38
N GLY O 77 -33.27 11.42 -45.23
CA GLY O 77 -33.70 10.04 -45.17
C GLY O 77 -32.62 9.18 -45.78
N VAL O 78 -32.88 7.87 -45.81
CA VAL O 78 -31.94 6.88 -46.32
C VAL O 78 -32.70 6.06 -47.34
N ASP O 79 -32.02 5.71 -48.43
CA ASP O 79 -32.64 4.92 -49.49
C ASP O 79 -32.71 3.50 -49.01
N THR O 80 -33.47 2.65 -49.73
CA THR O 80 -33.50 1.24 -49.43
C THR O 80 -32.13 0.66 -49.75
N VAL O 81 -31.62 -0.15 -48.82
CA VAL O 81 -30.34 -0.80 -48.95
C VAL O 81 -30.61 -2.27 -49.26
N ARG O 82 -29.56 -2.99 -49.68
CA ARG O 82 -29.64 -4.39 -50.14
C ARG O 82 -29.63 -5.34 -48.94
N ASN O 83 -30.48 -6.38 -48.97
CA ASN O 83 -30.53 -7.41 -47.93
C ASN O 83 -30.29 -8.83 -48.42
N GLN O 84 -30.67 -9.13 -49.67
CA GLN O 84 -30.48 -10.45 -50.25
C GLN O 84 -29.04 -10.61 -50.73
N PHE O 85 -28.41 -11.69 -50.28
CA PHE O 85 -27.13 -12.12 -50.78
C PHE O 85 -27.21 -13.61 -50.83
N ASP O 86 -26.71 -14.20 -51.92
CA ASP O 86 -26.75 -15.65 -52.08
C ASP O 86 -25.60 -16.36 -51.36
N ARG O 87 -24.45 -15.69 -51.21
CA ARG O 87 -23.27 -16.21 -50.48
C ARG O 87 -22.53 -15.04 -49.82
N PRO O 88 -21.70 -15.30 -48.78
CA PRO O 88 -20.96 -14.22 -48.10
C PRO O 88 -20.00 -13.40 -48.97
N ARG O 89 -19.46 -14.01 -50.03
CA ARG O 89 -18.48 -13.39 -50.93
C ARG O 89 -19.12 -12.14 -51.57
N GLU O 90 -20.41 -12.21 -51.90
CA GLU O 90 -21.10 -11.11 -52.55
C GLU O 90 -21.32 -9.92 -51.64
N ALA O 91 -21.61 -10.18 -50.36
CA ALA O 91 -21.83 -9.13 -49.39
C ALA O 91 -20.53 -8.40 -49.11
N LEU O 92 -19.45 -9.18 -49.01
CA LEU O 92 -18.12 -8.61 -48.86
C LEU O 92 -17.72 -7.78 -50.08
N ALA O 93 -18.09 -8.27 -51.27
CA ALA O 93 -17.80 -7.56 -52.51
C ALA O 93 -18.57 -6.26 -52.56
N LEU O 94 -19.79 -6.26 -52.03
CA LEU O 94 -20.63 -5.08 -51.96
C LEU O 94 -20.00 -4.05 -51.05
N ALA O 95 -19.48 -4.49 -49.90
CA ALA O 95 -18.79 -3.61 -48.98
C ALA O 95 -17.59 -2.94 -49.63
N LEU O 96 -16.75 -3.76 -50.26
CA LEU O 96 -15.58 -3.29 -50.99
C LEU O 96 -15.94 -2.26 -52.05
N ASP O 97 -16.96 -2.58 -52.84
CA ASP O 97 -17.51 -1.70 -53.86
C ASP O 97 -17.89 -0.35 -53.24
N GLN O 98 -18.69 -0.41 -52.16
CA GLN O 98 -19.19 0.77 -51.50
C GLN O 98 -18.05 1.64 -51.08
N GLU O 99 -17.01 1.04 -50.50
CA GLU O 99 -15.90 1.81 -49.99
C GLU O 99 -15.07 2.46 -51.10
N ARG O 100 -14.94 1.78 -52.24
CA ARG O 100 -14.28 2.38 -53.43
C ARG O 100 -15.10 3.58 -53.90
N THR O 101 -16.43 3.46 -53.88
CA THR O 101 -17.30 4.57 -54.24
C THR O 101 -17.06 5.73 -53.29
N VAL O 102 -17.11 5.46 -51.98
CA VAL O 102 -16.91 6.48 -50.96
C VAL O 102 -15.58 7.22 -51.17
N THR O 103 -14.54 6.48 -51.52
CA THR O 103 -13.24 7.06 -51.83
C THR O 103 -13.33 8.04 -52.98
N ASP O 104 -14.01 7.62 -54.06
CA ASP O 104 -14.19 8.49 -55.22
C ASP O 104 -15.01 9.74 -54.92
N GLN O 105 -16.03 9.59 -54.07
CA GLN O 105 -16.87 10.69 -53.62
C GLN O 105 -16.10 11.72 -52.83
N VAL O 106 -15.28 11.26 -51.88
CA VAL O 106 -14.45 12.14 -51.07
C VAL O 106 -13.40 12.83 -51.95
N GLY O 107 -12.90 12.11 -52.96
CA GLY O 107 -12.04 12.70 -53.96
C GLY O 107 -12.71 13.86 -54.68
N ARG O 108 -13.97 13.63 -55.06
CA ARG O 108 -14.82 14.59 -55.80
C ARG O 108 -15.03 15.83 -54.94
N LEU O 109 -15.26 15.64 -53.64
CA LEU O 109 -15.39 16.74 -52.69
C LEU O 109 -14.12 17.59 -52.54
N THR O 110 -12.98 16.92 -52.42
CA THR O 110 -11.70 17.63 -52.32
C THR O 110 -11.45 18.45 -53.56
N ALA O 111 -11.79 17.88 -54.72
CA ALA O 111 -11.63 18.54 -56.01
C ALA O 111 -12.52 19.77 -56.14
N VAL O 112 -13.80 19.63 -55.77
CA VAL O 112 -14.74 20.74 -55.89
C VAL O 112 -14.41 21.86 -54.90
N ALA O 113 -13.89 21.48 -53.73
CA ALA O 113 -13.46 22.43 -52.72
C ALA O 113 -12.29 23.23 -53.23
N ARG O 114 -11.35 22.54 -53.88
CA ARG O 114 -10.11 23.17 -54.39
C ARG O 114 -10.44 24.05 -55.60
N ASP O 115 -11.43 23.67 -56.40
CA ASP O 115 -11.87 24.50 -57.51
C ASP O 115 -12.38 25.85 -56.99
N GLU O 116 -13.34 25.81 -56.07
CA GLU O 116 -14.01 27.03 -55.60
C GLU O 116 -13.34 27.75 -54.44
N GLY O 117 -12.07 27.43 -54.20
CA GLY O 117 -11.25 28.12 -53.22
C GLY O 117 -11.81 28.11 -51.81
N ASP O 118 -12.34 26.95 -51.39
CA ASP O 118 -12.86 26.76 -50.03
C ASP O 118 -11.79 26.03 -49.23
N PHE O 119 -10.89 26.79 -48.63
CA PHE O 119 -9.70 26.26 -48.00
C PHE O 119 -9.97 25.45 -46.73
N LEU O 120 -10.98 25.88 -45.97
CA LEU O 120 -11.48 25.13 -44.84
C LEU O 120 -12.03 23.78 -45.31
N GLY O 121 -12.77 23.82 -46.42
CA GLY O 121 -13.32 22.60 -47.01
C GLY O 121 -12.27 21.67 -47.58
N GLU O 122 -11.23 22.23 -48.19
CA GLU O 122 -10.11 21.45 -48.69
C GLU O 122 -9.50 20.72 -47.52
N GLN O 123 -9.22 21.47 -46.46
CA GLN O 123 -8.48 20.95 -45.31
C GLN O 123 -9.25 19.92 -44.51
N PHE O 124 -10.57 20.10 -44.40
CA PHE O 124 -11.39 19.27 -43.55
C PHE O 124 -11.40 17.81 -43.95
N MET O 125 -11.21 17.53 -45.24
CA MET O 125 -11.43 16.19 -45.80
C MET O 125 -10.18 15.37 -46.07
N GLN O 126 -9.05 15.89 -45.60
CA GLN O 126 -7.80 15.17 -45.66
C GLN O 126 -7.90 13.96 -44.75
N TRP O 127 -8.63 14.12 -43.65
CA TRP O 127 -8.79 13.05 -42.68
C TRP O 127 -9.62 11.93 -43.27
N PHE O 128 -10.60 12.30 -44.11
CA PHE O 128 -11.44 11.34 -44.78
C PHE O 128 -10.67 10.55 -45.82
N LEU O 129 -9.76 11.21 -46.53
CA LEU O 129 -8.85 10.53 -47.46
C LEU O 129 -7.96 9.51 -46.73
N GLN O 130 -7.41 9.93 -45.60
CA GLN O 130 -6.59 9.07 -44.74
C GLN O 130 -7.33 7.83 -44.31
N GLU O 131 -8.59 8.02 -43.88
CA GLU O 131 -9.41 6.90 -43.42
C GLU O 131 -9.77 5.95 -44.53
N GLN O 132 -10.00 6.50 -45.72
CA GLN O 132 -10.31 5.69 -46.88
C GLN O 132 -9.17 4.76 -47.31
N ILE O 133 -7.92 5.21 -47.17
CA ILE O 133 -6.78 4.36 -47.47
C ILE O 133 -6.90 3.03 -46.71
N GLU O 134 -6.89 3.12 -45.38
CA GLU O 134 -6.87 1.97 -44.50
C GLU O 134 -8.16 1.16 -44.61
N GLU O 135 -9.28 1.85 -44.80
CA GLU O 135 -10.59 1.20 -44.91
C GLU O 135 -10.74 0.33 -46.16
N VAL O 136 -10.38 0.88 -47.32
CA VAL O 136 -10.42 0.12 -48.57
C VAL O 136 -9.38 -1.01 -48.53
N ALA O 137 -8.26 -0.76 -47.84
CA ALA O 137 -7.24 -1.79 -47.66
C ALA O 137 -7.83 -2.99 -46.96
N LEU O 138 -8.51 -2.73 -45.84
CA LEU O 138 -9.11 -3.78 -45.02
C LEU O 138 -10.17 -4.56 -45.77
N MET O 139 -11.04 -3.85 -46.48
CA MET O 139 -12.09 -4.48 -47.28
C MET O 139 -11.55 -5.37 -48.38
N ALA O 140 -10.53 -4.89 -49.09
CA ALA O 140 -9.90 -5.66 -50.16
C ALA O 140 -9.28 -6.93 -49.61
N THR O 141 -8.63 -6.80 -48.44
CA THR O 141 -8.03 -7.93 -47.76
C THR O 141 -9.09 -8.99 -47.44
N LEU O 142 -10.22 -8.56 -46.88
CA LEU O 142 -11.33 -9.47 -46.56
C LEU O 142 -11.92 -10.18 -47.77
N VAL O 143 -12.04 -9.46 -48.89
CA VAL O 143 -12.59 -10.04 -50.11
C VAL O 143 -11.66 -11.11 -50.70
N ARG O 144 -10.35 -10.83 -50.68
CA ARG O 144 -9.30 -11.77 -51.17
C ARG O 144 -9.25 -13.00 -50.27
N VAL O 145 -9.34 -12.81 -48.96
CA VAL O 145 -9.35 -13.93 -48.01
C VAL O 145 -10.61 -14.78 -48.20
N ALA O 146 -11.74 -14.13 -48.49
CA ALA O 146 -13.01 -14.83 -48.74
C ALA O 146 -12.94 -15.66 -50.02
N ASP O 147 -12.18 -15.19 -51.01
CA ASP O 147 -11.94 -15.97 -52.22
C ASP O 147 -11.03 -17.19 -51.97
N ARG O 148 -9.96 -17.02 -51.19
CA ARG O 148 -9.03 -18.12 -50.82
C ARG O 148 -9.76 -19.18 -50.00
N ALA O 149 -10.67 -18.76 -49.12
CA ALA O 149 -11.41 -19.68 -48.27
C ALA O 149 -12.44 -20.47 -49.09
N GLY O 150 -13.09 -19.81 -50.04
CA GLY O 150 -14.14 -20.44 -50.85
C GLY O 150 -15.33 -20.77 -49.97
N ALA O 151 -15.90 -21.97 -50.18
CA ALA O 151 -17.07 -22.40 -49.44
C ALA O 151 -16.80 -22.69 -47.96
N ASN O 152 -15.55 -23.01 -47.61
CA ASN O 152 -15.14 -23.27 -46.24
C ASN O 152 -15.01 -21.96 -45.46
N LEU O 153 -16.11 -21.56 -44.80
CA LEU O 153 -16.24 -20.25 -44.22
C LEU O 153 -15.59 -20.06 -42.85
N PHE O 154 -15.26 -21.17 -42.19
CA PHE O 154 -14.65 -21.10 -40.87
C PHE O 154 -13.26 -20.48 -40.88
N GLU O 155 -12.54 -20.64 -42.01
CA GLU O 155 -11.20 -20.11 -42.13
C GLU O 155 -11.22 -18.59 -42.32
N LEU O 156 -12.21 -18.11 -43.07
CA LEU O 156 -12.54 -16.69 -43.13
C LEU O 156 -12.84 -16.15 -41.74
N GLU O 157 -13.66 -16.91 -41.01
CA GLU O 157 -14.05 -16.58 -39.64
C GLU O 157 -12.83 -16.41 -38.72
N ASN O 158 -11.89 -17.36 -38.80
CA ASN O 158 -10.67 -17.34 -38.00
C ASN O 158 -9.74 -16.21 -38.38
N PHE O 159 -9.67 -15.91 -39.68
CA PHE O 159 -8.87 -14.79 -40.15
C PHE O 159 -9.38 -13.48 -39.60
N VAL O 160 -10.71 -13.28 -39.63
CA VAL O 160 -11.32 -12.08 -39.08
C VAL O 160 -11.08 -12.01 -37.58
N ALA O 161 -11.13 -13.15 -36.90
CA ALA O 161 -10.98 -13.19 -35.45
C ALA O 161 -9.59 -12.83 -34.96
N ARG O 162 -8.56 -13.38 -35.60
CA ARG O 162 -7.14 -13.24 -35.14
C ARG O 162 -6.53 -11.95 -35.67
N GLU O 163 -6.76 -11.60 -36.94
CA GLU O 163 -5.92 -10.62 -37.63
C GLU O 163 -6.56 -9.26 -37.82
N VAL O 164 -7.88 -9.22 -38.03
CA VAL O 164 -8.61 -7.99 -38.17
C VAL O 164 -9.08 -7.55 -36.79
N ASP O 165 -8.60 -6.38 -36.36
CA ASP O 165 -8.94 -5.82 -35.07
C ASP O 165 -9.32 -4.38 -35.29
N VAL O 166 -10.37 -3.94 -34.60
CA VAL O 166 -10.73 -2.52 -34.54
C VAL O 166 -10.00 -1.91 -33.34
N ALA O 167 -8.77 -1.43 -33.61
CA ALA O 167 -7.89 -0.82 -32.61
C ALA O 167 -8.52 0.51 -32.16
N PRO O 168 -8.09 1.07 -31.00
CA PRO O 168 -8.54 2.39 -30.59
C PRO O 168 -8.27 3.40 -31.71
N ALA O 169 -9.25 4.29 -31.97
CA ALA O 169 -9.11 5.32 -32.99
C ALA O 169 -8.02 6.27 -32.56
N ALA O 170 -7.21 6.70 -33.53
CA ALA O 170 -6.14 7.63 -33.30
C ALA O 170 -6.75 9.00 -33.26
N SER O 171 -5.95 9.99 -32.83
CA SER O 171 -6.33 11.38 -32.91
C SER O 171 -6.26 11.86 -34.36
N GLY O 172 -6.58 13.14 -34.57
CA GLY O 172 -6.64 13.73 -35.88
C GLY O 172 -8.05 13.69 -36.40
N ALA O 173 -8.88 12.84 -35.77
CA ALA O 173 -10.27 12.71 -36.14
C ALA O 173 -10.96 13.99 -35.75
N PRO O 174 -11.68 14.66 -36.68
CA PRO O 174 -12.41 15.88 -36.34
C PRO O 174 -13.59 15.54 -35.42
N HIS O 175 -14.20 16.57 -34.81
N HIS O 175 -14.20 16.57 -34.81
CA HIS O 175 -15.28 16.38 -33.86
CA HIS O 175 -15.28 16.37 -33.87
C HIS O 175 -16.52 15.92 -34.61
C HIS O 175 -16.52 15.92 -34.61
N ALA O 176 -17.20 14.92 -34.05
CA ALA O 176 -18.45 14.40 -34.58
C ALA O 176 -19.57 14.97 -33.73
N ALA O 177 -20.66 15.35 -34.40
CA ALA O 177 -21.82 15.94 -33.75
C ALA O 177 -22.41 14.91 -32.81
N GLY O 178 -22.49 15.28 -31.53
CA GLY O 178 -23.04 14.42 -30.49
C GLY O 178 -22.06 13.40 -29.98
N GLY O 179 -20.77 13.71 -30.12
CA GLY O 179 -19.72 12.87 -29.62
C GLY O 179 -19.55 11.68 -30.52
N ARG O 180 -18.28 11.39 -30.84
CA ARG O 180 -17.86 10.16 -31.54
C ARG O 180 -18.32 8.97 -30.71
N LEU O 181 -18.95 7.97 -31.36
CA LEU O 181 -19.27 6.71 -30.72
C LEU O 181 -18.11 5.75 -30.94
N GLU P 5 66.42 15.18 -6.74
CA GLU P 5 64.97 14.90 -6.99
C GLU P 5 64.01 15.52 -5.95
N GLY P 6 64.57 15.98 -4.82
CA GLY P 6 63.85 16.58 -3.70
C GLY P 6 64.18 15.94 -2.36
N PRO P 7 64.16 16.69 -1.23
CA PRO P 7 64.50 16.13 0.09
C PRO P 7 63.40 15.26 0.72
N LYS P 8 63.67 13.96 0.86
CA LYS P 8 62.76 13.03 1.52
C LYS P 8 63.02 12.97 3.01
N THR P 9 61.99 13.25 3.82
CA THR P 9 61.98 12.91 5.24
C THR P 9 61.86 11.39 5.34
N LYS P 10 62.34 10.80 6.44
CA LYS P 10 62.34 9.33 6.54
C LYS P 10 61.00 8.72 6.90
N PHE P 11 60.04 9.55 7.32
CA PHE P 11 58.66 9.09 7.42
C PHE P 11 58.14 8.75 6.04
N HIS P 12 58.38 9.65 5.08
CA HIS P 12 57.99 9.45 3.69
C HIS P 12 58.73 8.23 3.13
N ALA P 13 60.04 8.19 3.37
CA ALA P 13 60.88 7.13 2.84
C ALA P 13 60.55 5.74 3.39
N LEU P 14 59.95 5.68 4.58
CA LEU P 14 59.64 4.44 5.25
C LEU P 14 58.20 4.01 4.99
N MET P 15 57.36 5.01 4.74
CA MET P 15 55.97 4.78 4.36
C MET P 15 55.88 4.21 2.95
N GLN P 16 56.81 4.59 2.07
CA GLN P 16 56.95 3.96 0.77
C GLN P 16 57.22 2.47 0.93
N GLU P 17 58.17 2.15 1.83
CA GLU P 17 58.51 0.78 2.17
C GLU P 17 57.31 0.02 2.69
N GLN P 18 56.46 0.71 3.47
CA GLN P 18 55.28 0.09 4.02
C GLN P 18 54.24 -0.21 2.96
N ILE P 19 54.16 0.66 1.94
CA ILE P 19 53.27 0.42 0.80
C ILE P 19 53.69 -0.90 0.14
N HIS P 20 54.99 -1.06 -0.05
CA HIS P 20 55.57 -2.27 -0.61
C HIS P 20 55.22 -3.50 0.23
N ASN P 21 55.34 -3.35 1.55
CA ASN P 21 55.02 -4.42 2.49
C ASN P 21 53.57 -4.87 2.45
N GLU P 22 52.64 -3.91 2.39
CA GLU P 22 51.23 -4.23 2.39
C GLU P 22 50.82 -4.92 1.10
N PHE P 23 51.42 -4.51 -0.02
CA PHE P 23 51.21 -5.19 -1.29
C PHE P 23 51.68 -6.65 -1.27
N THR P 24 52.88 -6.87 -0.72
CA THR P 24 53.42 -8.23 -0.59
C THR P 24 52.57 -9.07 0.36
N ALA P 25 52.05 -8.43 1.42
CA ALA P 25 51.21 -9.09 2.40
C ALA P 25 49.91 -9.56 1.77
N ALA P 26 49.34 -8.71 0.90
CA ALA P 26 48.13 -9.04 0.18
C ALA P 26 48.35 -10.26 -0.72
N GLN P 27 49.48 -10.26 -1.44
CA GLN P 27 49.81 -11.38 -2.32
C GLN P 27 50.04 -12.67 -1.54
N GLN P 28 50.63 -12.55 -0.36
CA GLN P 28 50.84 -13.68 0.55
C GLN P 28 49.53 -14.26 1.04
N TYR P 29 48.56 -13.39 1.36
CA TYR P 29 47.18 -13.81 1.74
C TYR P 29 46.52 -14.53 0.57
N VAL P 30 46.72 -14.04 -0.66
CA VAL P 30 46.15 -14.72 -1.83
C VAL P 30 46.75 -16.12 -1.93
N ALA P 31 48.06 -16.24 -1.71
CA ALA P 31 48.73 -17.54 -1.82
C ALA P 31 48.24 -18.54 -0.77
N ILE P 32 48.08 -18.04 0.46
CA ILE P 32 47.55 -18.83 1.57
C ILE P 32 46.14 -19.33 1.26
N ALA P 33 45.29 -18.42 0.78
CA ALA P 33 43.91 -18.73 0.38
C ALA P 33 43.84 -19.75 -0.76
N VAL P 34 44.77 -19.65 -1.70
CA VAL P 34 44.81 -20.55 -2.84
C VAL P 34 45.22 -21.95 -2.39
N TYR P 35 46.18 -22.03 -1.45
CA TYR P 35 46.59 -23.31 -0.82
C TYR P 35 45.39 -23.94 -0.08
N PHE P 36 44.64 -23.12 0.65
CA PHE P 36 43.45 -23.60 1.34
C PHE P 36 42.37 -24.05 0.38
N ASP P 37 42.29 -23.43 -0.79
CA ASP P 37 41.27 -23.76 -1.78
C ASP P 37 41.61 -25.07 -2.50
N SER P 38 42.91 -25.34 -2.66
CA SER P 38 43.36 -26.58 -3.28
C SER P 38 43.19 -27.77 -2.34
N GLU P 39 43.36 -27.53 -1.03
CA GLU P 39 43.19 -28.57 -0.01
C GLU P 39 41.76 -28.75 0.48
N ASP P 40 40.79 -28.17 -0.24
CA ASP P 40 39.37 -28.33 0.04
C ASP P 40 38.99 -27.88 1.44
N LEU P 41 39.36 -26.64 1.77
CA LEU P 41 38.94 -26.00 3.01
C LEU P 41 38.34 -24.64 2.67
N PRO P 42 37.13 -24.62 2.06
CA PRO P 42 36.58 -23.41 1.45
C PRO P 42 36.15 -22.28 2.39
N GLN P 43 35.86 -22.57 3.66
CA GLN P 43 35.54 -21.50 4.62
C GLN P 43 36.79 -20.74 4.99
N LEU P 44 37.87 -21.50 5.22
CA LEU P 44 39.18 -20.93 5.45
C LEU P 44 39.60 -20.09 4.26
N ALA P 45 39.41 -20.64 3.06
CA ALA P 45 39.78 -19.97 1.81
C ALA P 45 38.98 -18.68 1.67
N LYS P 46 37.68 -18.74 1.97
CA LYS P 46 36.80 -17.60 1.86
C LYS P 46 37.29 -16.47 2.75
N HIS P 47 37.62 -16.80 4.00
CA HIS P 47 38.14 -15.82 4.94
C HIS P 47 39.40 -15.16 4.45
N PHE P 48 40.33 -15.96 3.91
CA PHE P 48 41.58 -15.39 3.46
C PHE P 48 41.51 -14.60 2.16
N TYR P 49 40.56 -14.94 1.29
CA TYR P 49 40.23 -14.17 0.07
C TYR P 49 39.67 -12.81 0.50
N SER P 50 38.93 -12.77 1.61
CA SER P 50 38.47 -11.51 2.16
C SER P 50 39.64 -10.70 2.75
N GLN P 51 40.57 -11.38 3.42
CA GLN P 51 41.72 -10.73 4.04
C GLN P 51 42.69 -10.13 3.05
N ALA P 52 42.81 -10.76 1.89
CA ALA P 52 43.67 -10.26 0.82
C ALA P 52 43.14 -8.93 0.29
N VAL P 53 41.81 -8.87 0.15
CA VAL P 53 41.12 -7.66 -0.26
C VAL P 53 41.34 -6.58 0.78
N GLU P 54 41.24 -6.96 2.05
CA GLU P 54 41.43 -6.00 3.14
C GLU P 54 42.84 -5.43 3.14
N GLU P 55 43.83 -6.27 2.83
CA GLU P 55 45.23 -5.87 2.84
C GLU P 55 45.53 -4.95 1.66
N ARG P 56 44.95 -5.26 0.49
CA ARG P 56 45.03 -4.39 -0.72
C ARG P 56 44.41 -3.04 -0.41
N ASN P 57 43.28 -3.03 0.30
CA ASN P 57 42.65 -1.80 0.73
C ASN P 57 43.54 -0.97 1.63
N HIS P 58 44.27 -1.62 2.54
CA HIS P 58 45.23 -0.94 3.39
C HIS P 58 46.33 -0.28 2.57
N ALA P 59 46.84 -1.02 1.58
CA ALA P 59 47.86 -0.50 0.69
C ALA P 59 47.36 0.75 -0.04
N MET P 60 46.12 0.67 -0.54
CA MET P 60 45.48 1.78 -1.21
C MET P 60 45.29 2.99 -0.28
N MET P 61 45.04 2.73 1.01
CA MET P 61 44.89 3.80 2.00
C MET P 61 46.20 4.54 2.19
N LEU P 62 47.30 3.79 2.30
CA LEU P 62 48.62 4.38 2.41
C LEU P 62 48.97 5.21 1.18
N VAL P 63 48.69 4.64 0.01
CA VAL P 63 48.90 5.32 -1.27
C VAL P 63 48.14 6.65 -1.32
N GLN P 64 46.85 6.60 -0.95
CA GLN P 64 45.97 7.77 -0.94
C GLN P 64 46.48 8.83 -0.01
N HIS P 65 47.06 8.42 1.12
CA HIS P 65 47.66 9.36 2.06
C HIS P 65 48.85 10.06 1.48
N LEU P 66 49.65 9.34 0.70
CA LEU P 66 50.77 9.98 0.01
C LEU P 66 50.29 10.96 -1.04
N LEU P 67 49.23 10.58 -1.77
CA LEU P 67 48.64 11.43 -2.80
C LEU P 67 48.07 12.72 -2.24
N ASP P 68 47.51 12.65 -1.02
CA ASP P 68 46.89 13.81 -0.37
C ASP P 68 47.90 14.85 0.08
N ARG P 69 49.03 14.40 0.59
CA ARG P 69 50.12 15.29 1.08
C ARG P 69 51.09 15.63 -0.06
N ASP P 70 50.76 15.24 -1.29
CA ASP P 70 51.50 15.60 -2.51
C ASP P 70 52.96 15.19 -2.49
N LEU P 71 53.25 14.07 -1.82
CA LEU P 71 54.59 13.48 -1.87
C LEU P 71 54.55 12.45 -2.98
N ARG P 72 55.73 12.23 -3.58
CA ARG P 72 55.85 11.26 -4.70
C ARG P 72 55.64 9.86 -4.12
N VAL P 73 55.01 9.00 -4.90
CA VAL P 73 54.73 7.66 -4.42
C VAL P 73 54.90 6.73 -5.61
N GLU P 74 55.58 5.60 -5.36
CA GLU P 74 55.81 4.56 -6.34
C GLU P 74 54.85 3.45 -6.00
N ILE P 75 54.20 2.89 -7.02
CA ILE P 75 53.50 1.63 -6.87
C ILE P 75 54.53 0.55 -7.19
N PRO P 76 55.00 -0.22 -6.20
CA PRO P 76 56.15 -1.10 -6.39
C PRO P 76 55.75 -2.50 -6.88
N GLY P 77 56.75 -3.33 -7.16
CA GLY P 77 56.56 -4.74 -7.43
C GLY P 77 56.37 -5.46 -6.12
N VAL P 78 56.19 -6.78 -6.20
CA VAL P 78 55.94 -7.63 -5.05
C VAL P 78 56.96 -8.75 -5.11
N ASP P 79 57.48 -9.14 -3.95
CA ASP P 79 58.48 -10.20 -3.88
C ASP P 79 57.76 -11.51 -4.05
N THR P 80 58.51 -12.59 -4.27
CA THR P 80 57.92 -13.91 -4.31
C THR P 80 57.41 -14.25 -2.92
N VAL P 81 56.19 -14.77 -2.87
CA VAL P 81 55.54 -15.16 -1.64
C VAL P 81 55.57 -16.69 -1.58
N ARG P 82 55.26 -17.24 -0.40
CA ARG P 82 55.34 -18.68 -0.11
C ARG P 82 54.08 -19.40 -0.61
N ASN P 83 54.25 -20.58 -1.23
CA ASN P 83 53.13 -21.40 -1.69
C ASN P 83 53.09 -22.81 -1.11
N GLN P 84 54.25 -23.38 -0.78
CA GLN P 84 54.34 -24.71 -0.21
C GLN P 84 54.04 -24.66 1.28
N PHE P 85 53.09 -25.50 1.70
CA PHE P 85 52.81 -25.75 3.09
C PHE P 85 52.52 -27.21 3.19
N ASP P 86 53.07 -27.86 4.22
CA ASP P 86 52.87 -29.29 4.40
C ASP P 86 51.55 -29.62 5.10
N ARG P 87 51.05 -28.72 5.95
CA ARG P 87 49.75 -28.86 6.65
C ARG P 87 49.14 -27.47 6.85
N PRO P 88 47.80 -27.37 7.07
CA PRO P 88 47.15 -26.07 7.27
C PRO P 88 47.64 -25.23 8.46
N ARG P 89 48.13 -25.89 9.50
CA ARG P 89 48.60 -25.24 10.74
C ARG P 89 49.75 -24.28 10.39
N GLU P 90 50.61 -24.66 9.45
CA GLU P 90 51.76 -23.85 9.08
C GLU P 90 51.38 -22.59 8.32
N ALA P 91 50.36 -22.68 7.46
CA ALA P 91 49.90 -21.55 6.68
C ALA P 91 49.24 -20.54 7.60
N LEU P 92 48.45 -21.06 8.55
CA LEU P 92 47.85 -20.21 9.57
C LEU P 92 48.91 -19.54 10.45
N ALA P 93 49.97 -20.28 10.77
CA ALA P 93 51.06 -19.75 11.58
C ALA P 93 51.78 -18.66 10.81
N LEU P 94 51.90 -18.82 9.50
CA LEU P 94 52.52 -17.83 8.63
C LEU P 94 51.71 -16.56 8.62
N ALA P 95 50.39 -16.69 8.53
CA ALA P 95 49.49 -15.54 8.59
C ALA P 95 49.65 -14.77 9.88
N LEU P 96 49.60 -15.49 11.00
CA LEU P 96 49.78 -14.93 12.33
C LEU P 96 51.11 -14.18 12.46
N ASP P 97 52.18 -14.83 11.99
CA ASP P 97 53.52 -14.27 11.95
C ASP P 97 53.50 -12.94 11.19
N GLN P 98 52.94 -12.97 9.97
CA GLN P 98 52.90 -11.83 9.09
C GLN P 98 52.23 -10.68 9.79
N GLU P 99 51.11 -10.95 10.45
CA GLU P 99 50.34 -9.90 11.08
C GLU P 99 51.06 -9.29 12.28
N ARG P 100 51.80 -10.12 13.03
CA ARG P 100 52.66 -9.61 14.14
C ARG P 100 53.73 -8.69 13.56
N THR P 101 54.30 -9.07 12.41
CA THR P 101 55.29 -8.24 11.74
C THR P 101 54.65 -6.91 11.36
N VAL P 102 53.50 -6.96 10.69
CA VAL P 102 52.78 -5.76 10.26
C VAL P 102 52.53 -4.81 11.44
N THR P 103 52.15 -5.38 12.58
CA THR P 103 51.96 -4.61 13.80
C THR P 103 53.22 -3.88 14.20
N ASP P 104 54.36 -4.60 14.20
CA ASP P 104 55.64 -3.99 14.54
C ASP P 104 56.07 -2.91 13.57
N GLN P 105 55.79 -3.11 12.28
CA GLN P 105 56.07 -2.14 11.23
C GLN P 105 55.29 -0.86 11.40
N VAL P 106 53.98 -0.98 11.67
CA VAL P 106 53.13 0.17 11.90
C VAL P 106 53.56 0.91 13.18
N GLY P 107 54.00 0.14 14.19
CA GLY P 107 54.60 0.71 15.38
C GLY P 107 55.81 1.57 15.04
N ARG P 108 56.66 1.03 14.17
CA ARG P 108 57.93 1.67 13.72
C ARG P 108 57.60 2.96 12.99
N LEU P 109 56.56 2.96 12.17
CA LEU P 109 56.07 4.15 11.48
C LEU P 109 55.57 5.25 12.41
N THR P 110 54.77 4.86 13.40
CA THR P 110 54.26 5.81 14.38
C THR P 110 55.40 6.45 15.14
N ALA P 111 56.40 5.63 15.48
CA ALA P 111 57.59 6.08 16.20
C ALA P 111 58.41 7.07 15.39
N VAL P 112 58.67 6.74 14.11
CA VAL P 112 59.48 7.60 13.26
C VAL P 112 58.75 8.92 12.95
N ALA P 113 57.43 8.85 12.84
CA ALA P 113 56.60 10.03 12.62
C ALA P 113 56.69 10.95 13.81
N ARG P 114 56.64 10.36 15.01
CA ARG P 114 56.65 11.13 16.27
C ARG P 114 58.04 11.71 16.52
N ASP P 115 59.09 11.00 16.09
CA ASP P 115 60.44 11.53 16.20
C ASP P 115 60.58 12.82 15.37
N GLU P 116 60.23 12.75 14.08
CA GLU P 116 60.44 13.86 13.16
C GLU P 116 59.32 14.89 13.10
N GLY P 117 58.44 14.88 14.09
CA GLY P 117 57.40 15.87 14.24
C GLY P 117 56.46 15.99 13.06
N ASP P 118 56.06 14.84 12.50
CA ASP P 118 55.10 14.78 11.40
C ASP P 118 53.74 14.42 11.99
N PHE P 119 53.00 15.44 12.39
CA PHE P 119 51.78 15.28 13.15
C PHE P 119 50.63 14.66 12.36
N LEU P 120 50.56 14.99 11.07
CA LEU P 120 49.64 14.35 10.15
C LEU P 120 49.97 12.87 10.03
N GLY P 121 51.27 12.57 9.95
CA GLY P 121 51.73 11.19 9.88
C GLY P 121 51.50 10.40 11.15
N GLU P 122 51.66 11.05 12.31
CA GLU P 122 51.38 10.44 13.59
C GLU P 122 49.92 10.05 13.60
N GLN P 123 49.06 11.01 13.24
CA GLN P 123 47.62 10.86 13.35
C GLN P 123 47.04 9.84 12.39
N PHE P 124 47.61 9.76 11.18
CA PHE P 124 47.07 8.94 10.12
C PHE P 124 47.05 7.46 10.45
N MET P 125 47.99 7.01 11.28
CA MET P 125 48.24 5.59 11.50
C MET P 125 47.69 5.00 12.79
N GLN P 126 46.88 5.80 13.47
CA GLN P 126 46.18 5.36 14.65
C GLN P 126 45.15 4.32 14.22
N TRP P 127 44.60 4.51 13.03
CA TRP P 127 43.58 3.61 12.51
C TRP P 127 44.20 2.26 12.19
N PHE P 128 45.45 2.28 11.73
CA PHE P 128 46.19 1.07 11.43
C PHE P 128 46.51 0.29 12.69
N LEU P 129 46.85 0.99 13.77
CA LEU P 129 47.05 0.36 15.08
C LEU P 129 45.77 -0.32 15.57
N GLN P 130 44.65 0.39 15.45
CA GLN P 130 43.34 -0.13 15.80
C GLN P 130 43.01 -1.40 15.06
N GLU P 131 43.28 -1.41 13.75
CA GLU P 131 42.99 -2.58 12.92
C GLU P 131 43.87 -3.75 13.25
N GLN P 132 45.13 -3.46 13.59
CA GLN P 132 46.05 -4.51 13.99
C GLN P 132 45.65 -5.25 15.26
N ILE P 133 45.06 -4.54 16.22
CA ILE P 133 44.58 -5.17 17.45
C ILE P 133 43.66 -6.36 17.09
N GLU P 134 42.55 -6.03 16.43
CA GLU P 134 41.51 -7.00 16.09
C GLU P 134 42.00 -8.06 15.12
N GLU P 135 42.86 -7.65 14.19
CA GLU P 135 43.40 -8.56 13.17
C GLU P 135 44.32 -9.64 13.75
N VAL P 136 45.27 -9.23 14.59
CA VAL P 136 46.16 -10.18 15.25
C VAL P 136 45.37 -11.06 16.23
N ALA P 137 44.33 -10.48 16.83
CA ALA P 137 43.45 -11.23 17.71
C ALA P 137 42.83 -12.39 16.97
N LEU P 138 42.26 -12.09 15.80
CA LEU P 138 41.57 -13.08 14.97
C LEU P 138 42.52 -14.18 14.50
N MET P 139 43.71 -13.79 14.04
CA MET P 139 44.71 -14.74 13.60
C MET P 139 45.18 -15.68 14.69
N ALA P 140 45.42 -15.13 15.88
CA ALA P 140 45.85 -15.92 17.03
C ALA P 140 44.78 -16.93 17.40
N THR P 141 43.52 -16.48 17.37
CA THR P 141 42.38 -17.33 17.65
C THR P 141 42.34 -18.52 16.68
N LEU P 142 42.50 -18.23 15.38
CA LEU P 142 42.52 -19.28 14.36
C LEU P 142 43.65 -20.29 14.52
N VAL P 143 44.84 -19.81 14.91
CA VAL P 143 45.99 -20.68 15.09
C VAL P 143 45.79 -21.63 16.29
N ARG P 144 45.23 -21.09 17.38
CA ARG P 144 44.93 -21.87 18.61
C ARG P 144 43.84 -22.90 18.33
N VAL P 145 42.81 -22.51 17.57
CA VAL P 145 41.74 -23.43 17.20
C VAL P 145 42.27 -24.54 16.29
N ALA P 146 43.20 -24.19 15.39
CA ALA P 146 43.84 -25.16 14.50
C ALA P 146 44.69 -26.16 15.27
N ASP P 147 45.29 -25.72 16.37
CA ASP P 147 46.01 -26.64 17.25
C ASP P 147 45.08 -27.58 18.04
N ARG P 148 43.96 -27.07 18.54
CA ARG P 148 42.93 -27.88 19.27
C ARG P 148 42.32 -28.92 18.33
N ALA P 149 42.10 -28.55 17.06
CA ALA P 149 41.50 -29.43 16.09
C ALA P 149 42.48 -30.54 15.68
N GLY P 150 43.76 -30.20 15.54
CA GLY P 150 44.77 -31.15 15.10
C GLY P 150 44.50 -31.57 13.66
N ALA P 151 44.65 -32.87 13.39
CA ALA P 151 44.46 -33.40 12.05
C ALA P 151 43.00 -33.38 11.56
N ASN P 152 42.05 -33.38 12.50
CA ASN P 152 40.62 -33.31 12.20
C ASN P 152 40.23 -31.89 11.79
N LEU P 153 40.28 -31.61 10.49
CA LEU P 153 40.16 -30.27 9.96
C LEU P 153 38.74 -29.73 9.82
N PHE P 154 37.76 -30.63 9.88
CA PHE P 154 36.37 -30.21 9.74
C PHE P 154 35.88 -29.34 10.89
N GLU P 155 36.46 -29.53 12.08
CA GLU P 155 36.08 -28.77 13.25
C GLU P 155 36.62 -27.34 13.19
N LEU P 156 37.84 -27.21 12.66
CA LEU P 156 38.39 -25.91 12.28
C LEU P 156 37.48 -25.22 11.27
N GLU P 157 37.06 -25.99 10.27
CA GLU P 157 36.16 -25.52 9.22
C GLU P 157 34.85 -24.96 9.80
N ASN P 158 34.24 -25.70 10.73
CA ASN P 158 33.01 -25.30 11.38
C ASN P 158 33.17 -24.08 12.27
N PHE P 159 34.31 -24.00 12.95
CA PHE P 159 34.62 -22.83 13.78
C PHE P 159 34.71 -21.58 12.94
N VAL P 160 35.41 -21.66 11.79
CA VAL P 160 35.52 -20.53 10.88
C VAL P 160 34.15 -20.16 10.33
N ALA P 161 33.31 -21.16 10.05
CA ALA P 161 32.00 -20.93 9.46
C ALA P 161 31.03 -20.21 10.38
N ARG P 162 30.95 -20.65 11.64
CA ARG P 162 29.94 -20.15 12.62
C ARG P 162 30.42 -18.87 13.29
N GLU P 163 31.69 -18.79 13.69
CA GLU P 163 32.13 -17.79 14.66
C GLU P 163 32.92 -16.64 14.09
N VAL P 164 33.71 -16.91 13.05
CA VAL P 164 34.49 -15.88 12.37
C VAL P 164 33.64 -15.32 11.24
N ASP P 165 33.34 -14.03 11.33
CA ASP P 165 32.54 -13.34 10.34
C ASP P 165 33.25 -12.06 9.99
N VAL P 166 33.27 -11.73 8.70
CA VAL P 166 33.74 -10.43 8.23
C VAL P 166 32.53 -9.49 8.20
N ALA P 167 32.30 -8.82 9.35
CA ALA P 167 31.20 -7.89 9.55
C ALA P 167 31.42 -6.66 8.66
N PRO P 168 30.38 -5.84 8.40
CA PRO P 168 30.57 -4.58 7.68
C PRO P 168 31.65 -3.73 8.38
N ALA P 169 32.54 -3.13 7.59
CA ALA P 169 33.59 -2.28 8.12
C ALA P 169 32.95 -1.07 8.76
N ALA P 170 33.51 -0.65 9.90
CA ALA P 170 33.04 0.50 10.62
C ALA P 170 33.63 1.71 9.95
N SER P 171 33.13 2.89 10.32
CA SER P 171 33.72 4.15 9.91
C SER P 171 35.04 4.38 10.65
N GLY P 172 35.69 5.51 10.36
CA GLY P 172 36.97 5.86 10.91
C GLY P 172 38.06 5.44 9.95
N ALA P 173 37.70 4.56 9.00
CA ALA P 173 38.63 4.08 8.01
C ALA P 173 38.94 5.25 7.09
N PRO P 174 40.22 5.59 6.87
CA PRO P 174 40.58 6.68 5.97
C PRO P 174 40.26 6.27 4.52
N HIS P 175 40.27 7.24 3.60
N HIS P 175 40.27 7.24 3.60
CA HIS P 175 39.93 7.00 2.21
CA HIS P 175 39.94 6.99 2.21
C HIS P 175 41.03 6.18 1.55
C HIS P 175 41.03 6.18 1.55
N ALA P 176 40.62 5.17 0.78
CA ALA P 176 41.53 4.33 0.02
C ALA P 176 41.47 4.79 -1.42
N ALA P 177 42.64 4.83 -2.06
CA ALA P 177 42.77 5.27 -3.44
C ALA P 177 42.00 4.32 -4.33
N GLY P 178 41.03 4.88 -5.07
CA GLY P 178 40.20 4.11 -5.98
C GLY P 178 39.06 3.42 -5.29
N GLY P 179 38.66 3.95 -4.14
CA GLY P 179 37.54 3.44 -3.41
C GLY P 179 37.92 2.18 -2.69
N ARG P 180 37.53 2.09 -1.43
CA ARG P 180 37.63 0.87 -0.59
C ARG P 180 36.84 -0.23 -1.30
N LEU P 181 37.44 -1.43 -1.42
CA LEU P 181 36.74 -2.60 -1.89
C LEU P 181 36.15 -3.33 -0.69
N GLU Q 5 20.28 -45.82 -46.65
CA GLU Q 5 19.46 -44.99 -45.71
C GLU Q 5 19.89 -43.49 -45.69
N GLY Q 6 21.06 -43.19 -46.26
CA GLY Q 6 21.65 -41.85 -46.32
C GLY Q 6 23.08 -41.81 -45.81
N PRO Q 7 23.96 -40.92 -46.34
CA PRO Q 7 25.37 -40.86 -45.91
C PRO Q 7 25.59 -40.16 -44.56
N LYS Q 8 26.03 -40.93 -43.55
CA LYS Q 8 26.37 -40.38 -42.24
C LYS Q 8 27.82 -39.94 -42.19
N THR Q 9 28.05 -38.66 -41.84
CA THR Q 9 29.36 -38.19 -41.41
C THR Q 9 29.64 -38.78 -40.03
N LYS Q 10 30.91 -38.93 -39.66
CA LYS Q 10 31.23 -39.59 -38.38
C LYS Q 10 31.07 -38.71 -37.16
N PHE Q 11 30.90 -37.40 -37.36
CA PHE Q 11 30.46 -36.53 -36.28
C PHE Q 11 29.06 -36.92 -35.85
N HIS Q 12 28.17 -37.11 -36.82
CA HIS Q 12 26.80 -37.53 -36.59
C HIS Q 12 26.81 -38.92 -35.96
N ALA Q 13 27.60 -39.82 -36.55
CA ALA Q 13 27.65 -41.21 -36.10
C ALA Q 13 28.21 -41.38 -34.68
N LEU Q 14 29.03 -40.41 -34.23
CA LEU Q 14 29.68 -40.48 -32.93
C LEU Q 14 28.90 -39.71 -31.88
N MET Q 15 28.15 -38.71 -32.35
CA MET Q 15 27.25 -37.95 -31.49
C MET Q 15 26.05 -38.79 -31.08
N GLN Q 16 25.61 -39.70 -31.95
CA GLN Q 16 24.60 -40.69 -31.59
C GLN Q 16 25.10 -41.54 -30.42
N GLU Q 17 26.35 -42.00 -30.54
CA GLU Q 17 27.02 -42.77 -29.49
C GLU Q 17 27.08 -41.99 -28.19
N GLN Q 18 27.30 -40.67 -28.30
CA GLN Q 18 27.38 -39.83 -27.13
C GLN Q 18 26.03 -39.67 -26.45
N ILE Q 19 24.96 -39.65 -27.25
CA ILE Q 19 23.60 -39.60 -26.71
C ILE Q 19 23.40 -40.84 -25.83
N HIS Q 20 23.82 -41.99 -26.36
CA HIS Q 20 23.76 -43.26 -25.64
C HIS Q 20 24.54 -43.21 -24.34
N ASN Q 21 25.74 -42.63 -24.41
CA ASN Q 21 26.60 -42.48 -23.24
C ASN Q 21 26.02 -41.62 -22.15
N GLU Q 22 25.42 -40.48 -22.52
CA GLU Q 22 24.85 -39.58 -21.53
C GLU Q 22 23.64 -40.18 -20.85
N PHE Q 23 22.84 -40.94 -21.61
CA PHE Q 23 21.72 -41.67 -21.03
C PHE Q 23 22.17 -42.72 -20.00
N THR Q 24 23.22 -43.49 -20.35
CA THR Q 24 23.77 -44.48 -19.43
C THR Q 24 24.38 -43.82 -18.20
N ALA Q 25 25.00 -42.65 -18.40
CA ALA Q 25 25.61 -41.89 -17.33
C ALA Q 25 24.57 -41.41 -16.34
N ALA Q 26 23.42 -40.97 -16.87
CA ALA Q 26 22.31 -40.54 -16.04
C ALA Q 26 21.79 -41.70 -15.18
N GLN Q 27 21.63 -42.86 -15.81
CA GLN Q 27 21.16 -44.05 -15.08
C GLN Q 27 22.16 -44.49 -14.01
N GLN Q 28 23.45 -44.35 -14.30
CA GLN Q 28 24.52 -44.64 -13.34
C GLN Q 28 24.48 -43.71 -12.15
N TYR Q 29 24.22 -42.42 -12.39
CA TYR Q 29 24.02 -41.41 -11.31
C TYR Q 29 22.80 -41.79 -10.46
N VAL Q 30 21.72 -42.25 -11.10
CA VAL Q 30 20.55 -42.67 -10.33
C VAL Q 30 20.93 -43.84 -9.43
N ALA Q 31 21.71 -44.79 -9.96
CA ALA Q 31 22.10 -45.97 -9.18
C ALA Q 31 22.98 -45.60 -7.98
N ILE Q 32 23.92 -44.69 -8.22
CA ILE Q 32 24.81 -44.17 -7.18
C ILE Q 32 24.00 -43.49 -6.08
N ALA Q 33 23.07 -42.62 -6.47
CA ALA Q 33 22.17 -41.91 -5.56
C ALA Q 33 21.28 -42.86 -4.75
N VAL Q 34 20.83 -43.94 -5.38
CA VAL Q 34 19.98 -44.91 -4.72
C VAL Q 34 20.77 -45.69 -3.68
N TYR Q 35 22.03 -46.03 -4.01
CA TYR Q 35 22.96 -46.67 -3.04
C TYR Q 35 23.20 -45.74 -1.84
N PHE Q 36 23.40 -44.45 -2.10
CA PHE Q 36 23.58 -43.47 -1.04
C PHE Q 36 22.32 -43.30 -0.20
N ASP Q 37 21.15 -43.48 -0.80
CA ASP Q 37 19.89 -43.31 -0.10
C ASP Q 37 19.59 -44.51 0.79
N SER Q 38 20.06 -45.69 0.37
CA SER Q 38 19.90 -46.91 1.16
C SER Q 38 20.84 -46.93 2.36
N GLU Q 39 22.04 -46.35 2.18
CA GLU Q 39 23.03 -46.26 3.26
C GLU Q 39 22.88 -45.05 4.17
N ASP Q 40 21.73 -44.37 4.09
CA ASP Q 40 21.39 -43.25 4.95
C ASP Q 40 22.41 -42.12 4.87
N LEU Q 41 22.66 -41.65 3.65
CA LEU Q 41 23.50 -40.47 3.41
C LEU Q 41 22.71 -39.52 2.52
N PRO Q 42 21.65 -38.87 3.04
CA PRO Q 42 20.68 -38.15 2.21
C PRO Q 42 21.16 -36.86 1.53
N GLN Q 43 22.21 -36.21 2.04
CA GLN Q 43 22.76 -35.03 1.36
C GLN Q 43 23.51 -35.45 0.12
N LEU Q 44 24.29 -36.52 0.26
CA LEU Q 44 24.98 -37.13 -0.86
C LEU Q 44 23.97 -37.57 -1.91
N ALA Q 45 22.91 -38.24 -1.44
CA ALA Q 45 21.85 -38.75 -2.32
C ALA Q 45 21.18 -37.59 -3.04
N LYS Q 46 20.89 -36.51 -2.32
CA LYS Q 46 20.25 -35.34 -2.88
C LYS Q 46 21.07 -34.78 -4.02
N HIS Q 47 22.38 -34.62 -3.79
CA HIS Q 47 23.28 -34.12 -4.80
C HIS Q 47 23.28 -34.97 -6.05
N PHE Q 48 23.33 -36.29 -5.87
CA PHE Q 48 23.38 -37.18 -7.02
C PHE Q 48 22.07 -37.32 -7.78
N TYR Q 49 20.94 -37.17 -7.09
CA TYR Q 49 19.60 -37.09 -7.71
C TYR Q 49 19.52 -35.83 -8.57
N SER Q 50 20.19 -34.75 -8.13
CA SER Q 50 20.28 -33.55 -8.94
C SER Q 50 21.19 -33.77 -10.17
N GLN Q 51 22.29 -34.51 -9.98
CA GLN Q 51 23.24 -34.78 -11.06
C GLN Q 51 22.68 -35.67 -12.14
N ALA Q 52 21.80 -36.59 -11.77
CA ALA Q 52 21.14 -37.48 -12.72
C ALA Q 52 20.23 -36.68 -13.65
N VAL Q 53 19.52 -35.71 -13.06
CA VAL Q 53 18.68 -34.79 -13.80
C VAL Q 53 19.53 -33.98 -14.74
N GLU Q 54 20.67 -33.50 -14.25
CA GLU Q 54 21.57 -32.70 -15.08
C GLU Q 54 22.09 -33.49 -16.27
N GLU Q 55 22.38 -34.77 -16.06
CA GLU Q 55 22.92 -35.64 -17.11
C GLU Q 55 21.86 -35.95 -18.16
N ARG Q 56 20.63 -36.19 -17.70
CA ARG Q 56 19.45 -36.38 -18.60
C ARG Q 56 19.24 -35.12 -19.43
N ASN Q 57 19.39 -33.95 -18.82
CA ASN Q 57 19.30 -32.69 -19.53
C ASN Q 57 20.36 -32.56 -20.61
N HIS Q 58 21.58 -33.01 -20.32
CA HIS Q 58 22.66 -33.02 -21.32
C HIS Q 58 22.29 -33.91 -22.50
N ALA Q 59 21.75 -35.09 -22.21
CA ALA Q 59 21.31 -36.02 -23.24
C ALA Q 59 20.25 -35.37 -24.14
N MET Q 60 19.29 -34.69 -23.50
CA MET Q 60 18.25 -33.97 -24.20
C MET Q 60 18.80 -32.84 -25.07
N MET Q 61 19.88 -32.20 -24.60
CA MET Q 61 20.53 -31.13 -25.36
C MET Q 61 21.15 -31.67 -26.64
N LEU Q 62 21.84 -32.80 -26.52
CA LEU Q 62 22.42 -33.48 -27.68
C LEU Q 62 21.34 -33.89 -28.68
N VAL Q 63 20.27 -34.48 -28.15
CA VAL Q 63 19.11 -34.88 -28.96
C VAL Q 63 18.53 -33.70 -29.73
N GLN Q 64 18.32 -32.58 -29.02
CA GLN Q 64 17.77 -31.36 -29.59
C GLN Q 64 18.65 -30.81 -30.68
N HIS Q 65 19.97 -30.94 -30.51
CA HIS Q 65 20.91 -30.52 -31.53
C HIS Q 65 20.80 -31.34 -32.78
N LEU Q 66 20.56 -32.64 -32.63
CA LEU Q 66 20.34 -33.49 -33.80
C LEU Q 66 19.04 -33.13 -34.50
N LEU Q 67 18.00 -32.84 -33.71
CA LEU Q 67 16.70 -32.45 -34.24
C LEU Q 67 16.75 -31.15 -35.03
N ASP Q 68 17.60 -30.21 -34.58
CA ASP Q 68 17.74 -28.90 -35.21
C ASP Q 68 18.41 -28.95 -36.57
N ARG Q 69 19.42 -29.80 -36.70
CA ARG Q 69 20.18 -29.98 -37.96
C ARG Q 69 19.54 -31.05 -38.84
N ASP Q 70 18.36 -31.54 -38.45
CA ASP Q 70 17.54 -32.47 -39.24
C ASP Q 70 18.26 -33.76 -39.61
N LEU Q 71 19.15 -34.22 -38.73
CA LEU Q 71 19.77 -35.53 -38.88
C LEU Q 71 18.93 -36.50 -38.07
N ARG Q 72 18.93 -37.76 -38.52
CA ARG Q 72 18.14 -38.82 -37.84
C ARG Q 72 18.78 -39.07 -36.48
N VAL Q 73 17.95 -39.36 -35.49
CA VAL Q 73 18.47 -39.58 -34.15
C VAL Q 73 17.63 -40.68 -33.54
N GLU Q 74 18.31 -41.62 -32.88
CA GLU Q 74 17.70 -42.74 -32.18
C GLU Q 74 17.77 -42.40 -30.72
N ILE Q 75 16.67 -42.63 -30.00
CA ILE Q 75 16.69 -42.63 -28.55
C ILE Q 75 17.02 -44.08 -28.16
N PRO Q 76 18.22 -44.36 -27.64
CA PRO Q 76 18.69 -45.73 -27.46
C PRO Q 76 18.29 -46.32 -26.10
N GLY Q 77 18.61 -47.60 -25.91
CA GLY Q 77 18.51 -48.25 -24.62
C GLY Q 77 19.70 -47.86 -23.79
N VAL Q 78 19.75 -48.40 -22.57
CA VAL Q 78 20.80 -48.10 -21.60
C VAL Q 78 21.36 -49.43 -21.14
N ASP Q 79 22.68 -49.49 -20.97
CA ASP Q 79 23.33 -50.73 -20.54
C ASP Q 79 23.07 -50.88 -19.07
N THR Q 80 23.37 -52.07 -18.52
CA THR Q 80 23.28 -52.27 -17.09
C THR Q 80 24.35 -51.43 -16.42
N VAL Q 81 23.95 -50.73 -15.36
CA VAL Q 81 24.83 -49.88 -14.59
C VAL Q 81 25.13 -50.60 -13.28
N ARG Q 82 26.13 -50.10 -12.55
CA ARG Q 82 26.65 -50.73 -11.32
C ARG Q 82 25.77 -50.35 -10.12
N ASN Q 83 25.47 -51.32 -9.24
CA ASN Q 83 24.71 -51.08 -8.02
C ASN Q 83 25.43 -51.46 -6.72
N GLN Q 84 26.31 -52.47 -6.78
CA GLN Q 84 27.06 -52.91 -5.62
C GLN Q 84 28.25 -51.99 -5.38
N PHE Q 85 28.35 -51.49 -4.15
CA PHE Q 85 29.50 -50.77 -3.67
C PHE Q 85 29.69 -51.21 -2.26
N ASP Q 86 30.94 -51.47 -1.88
CA ASP Q 86 31.24 -51.93 -0.52
C ASP Q 86 31.35 -50.78 0.48
N ARG Q 87 31.74 -49.59 0.02
CA ARG Q 87 31.83 -48.35 0.85
C ARG Q 87 31.53 -47.14 -0.02
N PRO Q 88 31.13 -45.99 0.57
CA PRO Q 88 30.83 -44.78 -0.21
C PRO Q 88 31.96 -44.21 -1.07
N ARG Q 89 33.21 -44.44 -0.65
CA ARG Q 89 34.41 -43.92 -1.34
C ARG Q 89 34.44 -44.48 -2.77
N GLU Q 90 34.04 -45.74 -2.95
CA GLU Q 90 34.07 -46.38 -4.25
C GLU Q 90 33.04 -45.83 -5.22
N ALA Q 91 31.85 -45.49 -4.71
CA ALA Q 91 30.79 -44.95 -5.53
C ALA Q 91 31.16 -43.55 -5.99
N LEU Q 92 31.75 -42.79 -5.07
CA LEU Q 92 32.26 -41.46 -5.41
C LEU Q 92 33.39 -41.55 -6.44
N ALA Q 93 34.26 -42.56 -6.30
CA ALA Q 93 35.36 -42.77 -7.23
C ALA Q 93 34.82 -43.13 -8.59
N LEU Q 94 33.72 -43.88 -8.63
CA LEU Q 94 33.07 -44.27 -9.87
C LEU Q 94 32.51 -43.05 -10.57
N ALA Q 95 31.89 -42.16 -9.80
CA ALA Q 95 31.37 -40.91 -10.35
C ALA Q 95 32.47 -40.08 -10.98
N LEU Q 96 33.56 -39.88 -10.23
CA LEU Q 96 34.73 -39.15 -10.69
C LEU Q 96 35.29 -39.74 -11.97
N ASP Q 97 35.44 -41.06 -11.99
CA ASP Q 97 35.90 -41.82 -13.14
C ASP Q 97 35.01 -41.51 -14.35
N GLN Q 98 33.69 -41.66 -14.15
CA GLN Q 98 32.71 -41.47 -15.20
C GLN Q 98 32.86 -40.10 -15.80
N GLU Q 99 33.01 -39.09 -14.95
CA GLU Q 99 33.08 -37.73 -15.42
C GLU Q 99 34.36 -37.43 -16.19
N ARG Q 100 35.47 -38.05 -15.78
CA ARG Q 100 36.75 -37.95 -16.55
C ARG Q 100 36.55 -38.59 -17.92
N THR Q 101 35.84 -39.71 -17.98
CA THR Q 101 35.54 -40.36 -19.25
C THR Q 101 34.72 -39.41 -20.12
N VAL Q 102 33.64 -38.87 -19.56
CA VAL Q 102 32.76 -37.95 -20.28
C VAL Q 102 33.55 -36.77 -20.86
N THR Q 103 34.49 -36.25 -20.09
CA THR Q 103 35.37 -35.19 -20.55
C THR Q 103 36.16 -35.61 -21.77
N ASP Q 104 36.76 -36.81 -21.70
CA ASP Q 104 37.52 -37.33 -22.84
C ASP Q 104 36.67 -37.57 -24.08
N GLN Q 105 35.44 -38.03 -23.88
CA GLN Q 105 34.47 -38.25 -24.95
C GLN Q 105 34.09 -36.97 -25.65
N VAL Q 106 33.79 -35.93 -24.88
CA VAL Q 106 33.45 -34.63 -25.43
C VAL Q 106 34.66 -34.03 -26.16
N GLY Q 107 35.86 -34.28 -25.63
CA GLY Q 107 37.09 -33.91 -26.31
C GLY Q 107 37.18 -34.57 -27.68
N ARG Q 108 36.85 -35.86 -27.72
CA ARG Q 108 36.90 -36.71 -28.94
C ARG Q 108 35.91 -36.17 -29.96
N LEU Q 109 34.73 -35.76 -29.51
CA LEU Q 109 33.72 -35.13 -30.37
C LEU Q 109 34.16 -33.80 -30.97
N THR Q 110 34.76 -32.94 -30.15
CA THR Q 110 35.26 -31.66 -30.64
C THR Q 110 36.34 -31.88 -31.68
N ALA Q 111 37.19 -32.87 -31.44
CA ALA Q 111 38.27 -33.22 -32.36
C ALA Q 111 37.76 -33.74 -33.69
N VAL Q 112 36.78 -34.66 -33.65
CA VAL Q 112 36.24 -35.24 -34.87
C VAL Q 112 35.44 -34.20 -35.68
N ALA Q 113 34.79 -33.28 -34.97
CA ALA Q 113 34.05 -32.19 -35.60
C ALA Q 113 35.01 -31.29 -36.33
N ARG Q 114 36.14 -30.99 -35.69
CA ARG Q 114 37.15 -30.06 -36.25
C ARG Q 114 37.88 -30.73 -37.42
N ASP Q 115 38.06 -32.05 -37.37
CA ASP Q 115 38.65 -32.77 -38.48
C ASP Q 115 37.78 -32.62 -39.73
N GLU Q 116 36.50 -32.97 -39.61
CA GLU Q 116 35.59 -33.02 -40.76
C GLU Q 116 34.89 -31.70 -41.10
N GLY Q 117 35.40 -30.60 -40.57
CA GLY Q 117 34.93 -29.26 -40.90
C GLY Q 117 33.46 -29.03 -40.64
N ASP Q 118 32.97 -29.54 -39.50
CA ASP Q 118 31.58 -29.34 -39.07
C ASP Q 118 31.58 -28.22 -38.03
N PHE Q 119 31.46 -26.99 -38.51
CA PHE Q 119 31.64 -25.81 -37.69
C PHE Q 119 30.53 -25.59 -36.66
N LEU Q 120 29.31 -25.96 -37.03
CA LEU Q 120 28.19 -25.99 -36.10
C LEU Q 120 28.46 -27.00 -34.99
N GLY Q 121 28.98 -28.16 -35.38
CA GLY Q 121 29.33 -29.20 -34.42
C GLY Q 121 30.49 -28.83 -33.52
N GLU Q 122 31.49 -28.13 -34.06
CA GLU Q 122 32.60 -27.63 -33.28
C GLU Q 122 32.04 -26.71 -32.21
N GLN Q 123 31.21 -25.76 -32.65
CA GLN Q 123 30.71 -24.70 -31.79
C GLN Q 123 29.76 -25.19 -30.71
N PHE Q 124 28.94 -26.20 -31.04
CA PHE Q 124 27.89 -26.65 -30.15
C PHE Q 124 28.41 -27.20 -28.84
N MET Q 125 29.62 -27.75 -28.84
CA MET Q 125 30.14 -28.53 -27.72
C MET Q 125 31.14 -27.81 -26.82
N GLN Q 126 31.28 -26.51 -27.05
CA GLN Q 126 32.09 -25.67 -26.21
C GLN Q 126 31.44 -25.58 -24.85
N TRP Q 127 30.10 -25.60 -24.85
CA TRP Q 127 29.35 -25.51 -23.61
C TRP Q 127 29.53 -26.76 -22.78
N PHE Q 128 29.66 -27.90 -23.46
CA PHE Q 128 29.90 -29.17 -22.80
C PHE Q 128 31.28 -29.22 -22.17
N LEU Q 129 32.27 -28.66 -22.86
CA LEU Q 129 33.62 -28.53 -22.30
C LEU Q 129 33.62 -27.67 -21.02
N GLN Q 130 32.92 -26.54 -21.09
CA GLN Q 130 32.74 -25.64 -19.97
C GLN Q 130 32.14 -26.33 -18.77
N GLU Q 131 31.09 -27.13 -19.01
CA GLU Q 131 30.41 -27.84 -17.93
C GLU Q 131 31.26 -28.92 -17.33
N GLN Q 132 32.07 -29.58 -18.17
CA GLN Q 132 32.98 -30.60 -17.69
C GLN Q 132 34.05 -30.08 -16.74
N ILE Q 133 34.55 -28.86 -16.98
CA ILE Q 133 35.52 -28.26 -16.07
C ILE Q 133 34.99 -28.29 -14.63
N GLU Q 134 33.87 -27.60 -14.41
CA GLU Q 134 33.28 -27.42 -13.10
C GLU Q 134 32.79 -28.74 -12.51
N GLU Q 135 32.27 -29.61 -13.38
CA GLU Q 135 31.74 -30.91 -12.95
C GLU Q 135 32.81 -31.86 -12.42
N VAL Q 136 33.91 -32.00 -13.17
CA VAL Q 136 35.03 -32.84 -12.73
C VAL Q 136 35.69 -32.22 -11.49
N ALA Q 137 35.69 -30.88 -11.42
CA ALA Q 137 36.21 -30.19 -10.26
C ALA Q 137 35.46 -30.61 -9.02
N LEU Q 138 34.13 -30.56 -9.10
CA LEU Q 138 33.25 -30.89 -7.98
C LEU Q 138 33.41 -32.34 -7.53
N MET Q 139 33.46 -33.25 -8.51
CA MET Q 139 33.64 -34.67 -8.22
C MET Q 139 34.96 -34.98 -7.55
N ALA Q 140 36.04 -34.37 -8.03
CA ALA Q 140 37.36 -34.56 -7.46
C ALA Q 140 37.39 -34.07 -6.03
N THR Q 141 36.75 -32.91 -5.79
CA THR Q 141 36.64 -32.34 -4.46
C THR Q 141 35.95 -33.31 -3.51
N LEU Q 142 34.82 -33.88 -3.95
CA LEU Q 142 34.08 -34.85 -3.15
C LEU Q 142 34.87 -36.12 -2.82
N VAL Q 143 35.65 -36.60 -3.79
CA VAL Q 143 36.44 -37.81 -3.59
C VAL Q 143 37.57 -37.58 -2.56
N ARG Q 144 38.21 -36.41 -2.65
CA ARG Q 144 39.30 -36.00 -1.72
C ARG Q 144 38.74 -35.80 -0.32
N VAL Q 145 37.56 -35.18 -0.21
CA VAL Q 145 36.91 -34.98 1.08
C VAL Q 145 36.51 -36.32 1.69
N ALA Q 146 36.05 -37.26 0.85
CA ALA Q 146 35.68 -38.60 1.30
C ALA Q 146 36.89 -39.38 1.80
N ASP Q 147 38.06 -39.12 1.23
CA ASP Q 147 39.30 -39.70 1.73
C ASP Q 147 39.74 -39.11 3.08
N ARG Q 148 39.63 -37.79 3.24
CA ARG Q 148 39.96 -37.08 4.52
C ARG Q 148 39.02 -37.54 5.63
N ALA Q 149 37.74 -37.76 5.31
CA ALA Q 149 36.75 -38.18 6.29
C ALA Q 149 36.99 -39.63 6.72
N GLY Q 150 37.35 -40.49 5.78
CA GLY Q 150 37.55 -41.91 6.06
C GLY Q 150 36.21 -42.55 6.43
N ALA Q 151 36.24 -43.41 7.45
CA ALA Q 151 35.05 -44.12 7.88
C ALA Q 151 33.99 -43.23 8.54
N ASN Q 152 34.41 -42.09 9.10
CA ASN Q 152 33.51 -41.12 9.72
C ASN Q 152 32.77 -40.32 8.66
N LEU Q 153 31.58 -40.81 8.27
CA LEU Q 153 30.86 -40.32 7.13
C LEU Q 153 30.04 -39.05 7.35
N PHE Q 154 29.80 -38.72 8.62
CA PHE Q 154 29.02 -37.53 8.94
C PHE Q 154 29.69 -36.23 8.52
N GLU Q 155 31.03 -36.23 8.51
CA GLU Q 155 31.79 -35.04 8.15
C GLU Q 155 31.74 -34.80 6.64
N LEU Q 156 31.78 -35.89 5.87
CA LEU Q 156 31.48 -35.86 4.44
C LEU Q 156 30.08 -35.29 4.21
N GLU Q 157 29.13 -35.79 4.99
CA GLU Q 157 27.74 -35.35 4.94
C GLU Q 157 27.60 -33.84 5.16
N ASN Q 158 28.29 -33.32 6.18
CA ASN Q 158 28.27 -31.90 6.50
C ASN Q 158 28.94 -31.04 5.45
N PHE Q 159 30.02 -31.56 4.88
CA PHE Q 159 30.71 -30.86 3.79
C PHE Q 159 29.81 -30.70 2.58
N VAL Q 160 29.10 -31.78 2.21
CA VAL Q 160 28.16 -31.74 1.10
C VAL Q 160 27.03 -30.77 1.41
N ALA Q 161 26.57 -30.75 2.66
CA ALA Q 161 25.45 -29.91 3.05
C ALA Q 161 25.73 -28.42 3.00
N ARG Q 162 26.89 -28.01 3.53
CA ARG Q 162 27.24 -26.56 3.69
C ARG Q 162 27.85 -26.01 2.40
N GLU Q 163 28.74 -26.75 1.75
CA GLU Q 163 29.64 -26.17 0.75
C GLU Q 163 29.29 -26.47 -0.69
N VAL Q 164 28.76 -27.66 -0.94
CA VAL Q 164 28.32 -28.06 -2.27
C VAL Q 164 26.87 -27.66 -2.44
N ASP Q 165 26.62 -26.77 -3.40
CA ASP Q 165 25.28 -26.28 -3.69
C ASP Q 165 25.08 -26.37 -5.18
N VAL Q 166 23.90 -26.80 -5.59
CA VAL Q 166 23.47 -26.74 -6.99
C VAL Q 166 22.78 -25.39 -7.19
N ALA Q 167 23.60 -24.38 -7.56
CA ALA Q 167 23.16 -23.01 -7.80
C ALA Q 167 22.27 -22.99 -9.06
N PRO Q 168 21.47 -21.93 -9.27
CA PRO Q 168 20.71 -21.79 -10.51
C PRO Q 168 21.67 -21.89 -11.72
N ALA Q 169 21.26 -22.62 -12.75
CA ALA Q 169 22.05 -22.77 -13.97
C ALA Q 169 22.15 -21.42 -14.63
N ALA Q 170 23.34 -21.13 -15.17
CA ALA Q 170 23.60 -19.90 -15.87
C ALA Q 170 23.07 -20.07 -17.26
N SER Q 171 23.01 -18.96 -18.00
CA SER Q 171 22.69 -18.99 -19.42
C SER Q 171 23.89 -19.54 -20.20
N GLY Q 172 23.73 -19.61 -21.53
CA GLY Q 172 24.71 -20.17 -22.41
C GLY Q 172 24.41 -21.62 -22.68
N ALA Q 173 23.54 -22.20 -21.83
CA ALA Q 173 23.13 -23.57 -21.96
C ALA Q 173 22.27 -23.65 -23.21
N PRO Q 174 22.57 -24.56 -24.16
CA PRO Q 174 21.75 -24.71 -25.36
C PRO Q 174 20.40 -25.31 -24.97
N HIS Q 175 19.43 -25.28 -25.90
N HIS Q 175 19.43 -25.28 -25.90
CA HIS Q 175 18.08 -25.76 -25.65
CA HIS Q 175 18.09 -25.77 -25.65
C HIS Q 175 18.10 -27.27 -25.55
C HIS Q 175 18.10 -27.27 -25.55
N ALA Q 176 17.40 -27.79 -24.54
CA ALA Q 176 17.24 -29.22 -24.33
C ALA Q 176 15.86 -29.61 -24.83
N ALA Q 177 15.79 -30.76 -25.50
CA ALA Q 177 14.56 -31.26 -26.07
C ALA Q 177 13.58 -31.53 -24.94
N GLY Q 178 12.42 -30.87 -25.01
CA GLY Q 178 11.37 -31.02 -24.02
C GLY Q 178 11.60 -30.19 -22.79
N GLY Q 179 12.36 -29.11 -22.95
CA GLY Q 179 12.61 -28.18 -21.89
C GLY Q 179 13.60 -28.76 -20.92
N ARG Q 180 14.58 -27.93 -20.56
CA ARG Q 180 15.55 -28.22 -19.47
C ARG Q 180 14.76 -28.47 -18.18
N LEU Q 181 15.09 -29.55 -17.46
CA LEU Q 181 14.55 -29.80 -16.14
C LEU Q 181 15.48 -29.16 -15.11
N GLU R 5 -21.47 26.93 59.17
CA GLU R 5 -20.65 26.32 58.08
C GLU R 5 -20.93 26.90 56.68
N GLY R 6 -22.04 27.64 56.55
CA GLY R 6 -22.51 28.27 55.31
C GLY R 6 -23.96 27.94 54.99
N PRO R 7 -24.72 28.85 54.33
CA PRO R 7 -26.14 28.60 54.03
C PRO R 7 -26.38 27.65 52.85
N LYS R 8 -26.95 26.47 53.12
CA LYS R 8 -27.31 25.50 52.10
C LYS R 8 -28.72 25.75 51.59
N THR R 9 -28.85 25.95 50.27
CA THR R 9 -30.14 25.85 49.59
C THR R 9 -30.54 24.38 49.57
N LYS R 10 -31.84 24.10 49.49
CA LYS R 10 -32.29 22.70 49.58
C LYS R 10 -32.13 21.90 48.30
N PHE R 11 -31.83 22.58 47.19
CA PHE R 11 -31.39 21.87 45.99
C PHE R 11 -30.05 21.21 46.26
N HIS R 12 -29.13 21.96 46.86
CA HIS R 12 -27.82 21.45 47.24
C HIS R 12 -27.99 20.33 48.27
N ALA R 13 -28.81 20.60 49.28
CA ALA R 13 -29.01 19.65 50.38
C ALA R 13 -29.67 18.34 49.95
N LEU R 14 -30.41 18.37 48.84
CA LEU R 14 -31.15 17.21 48.35
C LEU R 14 -30.36 16.48 47.29
N MET R 15 -29.51 17.22 46.58
CA MET R 15 -28.60 16.65 45.60
C MET R 15 -27.49 15.84 46.28
N GLN R 16 -27.09 16.25 47.49
CA GLN R 16 -26.20 15.45 48.31
C GLN R 16 -26.84 14.09 48.61
N GLU R 17 -28.11 14.14 49.01
CA GLU R 17 -28.90 12.94 49.26
C GLU R 17 -28.96 12.05 48.03
N GLN R 18 -29.07 12.67 46.85
CA GLN R 18 -29.14 11.93 45.61
C GLN R 18 -27.83 11.25 45.28
N ILE R 19 -26.71 11.90 45.64
CA ILE R 19 -25.39 11.30 45.46
C ILE R 19 -25.34 10.00 46.26
N HIS R 20 -25.83 10.07 47.50
CA HIS R 20 -25.92 8.93 48.39
C HIS R 20 -26.77 7.82 47.79
N ASN R 21 -27.91 8.20 47.21
CA ASN R 21 -28.82 7.27 46.57
C ASN R 21 -28.23 6.54 45.39
N GLU R 22 -27.51 7.27 44.53
CA GLU R 22 -26.93 6.67 43.34
C GLU R 22 -25.81 5.70 43.70
N PHE R 23 -25.04 6.03 44.74
CA PHE R 23 -24.03 5.12 45.25
C PHE R 23 -24.63 3.81 45.78
N THR R 24 -25.71 3.93 46.56
CA THR R 24 -26.40 2.75 47.08
C THR R 24 -27.02 1.92 45.96
N ALA R 25 -27.52 2.62 44.92
CA ALA R 25 -28.13 1.98 43.77
C ALA R 25 -27.10 1.16 43.00
N ALA R 26 -25.89 1.72 42.87
CA ALA R 26 -24.80 1.03 42.21
C ALA R 26 -24.43 -0.25 42.97
N GLN R 27 -24.35 -0.14 44.30
CA GLN R 27 -24.02 -1.31 45.13
C GLN R 27 -25.11 -2.38 45.06
N GLN R 28 -26.37 -1.94 44.97
CA GLN R 28 -27.51 -2.84 44.80
C GLN R 28 -27.46 -3.58 43.48
N TYR R 29 -27.07 -2.88 42.40
CA TYR R 29 -26.86 -3.50 41.07
C TYR R 29 -25.72 -4.53 41.15
N VAL R 30 -24.65 -4.22 41.89
CA VAL R 30 -23.56 -5.19 42.04
C VAL R 30 -24.10 -6.43 42.74
N ALA R 31 -24.93 -6.25 43.77
CA ALA R 31 -25.46 -7.39 44.53
C ALA R 31 -26.37 -8.27 43.67
N ILE R 32 -27.22 -7.62 42.87
CA ILE R 32 -28.12 -8.29 41.94
C ILE R 32 -27.32 -9.11 40.93
N ALA R 33 -26.29 -8.49 40.34
CA ALA R 33 -25.39 -9.14 39.38
C ALA R 33 -24.63 -10.32 39.98
N VAL R 34 -24.25 -10.20 41.25
CA VAL R 34 -23.52 -11.26 41.94
C VAL R 34 -24.43 -12.44 42.20
N TYR R 35 -25.70 -12.17 42.55
CA TYR R 35 -26.74 -13.22 42.72
C TYR R 35 -26.96 -13.94 41.38
N PHE R 36 -27.04 -13.18 40.29
CA PHE R 36 -27.19 -13.77 38.97
C PHE R 36 -25.97 -14.58 38.55
N ASP R 37 -24.79 -14.20 39.02
CA ASP R 37 -23.55 -14.89 38.66
C ASP R 37 -23.42 -16.20 39.43
N SER R 38 -23.96 -16.23 40.65
CA SER R 38 -23.95 -17.44 41.47
C SER R 38 -24.96 -18.46 40.97
N GLU R 39 -26.10 -17.97 40.44
CA GLU R 39 -27.14 -18.84 39.88
C GLU R 39 -26.93 -19.22 38.41
N ASP R 40 -25.72 -18.98 37.89
CA ASP R 40 -25.34 -19.37 36.54
C ASP R 40 -26.25 -18.78 35.47
N LEU R 41 -26.39 -17.45 35.51
CA LEU R 41 -27.10 -16.71 34.47
C LEU R 41 -26.19 -15.58 33.99
N PRO R 42 -25.11 -15.91 33.25
CA PRO R 42 -24.03 -14.95 32.97
C PRO R 42 -24.35 -13.79 32.02
N GLN R 43 -25.37 -13.91 31.17
CA GLN R 43 -25.77 -12.78 30.32
C GLN R 43 -26.48 -11.74 31.14
N LEU R 44 -27.37 -12.21 32.03
CA LEU R 44 -28.04 -11.36 32.99
C LEU R 44 -27.01 -10.66 33.87
N ALA R 45 -26.04 -11.43 34.35
CA ALA R 45 -24.98 -10.93 35.22
C ALA R 45 -24.17 -9.87 34.49
N LYS R 46 -23.83 -10.14 33.23
CA LYS R 46 -23.06 -9.23 32.41
C LYS R 46 -23.76 -7.90 32.29
N HIS R 47 -25.06 -7.94 31.98
CA HIS R 47 -25.85 -6.73 31.87
C HIS R 47 -25.86 -5.91 33.14
N PHE R 48 -26.03 -6.59 34.28
CA PHE R 48 -26.09 -5.86 35.54
C PHE R 48 -24.76 -5.33 36.04
N TYR R 49 -23.67 -6.01 35.69
CA TYR R 49 -22.29 -5.53 35.94
C TYR R 49 -22.05 -4.26 35.12
N SER R 50 -22.64 -4.18 33.93
CA SER R 50 -22.59 -2.97 33.14
C SER R 50 -23.43 -1.85 33.77
N GLN R 51 -24.61 -2.21 34.31
CA GLN R 51 -25.51 -1.24 34.93
C GLN R 51 -24.97 -0.64 36.20
N ALA R 52 -24.19 -1.41 36.95
CA ALA R 52 -23.56 -0.94 38.17
C ALA R 52 -22.54 0.14 37.85
N VAL R 53 -21.78 -0.08 36.78
CA VAL R 53 -20.82 0.87 36.27
C VAL R 53 -21.54 2.13 35.84
N GLU R 54 -22.66 1.96 35.15
CA GLU R 54 -23.44 3.10 34.68
C GLU R 54 -23.95 3.94 35.85
N GLU R 55 -24.36 3.28 36.93
CA GLU R 55 -24.92 3.96 38.10
C GLU R 55 -23.83 4.71 38.86
N ARG R 56 -22.65 4.09 38.98
CA ARG R 56 -21.44 4.74 39.57
C ARG R 56 -21.08 5.97 38.75
N ASN R 57 -21.16 5.87 37.42
CA ASN R 57 -20.92 7.00 36.55
C ASN R 57 -21.90 8.14 36.79
N HIS R 58 -23.17 7.81 37.02
CA HIS R 58 -24.18 8.80 37.36
C HIS R 58 -23.83 9.52 38.66
N ALA R 59 -23.41 8.74 39.66
CA ALA R 59 -23.00 9.30 40.94
C ALA R 59 -21.84 10.28 40.76
N MET R 60 -20.86 9.87 39.94
CA MET R 60 -19.71 10.70 39.61
C MET R 60 -20.12 11.98 38.89
N MET R 61 -21.16 11.90 38.05
CA MET R 61 -21.67 13.07 37.33
C MET R 61 -22.26 14.08 38.28
N LEU R 62 -23.05 13.60 39.25
CA LEU R 62 -23.62 14.45 40.28
C LEU R 62 -22.52 15.11 41.12
N VAL R 63 -21.54 14.32 41.52
CA VAL R 63 -20.38 14.80 42.27
C VAL R 63 -19.66 15.91 41.51
N GLN R 64 -19.39 15.68 40.22
CA GLN R 64 -18.70 16.62 39.36
C GLN R 64 -19.46 17.91 39.23
N HIS R 65 -20.80 17.82 39.20
CA HIS R 65 -21.64 19.00 39.16
C HIS R 65 -21.53 19.82 40.41
N LEU R 66 -21.41 19.16 41.56
CA LEU R 66 -21.20 19.89 42.81
C LEU R 66 -19.83 20.55 42.83
N LEU R 67 -18.82 19.85 42.31
CA LEU R 67 -17.46 20.38 42.25
C LEU R 67 -17.35 21.60 41.35
N ASP R 68 -18.14 21.63 40.27
CA ASP R 68 -18.12 22.73 39.30
C ASP R 68 -18.72 24.02 39.84
N ARG R 69 -19.79 23.90 40.61
CA ARG R 69 -20.49 25.06 41.23
C ARG R 69 -19.90 25.39 42.60
N ASP R 70 -18.79 24.74 42.96
CA ASP R 70 -18.01 25.03 44.17
C ASP R 70 -18.81 24.93 45.46
N LEU R 71 -19.79 24.03 45.48
CA LEU R 71 -20.51 23.71 46.71
C LEU R 71 -19.81 22.53 47.33
N ARG R 72 -19.90 22.45 48.66
CA ARG R 72 -19.24 21.35 49.41
C ARG R 72 -19.98 20.06 49.08
N VAL R 73 -19.24 18.96 48.99
CA VAL R 73 -19.85 17.70 48.65
C VAL R 73 -19.14 16.63 49.47
N GLU R 74 -19.95 15.72 50.04
CA GLU R 74 -19.48 14.60 50.83
C GLU R 74 -19.59 13.40 49.93
N ILE R 75 -18.57 12.55 49.93
CA ILE R 75 -18.67 11.22 49.37
C ILE R 75 -19.14 10.34 50.52
N PRO R 76 -20.40 9.85 50.50
CA PRO R 76 -20.99 9.20 51.67
C PRO R 76 -20.73 7.68 51.70
N GLY R 77 -21.17 7.04 52.78
CA GLY R 77 -21.20 5.60 52.88
C GLY R 77 -22.40 5.09 52.13
N VAL R 78 -22.56 3.76 52.14
CA VAL R 78 -23.64 3.09 51.42
C VAL R 78 -24.34 2.20 52.44
N ASP R 79 -25.67 2.13 52.35
CA ASP R 79 -26.44 1.31 53.27
C ASP R 79 -26.29 -0.12 52.86
N THR R 80 -26.72 -1.05 53.72
CA THR R 80 -26.73 -2.45 53.35
C THR R 80 -27.76 -2.65 52.25
N VAL R 81 -27.37 -3.38 51.21
CA VAL R 81 -28.21 -3.69 50.09
C VAL R 81 -28.65 -5.14 50.22
N ARG R 82 -29.64 -5.53 49.41
CA ARG R 82 -30.28 -6.86 49.47
C ARG R 82 -29.44 -7.90 48.70
N ASN R 83 -29.28 -9.10 49.27
CA ASN R 83 -28.57 -10.20 48.62
C ASN R 83 -29.40 -11.47 48.41
N GLN R 84 -30.36 -11.73 49.31
CA GLN R 84 -31.21 -12.90 49.22
C GLN R 84 -32.33 -12.66 48.20
N PHE R 85 -32.45 -13.59 47.27
CA PHE R 85 -33.56 -13.65 46.36
C PHE R 85 -33.87 -15.10 46.19
N ASP R 86 -35.16 -15.45 46.21
CA ASP R 86 -35.58 -16.84 46.08
C ASP R 86 -35.64 -17.31 44.63
N ARG R 87 -35.90 -16.39 43.69
CA ARG R 87 -35.93 -16.67 42.23
C ARG R 87 -35.47 -15.42 41.47
N PRO R 88 -35.01 -15.56 40.21
CA PRO R 88 -34.56 -14.40 39.42
C PRO R 88 -35.58 -13.29 39.17
N ARG R 89 -36.87 -13.65 39.14
CA ARG R 89 -37.98 -12.72 38.86
C ARG R 89 -37.98 -11.62 39.93
N GLU R 90 -37.68 -11.97 41.19
CA GLU R 90 -37.69 -11.02 42.28
C GLU R 90 -36.56 -10.01 42.22
N ALA R 91 -35.38 -10.45 41.78
CA ALA R 91 -34.23 -9.58 41.66
C ALA R 91 -34.45 -8.59 40.54
N LEU R 92 -35.02 -9.09 39.44
CA LEU R 92 -35.40 -8.22 38.33
C LEU R 92 -36.47 -7.21 38.74
N ALA R 93 -37.41 -7.65 39.56
CA ALA R 93 -38.48 -6.79 40.06
C ALA R 93 -37.90 -5.72 40.95
N LEU R 94 -36.87 -6.07 41.73
CA LEU R 94 -36.19 -5.14 42.60
C LEU R 94 -35.48 -4.08 41.79
N ALA R 95 -34.83 -4.49 40.71
CA ALA R 95 -34.17 -3.55 39.80
C ALA R 95 -35.16 -2.55 39.22
N LEU R 96 -36.27 -3.07 38.69
CA LEU R 96 -37.34 -2.27 38.13
C LEU R 96 -37.88 -1.26 39.14
N ASP R 97 -38.14 -1.74 40.35
CA ASP R 97 -38.60 -0.94 41.47
C ASP R 97 -37.61 0.21 41.72
N GLN R 98 -36.32 -0.14 41.84
CA GLN R 98 -35.28 0.81 42.14
C GLN R 98 -35.27 1.90 41.11
N GLU R 99 -35.38 1.52 39.84
CA GLU R 99 -35.30 2.49 38.77
C GLU R 99 -36.51 3.42 38.73
N ARG R 100 -37.69 2.90 39.07
CA ARG R 100 -38.90 3.75 39.21
C ARG R 100 -38.69 4.75 40.34
N THR R 101 -38.07 4.31 41.43
CA THR R 101 -37.75 5.21 42.54
C THR R 101 -36.81 6.29 42.06
N VAL R 102 -35.72 5.90 41.41
CA VAL R 102 -34.72 6.83 40.89
C VAL R 102 -35.37 7.90 40.00
N THR R 103 -36.31 7.46 39.16
CA THR R 103 -37.06 8.38 38.31
C THR R 103 -37.82 9.40 39.13
N ASP R 104 -38.51 8.93 40.18
CA ASP R 104 -39.25 9.84 41.05
C ASP R 104 -38.36 10.81 41.81
N GLN R 105 -37.19 10.34 42.22
CA GLN R 105 -36.18 11.15 42.90
C GLN R 105 -35.65 12.26 42.02
N VAL R 106 -35.31 11.93 40.78
CA VAL R 106 -34.82 12.90 39.82
C VAL R 106 -35.93 13.92 39.49
N GLY R 107 -37.17 13.44 39.44
CA GLY R 107 -38.32 14.31 39.30
C GLY R 107 -38.39 15.33 40.43
N ARG R 108 -38.18 14.83 41.65
CA ARG R 108 -38.23 15.63 42.91
C ARG R 108 -37.14 16.69 42.87
N LEU R 109 -35.95 16.33 42.38
CA LEU R 109 -34.85 17.27 42.20
C LEU R 109 -35.14 18.38 41.19
N THR R 110 -35.70 18.01 40.04
CA THR R 110 -36.06 18.99 39.03
C THR R 110 -37.09 19.97 39.58
N ALA R 111 -38.04 19.44 40.34
CA ALA R 111 -39.09 20.24 40.96
C ALA R 111 -38.55 21.21 41.99
N VAL R 112 -37.67 20.73 42.88
CA VAL R 112 -37.10 21.58 43.92
C VAL R 112 -36.17 22.66 43.33
N ALA R 113 -35.48 22.31 42.24
CA ALA R 113 -34.62 23.24 41.53
C ALA R 113 -35.45 24.34 40.93
N ARG R 114 -36.58 23.96 40.34
CA ARG R 114 -37.47 24.94 39.65
C ARG R 114 -38.19 25.81 40.68
N ASP R 115 -38.49 25.27 41.86
CA ASP R 115 -39.08 26.07 42.92
C ASP R 115 -38.12 27.19 43.33
N GLU R 116 -36.88 26.84 43.68
CA GLU R 116 -35.92 27.80 44.22
C GLU R 116 -35.09 28.56 43.19
N GLY R 117 -35.53 28.54 41.93
CA GLY R 117 -34.93 29.31 40.87
C GLY R 117 -33.46 29.03 40.64
N ASP R 118 -33.08 27.75 40.68
CA ASP R 118 -31.71 27.31 40.41
C ASP R 118 -31.67 26.79 38.98
N PHE R 119 -31.42 27.70 38.04
CA PHE R 119 -31.53 27.42 36.63
C PHE R 119 -30.48 26.45 36.09
N LEU R 120 -29.26 26.54 36.64
CA LEU R 120 -28.21 25.58 36.38
C LEU R 120 -28.63 24.20 36.85
N GLY R 121 -29.24 24.16 38.04
CA GLY R 121 -29.74 22.91 38.59
C GLY R 121 -30.90 22.32 37.83
N GLU R 122 -31.80 23.17 37.34
CA GLU R 122 -32.91 22.74 36.51
C GLU R 122 -32.33 22.07 35.29
N GLN R 123 -31.39 22.77 34.65
CA GLN R 123 -30.85 22.34 33.35
C GLN R 123 -30.02 21.08 33.44
N PHE R 124 -29.27 20.92 34.53
CA PHE R 124 -28.32 19.84 34.67
C PHE R 124 -28.96 18.46 34.63
N MET R 125 -30.22 18.36 35.06
CA MET R 125 -30.86 17.07 35.31
C MET R 125 -31.85 16.61 34.24
N GLN R 126 -31.86 17.34 33.13
CA GLN R 126 -32.64 16.97 31.98
C GLN R 126 -32.05 15.68 31.40
N TRP R 127 -30.73 15.56 31.50
CA TRP R 127 -30.05 14.40 30.97
C TRP R 127 -30.39 13.17 31.79
N PHE R 128 -30.58 13.36 33.09
CA PHE R 128 -30.96 12.29 33.99
C PHE R 128 -32.38 11.81 33.71
N LEU R 129 -33.28 12.75 33.41
CA LEU R 129 -34.64 12.40 32.98
C LEU R 129 -34.63 11.56 31.69
N GLN R 130 -33.83 12.00 30.73
CA GLN R 130 -33.65 11.29 29.46
C GLN R 130 -33.18 9.88 29.66
N GLU R 131 -32.19 9.70 30.56
CA GLU R 131 -31.64 8.38 30.83
C GLU R 131 -32.62 7.48 31.54
N GLN R 132 -33.42 8.07 32.42
CA GLN R 132 -34.45 7.31 33.12
C GLN R 132 -35.52 6.74 32.21
N ILE R 133 -35.89 7.46 31.15
CA ILE R 133 -36.86 6.96 30.19
C ILE R 133 -36.42 5.57 29.69
N GLU R 134 -35.27 5.55 29.03
CA GLU R 134 -34.73 4.35 28.38
C GLU R 134 -34.40 3.26 29.39
N GLU R 135 -33.90 3.67 30.56
CA GLU R 135 -33.52 2.73 31.62
C GLU R 135 -34.70 1.98 32.22
N VAL R 136 -35.76 2.70 32.58
CA VAL R 136 -36.97 2.07 33.11
C VAL R 136 -37.65 1.23 32.02
N ALA R 137 -37.53 1.69 30.77
CA ALA R 137 -38.05 0.93 29.64
C ALA R 137 -37.42 -0.44 29.59
N LEU R 138 -36.08 -0.46 29.65
CA LEU R 138 -35.31 -1.70 29.57
C LEU R 138 -35.62 -2.65 30.72
N MET R 139 -35.68 -2.10 31.93
CA MET R 139 -36.01 -2.89 33.11
C MET R 139 -37.39 -3.52 33.05
N ALA R 140 -38.38 -2.74 32.62
CA ALA R 140 -39.74 -3.22 32.49
C ALA R 140 -39.81 -4.35 31.48
N THR R 141 -39.09 -4.18 30.36
CA THR R 141 -39.01 -5.18 29.32
C THR R 141 -38.46 -6.50 29.88
N LEU R 142 -37.36 -6.42 30.64
CA LEU R 142 -36.75 -7.59 31.27
C LEU R 142 -37.67 -8.30 32.25
N VAL R 143 -38.43 -7.54 33.03
CA VAL R 143 -39.34 -8.12 34.02
C VAL R 143 -40.49 -8.86 33.33
N ARG R 144 -41.03 -8.28 32.26
CA ARG R 144 -42.13 -8.88 31.46
C ARG R 144 -41.63 -10.14 30.76
N VAL R 145 -40.42 -10.10 30.21
CA VAL R 145 -39.82 -11.27 29.56
C VAL R 145 -39.58 -12.39 30.58
N ALA R 146 -39.16 -12.01 31.79
CA ALA R 146 -38.94 -12.98 32.88
C ALA R 146 -40.23 -13.64 33.32
N ASP R 147 -41.34 -12.90 33.24
CA ASP R 147 -42.65 -13.49 33.51
C ASP R 147 -43.12 -14.46 32.41
N ARG R 148 -42.90 -14.11 31.14
CA ARG R 148 -43.24 -14.98 29.97
C ARG R 148 -42.41 -16.25 30.01
N ALA R 149 -41.14 -16.16 30.42
CA ALA R 149 -40.25 -17.30 30.47
C ALA R 149 -40.64 -18.24 31.62
N GLY R 150 -41.02 -17.68 32.76
CA GLY R 150 -41.35 -18.46 33.94
C GLY R 150 -40.11 -19.16 34.46
N ALA R 151 -40.27 -20.44 34.85
CA ALA R 151 -39.17 -21.21 35.40
C ALA R 151 -38.07 -21.57 34.39
N ASN R 152 -38.43 -21.60 33.10
CA ASN R 152 -37.49 -21.87 32.01
C ASN R 152 -36.61 -20.65 31.74
N LEU R 153 -35.45 -20.59 32.41
CA LEU R 153 -34.62 -19.41 32.45
C LEU R 153 -33.71 -19.20 31.25
N PHE R 154 -33.52 -20.26 30.45
CA PHE R 154 -32.66 -20.16 29.28
C PHE R 154 -33.19 -19.22 28.22
N GLU R 155 -34.52 -19.08 28.14
CA GLU R 155 -35.15 -18.23 27.15
C GLU R 155 -34.99 -16.76 27.52
N LEU R 156 -35.08 -16.47 28.82
CA LEU R 156 -34.70 -15.17 29.37
C LEU R 156 -33.25 -14.86 29.01
N GLU R 157 -32.39 -15.86 29.23
CA GLU R 157 -30.96 -15.76 28.93
C GLU R 157 -30.70 -15.39 27.46
N ASN R 158 -31.40 -16.07 26.54
CA ASN R 158 -31.27 -15.82 25.11
C ASN R 158 -31.80 -14.46 24.69
N PHE R 159 -32.90 -14.04 25.34
CA PHE R 159 -33.45 -12.71 25.08
C PHE R 159 -32.48 -11.62 25.46
N VAL R 160 -31.84 -11.75 26.64
CA VAL R 160 -30.84 -10.80 27.09
C VAL R 160 -29.65 -10.81 26.14
N ALA R 161 -29.27 -11.99 25.66
CA ALA R 161 -28.10 -12.13 24.80
C ALA R 161 -28.25 -11.48 23.43
N ARG R 162 -29.39 -11.70 22.78
CA ARG R 162 -29.63 -11.26 21.37
C ARG R 162 -30.11 -9.82 21.33
N GLU R 163 -31.02 -9.42 22.22
CA GLU R 163 -31.81 -8.20 22.02
C GLU R 163 -31.40 -7.02 22.89
N VAL R 164 -30.96 -7.30 24.12
CA VAL R 164 -30.49 -6.27 25.02
C VAL R 164 -28.99 -6.09 24.80
N ASP R 165 -28.61 -4.89 24.37
CA ASP R 165 -27.22 -4.55 24.12
C ASP R 165 -26.95 -3.23 24.79
N VAL R 166 -25.78 -3.13 25.42
CA VAL R 166 -25.27 -1.86 25.93
C VAL R 166 -24.46 -1.21 24.81
N ALA R 167 -25.16 -0.41 23.99
CA ALA R 167 -24.59 0.30 22.85
C ALA R 167 -23.64 1.38 23.38
N PRO R 168 -22.73 1.93 22.53
CA PRO R 168 -21.90 3.05 22.93
C PRO R 168 -22.78 4.20 23.43
N ALA R 169 -22.38 4.83 24.54
CA ALA R 169 -23.11 5.96 25.10
C ALA R 169 -23.05 7.10 24.12
N ALA R 170 -24.18 7.81 23.99
CA ALA R 170 -24.29 8.95 23.12
C ALA R 170 -23.69 10.12 23.85
N SER R 171 -23.49 11.22 23.13
CA SER R 171 -23.10 12.49 23.72
C SER R 171 -24.29 13.10 24.47
N GLY R 172 -24.07 14.28 25.06
CA GLY R 172 -25.05 14.96 25.86
C GLY R 172 -24.85 14.61 27.32
N ALA R 173 -24.09 13.53 27.57
CA ALA R 173 -23.79 13.09 28.91
C ALA R 173 -22.87 14.13 29.52
N PRO R 174 -23.20 14.68 30.71
CA PRO R 174 -22.33 15.65 31.36
C PRO R 174 -21.05 14.94 31.84
N HIS R 175 -20.03 15.73 32.23
N HIS R 175 -20.03 15.73 32.23
CA HIS R 175 -18.75 15.19 32.65
CA HIS R 175 -18.75 15.19 32.65
C HIS R 175 -18.91 14.51 34.00
C HIS R 175 -18.91 14.51 34.00
N ALA R 176 -18.31 13.32 34.12
CA ALA R 176 -18.29 12.57 35.37
C ALA R 176 -16.93 12.76 36.00
N ALA R 177 -16.92 12.92 37.32
CA ALA R 177 -15.70 13.14 38.08
C ALA R 177 -14.81 11.92 37.94
N GLY R 178 -13.60 12.14 37.42
CA GLY R 178 -12.63 11.08 37.24
C GLY R 178 -12.85 10.29 35.98
N GLY R 179 -13.51 10.92 35.00
CA GLY R 179 -13.74 10.32 33.72
C GLY R 179 -14.84 9.31 33.81
N ARG R 180 -15.75 9.35 32.85
CA ARG R 180 -16.81 8.34 32.63
C ARG R 180 -16.12 7.00 32.41
N LEU R 181 -16.58 5.95 33.10
CA LEU R 181 -16.14 4.59 32.84
C LEU R 181 -17.07 3.97 31.80
N GLU S 5 -64.34 17.85 -15.15
CA GLU S 5 -62.91 17.86 -14.70
C GLU S 5 -61.96 17.05 -15.63
N GLY S 6 -62.54 16.23 -16.52
CA GLY S 6 -61.83 15.38 -17.48
C GLY S 6 -62.30 13.93 -17.43
N PRO S 7 -62.27 13.18 -18.56
CA PRO S 7 -62.74 11.79 -18.58
C PRO S 7 -61.76 10.77 -17.96
N LYS S 8 -62.15 10.16 -16.84
CA LYS S 8 -61.36 9.12 -16.19
C LYS S 8 -61.72 7.75 -16.74
N THR S 9 -60.72 7.03 -17.26
CA THR S 9 -60.82 5.59 -17.49
C THR S 9 -60.83 4.90 -16.13
N LYS S 10 -61.42 3.71 -16.05
CA LYS S 10 -61.56 3.04 -14.74
C LYS S 10 -60.30 2.36 -14.24
N PHE S 11 -59.30 2.21 -15.11
CA PHE S 11 -57.97 1.82 -14.65
C PHE S 11 -57.40 2.92 -13.77
N HIS S 12 -57.50 4.16 -14.23
CA HIS S 12 -57.06 5.33 -13.48
C HIS S 12 -57.87 5.44 -12.19
N ALA S 13 -59.19 5.31 -12.32
CA ALA S 13 -60.09 5.47 -11.18
C ALA S 13 -59.91 4.40 -10.10
N LEU S 14 -59.39 3.22 -10.49
CA LEU S 14 -59.22 2.10 -9.58
C LEU S 14 -57.82 2.06 -9.01
N MET S 15 -56.88 2.59 -9.78
CA MET S 15 -55.50 2.73 -9.34
C MET S 15 -55.37 3.80 -8.25
N GLN S 16 -56.22 4.83 -8.31
CA GLN S 16 -56.33 5.80 -7.23
C GLN S 16 -56.75 5.10 -5.94
N GLU S 17 -57.77 4.24 -6.06
CA GLU S 17 -58.25 3.42 -4.95
C GLU S 17 -57.14 2.55 -4.39
N GLN S 18 -56.29 2.02 -5.28
CA GLN S 18 -55.20 1.17 -4.85
C GLN S 18 -54.13 1.94 -4.10
N ILE S 19 -53.92 3.21 -4.50
CA ILE S 19 -52.99 4.08 -3.78
C ILE S 19 -53.47 4.22 -2.34
N HIS S 20 -54.78 4.44 -2.19
CA HIS S 20 -55.42 4.54 -0.89
C HIS S 20 -55.23 3.26 -0.07
N ASN S 21 -55.41 2.12 -0.73
CA ASN S 21 -55.24 0.82 -0.10
C ASN S 21 -53.85 0.56 0.41
N GLU S 22 -52.84 0.89 -0.40
CA GLU S 22 -51.45 0.65 -0.02
C GLU S 22 -51.04 1.53 1.15
N PHE S 23 -51.53 2.78 1.17
CA PHE S 23 -51.30 3.66 2.31
C PHE S 23 -51.91 3.12 3.61
N THR S 24 -53.15 2.62 3.53
CA THR S 24 -53.81 2.03 4.70
C THR S 24 -53.09 0.76 5.15
N ALA S 25 -52.58 -0.01 4.17
CA ALA S 25 -51.86 -1.24 4.44
C ALA S 25 -50.57 -0.96 5.19
N ALA S 26 -49.89 0.12 4.79
CA ALA S 26 -48.66 0.54 5.45
C ALA S 26 -48.94 0.92 6.90
N GLN S 27 -50.02 1.68 7.12
CA GLN S 27 -50.39 2.09 8.48
C GLN S 27 -50.78 0.90 9.34
N GLN S 28 -51.43 -0.09 8.73
CA GLN S 28 -51.79 -1.34 9.41
C GLN S 28 -50.56 -2.14 9.82
N TYR S 29 -49.54 -2.18 8.95
CA TYR S 29 -48.23 -2.81 9.27
C TYR S 29 -47.57 -2.07 10.43
N VAL S 30 -47.65 -0.73 10.45
CA VAL S 30 -47.08 0.03 11.56
C VAL S 30 -47.79 -0.36 12.85
N ALA S 31 -49.11 -0.50 12.80
CA ALA S 31 -49.89 -0.84 14.00
C ALA S 31 -49.55 -2.24 14.52
N ILE S 32 -49.42 -3.19 13.61
CA ILE S 32 -49.02 -4.56 13.92
C ILE S 32 -47.65 -4.58 14.58
N ALA S 33 -46.69 -3.87 13.99
CA ALA S 33 -45.32 -3.75 14.51
C ALA S 33 -45.28 -3.09 15.89
N VAL S 34 -46.14 -2.11 16.12
CA VAL S 34 -46.20 -1.41 17.39
C VAL S 34 -46.76 -2.33 18.47
N TYR S 35 -47.76 -3.14 18.12
CA TYR S 35 -48.32 -4.18 19.03
C TYR S 35 -47.23 -5.20 19.39
N PHE S 36 -46.45 -5.63 18.39
CA PHE S 36 -45.35 -6.55 18.63
C PHE S 36 -44.26 -5.93 19.49
N ASP S 37 -44.06 -4.62 19.38
CA ASP S 37 -43.02 -3.93 20.13
C ASP S 37 -43.42 -3.74 21.59
N SER S 38 -44.73 -3.59 21.83
CA SER S 38 -45.26 -3.47 23.18
C SER S 38 -45.25 -4.80 23.92
N GLU S 39 -45.47 -5.89 23.17
CA GLU S 39 -45.45 -7.24 23.74
C GLU S 39 -44.07 -7.89 23.80
N ASP S 40 -43.01 -7.09 23.61
CA ASP S 40 -41.63 -7.53 23.72
C ASP S 40 -41.30 -8.68 22.78
N LEU S 41 -41.57 -8.47 21.49
CA LEU S 41 -41.18 -9.41 20.43
C LEU S 41 -40.43 -8.61 19.37
N PRO S 42 -39.20 -8.15 19.66
CA PRO S 42 -38.51 -7.17 18.82
C PRO S 42 -38.03 -7.64 17.43
N GLN S 43 -37.85 -8.94 17.21
CA GLN S 43 -37.50 -9.43 15.87
C GLN S 43 -38.69 -9.37 14.97
N LEU S 44 -39.84 -9.78 15.51
CA LEU S 44 -41.11 -9.66 14.82
C LEU S 44 -41.39 -8.20 14.48
N ALA S 45 -41.18 -7.33 15.47
CA ALA S 45 -41.40 -5.90 15.33
C ALA S 45 -40.49 -5.34 14.24
N LYS S 46 -39.22 -5.75 14.26
CA LYS S 46 -38.24 -5.29 13.30
C LYS S 46 -38.69 -5.62 11.89
N HIS S 47 -39.12 -6.87 11.69
CA HIS S 47 -39.60 -7.31 10.39
C HIS S 47 -40.76 -6.49 9.90
N PHE S 48 -41.73 -6.23 10.78
CA PHE S 48 -42.90 -5.48 10.37
C PHE S 48 -42.68 -3.99 10.16
N TYR S 49 -41.72 -3.41 10.87
CA TYR S 49 -41.25 -2.02 10.65
C TYR S 49 -40.60 -1.94 9.27
N SER S 50 -39.93 -3.01 8.84
CA SER S 50 -39.39 -3.07 7.50
C SER S 50 -40.51 -3.19 6.45
N GLN S 51 -41.54 -3.99 6.77
CA GLN S 51 -42.67 -4.21 5.85
C GLN S 51 -43.51 -2.98 5.64
N ALA S 52 -43.63 -2.14 6.66
CA ALA S 52 -44.38 -0.90 6.57
C ALA S 52 -43.70 0.06 5.59
N VAL S 53 -42.36 0.10 5.66
CA VAL S 53 -41.55 0.88 4.75
C VAL S 53 -41.73 0.36 3.35
N GLU S 54 -41.73 -0.97 3.20
CA GLU S 54 -41.90 -1.58 1.89
C GLU S 54 -43.26 -1.23 1.28
N GLU S 55 -44.30 -1.19 2.11
CA GLU S 55 -45.66 -0.92 1.66
C GLU S 55 -45.81 0.54 1.26
N ARG S 56 -45.20 1.45 2.04
CA ARG S 56 -45.13 2.90 1.71
C ARG S 56 -44.40 3.09 0.38
N ASN S 57 -43.32 2.34 0.16
CA ASN S 57 -42.61 2.36 -1.10
C ASN S 57 -43.48 1.93 -2.27
N HIS S 58 -44.31 0.91 -2.07
CA HIS S 58 -45.26 0.47 -3.09
C HIS S 58 -46.25 1.58 -3.43
N ALA S 59 -46.77 2.24 -2.40
CA ALA S 59 -47.68 3.36 -2.57
C ALA S 59 -47.03 4.47 -3.41
N MET S 60 -45.78 4.78 -3.08
CA MET S 60 -44.99 5.77 -3.80
C MET S 60 -44.77 5.37 -5.25
N MET S 61 -44.61 4.06 -5.51
CA MET S 61 -44.43 3.55 -6.87
C MET S 61 -45.67 3.77 -7.70
N LEU S 62 -46.84 3.48 -7.12
CA LEU S 62 -48.11 3.72 -7.78
C LEU S 62 -48.31 5.21 -8.08
N VAL S 63 -48.02 6.05 -7.09
CA VAL S 63 -48.09 7.50 -7.22
C VAL S 63 -47.21 7.99 -8.37
N GLN S 64 -45.96 7.51 -8.41
CA GLN S 64 -44.99 7.88 -9.43
C GLN S 64 -45.45 7.48 -10.80
N HIS S 65 -46.13 6.33 -10.89
CA HIS S 65 -46.70 5.89 -12.16
C HIS S 65 -47.78 6.80 -12.65
N LEU S 66 -48.60 7.31 -11.73
CA LEU S 66 -49.62 8.28 -12.11
C LEU S 66 -48.99 9.58 -12.57
N LEU S 67 -47.93 10.01 -11.87
CA LEU S 67 -47.21 11.24 -12.21
C LEU S 67 -46.57 11.17 -13.59
N ASP S 68 -46.08 9.98 -13.97
CA ASP S 68 -45.40 9.76 -15.25
C ASP S 68 -46.34 9.85 -16.45
N ARG S 69 -47.54 9.31 -16.30
CA ARG S 69 -48.57 9.29 -17.36
C ARG S 69 -49.44 10.55 -17.29
N ASP S 70 -49.07 11.51 -16.43
CA ASP S 70 -49.71 12.83 -16.33
C ASP S 70 -51.20 12.78 -16.05
N LEU S 71 -51.63 11.76 -15.29
CA LEU S 71 -53.00 11.69 -14.81
C LEU S 71 -52.99 12.31 -13.42
N ARG S 72 -54.14 12.88 -13.06
CA ARG S 72 -54.28 13.54 -11.73
C ARG S 72 -54.23 12.46 -10.66
N VAL S 73 -53.63 12.77 -9.53
CA VAL S 73 -53.50 11.80 -8.47
C VAL S 73 -53.68 12.55 -7.16
N GLU S 74 -54.47 11.94 -6.26
CA GLU S 74 -54.74 12.46 -4.94
C GLU S 74 -53.90 11.64 -4.00
N ILE S 75 -53.25 12.30 -3.04
CA ILE S 75 -52.66 11.61 -1.91
C ILE S 75 -53.76 11.59 -0.85
N PRO S 76 -54.36 10.42 -0.55
CA PRO S 76 -55.57 10.35 0.26
C PRO S 76 -55.26 10.23 1.77
N GLY S 77 -56.32 10.24 2.58
CA GLY S 77 -56.24 9.93 3.99
C GLY S 77 -56.18 8.44 4.14
N VAL S 78 -56.11 7.99 5.40
CA VAL S 78 -56.00 6.58 5.74
C VAL S 78 -57.11 6.29 6.74
N ASP S 79 -57.75 5.12 6.61
CA ASP S 79 -58.82 4.74 7.50
C ASP S 79 -58.21 4.33 8.81
N THR S 80 -59.04 4.17 9.85
CA THR S 80 -58.57 3.65 11.11
C THR S 80 -58.17 2.20 10.91
N VAL S 81 -57.00 1.84 11.43
CA VAL S 81 -56.47 0.51 11.35
C VAL S 81 -56.63 -0.14 12.73
N ARG S 82 -56.44 -1.46 12.79
CA ARG S 82 -56.66 -2.27 14.00
C ARG S 82 -55.44 -2.20 14.92
N ASN S 83 -55.67 -2.07 16.24
CA ASN S 83 -54.61 -2.06 17.24
C ASN S 83 -54.72 -3.15 18.31
N GLN S 84 -55.95 -3.57 18.64
CA GLN S 84 -56.19 -4.60 19.63
C GLN S 84 -55.96 -5.98 19.02
N PHE S 85 -55.13 -6.77 19.68
CA PHE S 85 -54.95 -8.16 19.38
C PHE S 85 -54.79 -8.84 20.69
N ASP S 86 -55.46 -9.99 20.86
CA ASP S 86 -55.40 -10.73 22.12
C ASP S 86 -54.15 -11.62 22.22
N ARG S 87 -53.63 -12.09 21.09
CA ARG S 87 -52.39 -12.91 21.02
C ARG S 87 -51.67 -12.60 19.70
N PRO S 88 -50.34 -12.88 19.60
CA PRO S 88 -49.59 -12.62 18.37
C PRO S 88 -50.07 -13.34 17.10
N ARG S 89 -50.68 -14.51 17.27
CA ARG S 89 -51.16 -15.36 16.16
C ARG S 89 -52.20 -14.57 15.35
N GLU S 90 -53.04 -13.78 16.02
CA GLU S 90 -54.08 -13.02 15.35
C GLU S 90 -53.55 -11.87 14.51
N ALA S 91 -52.50 -11.21 14.99
CA ALA S 91 -51.90 -10.10 14.28
C ALA S 91 -51.20 -10.61 13.04
N LEU S 92 -50.52 -11.75 13.19
CA LEU S 92 -49.90 -12.41 12.04
C LEU S 92 -50.95 -12.86 11.02
N ALA S 93 -52.08 -13.35 11.51
CA ALA S 93 -53.18 -13.79 10.65
C ALA S 93 -53.75 -12.61 9.90
N LEU S 94 -53.80 -11.45 10.56
CA LEU S 94 -54.29 -10.22 9.96
C LEU S 94 -53.37 -9.79 8.84
N ALA S 95 -52.06 -9.88 9.07
CA ALA S 95 -51.07 -9.56 8.04
C ALA S 95 -51.24 -10.44 6.82
N LEU S 96 -51.32 -11.76 7.05
CA LEU S 96 -51.53 -12.74 6.00
C LEU S 96 -52.79 -12.44 5.20
N ASP S 97 -53.88 -12.18 5.90
CA ASP S 97 -55.16 -11.81 5.32
C ASP S 97 -54.99 -10.60 4.40
N GLN S 98 -54.36 -9.54 4.94
CA GLN S 98 -54.17 -8.29 4.24
C GLN S 98 -53.44 -8.55 2.95
N GLU S 99 -52.39 -9.36 3.01
CA GLU S 99 -51.57 -9.60 1.84
C GLU S 99 -52.30 -10.40 0.77
N ARG S 100 -53.15 -11.34 1.19
CA ARG S 100 -54.02 -12.09 0.24
C ARG S 100 -54.98 -11.11 -0.44
N THR S 101 -55.51 -10.15 0.33
CA THR S 101 -56.37 -9.12 -0.24
C THR S 101 -55.61 -8.33 -1.27
N VAL S 102 -54.43 -7.83 -0.89
CA VAL S 102 -53.59 -7.03 -1.78
C VAL S 102 -53.32 -7.77 -3.10
N THR S 103 -53.07 -9.07 -3.00
CA THR S 103 -52.88 -9.91 -4.18
C THR S 103 -54.09 -9.89 -5.08
N ASP S 104 -55.28 -10.06 -4.48
CA ASP S 104 -56.52 -10.03 -5.25
C ASP S 104 -56.80 -8.68 -5.89
N GLN S 105 -56.46 -7.60 -5.18
CA GLN S 105 -56.59 -6.24 -5.67
C GLN S 105 -55.72 -5.97 -6.88
N VAL S 106 -54.45 -6.38 -6.80
CA VAL S 106 -53.51 -6.22 -7.89
C VAL S 106 -53.95 -7.08 -9.10
N GLY S 107 -54.52 -8.25 -8.81
CA GLY S 107 -55.13 -9.07 -9.84
C GLY S 107 -56.23 -8.33 -10.57
N ARG S 108 -57.08 -7.66 -9.78
CA ARG S 108 -58.26 -6.89 -10.26
C ARG S 108 -57.78 -5.75 -11.14
N LEU S 109 -56.69 -5.09 -10.75
CA LEU S 109 -56.07 -4.04 -11.55
C LEU S 109 -55.52 -4.52 -12.90
N THR S 110 -54.82 -5.65 -12.88
CA THR S 110 -54.28 -6.22 -14.11
C THR S 110 -55.41 -6.58 -15.06
N ALA S 111 -56.49 -7.11 -14.50
CA ALA S 111 -57.68 -7.50 -15.27
C ALA S 111 -58.37 -6.30 -15.90
N VAL S 112 -58.58 -5.24 -15.11
CA VAL S 112 -59.25 -4.05 -15.62
C VAL S 112 -58.40 -3.31 -16.66
N ALA S 113 -57.08 -3.36 -16.48
CA ALA S 113 -56.14 -2.77 -17.43
C ALA S 113 -56.22 -3.51 -18.74
N ARG S 114 -56.29 -4.83 -18.67
CA ARG S 114 -56.30 -5.69 -19.88
C ARG S 114 -57.66 -5.58 -20.58
N ASP S 115 -58.74 -5.36 -19.83
CA ASP S 115 -60.04 -5.14 -20.43
C ASP S 115 -60.01 -3.87 -21.30
N GLU S 116 -59.60 -2.75 -20.71
CA GLU S 116 -59.66 -1.45 -21.38
C GLU S 116 -58.45 -1.09 -22.24
N GLY S 117 -57.63 -2.09 -22.56
CA GLY S 117 -56.52 -1.94 -23.48
C GLY S 117 -55.51 -0.89 -23.07
N ASP S 118 -55.18 -0.85 -21.77
CA ASP S 118 -54.17 0.05 -21.23
C ASP S 118 -52.88 -0.74 -21.05
N PHE S 119 -52.08 -0.79 -22.10
CA PHE S 119 -50.92 -1.66 -22.18
C PHE S 119 -49.79 -1.27 -21.23
N LEU S 120 -49.61 0.04 -21.03
CA LEU S 120 -48.71 0.56 -20.03
C LEU S 120 -49.15 0.12 -18.64
N GLY S 121 -50.46 0.20 -18.40
CA GLY S 121 -51.04 -0.23 -17.13
C GLY S 121 -50.95 -1.72 -16.90
N GLU S 122 -51.13 -2.52 -17.96
CA GLU S 122 -50.97 -3.96 -17.88
C GLU S 122 -49.55 -4.24 -17.44
N GLN S 123 -48.60 -3.62 -18.14
CA GLN S 123 -47.18 -3.91 -17.95
C GLN S 123 -46.64 -3.47 -16.61
N PHE S 124 -47.14 -2.33 -16.10
CA PHE S 124 -46.61 -1.73 -14.90
C PHE S 124 -46.74 -2.61 -13.67
N MET S 125 -47.77 -3.46 -13.63
CA MET S 125 -48.15 -4.18 -12.42
C MET S 125 -47.73 -5.65 -12.36
N GLN S 126 -46.90 -6.04 -13.33
CA GLN S 126 -46.31 -7.35 -13.33
C GLN S 126 -45.35 -7.45 -12.15
N TRP S 127 -44.71 -6.33 -11.83
CA TRP S 127 -43.75 -6.29 -10.74
C TRP S 127 -44.46 -6.46 -9.41
N PHE S 128 -45.68 -5.92 -9.32
CA PHE S 128 -46.50 -6.05 -8.13
C PHE S 128 -46.96 -7.48 -7.93
N LEU S 129 -47.31 -8.16 -9.02
CA LEU S 129 -47.64 -9.59 -8.96
C LEU S 129 -46.45 -10.43 -8.45
N GLN S 130 -45.27 -10.14 -8.99
CA GLN S 130 -44.02 -10.78 -8.58
C GLN S 130 -43.76 -10.62 -7.10
N GLU S 131 -43.96 -9.39 -6.60
CA GLU S 131 -43.72 -9.10 -5.18
C GLU S 131 -44.72 -9.78 -4.29
N GLN S 132 -45.97 -9.88 -4.75
CA GLN S 132 -47.00 -10.56 -4.00
C GLN S 132 -46.74 -12.05 -3.80
N ILE S 133 -46.15 -12.71 -4.80
CA ILE S 133 -45.80 -14.12 -4.66
C ILE S 133 -44.97 -14.33 -3.38
N GLU S 134 -43.79 -13.69 -3.35
CA GLU S 134 -42.82 -13.86 -2.28
C GLU S 134 -43.35 -13.33 -0.95
N GLU S 135 -44.12 -12.24 -1.01
CA GLU S 135 -44.67 -11.61 0.19
C GLU S 135 -45.71 -12.47 0.90
N VAL S 136 -46.68 -13.01 0.14
CA VAL S 136 -47.68 -13.90 0.71
C VAL S 136 -47.03 -15.21 1.17
N ALA S 137 -45.97 -15.62 0.47
CA ALA S 137 -45.22 -16.80 0.86
C ALA S 137 -44.66 -16.62 2.26
N LEU S 138 -43.99 -15.48 2.47
CA LEU S 138 -43.36 -15.16 3.74
C LEU S 138 -44.36 -15.07 4.89
N MET S 139 -45.48 -14.40 4.63
CA MET S 139 -46.54 -14.27 5.62
C MET S 139 -47.15 -15.59 6.03
N ALA S 140 -47.42 -16.46 5.05
CA ALA S 140 -47.98 -17.77 5.30
C ALA S 140 -47.02 -18.60 6.14
N THR S 141 -45.73 -18.51 5.81
CA THR S 141 -44.69 -19.20 6.55
C THR S 141 -44.69 -18.77 8.02
N LEU S 142 -44.76 -17.45 8.27
CA LEU S 142 -44.80 -16.91 9.62
C LEU S 142 -46.03 -17.35 10.42
N VAL S 143 -47.18 -17.42 9.75
CA VAL S 143 -48.42 -17.83 10.42
C VAL S 143 -48.36 -19.30 10.83
N ARG S 144 -47.83 -20.15 9.95
CA ARG S 144 -47.67 -21.61 10.19
C ARG S 144 -46.66 -21.84 11.31
N VAL S 145 -45.56 -21.09 11.31
CA VAL S 145 -44.55 -21.19 12.36
C VAL S 145 -45.13 -20.74 13.71
N ALA S 146 -45.97 -19.70 13.69
CA ALA S 146 -46.64 -19.20 14.90
C ALA S 146 -47.61 -20.21 15.46
N ASP S 147 -48.23 -21.01 14.59
CA ASP S 147 -49.08 -22.11 15.03
C ASP S 147 -48.29 -23.27 15.65
N ARG S 148 -47.15 -23.64 15.05
CA ARG S 148 -46.25 -24.71 15.58
C ARG S 148 -45.67 -24.30 16.93
N ALA S 149 -45.35 -23.01 17.10
CA ALA S 149 -44.78 -22.51 18.33
C ALA S 149 -45.83 -22.49 19.45
N GLY S 150 -47.06 -22.10 19.12
CA GLY S 150 -48.12 -21.98 20.11
C GLY S 150 -47.80 -20.84 21.07
N ALA S 151 -48.05 -21.08 22.36
CA ALA S 151 -47.83 -20.07 23.38
C ALA S 151 -46.35 -19.75 23.63
N ASN S 152 -45.46 -20.69 23.32
CA ASN S 152 -44.02 -20.51 23.46
C ASN S 152 -43.47 -19.63 22.34
N LEU S 153 -43.43 -18.32 22.59
CA LEU S 153 -43.17 -17.32 21.58
C LEU S 153 -41.70 -17.11 21.22
N PHE S 154 -40.80 -17.59 22.07
CA PHE S 154 -39.37 -17.43 21.83
C PHE S 154 -38.88 -18.19 20.60
N GLU S 155 -39.54 -19.30 20.28
CA GLU S 155 -39.16 -20.12 19.14
C GLU S 155 -39.57 -19.47 17.83
N LEU S 156 -40.74 -18.82 17.84
CA LEU S 156 -41.16 -17.92 16.76
C LEU S 156 -40.13 -16.81 16.57
N GLU S 157 -39.72 -16.23 17.70
CA GLU S 157 -38.72 -15.16 17.73
C GLU S 157 -37.40 -15.59 17.07
N ASN S 158 -36.92 -16.79 17.42
CA ASN S 158 -35.69 -17.33 16.86
C ASN S 158 -35.80 -17.67 15.39
N PHE S 159 -36.97 -18.16 14.98
CA PHE S 159 -37.22 -18.44 13.57
C PHE S 159 -37.15 -17.18 12.74
N VAL S 160 -37.79 -16.10 13.22
CA VAL S 160 -37.75 -14.81 12.54
C VAL S 160 -36.32 -14.29 12.49
N ALA S 161 -35.56 -14.49 13.57
CA ALA S 161 -34.20 -13.97 13.66
C ALA S 161 -33.22 -14.63 12.70
N ARG S 162 -33.26 -15.95 12.61
CA ARG S 162 -32.26 -16.75 11.83
C ARG S 162 -32.67 -16.83 10.36
N GLU S 163 -33.95 -17.06 10.06
CA GLU S 163 -34.36 -17.53 8.74
C GLU S 163 -35.01 -16.48 7.86
N VAL S 164 -35.77 -15.56 8.46
CA VAL S 164 -36.40 -14.48 7.75
C VAL S 164 -35.45 -13.30 7.72
N ASP S 165 -35.04 -12.91 6.52
CA ASP S 165 -34.12 -11.80 6.32
C ASP S 165 -34.70 -10.92 5.24
N VAL S 166 -34.62 -9.61 5.44
CA VAL S 166 -34.94 -8.63 4.40
C VAL S 166 -33.65 -8.35 3.62
N ALA S 167 -33.43 -9.17 2.57
CA ALA S 167 -32.27 -9.09 1.70
C ALA S 167 -32.34 -7.78 0.91
N PRO S 168 -31.21 -7.32 0.31
CA PRO S 168 -31.25 -6.15 -0.57
C PRO S 168 -32.28 -6.38 -1.68
N ALA S 169 -33.07 -5.34 -1.98
CA ALA S 169 -34.08 -5.40 -3.03
C ALA S 169 -33.37 -5.57 -4.36
N ALA S 170 -33.95 -6.41 -5.22
CA ALA S 170 -33.43 -6.67 -6.53
C ALA S 170 -33.87 -5.53 -7.41
N SER S 171 -33.30 -5.47 -8.61
CA SER S 171 -33.75 -4.55 -9.64
C SER S 171 -35.08 -5.03 -10.22
N GLY S 172 -35.61 -4.27 -11.19
CA GLY S 172 -36.89 -4.52 -11.78
C GLY S 172 -37.95 -3.72 -11.09
N ALA S 173 -37.62 -3.21 -9.89
CA ALA S 173 -38.53 -2.40 -9.12
C ALA S 173 -38.68 -1.08 -9.86
N PRO S 174 -39.91 -0.64 -10.16
CA PRO S 174 -40.12 0.64 -10.82
C PRO S 174 -39.75 1.78 -9.86
N HIS S 175 -39.63 3.01 -10.39
N HIS S 175 -39.63 3.01 -10.39
CA HIS S 175 -39.23 4.16 -9.60
CA HIS S 175 -39.23 4.16 -9.60
C HIS S 175 -40.35 4.55 -8.66
C HIS S 175 -40.35 4.55 -8.66
N ALA S 176 -39.99 4.83 -7.41
CA ALA S 176 -40.92 5.28 -6.39
C ALA S 176 -40.74 6.78 -6.25
N ALA S 177 -41.86 7.49 -6.10
CA ALA S 177 -41.88 8.93 -5.97
C ALA S 177 -41.14 9.31 -4.70
N GLY S 178 -40.09 10.12 -4.87
CA GLY S 178 -39.27 10.59 -3.76
C GLY S 178 -38.24 9.59 -3.33
N GLY S 179 -37.86 8.71 -4.24
CA GLY S 179 -36.83 7.74 -3.99
C GLY S 179 -37.37 6.63 -3.13
N ARG S 180 -37.06 5.39 -3.54
CA ARG S 180 -37.31 4.17 -2.75
C ARG S 180 -36.59 4.32 -1.41
N LEU S 181 -37.28 4.03 -0.30
CA LEU S 181 -36.65 3.95 1.01
C LEU S 181 -36.20 2.51 1.24
N GLU T 5 -23.94 -57.06 -29.31
CA GLU T 5 -23.55 -55.64 -29.02
C GLU T 5 -22.16 -55.50 -28.33
N GLY T 6 -21.62 -56.62 -27.83
CA GLY T 6 -20.34 -56.70 -27.13
C GLY T 6 -20.45 -57.41 -25.78
N PRO T 7 -19.39 -58.13 -25.31
CA PRO T 7 -19.45 -58.86 -24.04
C PRO T 7 -19.31 -57.97 -22.79
N LYS T 8 -20.39 -57.88 -22.00
CA LYS T 8 -20.37 -57.15 -20.73
C LYS T 8 -19.93 -58.04 -19.59
N THR T 9 -18.87 -57.62 -18.87
CA THR T 9 -18.55 -58.17 -17.56
C THR T 9 -19.61 -57.66 -16.58
N LYS T 10 -19.84 -58.40 -15.49
CA LYS T 10 -20.93 -58.01 -14.57
C LYS T 10 -20.58 -56.88 -13.63
N PHE T 11 -19.30 -56.51 -13.55
CA PHE T 11 -18.93 -55.26 -12.89
C PHE T 11 -19.50 -54.09 -13.66
N HIS T 12 -19.33 -54.11 -14.99
CA HIS T 12 -19.87 -53.10 -15.88
C HIS T 12 -21.39 -53.10 -15.79
N ALA T 13 -21.97 -54.30 -15.88
CA ALA T 13 -23.42 -54.45 -15.89
C ALA T 13 -24.10 -54.02 -14.58
N LEU T 14 -23.34 -54.05 -13.47
CA LEU T 14 -23.87 -53.72 -12.15
C LEU T 14 -23.59 -52.27 -11.79
N MET T 15 -22.51 -51.75 -12.36
CA MET T 15 -22.17 -50.34 -12.21
C MET T 15 -23.14 -49.44 -12.97
N GLN T 16 -23.67 -49.94 -14.09
CA GLN T 16 -24.76 -49.27 -14.79
C GLN T 16 -25.98 -49.14 -13.87
N GLU T 17 -26.31 -50.25 -13.21
CA GLU T 17 -27.39 -50.29 -12.23
C GLU T 17 -27.15 -49.29 -11.11
N GLN T 18 -25.89 -49.15 -10.69
CA GLN T 18 -25.56 -48.23 -9.63
C GLN T 18 -25.72 -46.78 -10.06
N ILE T 19 -25.43 -46.50 -11.34
CA ILE T 19 -25.64 -45.16 -11.89
C ILE T 19 -27.12 -44.82 -11.75
N HIS T 20 -27.98 -45.78 -12.11
CA HIS T 20 -29.42 -45.65 -11.99
C HIS T 20 -29.84 -45.39 -10.55
N ASN T 21 -29.24 -46.14 -9.63
CA ASN T 21 -29.51 -45.98 -8.20
C ASN T 21 -29.16 -44.62 -7.64
N GLU T 22 -27.98 -44.10 -8.01
CA GLU T 22 -27.54 -42.81 -7.51
C GLU T 22 -28.40 -41.68 -8.04
N PHE T 23 -28.84 -41.79 -9.30
CA PHE T 23 -29.78 -40.83 -9.85
C PHE T 23 -31.12 -40.81 -9.11
N THR T 24 -31.66 -42.00 -8.82
CA THR T 24 -32.91 -42.11 -8.06
C THR T 24 -32.75 -41.59 -6.64
N ALA T 25 -31.56 -41.83 -6.06
CA ALA T 25 -31.25 -41.38 -4.72
C ALA T 25 -31.22 -39.86 -4.64
N ALA T 26 -30.65 -39.24 -5.68
CA ALA T 26 -30.60 -37.79 -5.77
C ALA T 26 -32.02 -37.21 -5.84
N GLN T 27 -32.87 -37.82 -6.67
CA GLN T 27 -34.26 -37.36 -6.80
C GLN T 27 -35.03 -37.54 -5.50
N GLN T 28 -34.75 -38.61 -4.77
CA GLN T 28 -35.34 -38.87 -3.46
C GLN T 28 -34.94 -37.83 -2.43
N TYR T 29 -33.66 -37.42 -2.45
CA TYR T 29 -33.15 -36.32 -1.60
C TYR T 29 -33.85 -35.01 -1.96
N VAL T 30 -34.08 -34.76 -3.26
CA VAL T 30 -34.80 -33.55 -3.65
C VAL T 30 -36.21 -33.59 -3.07
N ALA T 31 -36.86 -34.75 -3.13
CA ALA T 31 -38.24 -34.89 -2.63
C ALA T 31 -38.31 -34.67 -1.11
N ILE T 32 -37.35 -35.24 -0.39
CA ILE T 32 -37.24 -35.08 1.05
C ILE T 32 -37.05 -33.61 1.42
N ALA T 33 -36.14 -32.93 0.72
CA ALA T 33 -35.86 -31.51 0.90
C ALA T 33 -37.07 -30.62 0.60
N VAL T 34 -37.85 -31.00 -0.41
CA VAL T 34 -39.03 -30.25 -0.80
C VAL T 34 -40.11 -30.39 0.26
N TYR T 35 -40.26 -31.60 0.82
CA TYR T 35 -41.18 -31.86 1.96
C TYR T 35 -40.77 -31.01 3.17
N PHE T 36 -39.47 -30.95 3.46
CA PHE T 36 -38.97 -30.13 4.55
C PHE T 36 -39.17 -28.65 4.30
N ASP T 37 -39.14 -28.23 3.04
CA ASP T 37 -39.30 -26.82 2.69
C ASP T 37 -40.76 -26.39 2.79
N SER T 38 -41.68 -27.33 2.53
CA SER T 38 -43.10 -27.07 2.64
C SER T 38 -43.54 -27.00 4.10
N GLU T 39 -42.91 -27.82 4.95
CA GLU T 39 -43.20 -27.83 6.39
C GLU T 39 -42.42 -26.81 7.21
N ASP T 40 -41.80 -25.83 6.53
CA ASP T 40 -41.11 -24.72 7.17
C ASP T 40 -40.00 -25.18 8.10
N LEU T 41 -39.09 -26.00 7.57
CA LEU T 41 -37.88 -26.42 8.28
C LEU T 41 -36.70 -26.14 7.37
N PRO T 42 -36.33 -24.86 7.16
CA PRO T 42 -35.38 -24.48 6.11
C PRO T 42 -33.91 -24.88 6.30
N GLN T 43 -33.47 -25.13 7.53
CA GLN T 43 -32.10 -25.62 7.75
C GLN T 43 -31.99 -27.06 7.32
N LEU T 44 -33.00 -27.85 7.68
CA LEU T 44 -33.12 -29.22 7.24
C LEU T 44 -33.17 -29.28 5.72
N ALA T 45 -33.99 -28.40 5.14
CA ALA T 45 -34.17 -28.33 3.69
C ALA T 45 -32.85 -27.97 3.02
N LYS T 46 -32.13 -27.01 3.59
CA LYS T 46 -30.87 -26.56 3.06
C LYS T 46 -29.89 -27.70 3.00
N HIS T 47 -29.78 -28.46 4.09
CA HIS T 47 -28.90 -29.61 4.15
C HIS T 47 -29.22 -30.64 3.09
N PHE T 48 -30.50 -30.94 2.91
CA PHE T 48 -30.88 -31.95 1.94
C PHE T 48 -30.77 -31.52 0.49
N TYR T 49 -30.93 -30.22 0.22
CA TYR T 49 -30.67 -29.62 -1.11
C TYR T 49 -29.18 -29.74 -1.42
N SER T 50 -28.33 -29.64 -0.40
CA SER T 50 -26.91 -29.88 -0.58
C SER T 50 -26.62 -31.36 -0.85
N GLN T 51 -27.33 -32.26 -0.14
CA GLN T 51 -27.14 -33.70 -0.29
C GLN T 51 -27.57 -34.22 -1.64
N ALA T 52 -28.59 -33.61 -2.23
CA ALA T 52 -29.07 -33.99 -3.55
C ALA T 52 -28.01 -33.69 -4.60
N VAL T 53 -27.36 -32.53 -4.45
CA VAL T 53 -26.27 -32.12 -5.30
C VAL T 53 -25.13 -33.09 -5.15
N GLU T 54 -24.83 -33.48 -3.91
CA GLU T 54 -23.75 -34.42 -3.65
C GLU T 54 -24.01 -35.77 -4.30
N GLU T 55 -25.26 -36.22 -4.28
CA GLU T 55 -25.64 -37.51 -4.84
C GLU T 55 -25.57 -37.49 -6.36
N ARG T 56 -26.01 -36.38 -6.97
CA ARG T 56 -25.89 -36.15 -8.43
C ARG T 56 -24.41 -36.16 -8.82
N ASN T 57 -23.56 -35.54 -8.01
CA ASN T 57 -22.13 -35.57 -8.23
C ASN T 57 -21.56 -36.98 -8.20
N HIS T 58 -22.04 -37.81 -7.28
CA HIS T 58 -21.64 -39.22 -7.22
C HIS T 58 -22.03 -39.95 -8.50
N ALA T 59 -23.25 -39.71 -8.97
CA ALA T 59 -23.73 -40.30 -10.21
C ALA T 59 -22.82 -39.92 -11.38
N MET T 60 -22.47 -38.63 -11.44
CA MET T 60 -21.57 -38.10 -12.46
C MET T 60 -20.19 -38.73 -12.38
N MET T 61 -19.73 -39.04 -11.15
CA MET T 61 -18.43 -39.68 -10.95
C MET T 61 -18.42 -41.08 -11.53
N LEU T 62 -19.49 -41.83 -11.26
CA LEU T 62 -19.65 -43.17 -11.82
C LEU T 62 -19.70 -43.13 -13.35
N VAL T 63 -20.48 -42.19 -13.88
CA VAL T 63 -20.58 -41.98 -15.32
C VAL T 63 -19.22 -41.71 -15.94
N GLN T 64 -18.46 -40.79 -15.33
CA GLN T 64 -17.13 -40.40 -15.79
C GLN T 64 -16.18 -41.56 -15.78
N HIS T 65 -16.32 -42.45 -14.79
CA HIS T 65 -15.51 -43.65 -14.73
C HIS T 65 -15.79 -44.59 -15.86
N LEU T 66 -17.06 -44.69 -16.25
CA LEU T 66 -17.41 -45.51 -17.41
C LEU T 66 -16.86 -44.91 -18.69
N LEU T 67 -16.93 -43.57 -18.80
CA LEU T 67 -16.42 -42.85 -19.96
C LEU T 67 -14.91 -43.02 -20.13
N ASP T 68 -14.18 -43.08 -19.00
CA ASP T 68 -12.72 -43.20 -19.00
C ASP T 68 -12.23 -44.56 -19.48
N ARG T 69 -12.93 -45.61 -19.09
CA ARG T 69 -12.59 -47.01 -19.46
C ARG T 69 -13.27 -47.40 -20.77
N ASP T 70 -13.92 -46.44 -21.45
CA ASP T 70 -14.51 -46.61 -22.78
C ASP T 70 -15.53 -47.73 -22.87
N LEU T 71 -16.26 -47.95 -21.77
CA LEU T 71 -17.39 -48.88 -21.77
C LEU T 71 -18.62 -48.03 -22.05
N ARG T 72 -19.62 -48.68 -22.67
CA ARG T 72 -20.88 -47.98 -23.02
C ARG T 72 -21.61 -47.66 -21.72
N VAL T 73 -22.28 -46.52 -21.69
CA VAL T 73 -22.97 -46.12 -20.48
C VAL T 73 -24.26 -45.43 -20.92
N GLU T 74 -25.36 -45.79 -20.24
CA GLU T 74 -26.67 -45.23 -20.47
C GLU T 74 -26.91 -44.26 -19.35
N ILE T 75 -27.44 -43.08 -19.67
CA ILE T 75 -27.99 -42.19 -18.67
C ILE T 75 -29.45 -42.59 -18.55
N PRO T 76 -29.87 -43.21 -17.43
CA PRO T 76 -31.19 -43.83 -17.34
C PRO T 76 -32.27 -42.86 -16.84
N GLY T 77 -33.51 -43.33 -16.81
CA GLY T 77 -34.61 -42.63 -16.17
C GLY T 77 -34.52 -42.86 -14.68
N VAL T 78 -35.48 -42.28 -13.95
CA VAL T 78 -35.53 -42.35 -12.50
C VAL T 78 -36.92 -42.85 -12.14
N ASP T 79 -37.00 -43.72 -11.12
CA ASP T 79 -38.28 -44.27 -10.70
C ASP T 79 -38.99 -43.20 -9.92
N THR T 80 -40.28 -43.41 -9.64
CA THR T 80 -41.02 -42.51 -8.79
C THR T 80 -40.45 -42.62 -7.37
N VAL T 81 -40.22 -41.47 -6.75
CA VAL T 81 -39.70 -41.38 -5.41
C VAL T 81 -40.86 -40.98 -4.50
N ARG T 82 -40.64 -41.10 -3.19
CA ARG T 82 -41.66 -40.88 -2.15
C ARG T 82 -41.80 -39.38 -1.84
N ASN T 83 -43.04 -38.89 -1.69
CA ASN T 83 -43.31 -37.50 -1.33
C ASN T 83 -44.12 -37.32 -0.05
N GLN T 84 -45.01 -38.28 0.26
CA GLN T 84 -45.83 -38.22 1.46
C GLN T 84 -45.02 -38.67 2.67
N PHE T 85 -45.03 -37.83 3.70
CA PHE T 85 -44.51 -38.16 4.99
C PHE T 85 -45.44 -37.53 5.98
N ASP T 86 -45.78 -38.27 7.03
CA ASP T 86 -46.71 -37.77 8.05
C ASP T 86 -46.02 -36.88 9.09
N ARG T 87 -44.73 -37.12 9.35
CA ARG T 87 -43.91 -36.32 10.29
C ARG T 87 -42.46 -36.30 9.79
N PRO T 88 -41.64 -35.31 10.21
CA PRO T 88 -40.23 -35.23 9.78
C PRO T 88 -39.34 -36.43 10.11
N ARG T 89 -39.66 -37.13 11.20
CA ARG T 89 -38.88 -38.29 11.70
C ARG T 89 -38.86 -39.37 10.61
N GLU T 90 -39.97 -39.55 9.89
CA GLU T 90 -40.07 -40.58 8.86
C GLU T 90 -39.22 -40.28 7.63
N ALA T 91 -39.15 -39.00 7.25
CA ALA T 91 -38.37 -38.60 6.09
C ALA T 91 -36.89 -38.75 6.39
N LEU T 92 -36.51 -38.38 7.62
CA LEU T 92 -35.14 -38.59 8.07
C LEU T 92 -34.79 -40.08 8.13
N ALA T 93 -35.74 -40.90 8.56
CA ALA T 93 -35.55 -42.34 8.64
C ALA T 93 -35.38 -42.92 7.25
N LEU T 94 -36.11 -42.36 6.28
CA LEU T 94 -36.02 -42.78 4.89
C LEU T 94 -34.64 -42.46 4.34
N ALA T 95 -34.13 -41.28 4.65
CA ALA T 95 -32.79 -40.89 4.24
C ALA T 95 -31.74 -41.84 4.78
N LEU T 96 -31.81 -42.11 6.10
CA LEU T 96 -30.92 -43.03 6.77
C LEU T 96 -30.95 -44.41 6.13
N ASP T 97 -32.16 -44.91 5.90
CA ASP T 97 -32.41 -46.18 5.23
C ASP T 97 -31.70 -46.21 3.88
N GLN T 98 -31.95 -45.17 3.07
CA GLN T 98 -31.42 -45.07 1.73
C GLN T 98 -29.92 -45.16 1.77
N GLU T 99 -29.30 -44.44 2.71
CA GLU T 99 -27.86 -44.40 2.78
C GLU T 99 -27.25 -45.73 3.21
N ARG T 100 -27.94 -46.45 4.10
CA ARG T 100 -27.51 -47.83 4.48
C ARG T 100 -27.59 -48.73 3.25
N THR T 101 -28.63 -48.57 2.44
CA THR T 101 -28.74 -49.33 1.20
C THR T 101 -27.58 -49.02 0.30
N VAL T 102 -27.33 -47.73 0.06
CA VAL T 102 -26.23 -47.28 -0.80
C VAL T 102 -24.90 -47.89 -0.36
N THR T 103 -24.67 -47.93 0.96
CA THR T 103 -23.48 -48.56 1.51
C THR T 103 -23.38 -50.02 1.13
N ASP T 104 -24.50 -50.75 1.27
CA ASP T 104 -24.52 -52.16 0.90
C ASP T 104 -24.30 -52.40 -0.59
N GLN T 105 -24.85 -51.51 -1.42
CA GLN T 105 -24.68 -51.54 -2.86
C GLN T 105 -23.24 -51.34 -3.29
N VAL T 106 -22.58 -50.34 -2.70
CA VAL T 106 -21.18 -50.07 -2.98
C VAL T 106 -20.31 -51.24 -2.50
N GLY T 107 -20.70 -51.84 -1.37
CA GLY T 107 -20.06 -53.06 -0.90
C GLY T 107 -20.14 -54.17 -1.93
N ARG T 108 -21.33 -54.32 -2.51
CA ARG T 108 -21.65 -55.37 -3.51
C ARG T 108 -20.80 -55.14 -4.75
N LEU T 109 -20.63 -53.88 -5.16
CA LEU T 109 -19.76 -53.51 -6.28
C LEU T 109 -18.29 -53.84 -6.05
N THR T 110 -17.78 -53.51 -4.86
CA THR T 110 -16.40 -53.81 -4.52
C THR T 110 -16.16 -55.30 -4.55
N ALA T 111 -17.14 -56.06 -4.05
CA ALA T 111 -17.08 -57.51 -4.01
C ALA T 111 -17.07 -58.12 -5.40
N VAL T 112 -17.98 -57.66 -6.28
CA VAL T 112 -18.07 -58.19 -7.63
C VAL T 112 -16.83 -57.83 -8.46
N ALA T 113 -16.27 -56.65 -8.20
CA ALA T 113 -15.05 -56.20 -8.86
C ALA T 113 -13.90 -57.09 -8.47
N ARG T 114 -13.83 -57.42 -7.18
CA ARG T 114 -12.72 -58.24 -6.64
C ARG T 114 -12.87 -59.69 -7.09
N ASP T 115 -14.10 -60.17 -7.26
CA ASP T 115 -14.32 -61.50 -7.79
C ASP T 115 -13.75 -61.61 -9.21
N GLU T 116 -14.16 -60.71 -10.10
CA GLU T 116 -13.79 -60.79 -11.52
C GLU T 116 -12.48 -60.12 -11.90
N GLY T 117 -11.64 -59.84 -10.90
CA GLY T 117 -10.30 -59.33 -11.12
C GLY T 117 -10.24 -58.03 -11.90
N ASP T 118 -11.15 -57.10 -11.59
CA ASP T 118 -11.18 -55.78 -12.20
C ASP T 118 -10.54 -54.80 -11.22
N PHE T 119 -9.22 -54.67 -11.31
CA PHE T 119 -8.43 -53.94 -10.34
C PHE T 119 -8.67 -52.43 -10.34
N LEU T 120 -8.91 -51.87 -11.53
CA LEU T 120 -9.33 -50.50 -11.67
C LEU T 120 -10.68 -50.29 -10.99
N GLY T 121 -11.58 -51.24 -11.19
CA GLY T 121 -12.90 -51.19 -10.56
C GLY T 121 -12.85 -51.35 -9.05
N GLU T 122 -11.96 -52.21 -8.55
CA GLU T 122 -11.76 -52.39 -7.13
C GLU T 122 -11.34 -51.05 -6.56
N GLN T 123 -10.33 -50.45 -7.19
CA GLN T 123 -9.68 -49.25 -6.69
C GLN T 123 -10.58 -48.02 -6.73
N PHE T 124 -11.42 -47.92 -7.77
CA PHE T 124 -12.21 -46.74 -8.00
C PHE T 124 -13.20 -46.44 -6.89
N MET T 125 -13.67 -47.48 -6.20
CA MET T 125 -14.79 -47.37 -5.27
C MET T 125 -14.43 -47.33 -3.79
N GLN T 126 -13.13 -47.21 -3.53
CA GLN T 126 -12.65 -47.02 -2.19
C GLN T 126 -13.11 -45.67 -1.69
N TRP T 127 -13.18 -44.70 -2.61
CA TRP T 127 -13.59 -43.35 -2.27
C TRP T 127 -15.06 -43.33 -1.89
N PHE T 128 -15.85 -44.17 -2.56
CA PHE T 128 -17.26 -44.29 -2.27
C PHE T 128 -17.50 -44.91 -0.90
N LEU T 129 -16.69 -45.90 -0.54
CA LEU T 129 -16.73 -46.49 0.81
C LEU T 129 -16.41 -45.43 1.89
N GLN T 130 -15.37 -44.65 1.64
CA GLN T 130 -14.97 -43.56 2.52
C GLN T 130 -16.08 -42.57 2.73
N GLU T 131 -16.77 -42.19 1.65
CA GLU T 131 -17.86 -41.23 1.73
C GLU T 131 -19.06 -41.77 2.46
N GLN T 132 -19.32 -43.07 2.27
CA GLN T 132 -20.41 -43.72 2.97
C GLN T 132 -20.26 -43.75 4.48
N ILE T 133 -19.02 -43.91 4.97
CA ILE T 133 -18.77 -43.88 6.41
C ILE T 133 -19.37 -42.60 7.02
N GLU T 134 -18.85 -41.45 6.57
CA GLU T 134 -19.20 -40.15 7.10
C GLU T 134 -20.66 -39.80 6.83
N GLU T 135 -21.16 -40.21 5.66
CA GLU T 135 -22.54 -39.93 5.26
C GLU T 135 -23.58 -40.65 6.12
N VAL T 136 -23.39 -41.96 6.33
CA VAL T 136 -24.29 -42.73 7.19
C VAL T 136 -24.17 -42.26 8.64
N ALA T 137 -22.96 -41.83 9.02
CA ALA T 137 -22.74 -41.27 10.35
C ALA T 137 -23.63 -40.07 10.57
N LEU T 138 -23.60 -39.14 9.61
CA LEU T 138 -24.36 -37.90 9.68
C LEU T 138 -25.86 -38.15 9.72
N MET T 139 -26.33 -39.06 8.87
CA MET T 139 -27.75 -39.42 8.83
C MET T 139 -28.24 -40.03 10.12
N ALA T 140 -27.45 -40.95 10.69
CA ALA T 140 -27.80 -41.60 11.94
C ALA T 140 -27.89 -40.58 13.06
N THR T 141 -26.93 -39.64 13.07
CA THR T 141 -26.91 -38.56 14.04
C THR T 141 -28.20 -37.73 13.96
N LEU T 142 -28.60 -37.36 12.75
CA LEU T 142 -29.83 -36.59 12.53
C LEU T 142 -31.09 -37.32 12.97
N VAL T 143 -31.14 -38.64 12.73
CA VAL T 143 -32.31 -39.43 13.11
C VAL T 143 -32.43 -39.53 14.64
N ARG T 144 -31.31 -39.72 15.32
CA ARG T 144 -31.24 -39.81 16.81
C ARG T 144 -31.61 -38.46 17.42
N VAL T 145 -31.12 -37.37 16.84
CA VAL T 145 -31.44 -36.03 17.32
C VAL T 145 -32.93 -35.73 17.12
N ALA T 146 -33.50 -36.20 16.00
CA ALA T 146 -34.93 -36.04 15.71
C ALA T 146 -35.79 -36.81 16.69
N ASP T 147 -35.29 -37.95 17.17
CA ASP T 147 -35.98 -38.70 18.22
C ASP T 147 -35.93 -38.00 19.59
N ARG T 148 -34.77 -37.44 19.95
CA ARG T 148 -34.59 -36.67 21.22
C ARG T 148 -35.47 -35.42 21.22
N ALA T 149 -35.60 -34.77 20.06
CA ALA T 149 -36.39 -33.56 19.94
C ALA T 149 -37.89 -33.87 20.04
N GLY T 150 -38.31 -34.97 19.43
CA GLY T 150 -39.72 -35.34 19.39
C GLY T 150 -40.50 -34.33 18.56
N ALA T 151 -41.68 -33.95 19.06
CA ALA T 151 -42.55 -33.02 18.35
C ALA T 151 -42.01 -31.58 18.29
N ASN T 152 -41.16 -31.21 19.25
CA ASN T 152 -40.52 -29.90 19.30
C ASN T 152 -39.41 -29.80 18.26
N LEU T 153 -39.76 -29.32 17.06
CA LEU T 153 -38.90 -29.38 15.91
C LEU T 153 -37.84 -28.28 15.82
N PHE T 154 -38.01 -27.21 16.60
CA PHE T 154 -37.07 -26.11 16.58
C PHE T 154 -35.69 -26.49 17.09
N GLU T 155 -35.63 -27.46 18.00
CA GLU T 155 -34.37 -27.90 18.58
C GLU T 155 -33.57 -28.74 17.59
N LEU T 156 -34.29 -29.57 16.82
CA LEU T 156 -33.72 -30.24 15.64
C LEU T 156 -33.16 -29.21 14.67
N GLU T 157 -33.96 -28.17 14.42
CA GLU T 157 -33.58 -27.07 13.53
C GLU T 157 -32.27 -26.40 13.96
N ASN T 158 -32.15 -26.11 15.26
CA ASN T 158 -30.96 -25.49 15.83
C ASN T 158 -29.75 -26.38 15.79
N PHE T 159 -29.97 -27.68 16.02
CA PHE T 159 -28.89 -28.66 15.93
C PHE T 159 -28.32 -28.72 14.53
N VAL T 160 -29.20 -28.75 13.52
CA VAL T 160 -28.77 -28.76 12.12
C VAL T 160 -28.03 -27.47 11.80
N ALA T 161 -28.50 -26.35 12.34
CA ALA T 161 -27.92 -25.04 12.04
C ALA T 161 -26.51 -24.86 12.59
N ARG T 162 -26.29 -25.25 13.84
CA ARG T 162 -25.00 -24.99 14.56
C ARG T 162 -23.98 -26.08 14.24
N GLU T 163 -24.38 -27.35 14.22
CA GLU T 163 -23.43 -28.46 14.32
C GLU T 163 -23.18 -29.20 13.02
N VAL T 164 -24.20 -29.31 12.18
CA VAL T 164 -24.08 -29.94 10.88
C VAL T 164 -23.70 -28.88 9.86
N ASP T 165 -22.52 -29.04 9.26
CA ASP T 165 -22.01 -28.12 8.27
C ASP T 165 -21.53 -28.94 7.10
N VAL T 166 -21.81 -28.46 5.89
CA VAL T 166 -21.24 -29.01 4.66
C VAL T 166 -19.94 -28.26 4.39
N ALA T 167 -18.84 -28.79 4.96
CA ALA T 167 -17.50 -28.23 4.84
C ALA T 167 -17.04 -28.38 3.39
N PRO T 168 -16.00 -27.62 2.95
CA PRO T 168 -15.43 -27.82 1.62
C PRO T 168 -15.02 -29.29 1.43
N ALA T 169 -15.33 -29.85 0.26
CA ALA T 169 -14.97 -31.23 -0.05
C ALA T 169 -13.47 -31.34 -0.10
N ALA T 170 -12.95 -32.45 0.44
CA ALA T 170 -11.54 -32.73 0.45
C ALA T 170 -11.19 -33.27 -0.91
N SER T 171 -9.88 -33.37 -1.17
CA SER T 171 -9.38 -34.04 -2.36
C SER T 171 -9.55 -35.56 -2.21
N GLY T 172 -9.12 -36.30 -3.23
CA GLY T 172 -9.27 -37.72 -3.30
C GLY T 172 -10.52 -38.08 -4.05
N ALA T 173 -11.41 -37.09 -4.22
CA ALA T 173 -12.64 -37.27 -4.94
C ALA T 173 -12.27 -37.45 -6.40
N PRO T 174 -12.74 -38.53 -7.07
CA PRO T 174 -12.45 -38.73 -8.48
C PRO T 174 -13.20 -37.67 -9.31
N HIS T 175 -12.85 -37.55 -10.60
N HIS T 175 -12.85 -37.55 -10.60
CA HIS T 175 -13.44 -36.55 -11.48
CA HIS T 175 -13.44 -36.55 -11.48
C HIS T 175 -14.88 -36.93 -11.78
C HIS T 175 -14.88 -36.93 -11.78
N ALA T 176 -15.77 -35.94 -11.71
CA ALA T 176 -17.18 -36.10 -12.04
C ALA T 176 -17.39 -35.53 -13.42
N ALA T 177 -18.20 -36.23 -14.22
CA ALA T 177 -18.49 -35.84 -15.58
C ALA T 177 -19.21 -34.50 -15.56
N GLY T 178 -18.61 -33.51 -16.24
CA GLY T 178 -19.16 -32.17 -16.33
C GLY T 178 -18.85 -31.33 -15.13
N GLY T 179 -17.76 -31.67 -14.43
CA GLY T 179 -17.30 -30.92 -13.30
C GLY T 179 -18.17 -31.20 -12.11
N ARG T 180 -17.51 -31.44 -10.98
CA ARG T 180 -18.15 -31.54 -9.64
C ARG T 180 -18.90 -30.23 -9.38
N LEU T 181 -20.16 -30.33 -8.94
CA LEU T 181 -20.91 -29.17 -8.47
C LEU T 181 -20.68 -29.02 -6.97
N GLU U 5 18.93 -47.98 45.02
CA GLU U 5 18.72 -47.18 43.78
C GLU U 5 18.86 -45.65 43.98
N GLY U 6 18.88 -45.22 45.25
CA GLY U 6 18.98 -43.81 45.66
C GLY U 6 17.89 -43.40 46.64
N PRO U 7 18.15 -42.46 47.58
CA PRO U 7 17.15 -42.04 48.57
C PRO U 7 16.07 -41.10 48.02
N LYS U 8 14.82 -41.58 47.97
CA LYS U 8 13.68 -40.76 47.56
C LYS U 8 13.07 -40.03 48.74
N THR U 9 12.98 -38.70 48.65
CA THR U 9 12.12 -37.90 49.52
C THR U 9 10.68 -38.18 49.12
N LYS U 10 9.73 -38.01 50.05
CA LYS U 10 8.34 -38.36 49.75
C LYS U 10 7.59 -37.34 48.91
N PHE U 11 8.16 -36.14 48.75
CA PHE U 11 7.65 -35.21 47.75
C PHE U 11 7.85 -35.80 46.36
N HIS U 12 9.05 -36.32 46.11
CA HIS U 12 9.38 -36.97 44.85
C HIS U 12 8.49 -38.20 44.67
N ALA U 13 8.41 -39.01 45.72
CA ALA U 13 7.66 -40.26 45.67
C ALA U 13 6.15 -40.07 45.47
N LEU U 14 5.63 -38.91 45.85
CA LEU U 14 4.21 -38.61 45.77
C LEU U 14 3.86 -37.85 44.50
N MET U 15 4.85 -37.12 44.00
CA MET U 15 4.73 -36.42 42.73
C MET U 15 4.74 -37.40 41.56
N GLN U 16 5.45 -38.52 41.71
CA GLN U 16 5.37 -39.62 40.75
C GLN U 16 3.94 -40.14 40.68
N GLU U 17 3.35 -40.35 41.86
CA GLU U 17 1.96 -40.78 41.98
C GLU U 17 1.02 -39.79 41.31
N GLN U 18 1.33 -38.50 41.43
CA GLN U 18 0.50 -37.47 40.83
C GLN U 18 0.59 -37.48 39.32
N ILE U 19 1.78 -37.81 38.79
CA ILE U 19 1.96 -37.94 37.35
C ILE U 19 1.01 -39.03 36.85
N HIS U 20 0.97 -40.15 37.58
CA HIS U 20 0.08 -41.26 37.29
C HIS U 20 -1.38 -40.83 37.31
N ASN U 21 -1.73 -40.05 38.33
CA ASN U 21 -3.09 -39.53 38.47
C ASN U 21 -3.54 -38.64 37.34
N GLU U 22 -2.67 -37.73 36.90
CA GLU U 22 -3.01 -36.79 35.84
C GLU U 22 -3.18 -37.51 34.51
N PHE U 23 -2.35 -38.53 34.27
CA PHE U 23 -2.50 -39.37 33.09
C PHE U 23 -3.84 -40.11 33.06
N THR U 24 -4.22 -40.70 34.21
CA THR U 24 -5.51 -41.39 34.32
C THR U 24 -6.67 -40.43 34.17
N ALA U 25 -6.50 -39.20 34.69
CA ALA U 25 -7.51 -38.17 34.61
C ALA U 25 -7.75 -37.75 33.17
N ALA U 26 -6.65 -37.64 32.41
CA ALA U 26 -6.74 -37.31 30.99
C ALA U 26 -7.51 -38.39 30.23
N GLN U 27 -7.19 -39.65 30.52
CA GLN U 27 -7.89 -40.77 29.86
C GLN U 27 -9.37 -40.81 30.22
N GLN U 28 -9.69 -40.46 31.47
CA GLN U 28 -11.07 -40.37 31.94
C GLN U 28 -11.84 -39.27 31.22
N TYR U 29 -11.19 -38.12 31.00
CA TYR U 29 -11.77 -37.01 30.20
C TYR U 29 -12.01 -37.47 28.76
N VAL U 30 -11.08 -38.25 28.19
CA VAL U 30 -11.29 -38.76 26.83
C VAL U 30 -12.52 -39.66 26.82
N ALA U 31 -12.67 -40.50 27.84
CA ALA U 31 -13.81 -41.43 27.90
C ALA U 31 -15.15 -40.70 28.02
N ILE U 32 -15.16 -39.67 28.87
CA ILE U 32 -16.33 -38.81 29.07
C ILE U 32 -16.72 -38.13 27.76
N ALA U 33 -15.74 -37.55 27.08
CA ALA U 33 -15.91 -36.90 25.78
C ALA U 33 -16.42 -37.85 24.69
N VAL U 34 -15.95 -39.09 24.72
CA VAL U 34 -16.35 -40.09 23.75
C VAL U 34 -17.79 -40.51 23.99
N TYR U 35 -18.18 -40.63 25.26
CA TYR U 35 -19.60 -40.90 25.65
C TYR U 35 -20.50 -39.75 25.17
N PHE U 36 -20.05 -38.51 25.35
CA PHE U 36 -20.80 -37.35 24.88
C PHE U 36 -20.89 -37.30 23.36
N ASP U 37 -19.87 -37.81 22.67
CA ASP U 37 -19.84 -37.78 21.22
C ASP U 37 -20.76 -38.85 20.63
N SER U 38 -20.91 -39.97 21.35
CA SER U 38 -21.80 -41.04 20.93
C SER U 38 -23.26 -40.67 21.15
N GLU U 39 -23.53 -39.90 22.22
CA GLU U 39 -24.89 -39.43 22.53
C GLU U 39 -25.29 -38.14 21.83
N ASP U 40 -24.52 -37.73 20.81
CA ASP U 40 -24.82 -36.57 19.99
C ASP U 40 -24.95 -35.28 20.80
N LEU U 41 -23.91 -34.99 21.58
CA LEU U 41 -23.81 -33.72 22.31
C LEU U 41 -22.45 -33.11 22.00
N PRO U 42 -22.24 -32.62 20.76
CA PRO U 42 -20.91 -32.26 20.27
C PRO U 42 -20.23 -31.03 20.90
N GLN U 43 -20.99 -30.10 21.49
CA GLN U 43 -20.38 -28.96 22.19
C GLN U 43 -19.77 -29.43 23.49
N LEU U 44 -20.52 -30.28 24.20
CA LEU U 44 -20.04 -30.92 25.41
C LEU U 44 -18.79 -31.73 25.10
N ALA U 45 -18.85 -32.50 24.01
CA ALA U 45 -17.75 -33.36 23.59
C ALA U 45 -16.53 -32.50 23.27
N LYS U 46 -16.74 -31.39 22.56
CA LYS U 46 -15.68 -30.49 22.17
C LYS U 46 -14.96 -29.98 23.39
N HIS U 47 -15.73 -29.52 24.39
CA HIS U 47 -15.16 -29.03 25.63
C HIS U 47 -14.31 -30.06 26.33
N PHE U 48 -14.82 -31.30 26.40
CA PHE U 48 -14.08 -32.33 27.11
C PHE U 48 -12.85 -32.86 26.37
N TYR U 49 -12.88 -32.82 25.04
CA TYR U 49 -11.71 -33.12 24.18
C TYR U 49 -10.63 -32.07 24.43
N SER U 50 -11.05 -30.82 24.69
CA SER U 50 -10.11 -29.78 25.06
C SER U 50 -9.54 -30.02 26.47
N GLN U 51 -10.40 -30.47 27.40
CA GLN U 51 -9.99 -30.73 28.78
C GLN U 51 -9.02 -31.88 28.92
N ALA U 52 -9.16 -32.88 28.06
CA ALA U 52 -8.26 -34.03 28.05
C ALA U 52 -6.85 -33.60 27.66
N VAL U 53 -6.78 -32.71 26.66
CA VAL U 53 -5.53 -32.12 26.22
C VAL U 53 -4.93 -31.32 27.34
N GLU U 54 -5.76 -30.55 28.04
CA GLU U 54 -5.28 -29.74 29.15
C GLU U 54 -4.70 -30.60 30.27
N GLU U 55 -5.33 -31.74 30.53
CA GLU U 55 -4.91 -32.64 31.60
C GLU U 55 -3.60 -33.33 31.25
N ARG U 56 -3.47 -33.74 29.97
CA ARG U 56 -2.20 -34.31 29.43
C ARG U 56 -1.09 -33.27 29.54
N ASN U 57 -1.39 -32.01 29.26
CA ASN U 57 -0.44 -30.93 29.42
C ASN U 57 0.02 -30.77 30.86
N HIS U 58 -0.90 -30.92 31.81
CA HIS U 58 -0.57 -30.88 33.23
C HIS U 58 0.39 -32.01 33.59
N ALA U 59 0.10 -33.21 33.09
CA ALA U 59 0.96 -34.36 33.31
C ALA U 59 2.38 -34.10 32.79
N MET U 60 2.45 -33.53 31.58
CA MET U 60 3.71 -33.17 30.96
C MET U 60 4.46 -32.12 31.77
N MET U 61 3.73 -31.20 32.40
CA MET U 61 4.33 -30.16 33.25
C MET U 61 4.99 -30.78 34.47
N LEU U 62 4.30 -31.71 35.11
CA LEU U 62 4.84 -32.44 36.24
C LEU U 62 6.09 -33.23 35.85
N VAL U 63 6.00 -33.92 34.72
CA VAL U 63 7.13 -34.68 34.17
C VAL U 63 8.34 -33.78 33.94
N GLN U 64 8.11 -32.63 33.30
CA GLN U 64 9.16 -31.66 33.00
C GLN U 64 9.81 -31.14 34.24
N HIS U 65 9.01 -30.97 35.31
CA HIS U 65 9.55 -30.54 36.60
C HIS U 65 10.46 -31.56 37.20
N LEU U 66 10.12 -32.84 37.04
CA LEU U 66 11.01 -33.90 37.51
C LEU U 66 12.30 -33.94 36.70
N LEU U 67 12.19 -33.73 35.39
CA LEU U 67 13.34 -33.72 34.49
C LEU U 67 14.30 -32.58 34.81
N ASP U 68 13.76 -31.43 35.23
CA ASP U 68 14.55 -30.24 35.54
C ASP U 68 15.39 -30.39 36.81
N ARG U 69 14.82 -31.02 37.82
CA ARG U 69 15.49 -31.25 39.13
C ARG U 69 16.27 -32.57 39.11
N ASP U 70 16.37 -33.21 37.94
CA ASP U 70 17.19 -34.41 37.72
C ASP U 70 16.85 -35.57 38.63
N LEU U 71 15.58 -35.68 39.01
CA LEU U 71 15.09 -36.85 39.74
C LEU U 71 14.56 -37.82 38.70
N ARG U 72 14.63 -39.10 39.05
CA ARG U 72 14.15 -40.17 38.13
C ARG U 72 12.64 -40.06 38.02
N VAL U 73 12.12 -40.33 36.84
CA VAL U 73 10.69 -40.21 36.64
C VAL U 73 10.28 -41.35 35.71
N GLU U 74 9.17 -42.01 36.06
CA GLU U 74 8.59 -43.09 35.29
C GLU U 74 7.40 -42.50 34.58
N ILE U 75 7.24 -42.83 33.30
CA ILE U 75 6.00 -42.58 32.60
C ILE U 75 5.17 -43.83 32.82
N PRO U 76 4.09 -43.78 33.62
CA PRO U 76 3.38 -44.98 34.06
C PRO U 76 2.26 -45.40 33.10
N GLY U 77 1.63 -46.53 33.39
CA GLY U 77 0.43 -46.97 32.72
C GLY U 77 -0.74 -46.21 33.30
N VAL U 78 -1.93 -46.51 32.78
CA VAL U 78 -3.17 -45.85 33.18
C VAL U 78 -4.15 -46.94 33.56
N ASP U 79 -4.93 -46.71 34.62
CA ASP U 79 -5.90 -47.69 35.07
C ASP U 79 -7.07 -47.65 34.13
N THR U 80 -7.96 -48.64 34.23
CA THR U 80 -9.18 -48.61 33.46
C THR U 80 -10.05 -47.47 33.96
N VAL U 81 -10.59 -46.69 33.03
CA VAL U 81 -11.44 -45.57 33.32
C VAL U 81 -12.87 -45.99 32.99
N ARG U 82 -13.84 -45.18 33.44
CA ARG U 82 -15.28 -45.47 33.33
C ARG U 82 -15.80 -45.07 31.94
N ASN U 83 -16.65 -45.92 31.33
CA ASN U 83 -17.27 -45.64 30.05
C ASN U 83 -18.80 -45.64 30.05
N GLN U 84 -19.41 -46.45 30.93
CA GLN U 84 -20.86 -46.53 31.05
C GLN U 84 -21.38 -45.36 31.86
N PHE U 85 -22.35 -44.65 31.29
CA PHE U 85 -23.11 -43.64 31.97
C PHE U 85 -24.51 -43.79 31.47
N ASP U 86 -25.49 -43.72 32.38
CA ASP U 86 -26.89 -43.87 32.01
C ASP U 86 -27.51 -42.57 31.49
N ARG U 87 -27.01 -41.42 31.96
CA ARG U 87 -27.46 -40.08 31.50
C ARG U 87 -26.27 -39.11 31.56
N PRO U 88 -26.31 -37.99 30.82
CA PRO U 88 -25.21 -37.01 30.83
C PRO U 88 -24.85 -36.38 32.19
N ARG U 89 -25.85 -36.27 33.07
CA ARG U 89 -25.70 -35.65 34.40
C ARG U 89 -24.64 -36.42 35.20
N GLU U 90 -24.61 -37.75 35.06
CA GLU U 90 -23.67 -38.58 35.80
C GLU U 90 -22.23 -38.42 35.34
N ALA U 91 -22.03 -38.25 34.03
CA ALA U 91 -20.70 -38.08 33.47
C ALA U 91 -20.14 -36.73 33.89
N LEU U 92 -21.01 -35.72 33.87
CA LEU U 92 -20.63 -34.40 34.36
C LEU U 92 -20.31 -34.42 35.85
N ALA U 93 -21.07 -35.20 36.61
CA ALA U 93 -20.85 -35.34 38.05
C ALA U 93 -19.53 -36.02 38.30
N LEU U 94 -19.17 -36.98 37.45
CA LEU U 94 -17.91 -37.70 37.54
C LEU U 94 -16.76 -36.75 37.29
N ALA U 95 -16.90 -35.88 36.29
CA ALA U 95 -15.88 -34.88 36.00
C ALA U 95 -15.66 -33.96 37.19
N LEU U 96 -16.76 -33.43 37.74
CA LEU U 96 -16.73 -32.56 38.90
C LEU U 96 -16.04 -33.23 40.09
N ASP U 97 -16.43 -34.48 40.34
CA ASP U 97 -15.84 -35.31 41.38
C ASP U 97 -14.33 -35.40 41.19
N GLN U 98 -13.91 -35.77 39.97
CA GLN U 98 -12.52 -35.97 39.63
C GLN U 98 -11.75 -34.72 39.93
N GLU U 99 -12.29 -33.57 39.54
CA GLU U 99 -11.59 -32.32 39.71
C GLU U 99 -11.46 -31.91 41.17
N ARG U 100 -12.48 -32.21 41.98
CA ARG U 100 -12.39 -31.99 43.45
C ARG U 100 -11.29 -32.87 44.03
N THR U 101 -11.19 -34.11 43.54
CA THR U 101 -10.12 -35.00 43.98
C THR U 101 -8.78 -34.40 43.62
N VAL U 102 -8.61 -34.01 42.36
CA VAL U 102 -7.36 -33.42 41.87
C VAL U 102 -6.94 -32.22 42.74
N THR U 103 -7.92 -31.39 43.12
CA THR U 103 -7.67 -30.27 44.01
C THR U 103 -7.11 -30.72 45.34
N ASP U 104 -7.73 -31.75 45.93
CA ASP U 104 -7.25 -32.29 47.20
C ASP U 104 -5.86 -32.90 47.11
N GLN U 105 -5.57 -33.56 45.99
CA GLN U 105 -4.27 -34.15 45.71
C GLN U 105 -3.18 -33.11 45.61
N VAL U 106 -3.43 -32.03 44.88
CA VAL U 106 -2.49 -30.94 44.73
C VAL U 106 -2.28 -30.24 46.09
N GLY U 107 -3.35 -30.15 46.88
CA GLY U 107 -3.25 -29.67 48.24
C GLY U 107 -2.29 -30.51 49.06
N ARG U 108 -2.43 -31.83 48.92
CA ARG U 108 -1.63 -32.85 49.65
C ARG U 108 -0.16 -32.70 49.26
N LEU U 109 0.11 -32.46 47.98
CA LEU U 109 1.46 -32.20 47.48
C LEU U 109 2.10 -30.94 48.04
N THR U 110 1.33 -29.85 48.06
CA THR U 110 1.82 -28.59 48.62
C THR U 110 2.16 -28.76 50.08
N ALA U 111 1.31 -29.50 50.79
CA ALA U 111 1.50 -29.78 52.22
C ALA U 111 2.75 -30.61 52.48
N VAL U 112 2.93 -31.69 51.71
CA VAL U 112 4.09 -32.56 51.90
C VAL U 112 5.40 -31.86 51.53
N ALA U 113 5.33 -30.98 50.52
CA ALA U 113 6.47 -30.19 50.10
C ALA U 113 6.87 -29.24 51.20
N ARG U 114 5.87 -28.62 51.83
CA ARG U 114 6.12 -27.61 52.89
C ARG U 114 6.60 -28.31 54.17
N ASP U 115 6.14 -29.54 54.42
CA ASP U 115 6.64 -30.30 55.56
C ASP U 115 8.15 -30.55 55.41
N GLU U 116 8.56 -31.12 54.28
CA GLU U 116 9.95 -31.54 54.08
C GLU U 116 10.88 -30.47 53.53
N GLY U 117 10.46 -29.21 53.59
CA GLY U 117 11.29 -28.08 53.23
C GLY U 117 11.81 -28.11 51.81
N ASP U 118 10.95 -28.50 50.86
CA ASP U 118 11.28 -28.52 49.44
C ASP U 118 10.68 -27.26 48.81
N PHE U 119 11.44 -26.18 48.84
CA PHE U 119 10.95 -24.87 48.47
C PHE U 119 10.64 -24.71 46.98
N LEU U 120 11.44 -25.37 46.14
CA LEU U 120 11.16 -25.47 44.72
C LEU U 120 9.84 -26.21 44.50
N GLY U 121 9.65 -27.28 45.25
CA GLY U 121 8.41 -28.05 45.18
C GLY U 121 7.20 -27.31 45.68
N GLU U 122 7.36 -26.52 46.75
CA GLU U 122 6.30 -25.68 47.27
C GLU U 122 5.89 -24.73 46.16
N GLN U 123 6.88 -24.06 45.58
CA GLN U 123 6.64 -22.99 44.62
C GLN U 123 6.05 -23.47 43.31
N PHE U 124 6.46 -24.67 42.86
CA PHE U 124 6.08 -25.17 41.56
C PHE U 124 4.58 -25.37 41.40
N MET U 125 3.88 -25.66 42.50
CA MET U 125 2.50 -26.11 42.45
C MET U 125 1.45 -25.07 42.80
N GLN U 126 1.90 -23.82 42.91
CA GLN U 126 1.02 -22.71 43.12
C GLN U 126 0.18 -22.53 41.86
N TRP U 127 0.80 -22.81 40.72
CA TRP U 127 0.12 -22.67 39.44
C TRP U 127 -0.98 -23.70 39.30
N PHE U 128 -0.74 -24.89 39.86
CA PHE U 128 -1.73 -25.95 39.85
C PHE U 128 -2.92 -25.62 40.73
N LEU U 129 -2.66 -24.99 41.88
CA LEU U 129 -3.73 -24.49 42.75
C LEU U 129 -4.60 -23.45 42.03
N GLN U 130 -3.93 -22.52 41.36
CA GLN U 130 -4.59 -21.49 40.56
C GLN U 130 -5.49 -22.08 39.51
N GLU U 131 -5.00 -23.10 38.80
CA GLU U 131 -5.77 -23.74 37.74
C GLU U 131 -6.95 -24.51 38.28
N GLN U 132 -6.77 -25.12 39.45
CA GLN U 132 -7.86 -25.84 40.09
C GLN U 132 -9.04 -24.97 40.49
N ILE U 133 -8.77 -23.73 40.92
CA ILE U 133 -9.84 -22.80 41.26
C ILE U 133 -10.83 -22.70 40.08
N GLU U 134 -10.32 -22.21 38.95
CA GLU U 134 -11.12 -21.94 37.76
C GLU U 134 -11.71 -23.21 37.17
N GLU U 135 -10.95 -24.30 37.23
CA GLU U 135 -11.38 -25.59 36.69
C GLU U 135 -12.57 -26.20 37.44
N VAL U 136 -12.48 -26.25 38.77
CA VAL U 136 -13.58 -26.75 39.59
C VAL U 136 -14.79 -25.81 39.49
N ALA U 137 -14.51 -24.51 39.32
CA ALA U 137 -15.57 -23.54 39.13
C ALA U 137 -16.39 -23.89 37.90
N LEU U 138 -15.69 -24.12 36.79
CA LEU U 138 -16.31 -24.43 35.50
C LEU U 138 -17.12 -25.72 35.56
N MET U 139 -16.54 -26.76 36.17
CA MET U 139 -17.21 -28.04 36.32
C MET U 139 -18.48 -27.96 37.14
N ALA U 140 -18.42 -27.23 38.26
CA ALA U 140 -19.57 -27.05 39.13
C ALA U 140 -20.68 -26.33 38.39
N THR U 141 -20.30 -25.30 37.62
CA THR U 141 -21.23 -24.55 36.81
C THR U 141 -21.96 -25.46 35.82
N LEU U 142 -21.21 -26.32 35.13
CA LEU U 142 -21.78 -27.27 34.17
C LEU U 142 -22.73 -28.28 34.81
N VAL U 143 -22.39 -28.75 36.01
CA VAL U 143 -23.23 -29.72 36.71
C VAL U 143 -24.56 -29.09 37.14
N ARG U 144 -24.50 -27.86 37.64
CA ARG U 144 -25.70 -27.08 38.07
C ARG U 144 -26.58 -26.76 36.87
N VAL U 145 -25.97 -26.38 35.74
CA VAL U 145 -26.72 -26.10 34.52
C VAL U 145 -27.38 -27.38 33.99
N ALA U 146 -26.69 -28.52 34.11
CA ALA U 146 -27.23 -29.82 33.69
C ALA U 146 -28.41 -30.23 34.55
N ASP U 147 -28.40 -29.85 35.82
CA ASP U 147 -29.55 -30.08 36.68
C ASP U 147 -30.75 -29.19 36.34
N ARG U 148 -30.52 -27.91 36.04
CA ARG U 148 -31.58 -26.94 35.62
C ARG U 148 -32.20 -27.38 34.30
N ALA U 149 -31.38 -27.91 33.38
CA ALA U 149 -31.86 -28.35 32.08
C ALA U 149 -32.70 -29.63 32.21
N GLY U 150 -32.28 -30.54 33.07
CA GLY U 150 -32.96 -31.82 33.23
C GLY U 150 -32.81 -32.65 31.96
N ALA U 151 -33.90 -33.30 31.55
CA ALA U 151 -33.89 -34.16 30.38
C ALA U 151 -33.73 -33.40 29.04
N ASN U 152 -34.13 -32.12 29.03
CA ASN U 152 -33.99 -31.26 27.85
C ASN U 152 -32.54 -30.82 27.67
N LEU U 153 -31.79 -31.60 26.88
CA LEU U 153 -30.36 -31.47 26.78
C LEU U 153 -29.85 -30.37 25.85
N PHE U 154 -30.74 -29.88 24.98
CA PHE U 154 -30.35 -28.84 24.04
C PHE U 154 -29.99 -27.52 24.70
N GLU U 155 -30.60 -27.24 25.86
CA GLU U 155 -30.36 -26.01 26.58
C GLU U 155 -29.00 -26.04 27.27
N LEU U 156 -28.63 -27.21 27.79
CA LEU U 156 -27.26 -27.48 28.24
C LEU U 156 -26.27 -27.25 27.11
N GLU U 157 -26.62 -27.80 25.94
CA GLU U 157 -25.82 -27.67 24.72
C GLU U 157 -25.57 -26.20 24.36
N ASN U 158 -26.63 -25.39 24.39
CA ASN U 158 -26.54 -23.97 24.08
C ASN U 158 -25.75 -23.18 25.10
N PHE U 159 -25.90 -23.56 26.37
CA PHE U 159 -25.12 -22.93 27.44
C PHE U 159 -23.64 -23.16 27.25
N VAL U 160 -23.25 -24.41 26.93
CA VAL U 160 -21.86 -24.75 26.67
C VAL U 160 -21.36 -23.99 25.45
N ALA U 161 -22.21 -23.85 24.43
CA ALA U 161 -21.81 -23.20 23.18
C ALA U 161 -21.53 -21.71 23.32
N ARG U 162 -22.42 -20.99 24.01
CA ARG U 162 -22.36 -19.50 24.10
C ARG U 162 -21.42 -19.06 25.21
N GLU U 163 -21.45 -19.71 26.38
CA GLU U 163 -20.88 -19.13 27.60
C GLU U 163 -19.57 -19.74 28.05
N VAL U 164 -19.40 -21.04 27.82
CA VAL U 164 -18.17 -21.73 28.15
C VAL U 164 -17.25 -21.67 26.94
N ASP U 165 -16.10 -21.02 27.12
CA ASP U 165 -15.11 -20.87 26.07
C ASP U 165 -13.77 -21.25 26.65
N VAL U 166 -12.98 -21.97 25.87
CA VAL U 166 -11.58 -22.24 26.20
C VAL U 166 -10.75 -21.11 25.58
N ALA U 167 -10.57 -20.03 26.37
CA ALA U 167 -9.82 -18.84 25.99
C ALA U 167 -8.34 -19.22 25.86
N PRO U 168 -7.52 -18.38 25.16
CA PRO U 168 -6.08 -18.61 25.12
C PRO U 168 -5.52 -18.72 26.55
N ALA U 169 -4.63 -19.68 26.78
CA ALA U 169 -4.00 -19.87 28.08
C ALA U 169 -3.15 -18.66 28.38
N ALA U 170 -3.18 -18.23 29.65
CA ALA U 170 -2.40 -17.11 30.10
C ALA U 170 -1.01 -17.61 30.36
N SER U 171 -0.08 -16.68 30.57
CA SER U 171 1.26 -17.01 31.01
C SER U 171 1.24 -17.43 32.48
N GLY U 172 2.42 -17.76 33.02
CA GLY U 172 2.58 -18.24 34.36
C GLY U 172 2.59 -19.75 34.36
N ALA U 173 2.12 -20.34 33.24
CA ALA U 173 2.09 -21.77 33.08
C ALA U 173 3.53 -22.24 32.97
N PRO U 174 3.98 -23.21 33.79
CA PRO U 174 5.34 -23.73 33.70
C PRO U 174 5.50 -24.52 32.39
N HIS U 175 6.75 -24.83 32.02
N HIS U 175 6.75 -24.83 32.02
CA HIS U 175 7.04 -25.53 30.78
CA HIS U 175 7.04 -25.53 30.78
C HIS U 175 6.57 -26.97 30.88
C HIS U 175 6.57 -26.97 30.88
N ALA U 176 5.91 -27.44 29.82
CA ALA U 176 5.45 -28.82 29.72
C ALA U 176 6.43 -29.55 28.82
N ALA U 177 6.75 -30.79 29.19
CA ALA U 177 7.68 -31.62 28.47
C ALA U 177 7.12 -31.89 27.08
N GLY U 178 7.88 -31.49 26.06
CA GLY U 178 7.49 -31.68 24.67
C GLY U 178 6.54 -30.63 24.18
N GLY U 179 6.58 -29.46 24.82
CA GLY U 179 5.79 -28.33 24.41
C GLY U 179 4.37 -28.53 24.85
N ARG U 180 3.80 -27.48 25.41
CA ARG U 180 2.35 -27.36 25.74
C ARG U 180 1.57 -27.56 24.44
N LEU U 181 0.54 -28.41 24.47
CA LEU U 181 -0.39 -28.53 23.36
C LEU U 181 -1.55 -27.56 23.59
N GLU V 5 1.67 60.39 32.22
CA GLU V 5 1.55 58.93 31.89
C GLU V 5 2.62 58.43 30.88
N GLY V 6 3.31 59.36 30.22
CA GLY V 6 4.35 59.10 29.22
C GLY V 6 4.11 59.86 27.92
N PRO V 7 5.18 60.26 27.17
CA PRO V 7 5.01 61.02 25.93
C PRO V 7 4.57 60.18 24.72
N LYS V 8 3.35 60.43 24.21
CA LYS V 8 2.84 59.77 23.02
C LYS V 8 3.21 60.54 21.77
N THR V 9 3.89 59.87 20.84
CA THR V 9 4.02 60.34 19.46
C THR V 9 2.65 60.20 18.79
N LYS V 10 2.37 61.01 17.77
CA LYS V 10 1.02 60.99 17.17
C LYS V 10 0.78 59.84 16.21
N PHE V 11 1.84 59.12 15.83
CA PHE V 11 1.66 57.85 15.15
C PHE V 11 0.98 56.86 16.08
N HIS V 12 1.48 56.78 17.32
CA HIS V 12 0.92 55.93 18.35
C HIS V 12 -0.51 56.38 18.65
N ALA V 13 -0.68 57.69 18.84
CA ALA V 13 -1.98 58.25 19.21
C ALA V 13 -3.05 58.08 18.13
N LEU V 14 -2.62 57.94 16.86
CA LEU V 14 -3.54 57.82 15.74
C LEU V 14 -3.79 56.38 15.37
N MET V 15 -2.80 55.53 15.67
CA MET V 15 -2.92 54.10 15.49
C MET V 15 -3.89 53.49 16.50
N GLN V 16 -3.96 54.08 17.70
CA GLN V 16 -4.98 53.72 18.68
C GLN V 16 -6.37 53.98 18.10
N GLU V 17 -6.52 55.16 17.50
CA GLU V 17 -7.76 55.55 16.82
C GLU V 17 -8.11 54.57 15.72
N GLN V 18 -7.09 54.08 15.00
CA GLN V 18 -7.31 53.14 13.93
C GLN V 18 -7.77 51.79 14.43
N ILE V 19 -7.26 51.39 15.61
CA ILE V 19 -7.70 50.15 16.25
C ILE V 19 -9.21 50.25 16.50
N HIS V 20 -9.63 51.41 17.02
CA HIS V 20 -11.03 51.70 17.27
C HIS V 20 -11.86 51.62 16.00
N ASN V 21 -11.32 52.20 14.92
CA ASN V 21 -11.98 52.19 13.62
C ASN V 21 -12.18 50.81 13.04
N GLU V 22 -11.15 49.96 13.13
CA GLU V 22 -11.23 48.61 12.58
C GLU V 22 -12.23 47.76 13.34
N PHE V 23 -12.29 47.94 14.67
CA PHE V 23 -13.29 47.27 15.48
C PHE V 23 -14.72 47.67 15.10
N THR V 24 -14.95 48.98 14.91
CA THR V 24 -16.26 49.47 14.49
C THR V 24 -16.62 48.97 13.09
N ALA V 25 -15.60 48.88 12.22
CA ALA V 25 -15.78 48.42 10.86
C ALA V 25 -16.21 46.96 10.84
N ALA V 26 -15.60 46.16 11.73
CA ALA V 26 -15.95 44.76 11.86
C ALA V 26 -17.41 44.60 12.30
N GLN V 27 -17.81 45.41 13.29
CA GLN V 27 -19.19 45.36 13.78
C GLN V 27 -20.19 45.80 12.71
N GLN V 28 -19.79 46.77 11.90
CA GLN V 28 -20.60 47.24 10.77
C GLN V 28 -20.78 46.16 9.71
N TYR V 29 -19.72 45.41 9.43
CA TYR V 29 -19.77 44.23 8.51
C TYR V 29 -20.71 43.17 9.09
N VAL V 30 -20.67 42.95 10.41
CA VAL V 30 -21.58 41.98 11.02
C VAL V 30 -23.02 42.45 10.81
N ALA V 31 -23.27 43.75 10.98
CA ALA V 31 -24.63 44.29 10.84
C ALA V 31 -25.15 44.16 9.41
N ILE V 32 -24.28 44.46 8.45
CA ILE V 32 -24.57 44.32 7.02
C ILE V 32 -24.92 42.88 6.68
N ALA V 33 -24.09 41.95 7.15
CA ALA V 33 -24.29 40.50 6.95
C ALA V 33 -25.59 40.00 7.59
N VAL V 34 -25.95 40.55 8.74
CA VAL V 34 -27.15 40.15 9.44
C VAL V 34 -28.38 40.64 8.69
N TYR V 35 -28.31 41.85 8.13
CA TYR V 35 -29.38 42.41 7.26
C TYR V 35 -29.54 41.53 6.01
N PHE V 36 -28.43 41.11 5.41
CA PHE V 36 -28.48 40.23 4.26
C PHE V 36 -29.03 38.85 4.61
N ASP V 37 -28.81 38.40 5.84
CA ASP V 37 -29.27 37.08 6.27
C ASP V 37 -30.77 37.09 6.56
N SER V 38 -31.28 38.25 7.01
CA SER V 38 -32.70 38.41 7.26
C SER V 38 -33.50 38.53 5.97
N GLU V 39 -32.89 39.16 4.95
CA GLU V 39 -33.51 39.31 3.63
C GLU V 39 -33.30 38.14 2.69
N ASP V 40 -32.84 37.00 3.22
CA ASP V 40 -32.67 35.76 2.47
C ASP V 40 -31.75 35.92 1.27
N LEU V 41 -30.54 36.42 1.53
CA LEU V 41 -29.48 36.50 0.52
C LEU V 41 -28.24 35.86 1.12
N PRO V 42 -28.21 34.52 1.28
CA PRO V 42 -27.19 33.84 2.07
C PRO V 42 -25.76 33.80 1.50
N GLN V 43 -25.58 33.97 0.18
CA GLN V 43 -24.23 34.05 -0.38
C GLN V 43 -23.61 35.38 -0.05
N LEU V 44 -24.41 36.44 -0.18
CA LEU V 44 -24.01 37.77 0.23
C LEU V 44 -23.66 37.78 1.71
N ALA V 45 -24.53 37.16 2.51
CA ALA V 45 -24.35 37.08 3.95
C ALA V 45 -23.06 36.34 4.29
N LYS V 46 -22.82 35.23 3.59
CA LYS V 46 -21.65 34.41 3.81
C LYS V 46 -20.40 35.23 3.58
N HIS V 47 -20.36 35.96 2.46
CA HIS V 47 -19.23 36.81 2.14
C HIS V 47 -18.96 37.84 3.20
N PHE V 48 -20.01 38.50 3.69
CA PHE V 48 -19.83 39.53 4.68
C PHE V 48 -19.48 39.04 6.08
N TYR V 49 -19.94 37.83 6.43
CA TYR V 49 -19.54 37.13 7.67
C TYR V 49 -18.05 36.80 7.59
N SER V 50 -17.54 36.51 6.39
CA SER V 50 -16.12 36.32 6.20
C SER V 50 -15.36 37.64 6.33
N GLN V 51 -15.93 38.73 5.80
CA GLN V 51 -15.30 40.05 5.84
C GLN V 51 -15.21 40.63 7.23
N ALA V 52 -16.18 40.31 8.08
CA ALA V 52 -16.19 40.76 9.46
C ALA V 52 -15.03 40.13 10.23
N VAL V 53 -14.80 38.84 9.96
CA VAL V 53 -13.69 38.10 10.52
C VAL V 53 -12.40 38.71 10.05
N GLU V 54 -12.33 39.04 8.77
CA GLU V 54 -11.12 39.63 8.19
C GLU V 54 -10.81 40.98 8.85
N GLU V 55 -11.84 41.77 9.13
CA GLU V 55 -11.68 43.09 9.72
C GLU V 55 -11.24 43.00 11.17
N ARG V 56 -11.81 42.04 11.91
CA ARG V 56 -11.40 41.73 13.30
C ARG V 56 -9.93 41.30 13.31
N ASN V 57 -9.52 40.49 12.33
CA ASN V 57 -8.14 40.10 12.19
C ASN V 57 -7.21 41.28 11.96
N HIS V 58 -7.65 42.25 11.16
CA HIS V 58 -6.89 43.49 10.94
C HIS V 58 -6.72 44.25 12.25
N ALA V 59 -7.80 44.35 13.03
CA ALA V 59 -7.76 45.01 14.33
C ALA V 59 -6.74 44.34 15.24
N MET V 60 -6.77 43.00 15.26
CA MET V 60 -5.84 42.20 16.04
C MET V 60 -4.39 42.41 15.59
N MET V 61 -4.19 42.61 14.28
CA MET V 61 -2.85 42.86 13.73
C MET V 61 -2.30 44.18 14.23
N LEU V 62 -3.14 45.22 14.22
CA LEU V 62 -2.76 46.52 14.75
C LEU V 62 -2.43 46.44 16.24
N VAL V 63 -3.28 45.75 16.99
CA VAL V 63 -3.08 45.52 18.41
C VAL V 63 -1.74 44.84 18.68
N GLN V 64 -1.46 43.77 17.93
CA GLN V 64 -0.23 43.00 18.06
C GLN V 64 0.98 43.84 17.77
N HIS V 65 0.86 44.76 16.81
CA HIS V 65 1.94 45.68 16.50
C HIS V 65 2.23 46.62 17.63
N LEU V 66 1.18 47.07 18.32
CA LEU V 66 1.39 47.91 19.50
C LEU V 66 2.05 47.12 20.63
N LEU V 67 1.63 45.86 20.80
CA LEU V 67 2.19 44.98 21.82
C LEU V 67 3.66 44.70 21.60
N ASP V 68 4.07 44.59 20.32
CA ASP V 68 5.46 44.29 19.95
C ASP V 68 6.42 45.43 20.24
N ARG V 69 5.98 46.65 20.00
CA ARG V 69 6.79 47.88 20.22
C ARG V 69 6.60 48.40 21.65
N ASP V 70 5.90 47.64 22.49
CA ASP V 70 5.74 47.92 23.93
C ASP V 70 5.14 49.28 24.22
N LEU V 71 4.25 49.75 23.34
CA LEU V 71 3.48 50.96 23.59
C LEU V 71 2.16 50.49 24.20
N ARG V 72 1.58 51.37 25.02
CA ARG V 72 0.30 51.06 25.70
C ARG V 72 -0.79 51.01 24.65
N VAL V 73 -1.75 50.11 24.82
CA VAL V 73 -2.80 49.97 23.85
C VAL V 73 -4.08 49.67 24.63
N GLU V 74 -5.16 50.35 24.23
CA GLU V 74 -6.48 50.19 24.80
C GLU V 74 -7.26 49.37 23.81
N ILE V 75 -8.00 48.38 24.30
CA ILE V 75 -9.02 47.72 23.51
C ILE V 75 -10.29 48.53 23.75
N PRO V 76 -10.78 49.29 22.75
CA PRO V 76 -11.85 50.27 22.96
C PRO V 76 -13.25 49.67 22.78
N GLY V 77 -14.27 50.48 23.05
CA GLY V 77 -15.64 50.15 22.74
C GLY V 77 -15.87 50.40 21.27
N VAL V 78 -17.11 50.15 20.83
CA VAL V 78 -17.50 50.29 19.43
C VAL V 78 -18.73 51.18 19.41
N ASP V 79 -18.81 52.07 18.42
CA ASP V 79 -19.94 52.98 18.31
C ASP V 79 -21.10 52.19 17.77
N THR V 80 -22.30 52.78 17.82
CA THR V 80 -23.46 52.16 17.21
C THR V 80 -23.26 52.15 15.70
N VAL V 81 -23.53 51.01 15.08
CA VAL V 81 -23.41 50.82 13.66
C VAL V 81 -24.82 50.81 13.08
N ARG V 82 -24.92 50.91 11.75
CA ARG V 82 -26.19 51.03 11.02
C ARG V 82 -26.82 49.65 10.81
N ASN V 83 -28.15 49.54 11.00
CA ASN V 83 -28.89 48.31 10.76
C ASN V 83 -30.02 48.41 9.74
N GLN V 84 -30.63 49.60 9.62
CA GLN V 84 -31.71 49.83 8.67
C GLN V 84 -31.15 50.06 7.28
N PHE V 85 -31.65 49.30 6.32
CA PHE V 85 -31.40 49.51 4.92
C PHE V 85 -32.69 49.22 4.23
N ASP V 86 -33.06 50.07 3.27
CA ASP V 86 -34.31 49.89 2.54
C ASP V 86 -34.19 48.89 1.39
N ARG V 87 -33.00 48.75 0.81
CA ARG V 87 -32.71 47.78 -0.28
C ARG V 87 -31.25 47.32 -0.16
N PRO V 88 -30.88 46.16 -0.73
CA PRO V 88 -29.50 45.66 -0.67
C PRO V 88 -28.41 46.57 -1.26
N ARG V 89 -28.78 47.37 -2.26
CA ARG V 89 -27.85 48.27 -2.98
C ARG V 89 -27.24 49.26 -1.97
N GLU V 90 -28.03 49.72 -1.00
CA GLU V 90 -27.57 50.70 -0.03
C GLU V 90 -26.57 50.13 0.96
N ALA V 91 -26.77 48.87 1.36
CA ALA V 91 -25.88 48.21 2.30
C ALA V 91 -24.54 47.95 1.64
N LEU V 92 -24.60 47.53 0.37
CA LEU V 92 -23.39 47.35 -0.42
C LEU V 92 -22.65 48.67 -0.62
N ALA V 93 -23.41 49.75 -0.83
CA ALA V 93 -22.83 51.08 -1.01
C ALA V 93 -22.17 51.53 0.27
N LEU V 94 -22.75 51.17 1.41
CA LEU V 94 -22.20 51.49 2.72
C LEU V 94 -20.88 50.77 2.92
N ALA V 95 -20.83 49.50 2.53
CA ALA V 95 -19.59 48.72 2.60
C ALA V 95 -18.49 49.36 1.78
N LEU V 96 -18.81 49.68 0.52
CA LEU V 96 -17.88 50.33 -0.40
C LEU V 96 -17.36 51.64 0.18
N ASP V 97 -18.27 52.46 0.69
CA ASP V 97 -17.97 53.72 1.35
C ASP V 97 -16.96 53.49 2.48
N GLN V 98 -17.29 52.54 3.37
CA GLN V 98 -16.49 52.24 4.53
C GLN V 98 -15.09 51.89 4.11
N GLU V 99 -14.96 51.07 3.08
CA GLU V 99 -13.66 50.61 2.65
C GLU V 99 -12.82 51.73 2.03
N ARG V 100 -13.48 52.65 1.31
CA ARG V 100 -12.78 53.86 0.78
C ARG V 100 -12.28 54.70 1.95
N THR V 101 -13.08 54.81 3.01
CA THR V 101 -12.66 55.53 4.21
C THR V 101 -11.44 54.86 4.80
N VAL V 102 -11.53 53.55 5.02
CA VAL V 102 -10.43 52.77 5.59
C VAL V 102 -9.13 52.98 4.80
N THR V 103 -9.24 53.01 3.47
CA THR V 103 -8.10 53.28 2.61
C THR V 103 -7.49 54.64 2.91
N ASP V 104 -8.35 55.66 3.02
CA ASP V 104 -7.87 57.01 3.34
C ASP V 104 -7.23 57.11 4.71
N GLN V 105 -7.78 56.39 5.68
CA GLN V 105 -7.25 56.32 7.04
C GLN V 105 -5.87 55.70 7.09
N VAL V 106 -5.69 54.57 6.40
CA VAL V 106 -4.41 53.90 6.33
C VAL V 106 -3.39 54.78 5.59
N GLY V 107 -3.86 55.51 4.58
CA GLY V 107 -3.04 56.51 3.92
C GLY V 107 -2.53 57.56 4.89
N ARG V 108 -3.44 58.03 5.74
CA ARG V 108 -3.19 59.08 6.76
C ARG V 108 -2.15 58.57 7.75
N LEU V 109 -2.26 57.30 8.15
CA LEU V 109 -1.28 56.66 9.03
C LEU V 109 0.12 56.55 8.42
N THR V 110 0.19 56.14 7.16
CA THR V 110 1.47 56.04 6.47
C THR V 110 2.13 57.40 6.38
N ALA V 111 1.31 58.42 6.11
CA ALA V 111 1.78 59.80 6.01
C ALA V 111 2.31 60.33 7.33
N VAL V 112 1.56 60.11 8.42
CA VAL V 112 1.98 60.60 9.73
C VAL V 112 3.22 59.87 10.24
N ALA V 113 3.34 58.58 9.89
CA ALA V 113 4.50 57.78 10.24
C ALA V 113 5.72 58.32 9.54
N ARG V 114 5.55 58.66 8.26
CA ARG V 114 6.68 59.14 7.43
C ARG V 114 7.07 60.56 7.85
N ASP V 115 6.11 61.37 8.31
CA ASP V 115 6.43 62.68 8.83
C ASP V 115 7.35 62.57 10.05
N GLU V 116 6.93 61.79 11.05
CA GLU V 116 7.65 61.71 12.32
C GLU V 116 8.77 60.68 12.38
N GLY V 117 9.21 60.20 11.22
CA GLY V 117 10.36 59.32 11.11
C GLY V 117 10.24 58.03 11.90
N ASP V 118 9.04 57.42 11.86
CA ASP V 118 8.79 56.13 12.51
C ASP V 118 8.86 55.05 11.44
N PHE V 119 10.06 54.54 11.20
CA PHE V 119 10.33 53.66 10.09
C PHE V 119 9.68 52.28 10.21
N LEU V 120 9.60 51.77 11.44
CA LEU V 120 8.86 50.57 11.74
C LEU V 120 7.37 50.78 11.42
N GLY V 121 6.86 51.95 11.80
CA GLY V 121 5.47 52.30 11.53
C GLY V 121 5.18 52.50 10.06
N GLU V 122 6.12 53.09 9.32
CA GLU V 122 6.00 53.25 7.88
C GLU V 122 5.87 51.87 7.28
N GLN V 123 6.79 50.98 7.66
CA GLN V 123 6.91 49.66 7.05
C GLN V 123 5.74 48.75 7.36
N PHE V 124 5.20 48.85 8.59
CA PHE V 124 4.18 47.94 9.05
C PHE V 124 2.91 47.98 8.24
N MET V 125 2.60 49.14 7.64
CA MET V 125 1.29 49.39 7.04
C MET V 125 1.24 49.30 5.52
N GLN V 126 2.34 48.82 4.94
CA GLN V 126 2.40 48.56 3.53
C GLN V 126 1.46 47.41 3.21
N TRP V 127 1.35 46.47 4.16
CA TRP V 127 0.49 45.31 3.98
C TRP V 127 -0.97 45.72 3.98
N PHE V 128 -1.28 46.74 4.79
CA PHE V 128 -2.63 47.27 4.86
C PHE V 128 -3.02 47.98 3.58
N LEU V 129 -2.07 48.71 2.99
CA LEU V 129 -2.28 49.33 1.68
C LEU V 129 -2.56 48.27 0.59
N GLN V 130 -1.76 47.22 0.60
CA GLN V 130 -1.93 46.09 -0.32
C GLN V 130 -3.30 45.47 -0.21
N GLU V 131 -3.76 45.26 1.04
CA GLU V 131 -5.07 44.66 1.27
C GLU V 131 -6.20 45.55 0.85
N GLN V 132 -6.02 46.86 1.04
CA GLN V 132 -7.02 47.82 0.62
C GLN V 132 -7.25 47.87 -0.89
N ILE V 133 -6.18 47.68 -1.68
CA ILE V 133 -6.32 47.63 -3.13
C ILE V 133 -7.40 46.60 -3.52
N GLU V 134 -7.14 45.34 -3.17
CA GLU V 134 -7.97 44.21 -3.55
C GLU V 134 -9.35 44.29 -2.91
N GLU V 135 -9.40 44.79 -1.67
CA GLU V 135 -10.65 44.90 -0.92
C GLU V 135 -11.63 45.92 -1.52
N VAL V 136 -11.13 47.12 -1.82
CA VAL V 136 -11.95 48.15 -2.45
C VAL V 136 -12.34 47.72 -3.87
N ALA V 137 -11.44 46.97 -4.52
CA ALA V 137 -11.73 46.43 -5.84
C ALA V 137 -12.96 45.55 -5.79
N LEU V 138 -12.95 44.61 -4.83
CA LEU V 138 -14.03 43.64 -4.66
C LEU V 138 -15.36 44.32 -4.34
N MET V 139 -15.32 45.29 -3.42
CA MET V 139 -16.51 46.04 -3.04
C MET V 139 -17.12 46.82 -4.19
N ALA V 140 -16.27 47.49 -4.97
CA ALA V 140 -16.71 48.26 -6.12
C ALA V 140 -17.37 47.35 -7.14
N THR V 141 -16.76 46.18 -7.36
CA THR V 141 -17.30 45.18 -8.26
C THR V 141 -18.70 44.75 -7.84
N LEU V 142 -18.88 44.46 -6.54
CA LEU V 142 -20.18 44.08 -6.00
C LEU V 142 -21.25 45.15 -6.14
N VAL V 143 -20.86 46.42 -5.94
CA VAL V 143 -21.80 47.53 -6.04
C VAL V 143 -22.27 47.71 -7.49
N ARG V 144 -21.35 47.60 -8.44
CA ARG V 144 -21.63 47.72 -9.90
C ARG V 144 -22.52 46.56 -10.35
N VAL V 145 -22.23 45.35 -9.87
CA VAL V 145 -23.04 44.18 -10.20
C VAL V 145 -24.45 44.32 -9.62
N ALA V 146 -24.55 44.89 -8.41
CA ALA V 146 -25.85 45.14 -7.77
C ALA V 146 -26.67 46.16 -8.52
N ASP V 147 -26.00 47.12 -9.16
CA ASP V 147 -26.69 48.07 -10.03
C ASP V 147 -27.19 47.44 -11.34
N ARG V 148 -26.37 46.59 -11.96
CA ARG V 148 -26.75 45.85 -13.21
C ARG V 148 -27.91 44.91 -12.94
N ALA V 149 -27.93 44.27 -11.76
CA ALA V 149 -28.98 43.34 -11.40
C ALA V 149 -30.30 44.07 -11.13
N GLY V 150 -30.22 45.23 -10.47
CA GLY V 150 -31.41 45.98 -10.10
C GLY V 150 -32.21 45.21 -9.06
N ALA V 151 -33.54 45.20 -9.23
CA ALA V 151 -34.42 44.54 -8.29
C ALA V 151 -34.32 43.00 -8.32
N ASN V 152 -33.89 42.44 -9.45
CA ASN V 152 -33.69 41.00 -9.60
C ASN V 152 -32.43 40.54 -8.88
N LEU V 153 -32.59 40.14 -7.61
CA LEU V 153 -31.49 39.91 -6.71
C LEU V 153 -30.80 38.55 -6.85
N PHE V 154 -31.47 37.61 -7.52
CA PHE V 154 -30.90 36.28 -7.70
C PHE V 154 -29.65 36.26 -8.55
N GLU V 155 -29.54 37.21 -9.49
CA GLU V 155 -28.40 37.29 -10.38
C GLU V 155 -27.17 37.83 -9.65
N LEU V 156 -27.40 38.80 -8.76
CA LEU V 156 -26.39 39.23 -7.79
C LEU V 156 -25.92 38.05 -6.95
N GLU V 157 -26.89 37.27 -6.46
CA GLU V 157 -26.64 36.08 -5.66
C GLU V 157 -25.73 35.08 -6.39
N ASN V 158 -26.04 34.81 -7.66
CA ASN V 158 -25.26 33.90 -8.48
C ASN V 158 -23.86 34.41 -8.79
N PHE V 159 -23.75 35.72 -9.00
CA PHE V 159 -22.45 36.34 -9.22
C PHE V 159 -21.55 36.18 -8.02
N VAL V 160 -22.10 36.43 -6.81
CA VAL V 160 -21.35 36.26 -5.57
C VAL V 160 -20.96 34.80 -5.40
N ALA V 161 -21.85 33.88 -5.76
CA ALA V 161 -21.62 32.45 -5.57
C ALA V 161 -20.50 31.89 -6.44
N ARG V 162 -20.50 32.25 -7.73
CA ARG V 162 -19.57 31.66 -8.74
C ARG V 162 -18.23 32.39 -8.73
N GLU V 163 -18.23 33.72 -8.66
CA GLU V 163 -17.06 34.52 -9.03
C GLU V 163 -16.29 35.10 -7.86
N VAL V 164 -16.99 35.48 -6.79
CA VAL V 164 -16.37 35.99 -5.59
C VAL V 164 -16.07 34.83 -4.66
N ASP V 165 -14.78 34.63 -4.39
CA ASP V 165 -14.32 33.56 -3.52
C ASP V 165 -13.35 34.15 -2.54
N VAL V 166 -13.45 33.73 -1.29
CA VAL V 166 -12.45 34.05 -0.26
C VAL V 166 -11.40 32.94 -0.29
N ALA V 167 -10.37 33.16 -1.14
CA ALA V 167 -9.26 32.24 -1.34
C ALA V 167 -8.43 32.19 -0.06
N PRO V 168 -7.57 31.15 0.13
CA PRO V 168 -6.66 31.12 1.26
C PRO V 168 -5.81 32.41 1.28
N ALA V 169 -5.63 32.99 2.48
CA ALA V 169 -4.83 34.20 2.64
C ALA V 169 -3.40 33.86 2.30
N ALA V 170 -2.74 34.80 1.61
CA ALA V 170 -1.36 34.66 1.23
C ALA V 170 -0.53 35.02 2.44
N SER V 171 0.77 34.74 2.36
CA SER V 171 1.72 35.19 3.36
C SER V 171 1.96 36.69 3.20
N GLY V 172 2.84 37.24 4.06
CA GLY V 172 3.12 38.64 4.10
C GLY V 172 2.26 39.32 5.13
N ALA V 173 1.20 38.61 5.55
CA ALA V 173 0.29 39.12 6.56
C ALA V 173 1.05 39.13 7.87
N PRO V 174 1.10 40.27 8.59
CA PRO V 174 1.77 40.32 9.88
C PRO V 174 0.98 39.50 10.91
N HIS V 175 1.60 39.23 12.07
N HIS V 175 1.60 39.23 12.07
CA HIS V 175 0.99 38.42 13.10
CA HIS V 175 0.99 38.42 13.10
C HIS V 175 -0.16 39.18 13.74
C HIS V 175 -0.16 39.18 13.74
N ALA V 176 -1.28 38.49 13.94
CA ALA V 176 -2.45 39.04 14.60
C ALA V 176 -2.46 38.50 16.02
N ALA V 177 -2.81 39.37 16.97
CA ALA V 177 -2.85 39.03 18.37
C ALA V 177 -3.90 37.95 18.58
N GLY V 178 -3.46 36.82 19.12
CA GLY V 178 -4.34 35.69 19.40
C GLY V 178 -4.60 34.83 18.19
N GLY V 179 -3.67 34.88 17.23
CA GLY V 179 -3.74 34.07 16.05
C GLY V 179 -4.76 34.63 15.11
N ARG V 180 -4.37 34.71 13.83
CA ARG V 180 -5.27 35.04 12.70
C ARG V 180 -6.40 34.02 12.69
N LEU V 181 -7.65 34.49 12.57
CA LEU V 181 -8.79 33.62 12.35
C LEU V 181 -9.00 33.46 10.85
N GLU W 5 47.23 1.67 -49.53
CA GLU W 5 46.19 2.04 -48.53
C GLU W 5 46.34 1.30 -47.17
N GLY W 6 47.17 0.25 -47.15
CA GLY W 6 47.44 -0.60 -45.98
C GLY W 6 47.26 -2.08 -46.28
N PRO W 7 48.02 -3.00 -45.62
CA PRO W 7 47.91 -4.44 -45.88
C PRO W 7 46.68 -5.11 -45.25
N LYS W 8 45.76 -5.59 -46.09
CA LYS W 8 44.59 -6.33 -45.63
C LYS W 8 44.88 -7.82 -45.54
N THR W 9 44.67 -8.40 -44.35
CA THR W 9 44.57 -9.84 -44.19
C THR W 9 43.24 -10.28 -44.82
N LYS W 10 43.16 -11.54 -45.26
CA LYS W 10 41.94 -11.98 -45.97
C LYS W 10 40.77 -12.31 -45.07
N PHE W 11 41.00 -12.39 -43.75
CA PHE W 11 39.90 -12.42 -42.80
C PHE W 11 39.15 -11.11 -42.86
N HIS W 12 39.90 -10.00 -42.83
CA HIS W 12 39.34 -8.66 -42.93
C HIS W 12 38.65 -8.50 -44.28
N ALA W 13 39.34 -8.91 -45.34
CA ALA W 13 38.84 -8.75 -46.70
C ALA W 13 37.57 -9.57 -46.99
N LEU W 14 37.37 -10.66 -46.23
CA LEU W 14 36.24 -11.56 -46.44
C LEU W 14 35.09 -11.22 -45.51
N MET W 15 35.44 -10.64 -44.36
CA MET W 15 34.46 -10.15 -43.41
C MET W 15 33.74 -8.91 -43.94
N GLN W 16 34.44 -8.10 -44.74
CA GLN W 16 33.81 -7.00 -45.46
C GLN W 16 32.73 -7.54 -46.40
N GLU W 17 33.10 -8.60 -47.14
CA GLU W 17 32.18 -9.30 -48.03
C GLU W 17 30.97 -9.83 -47.28
N GLN W 18 31.20 -10.31 -46.05
CA GLN W 18 30.12 -10.84 -45.24
C GLN W 18 29.18 -9.75 -44.77
N ILE W 19 29.72 -8.56 -44.51
CA ILE W 19 28.90 -7.41 -44.14
C ILE W 19 27.93 -7.13 -45.30
N HIS W 20 28.47 -7.15 -46.52
CA HIS W 20 27.69 -6.97 -47.73
C HIS W 20 26.59 -8.02 -47.86
N ASN W 21 26.96 -9.27 -47.58
CA ASN W 21 26.01 -10.39 -47.62
C ASN W 21 24.87 -10.27 -46.65
N GLU W 22 25.17 -9.88 -45.40
CA GLU W 22 24.14 -9.77 -44.38
C GLU W 22 23.17 -8.64 -44.69
N PHE W 23 23.69 -7.53 -45.24
CA PHE W 23 22.83 -6.44 -45.69
C PHE W 23 21.87 -6.87 -46.81
N THR W 24 22.40 -7.61 -47.80
CA THR W 24 21.57 -8.12 -48.89
C THR W 24 20.54 -9.12 -48.39
N ALA W 25 20.94 -9.93 -47.38
CA ALA W 25 20.07 -10.92 -46.79
C ALA W 25 18.90 -10.26 -46.07
N ALA W 26 19.20 -9.15 -45.38
CA ALA W 26 18.17 -8.38 -44.69
C ALA W 26 17.15 -7.83 -45.70
N GLN W 27 17.66 -7.28 -46.80
CA GLN W 27 16.78 -6.73 -47.84
C GLN W 27 15.93 -7.82 -48.50
N GLN W 28 16.50 -9.00 -48.66
CA GLN W 28 15.79 -10.17 -49.19
C GLN W 28 14.67 -10.61 -48.26
N TYR W 29 14.92 -10.60 -46.95
CA TYR W 29 13.89 -10.89 -45.92
C TYR W 29 12.78 -9.84 -45.99
N VAL W 30 13.13 -8.56 -46.20
CA VAL W 30 12.10 -7.53 -46.33
C VAL W 30 11.24 -7.84 -47.55
N ALA W 31 11.87 -8.24 -48.66
CA ALA W 31 11.13 -8.52 -49.89
C ALA W 31 10.18 -9.71 -49.73
N ILE W 32 10.67 -10.76 -49.07
CA ILE W 32 9.88 -11.95 -48.76
C ILE W 32 8.67 -11.59 -47.91
N ALA W 33 8.90 -10.81 -46.85
CA ALA W 33 7.86 -10.32 -45.95
C ALA W 33 6.82 -9.45 -46.65
N VAL W 34 7.27 -8.64 -47.60
CA VAL W 34 6.38 -7.76 -48.35
C VAL W 34 5.50 -8.57 -49.28
N TYR W 35 6.07 -9.61 -49.90
CA TYR W 35 5.30 -10.58 -50.74
C TYR W 35 4.24 -11.28 -49.88
N PHE W 36 4.61 -11.71 -48.68
CA PHE W 36 3.67 -12.33 -47.77
C PHE W 36 2.59 -11.37 -47.30
N ASP W 37 2.91 -10.09 -47.20
CA ASP W 37 1.96 -9.08 -46.74
C ASP W 37 0.95 -8.74 -47.84
N SER W 38 1.39 -8.82 -49.10
CA SER W 38 0.52 -8.57 -50.24
C SER W 38 -0.44 -9.73 -50.47
N GLU W 39 0.03 -10.96 -50.19
CA GLU W 39 -0.80 -12.16 -50.33
C GLU W 39 -1.65 -12.50 -49.11
N ASP W 40 -1.78 -11.54 -48.18
CA ASP W 40 -2.63 -11.67 -47.00
C ASP W 40 -2.27 -12.87 -46.14
N LEU W 41 -0.99 -12.94 -45.75
CA LEU W 41 -0.51 -13.94 -44.80
C LEU W 41 0.24 -13.21 -43.70
N PRO W 42 -0.46 -12.47 -42.82
CA PRO W 42 0.18 -11.52 -41.90
C PRO W 42 1.02 -12.11 -40.76
N GLN W 43 0.79 -13.36 -40.36
CA GLN W 43 1.64 -14.00 -39.34
C GLN W 43 2.99 -14.33 -39.93
N LEU W 44 2.97 -14.87 -41.16
CA LEU W 44 4.17 -15.13 -41.92
C LEU W 44 4.94 -13.83 -42.12
N ALA W 45 4.22 -12.78 -42.52
CA ALA W 45 4.81 -11.47 -42.77
C ALA W 45 5.44 -10.93 -41.50
N LYS W 46 4.73 -11.06 -40.37
CA LYS W 46 5.20 -10.58 -39.09
C LYS W 46 6.52 -11.23 -38.74
N HIS W 47 6.59 -12.56 -38.89
CA HIS W 47 7.81 -13.30 -38.62
C HIS W 47 8.97 -12.83 -39.46
N PHE W 48 8.73 -12.62 -40.75
CA PHE W 48 9.81 -12.20 -41.63
C PHE W 48 10.26 -10.76 -41.47
N TYR W 49 9.35 -9.88 -41.05
CA TYR W 49 9.66 -8.48 -40.67
C TYR W 49 10.55 -8.50 -39.43
N SER W 50 10.34 -9.47 -38.53
CA SER W 50 11.22 -9.65 -37.39
C SER W 50 12.60 -10.18 -37.83
N GLN W 51 12.61 -11.10 -38.80
CA GLN W 51 13.86 -11.69 -39.29
C GLN W 51 14.74 -10.71 -40.03
N ALA W 52 14.13 -9.76 -40.71
CA ALA W 52 14.86 -8.72 -41.43
C ALA W 52 15.61 -7.83 -40.45
N VAL W 53 14.94 -7.51 -39.33
CA VAL W 53 15.53 -6.74 -38.25
C VAL W 53 16.68 -7.52 -37.66
N GLU W 54 16.48 -8.82 -37.46
CA GLU W 54 17.52 -9.67 -36.90
C GLU W 54 18.75 -9.71 -37.79
N GLU W 55 18.54 -9.74 -39.11
CA GLU W 55 19.63 -9.83 -40.08
C GLU W 55 20.40 -8.52 -40.14
N ARG W 56 19.67 -7.39 -40.09
CA ARG W 56 20.28 -6.03 -40.00
C ARG W 56 21.12 -5.93 -38.73
N ASN W 57 20.62 -6.47 -37.62
CA ASN W 57 21.36 -6.51 -36.38
C ASN W 57 22.66 -7.30 -36.51
N HIS W 58 22.62 -8.42 -37.23
CA HIS W 58 23.82 -9.21 -37.50
C HIS W 58 24.84 -8.40 -38.28
N ALA W 59 24.37 -7.68 -39.30
CA ALA W 59 25.22 -6.82 -40.11
C ALA W 59 25.90 -5.77 -39.24
N MET W 60 25.11 -5.15 -38.35
CA MET W 60 25.60 -4.17 -37.41
C MET W 60 26.64 -4.75 -36.45
N MET W 61 26.46 -6.02 -36.07
CA MET W 61 27.40 -6.71 -35.18
C MET W 61 28.75 -6.88 -35.86
N LEU W 62 28.73 -7.30 -37.12
CA LEU W 62 29.94 -7.44 -37.92
C LEU W 62 30.65 -6.10 -38.08
N VAL W 63 29.87 -5.07 -38.40
CA VAL W 63 30.38 -3.70 -38.53
C VAL W 63 31.07 -3.24 -37.24
N GLN W 64 30.40 -3.46 -36.10
CA GLN W 64 30.90 -3.08 -34.79
C GLN W 64 32.19 -3.78 -34.47
N HIS W 65 32.30 -5.05 -34.90
CA HIS W 65 33.53 -5.81 -34.71
C HIS W 65 34.68 -5.23 -35.49
N LEU W 66 34.40 -4.75 -36.70
CA LEU W 66 35.44 -4.08 -37.48
C LEU W 66 35.86 -2.77 -36.83
N LEU W 67 34.88 -2.03 -36.30
CA LEU W 67 35.13 -0.76 -35.63
C LEU W 67 35.99 -0.92 -34.38
N ASP W 68 35.79 -2.04 -33.66
CA ASP W 68 36.51 -2.32 -32.42
C ASP W 68 37.98 -2.64 -32.63
N ARG W 69 38.28 -3.37 -33.69
CA ARG W 69 39.67 -3.78 -34.05
C ARG W 69 40.32 -2.72 -34.95
N ASP W 70 39.65 -1.58 -35.15
CA ASP W 70 40.19 -0.42 -35.87
C ASP W 70 40.63 -0.73 -37.29
N LEU W 71 39.94 -1.67 -37.94
CA LEU W 71 40.15 -1.93 -39.36
C LEU W 71 39.12 -1.09 -40.11
N ARG W 72 39.49 -0.71 -41.33
CA ARG W 72 38.58 0.12 -42.18
C ARG W 72 37.39 -0.74 -42.56
N VAL W 73 36.22 -0.11 -42.64
CA VAL W 73 35.03 -0.85 -42.97
C VAL W 73 34.17 0.05 -43.85
N GLU W 74 33.63 -0.54 -44.92
CA GLU W 74 32.76 0.13 -45.86
C GLU W 74 31.37 -0.33 -45.53
N ILE W 75 30.41 0.59 -45.50
CA ILE W 75 29.01 0.24 -45.50
C ILE W 75 28.61 0.17 -46.98
N PRO W 76 28.35 -1.02 -47.53
CA PRO W 76 28.20 -1.20 -48.97
C PRO W 76 26.75 -1.00 -49.45
N GLY W 77 26.56 -1.06 -50.76
CA GLY W 77 25.25 -1.10 -51.37
C GLY W 77 24.72 -2.51 -51.26
N VAL W 78 23.51 -2.72 -51.78
CA VAL W 78 22.82 -4.00 -51.73
C VAL W 78 22.42 -4.33 -53.16
N ASP W 79 22.53 -5.61 -53.52
CA ASP W 79 22.18 -6.04 -54.87
C ASP W 79 20.69 -6.10 -54.95
N THR W 80 20.15 -6.24 -56.17
CA THR W 80 18.73 -6.43 -56.34
C THR W 80 18.36 -7.79 -55.76
N VAL W 81 17.28 -7.81 -54.99
CA VAL W 81 16.77 -9.00 -54.36
C VAL W 81 15.52 -9.42 -55.13
N ARG W 82 15.06 -10.65 -54.87
CA ARG W 82 13.93 -11.28 -55.59
C ARG W 82 12.59 -10.81 -55.01
N ASN W 83 11.62 -10.51 -55.88
CA ASN W 83 10.27 -10.11 -55.46
C ASN W 83 9.15 -11.00 -55.99
N GLN W 84 9.34 -11.60 -57.18
CA GLN W 84 8.35 -12.47 -57.78
C GLN W 84 8.43 -13.86 -57.15
N PHE W 85 7.28 -14.34 -56.69
CA PHE W 85 7.11 -15.70 -56.25
C PHE W 85 5.75 -16.11 -56.71
N ASP W 86 5.64 -17.32 -57.26
CA ASP W 86 4.36 -17.81 -57.76
C ASP W 86 3.47 -18.39 -56.66
N ARG W 87 4.08 -18.94 -55.60
CA ARG W 87 3.36 -19.48 -54.42
C ARG W 87 4.21 -19.27 -53.17
N PRO W 88 3.61 -19.29 -51.96
CA PRO W 88 4.37 -19.10 -50.71
C PRO W 88 5.50 -20.10 -50.43
N ARG W 89 5.35 -21.33 -50.93
CA ARG W 89 6.31 -22.43 -50.71
C ARG W 89 7.68 -22.01 -51.27
N GLU W 90 7.69 -21.30 -52.40
CA GLU W 90 8.93 -20.90 -53.05
C GLU W 90 9.68 -19.82 -52.28
N ALA W 91 8.94 -18.89 -51.67
CA ALA W 91 9.54 -17.81 -50.90
C ALA W 91 10.15 -18.38 -49.63
N LEU W 92 9.43 -19.32 -49.01
CA LEU W 92 9.95 -20.02 -47.85
C LEU W 92 11.20 -20.84 -48.20
N ALA W 93 11.19 -21.46 -49.38
CA ALA W 93 12.32 -22.25 -49.85
C ALA W 93 13.51 -21.35 -50.08
N LEU W 94 13.26 -20.13 -50.56
CA LEU W 94 14.30 -19.15 -50.79
C LEU W 94 14.93 -18.73 -49.48
N ALA W 95 14.10 -18.52 -48.46
CA ALA W 95 14.59 -18.18 -47.13
C ALA W 95 15.50 -19.27 -46.58
N LEU W 96 15.02 -20.51 -46.63
CA LEU W 96 15.76 -21.68 -46.20
C LEU W 96 17.10 -21.79 -46.91
N ASP W 97 17.08 -21.63 -48.23
CA ASP W 97 18.26 -21.64 -49.08
C ASP W 97 19.26 -20.59 -48.58
N GLN W 98 18.77 -19.35 -48.41
CA GLN W 98 19.58 -18.23 -48.02
C GLN W 98 20.28 -18.54 -46.72
N GLU W 99 19.54 -19.10 -45.76
CA GLU W 99 20.09 -19.37 -44.46
C GLU W 99 21.14 -20.47 -44.48
N ARG W 100 20.95 -21.48 -45.33
CA ARG W 100 21.98 -22.54 -45.54
C ARG W 100 23.24 -21.90 -46.12
N THR W 101 23.07 -20.95 -47.04
CA THR W 101 24.21 -20.24 -47.61
C THR W 101 24.93 -19.48 -46.50
N VAL W 102 24.18 -18.70 -45.73
CA VAL W 102 24.74 -17.91 -44.63
C VAL W 102 25.55 -18.79 -43.67
N THR W 103 25.03 -19.98 -43.38
CA THR W 103 25.74 -20.94 -42.55
C THR W 103 27.07 -21.33 -43.15
N ASP W 104 27.07 -21.63 -44.46
CA ASP W 104 28.32 -21.98 -45.15
C ASP W 104 29.32 -20.84 -45.19
N GLN W 105 28.83 -19.62 -45.35
CA GLN W 105 29.64 -18.41 -45.35
C GLN W 105 30.32 -18.17 -44.02
N VAL W 106 29.57 -18.30 -42.92
CA VAL W 106 30.10 -18.14 -41.58
C VAL W 106 31.12 -19.26 -41.29
N GLY W 107 30.85 -20.46 -41.80
CA GLY W 107 31.80 -21.55 -41.74
C GLY W 107 33.12 -21.18 -42.40
N ARG W 108 33.01 -20.57 -43.58
CA ARG W 108 34.15 -20.15 -44.43
C ARG W 108 34.96 -19.10 -43.68
N LEU W 109 34.29 -18.18 -43.00
CA LEU W 109 34.94 -17.17 -42.16
C LEU W 109 35.71 -17.75 -40.98
N THR W 110 35.09 -18.69 -40.27
CA THR W 110 35.74 -19.35 -39.15
C THR W 110 36.99 -20.08 -39.62
N ALA W 111 36.88 -20.72 -40.78
CA ALA W 111 37.99 -21.46 -41.38
C ALA W 111 39.14 -20.55 -41.77
N VAL W 112 38.83 -19.43 -42.44
CA VAL W 112 39.87 -18.51 -42.88
C VAL W 112 40.54 -17.80 -41.69
N ALA W 113 39.77 -17.55 -40.64
CA ALA W 113 40.28 -16.96 -39.42
C ALA W 113 41.25 -17.90 -38.76
N ARG W 114 40.89 -19.18 -38.73
CA ARG W 114 41.72 -20.22 -38.06
C ARG W 114 42.97 -20.50 -38.89
N ASP W 115 42.89 -20.39 -40.21
CA ASP W 115 44.06 -20.53 -41.05
C ASP W 115 45.10 -19.45 -40.72
N GLU W 116 44.68 -18.19 -40.76
CA GLU W 116 45.60 -17.06 -40.60
C GLU W 116 45.85 -16.61 -39.16
N GLY W 117 45.51 -17.47 -38.20
CA GLY W 117 45.80 -17.25 -36.80
C GLY W 117 45.24 -15.96 -36.23
N ASP W 118 43.99 -15.64 -36.60
CA ASP W 118 43.28 -14.47 -36.08
C ASP W 118 42.34 -14.95 -34.99
N PHE W 119 42.85 -15.01 -33.77
CA PHE W 119 42.16 -15.63 -32.65
C PHE W 119 40.92 -14.87 -32.18
N LEU W 120 40.99 -13.54 -32.26
CA LEU W 120 39.84 -12.68 -32.02
C LEU W 120 38.76 -12.96 -33.06
N GLY W 121 39.19 -13.11 -34.31
CA GLY W 121 38.27 -13.42 -35.40
C GLY W 121 37.67 -14.81 -35.30
N GLU W 122 38.45 -15.79 -34.85
CA GLU W 122 37.96 -17.14 -34.62
C GLU W 122 36.86 -17.05 -33.59
N GLN W 123 37.15 -16.37 -32.48
CA GLN W 123 36.27 -16.33 -31.33
C GLN W 123 34.98 -15.57 -31.58
N PHE W 124 35.06 -14.49 -32.37
CA PHE W 124 33.94 -13.60 -32.57
C PHE W 124 32.74 -14.27 -33.21
N MET W 125 32.98 -15.29 -34.03
CA MET W 125 31.95 -15.86 -34.90
C MET W 125 31.34 -17.17 -34.43
N GLN W 126 31.68 -17.55 -33.19
CA GLN W 126 31.09 -18.69 -32.56
C GLN W 126 29.62 -18.40 -32.32
N TRP W 127 29.32 -17.13 -32.03
CA TRP W 127 27.95 -16.72 -31.75
C TRP W 127 27.11 -16.80 -33.01
N PHE W 128 27.74 -16.51 -34.16
CA PHE W 128 27.08 -16.60 -35.44
C PHE W 128 26.77 -18.04 -35.81
N LEU W 129 27.69 -18.95 -35.50
CA LEU W 129 27.44 -20.39 -35.68
C LEU W 129 26.25 -20.87 -34.83
N GLN W 130 26.23 -20.44 -33.57
CA GLN W 130 25.15 -20.74 -32.65
C GLN W 130 23.81 -20.28 -33.17
N GLU W 131 23.77 -19.05 -33.71
CA GLU W 131 22.53 -18.49 -34.24
C GLU W 131 22.06 -19.19 -35.48
N GLN W 132 23.02 -19.61 -36.31
CA GLN W 132 22.69 -20.36 -37.52
C GLN W 132 22.03 -21.71 -37.26
N ILE W 133 22.44 -22.40 -36.18
CA ILE W 133 21.81 -23.66 -35.82
C ILE W 133 20.29 -23.48 -35.72
N GLU W 134 19.87 -22.62 -34.79
CA GLU W 134 18.47 -22.40 -34.47
C GLU W 134 17.71 -21.78 -35.63
N GLU W 135 18.39 -20.89 -36.36
CA GLU W 135 17.79 -20.19 -37.50
C GLU W 135 17.45 -21.12 -38.67
N VAL W 136 18.41 -21.95 -39.07
CA VAL W 136 18.18 -22.92 -40.14
C VAL W 136 17.16 -23.97 -39.69
N ALA W 137 17.17 -24.28 -38.39
CA ALA W 137 16.19 -25.20 -37.82
C ALA W 137 14.79 -24.67 -38.05
N LEU W 138 14.58 -23.41 -37.70
CA LEU W 138 13.28 -22.75 -37.81
C LEU W 138 12.80 -22.68 -39.25
N MET W 139 13.70 -22.30 -40.16
CA MET W 139 13.38 -22.22 -41.58
C MET W 139 13.00 -23.55 -42.18
N ALA W 140 13.74 -24.60 -41.84
CA ALA W 140 13.46 -25.94 -42.32
C ALA W 140 12.10 -26.41 -41.85
N THR W 141 11.80 -26.11 -40.57
CA THR W 141 10.52 -26.44 -39.98
C THR W 141 9.37 -25.78 -40.76
N LEU W 142 9.52 -24.48 -41.05
CA LEU W 142 8.52 -23.74 -41.83
C LEU W 142 8.31 -24.28 -43.24
N VAL W 143 9.39 -24.69 -43.90
CA VAL W 143 9.30 -25.22 -45.26
C VAL W 143 8.56 -26.57 -45.28
N ARG W 144 8.86 -27.42 -44.30
CA ARG W 144 8.22 -28.76 -44.15
C ARG W 144 6.74 -28.59 -43.81
N VAL W 145 6.41 -27.64 -42.93
CA VAL W 145 5.02 -27.36 -42.58
C VAL W 145 4.26 -26.81 -43.79
N ALA W 146 4.93 -25.98 -44.60
CA ALA W 146 4.33 -25.43 -45.82
C ALA W 146 4.06 -26.51 -46.85
N ASP W 147 4.89 -27.55 -46.88
CA ASP W 147 4.64 -28.71 -47.73
C ASP W 147 3.45 -29.56 -47.25
N ARG W 148 3.35 -29.79 -45.94
CA ARG W 148 2.22 -30.55 -45.32
C ARG W 148 0.90 -29.81 -45.54
N ALA W 149 0.92 -28.47 -45.46
CA ALA W 149 -0.27 -27.67 -45.63
C ALA W 149 -0.73 -27.66 -47.09
N GLY W 150 0.22 -27.60 -48.03
CA GLY W 150 -0.09 -27.53 -49.45
C GLY W 150 -0.78 -26.21 -49.76
N ALA W 151 -1.82 -26.27 -50.60
CA ALA W 151 -2.54 -25.08 -51.01
C ALA W 151 -3.36 -24.42 -49.89
N ASN W 152 -3.75 -25.21 -48.88
CA ASN W 152 -4.49 -24.72 -47.72
C ASN W 152 -3.57 -23.95 -46.78
N LEU W 153 -3.49 -22.63 -46.98
CA LEU W 153 -2.50 -21.79 -46.34
C LEU W 153 -2.83 -21.35 -44.92
N PHE W 154 -4.09 -21.49 -44.53
CA PHE W 154 -4.51 -21.09 -43.19
C PHE W 154 -3.88 -21.92 -42.09
N GLU W 155 -3.57 -23.19 -42.39
CA GLU W 155 -2.99 -24.09 -41.42
C GLU W 155 -1.52 -23.76 -41.18
N LEU W 156 -0.82 -23.38 -42.25
CA LEU W 156 0.51 -22.77 -42.16
C LEU W 156 0.46 -21.53 -41.28
N GLU W 157 -0.54 -20.69 -41.55
CA GLU W 157 -0.77 -19.46 -40.80
C GLU W 157 -0.92 -19.71 -39.29
N ASN W 158 -1.74 -20.71 -38.94
CA ASN W 158 -1.98 -21.09 -37.55
C ASN W 158 -0.76 -21.68 -36.88
N PHE W 159 0.01 -22.46 -37.64
CA PHE W 159 1.26 -23.02 -37.12
C PHE W 159 2.25 -21.93 -36.77
N VAL W 160 2.39 -20.93 -37.66
CA VAL W 160 3.27 -19.80 -37.40
C VAL W 160 2.78 -19.01 -36.20
N ALA W 161 1.46 -18.87 -36.06
CA ALA W 161 0.88 -18.08 -34.99
C ALA W 161 1.08 -18.68 -33.60
N ARG W 162 0.84 -19.98 -33.46
CA ARG W 162 0.85 -20.68 -32.14
C ARG W 162 2.26 -21.09 -31.75
N GLU W 163 3.06 -21.62 -32.68
CA GLU W 163 4.26 -22.37 -32.33
C GLU W 163 5.57 -21.65 -32.55
N VAL W 164 5.62 -20.82 -33.59
CA VAL W 164 6.80 -20.01 -33.88
C VAL W 164 6.67 -18.69 -33.16
N ASP W 165 7.60 -18.43 -32.24
CA ASP W 165 7.62 -17.21 -31.45
C ASP W 165 9.02 -16.66 -31.50
N VAL W 166 9.13 -15.35 -31.64
CA VAL W 166 10.40 -14.64 -31.49
C VAL W 166 10.53 -14.24 -30.02
N ALA W 167 11.13 -15.16 -29.24
CA ALA W 167 11.35 -15.00 -27.80
C ALA W 167 12.38 -13.88 -27.58
N PRO W 168 12.47 -13.31 -26.36
CA PRO W 168 13.52 -12.34 -26.06
C PRO W 168 14.90 -12.95 -26.38
N ALA W 169 15.77 -12.16 -27.01
CA ALA W 169 17.12 -12.60 -27.34
C ALA W 169 17.87 -12.85 -26.06
N ALA W 170 18.67 -13.93 -26.05
CA ALA W 170 19.48 -14.29 -24.92
C ALA W 170 20.71 -13.43 -24.97
N SER W 171 21.48 -13.46 -23.88
CA SER W 171 22.79 -12.83 -23.84
C SER W 171 23.79 -13.66 -24.66
N GLY W 172 25.04 -13.20 -24.70
CA GLY W 172 26.08 -13.80 -25.48
C GLY W 172 26.19 -13.12 -26.82
N ALA W 173 25.14 -12.37 -27.17
CA ALA W 173 25.10 -11.64 -28.41
C ALA W 173 26.12 -10.52 -28.31
N PRO W 174 27.06 -10.39 -29.26
CA PRO W 174 28.04 -9.31 -29.23
C PRO W 174 27.33 -7.97 -29.49
N HIS W 175 28.03 -6.85 -29.24
N HIS W 175 28.03 -6.85 -29.24
CA HIS W 175 27.46 -5.53 -29.40
CA HIS W 175 27.45 -5.53 -29.40
C HIS W 175 27.27 -5.23 -30.87
C HIS W 175 27.27 -5.23 -30.87
N ALA W 176 26.11 -4.67 -31.21
CA ALA W 176 25.78 -4.25 -32.56
C ALA W 176 25.95 -2.74 -32.62
N ALA W 177 26.52 -2.26 -33.72
CA ALA W 177 26.78 -0.85 -33.93
C ALA W 177 25.45 -0.12 -33.96
N GLY W 178 25.30 0.84 -33.05
CA GLY W 178 24.09 1.65 -32.94
C GLY W 178 23.00 0.97 -32.18
N GLY W 179 23.38 0.04 -31.31
CA GLY W 179 22.45 -0.65 -30.46
C GLY W 179 21.70 -1.68 -31.25
N ARG W 180 21.60 -2.88 -30.67
CA ARG W 180 20.74 -3.98 -31.16
C ARG W 180 19.30 -3.46 -31.22
N LEU W 181 18.61 -3.69 -32.34
CA LEU W 181 17.19 -3.43 -32.45
C LEU W 181 16.42 -4.68 -32.04
N GLU X 5 -60.78 0.87 31.50
CA GLU X 5 -59.57 0.47 30.71
C GLU X 5 -58.23 0.93 31.34
N GLY X 6 -58.31 1.85 32.31
CA GLY X 6 -57.17 2.42 33.03
C GLY X 6 -57.20 3.95 33.04
N PRO X 7 -56.67 4.62 34.10
CA PRO X 7 -56.70 6.09 34.19
C PRO X 7 -55.66 6.80 33.31
N LYS X 8 -56.12 7.54 32.29
CA LYS X 8 -55.25 8.33 31.43
C LYS X 8 -55.05 9.72 32.00
N THR X 9 -53.79 10.10 32.22
CA THR X 9 -53.41 11.50 32.42
C THR X 9 -53.57 12.22 31.07
N LYS X 10 -53.79 13.53 31.10
CA LYS X 10 -54.06 14.25 29.84
C LYS X 10 -52.82 14.56 29.02
N PHE X 11 -51.63 14.39 29.61
CA PHE X 11 -50.41 14.39 28.81
C PHE X 11 -50.42 13.22 27.86
N HIS X 12 -50.76 12.04 28.38
CA HIS X 12 -50.87 10.82 27.58
C HIS X 12 -51.98 11.00 26.54
N ALA X 13 -53.13 11.49 26.99
CA ALA X 13 -54.29 11.65 26.13
C ALA X 13 -54.09 12.66 25.00
N LEU X 14 -53.17 13.61 25.19
CA LEU X 14 -52.92 14.68 24.24
C LEU X 14 -51.76 14.34 23.33
N MET X 15 -50.85 13.53 23.86
CA MET X 15 -49.73 13.01 23.09
C MET X 15 -50.19 11.99 22.04
N GLN X 16 -51.25 11.25 22.36
CA GLN X 16 -51.91 10.39 21.37
C GLN X 16 -52.42 11.24 20.20
N GLU X 17 -53.08 12.35 20.54
CA GLU X 17 -53.57 13.30 19.56
C GLU X 17 -52.43 13.84 18.71
N GLN X 18 -51.27 14.07 19.33
CA GLN X 18 -50.13 14.58 18.61
C GLN X 18 -49.55 13.57 17.65
N ILE X 19 -49.62 12.28 18.02
CA ILE X 19 -49.19 11.21 17.13
C ILE X 19 -50.04 11.27 15.87
N HIS X 20 -51.35 11.44 16.06
CA HIS X 20 -52.30 11.58 14.97
C HIS X 20 -51.96 12.77 14.08
N ASN X 21 -51.63 13.90 14.72
CA ASN X 21 -51.26 15.12 14.02
C ASN X 21 -50.02 14.98 13.16
N GLU X 22 -48.98 14.34 13.70
CA GLU X 22 -47.73 14.19 12.98
C GLU X 22 -47.89 13.27 11.78
N PHE X 23 -48.71 12.22 11.93
CA PHE X 23 -49.04 11.35 10.80
C PHE X 23 -49.77 12.10 9.68
N THR X 24 -50.76 12.92 10.05
CA THR X 24 -51.49 13.73 9.06
C THR X 24 -50.58 14.75 8.40
N ALA X 25 -49.64 15.30 9.18
CA ALA X 25 -48.69 16.28 8.70
C ALA X 25 -47.76 15.67 7.66
N ALA X 26 -47.34 14.42 7.92
CA ALA X 26 -46.49 13.69 6.99
C ALA X 26 -47.23 13.47 5.66
N GLN X 27 -48.49 13.05 5.76
CA GLN X 27 -49.30 12.82 4.55
C GLN X 27 -49.53 14.11 3.77
N GLN X 28 -49.69 15.22 4.48
CA GLN X 28 -49.83 16.55 3.87
C GLN X 28 -48.58 16.97 3.13
N TYR X 29 -47.40 16.69 3.71
CA TYR X 29 -46.09 16.92 3.05
C TYR X 29 -45.98 16.06 1.79
N VAL X 30 -46.45 14.81 1.85
CA VAL X 30 -46.42 13.96 0.66
C VAL X 30 -47.29 14.59 -0.43
N ALA X 31 -48.46 15.10 -0.05
CA ALA X 31 -49.38 15.69 -1.03
C ALA X 31 -48.80 16.95 -1.68
N ILE X 32 -48.17 17.79 -0.85
CA ILE X 32 -47.49 19.00 -1.31
C ILE X 32 -46.38 18.65 -2.30
N ALA X 33 -45.55 17.68 -1.94
CA ALA X 33 -44.45 17.18 -2.78
C ALA X 33 -44.94 16.59 -4.10
N VAL X 34 -46.09 15.91 -4.07
CA VAL X 34 -46.66 15.31 -5.26
C VAL X 34 -47.18 16.38 -6.20
N TYR X 35 -47.79 17.44 -5.64
CA TYR X 35 -48.24 18.62 -6.42
C TYR X 35 -47.02 19.30 -7.07
N PHE X 36 -45.93 19.45 -6.32
CA PHE X 36 -44.71 20.02 -6.87
C PHE X 36 -44.09 19.15 -7.95
N ASP X 37 -44.26 17.84 -7.84
CA ASP X 37 -43.68 16.90 -8.80
C ASP X 37 -44.48 16.89 -10.11
N SER X 38 -45.79 17.14 -10.00
CA SER X 38 -46.65 17.21 -11.18
C SER X 38 -46.44 18.51 -11.94
N GLU X 39 -46.15 19.60 -11.20
CA GLU X 39 -45.88 20.91 -11.81
C GLU X 39 -44.43 21.13 -12.23
N ASP X 40 -43.64 20.05 -12.28
CA ASP X 40 -42.26 20.08 -12.76
C ASP X 40 -41.39 21.05 -11.97
N LEU X 41 -41.38 20.88 -10.65
CA LEU X 41 -40.48 21.62 -9.77
C LEU X 41 -39.75 20.61 -8.89
N PRO X 42 -38.81 19.83 -9.46
CA PRO X 42 -38.25 18.66 -8.79
C PRO X 42 -37.33 18.91 -7.58
N GLN X 43 -36.73 20.10 -7.47
CA GLN X 43 -35.92 20.42 -6.28
C GLN X 43 -36.82 20.67 -5.10
N LEU X 44 -37.90 21.41 -5.35
CA LEU X 44 -38.94 21.64 -4.36
C LEU X 44 -39.52 20.31 -3.91
N ALA X 45 -39.83 19.45 -4.89
CA ALA X 45 -40.41 18.15 -4.64
C ALA X 45 -39.46 17.30 -3.80
N LYS X 46 -38.18 17.33 -4.14
CA LYS X 46 -37.16 16.57 -3.45
C LYS X 46 -37.12 16.97 -1.99
N HIS X 47 -37.11 18.28 -1.73
CA HIS X 47 -37.10 18.78 -0.37
C HIS X 47 -38.29 18.32 0.43
N PHE X 48 -39.48 18.37 -0.18
CA PHE X 48 -40.67 17.99 0.55
C PHE X 48 -40.84 16.49 0.76
N TYR X 49 -40.30 15.68 -0.15
CA TYR X 49 -40.21 14.21 -0.01
C TYR X 49 -39.29 13.89 1.16
N SER X 50 -38.25 14.70 1.37
CA SER X 50 -37.40 14.55 2.54
C SER X 50 -38.14 14.96 3.82
N GLN X 51 -38.94 16.03 3.75
CA GLN X 51 -39.69 16.53 4.91
C GLN X 51 -40.77 15.59 5.37
N ALA X 52 -41.37 14.86 4.44
CA ALA X 52 -42.40 13.88 4.77
C ALA X 52 -41.80 12.74 5.58
N VAL X 53 -40.60 12.32 5.18
CA VAL X 53 -39.84 11.30 5.88
C VAL X 53 -39.51 11.80 7.27
N GLU X 54 -39.09 13.06 7.36
CA GLU X 54 -38.74 13.65 8.65
C GLU X 54 -39.94 13.68 9.59
N GLU X 55 -41.12 13.97 9.05
CA GLU X 55 -42.34 14.08 9.84
C GLU X 55 -42.80 12.71 10.32
N ARG X 56 -42.69 11.70 9.45
CA ARG X 56 -42.97 10.28 9.80
C ARG X 56 -42.01 9.84 10.91
N ASN X 57 -40.75 10.24 10.83
CA ASN X 57 -39.78 9.96 11.87
C ASN X 57 -40.16 10.58 13.20
N HIS X 58 -40.69 11.80 13.17
CA HIS X 58 -41.18 12.46 14.38
C HIS X 58 -42.33 11.67 15.00
N ALA X 59 -43.26 11.22 14.16
CA ALA X 59 -44.38 10.41 14.61
C ALA X 59 -43.89 9.14 15.29
N MET X 60 -42.90 8.49 14.66
CA MET X 60 -42.28 7.29 15.20
C MET X 60 -41.59 7.55 16.54
N MET X 61 -41.01 8.75 16.70
CA MET X 61 -40.35 9.13 17.95
C MET X 61 -41.36 9.25 19.07
N LEU X 62 -42.49 9.88 18.80
CA LEU X 62 -43.58 10.00 19.76
C LEU X 62 -44.11 8.62 20.16
N VAL X 63 -44.33 7.77 19.15
CA VAL X 63 -44.78 6.40 19.36
C VAL X 63 -43.82 5.63 20.27
N GLN X 64 -42.52 5.73 19.97
CA GLN X 64 -41.47 5.06 20.72
C GLN X 64 -41.44 5.52 22.15
N HIS X 65 -41.71 6.81 22.37
CA HIS X 65 -41.79 7.35 23.72
C HIS X 65 -42.93 6.78 24.50
N LEU X 66 -44.06 6.56 23.83
CA LEU X 66 -45.19 5.91 24.50
C LEU X 66 -44.87 4.46 24.83
N LEU X 67 -44.19 3.77 23.91
CA LEU X 67 -43.79 2.38 24.10
C LEU X 67 -42.83 2.21 25.27
N ASP X 68 -41.94 3.19 25.47
CA ASP X 68 -40.93 3.15 26.53
C ASP X 68 -41.52 3.30 27.93
N ARG X 69 -42.51 4.17 28.06
CA ARG X 69 -43.20 4.44 29.35
C ARG X 69 -44.38 3.49 29.55
N ASP X 70 -44.53 2.50 28.66
CA ASP X 70 -45.52 1.42 28.77
C ASP X 70 -46.96 1.90 28.87
N LEU X 71 -47.25 3.04 28.21
CA LEU X 71 -48.62 3.51 28.08
C LEU X 71 -49.14 2.97 26.77
N ARG X 72 -50.46 2.77 26.72
CA ARG X 72 -51.11 2.23 25.50
C ARG X 72 -51.02 3.29 24.42
N VAL X 73 -50.84 2.86 23.18
CA VAL X 73 -50.71 3.79 22.09
C VAL X 73 -51.42 3.18 20.89
N GLU X 74 -52.20 4.02 20.20
CA GLU X 74 -52.93 3.65 19.00
C GLU X 74 -52.16 4.23 17.86
N ILE X 75 -51.98 3.45 16.79
CA ILE X 75 -51.53 3.98 15.52
C ILE X 75 -52.80 4.35 14.78
N PRO X 76 -53.09 5.66 14.59
CA PRO X 76 -54.39 6.11 14.10
C PRO X 76 -54.46 6.19 12.57
N GLY X 77 -55.64 6.51 12.05
CA GLY X 77 -55.83 6.83 10.66
C GLY X 77 -55.39 8.26 10.43
N VAL X 78 -55.51 8.71 9.19
CA VAL X 78 -55.09 10.04 8.77
C VAL X 78 -56.28 10.68 8.08
N ASP X 79 -56.50 11.98 8.31
CA ASP X 79 -57.61 12.68 7.71
C ASP X 79 -57.25 12.95 6.28
N THR X 80 -58.24 13.37 5.48
CA THR X 80 -57.96 13.78 4.12
C THR X 80 -57.13 15.05 4.16
N VAL X 81 -56.08 15.08 3.34
CA VAL X 81 -55.18 16.20 3.24
C VAL X 81 -55.49 16.91 1.92
N ARG X 82 -54.95 18.12 1.77
CA ARG X 82 -55.22 19.01 0.62
C ARG X 82 -54.35 18.63 -0.58
N ASN X 83 -54.93 18.62 -1.79
CA ASN X 83 -54.21 18.34 -3.02
C ASN X 83 -54.26 19.46 -4.07
N GLN X 84 -55.36 20.22 -4.09
CA GLN X 84 -55.53 21.32 -5.03
C GLN X 84 -54.77 22.55 -4.55
N PHE X 85 -53.94 23.09 -5.43
CA PHE X 85 -53.30 24.36 -5.23
C PHE X 85 -53.29 25.02 -6.57
N ASP X 86 -53.61 26.31 -6.61
CA ASP X 86 -53.66 27.05 -7.87
C ASP X 86 -52.28 27.54 -8.32
N ARG X 87 -51.38 27.80 -7.37
CA ARG X 87 -49.98 28.22 -7.64
C ARG X 87 -49.07 27.67 -6.54
N PRO X 88 -47.74 27.55 -6.79
CA PRO X 88 -46.80 27.05 -5.77
C PRO X 88 -46.72 27.82 -4.45
N ARG X 89 -47.00 29.13 -4.51
CA ARG X 89 -46.92 30.04 -3.34
C ARG X 89 -47.90 29.55 -2.27
N GLU X 90 -49.07 29.05 -2.68
CA GLU X 90 -50.09 28.61 -1.74
C GLU X 90 -49.72 27.32 -1.02
N ALA X 91 -49.05 26.40 -1.73
CA ALA X 91 -48.64 25.14 -1.15
C ALA X 91 -47.54 25.38 -0.14
N LEU X 92 -46.62 26.29 -0.49
CA LEU X 92 -45.57 26.70 0.43
C LEU X 92 -46.15 27.39 1.67
N ALA X 93 -47.18 28.20 1.46
CA ALA X 93 -47.85 28.91 2.55
C ALA X 93 -48.53 27.91 3.46
N LEU X 94 -49.08 26.84 2.88
CA LEU X 94 -49.73 25.78 3.63
C LEU X 94 -48.72 25.06 4.50
N ALA X 95 -47.55 24.78 3.94
CA ALA X 95 -46.47 24.15 4.70
C ALA X 95 -46.06 25.00 5.89
N LEU X 96 -45.82 26.29 5.64
CA LEU X 96 -45.46 27.25 6.67
C LEU X 96 -46.50 27.30 7.79
N ASP X 97 -47.77 27.39 7.38
CA ASP X 97 -48.91 27.38 8.27
C ASP X 97 -48.87 26.13 9.17
N GLN X 98 -48.73 24.96 8.53
CA GLN X 98 -48.74 23.69 9.21
C GLN X 98 -47.67 23.67 10.26
N GLU X 99 -46.47 24.15 9.91
CA GLU X 99 -45.36 24.10 10.83
C GLU X 99 -45.53 25.04 12.02
N ARG X 100 -46.15 26.20 11.78
CA ARG X 100 -46.50 27.13 12.90
C ARG X 100 -47.50 26.44 13.83
N THR X 101 -48.45 25.71 13.26
CA THR X 101 -49.41 24.95 14.06
C THR X 101 -48.67 23.93 14.90
N VAL X 102 -47.82 23.13 14.25
CA VAL X 102 -47.05 22.09 14.93
C VAL X 102 -46.26 22.67 16.11
N THR X 103 -45.67 23.85 15.90
CA THR X 103 -44.96 24.55 16.96
C THR X 103 -45.86 24.85 18.14
N ASP X 104 -47.06 25.38 17.85
CA ASP X 104 -48.02 25.67 18.91
C ASP X 104 -48.51 24.44 19.65
N GLN X 105 -48.68 23.34 18.92
CA GLN X 105 -49.08 22.05 19.48
C GLN X 105 -48.04 21.49 20.43
N VAL X 106 -46.77 21.52 20.03
CA VAL X 106 -45.67 21.06 20.85
C VAL X 106 -45.53 21.96 22.09
N GLY X 107 -45.79 23.26 21.92
CA GLY X 107 -45.86 24.18 23.03
C GLY X 107 -46.91 23.76 24.04
N ARG X 108 -48.08 23.39 23.52
CA ARG X 108 -49.27 22.98 24.31
C ARG X 108 -48.93 21.72 25.09
N LEU X 109 -48.22 20.78 24.46
CA LEU X 109 -47.74 19.57 25.12
C LEU X 109 -46.76 19.82 26.26
N THR X 110 -45.79 20.70 26.03
CA THR X 110 -44.82 21.05 27.06
C THR X 110 -45.53 21.68 28.25
N ALA X 111 -46.51 22.53 27.96
CA ALA X 111 -47.30 23.20 28.98
C ALA X 111 -48.12 22.23 29.81
N VAL X 112 -48.83 21.31 29.14
CA VAL X 112 -49.66 20.34 29.85
C VAL X 112 -48.82 19.36 30.67
N ALA X 113 -47.63 19.02 30.17
CA ALA X 113 -46.70 18.16 30.86
C ALA X 113 -46.23 18.83 32.13
N ARG X 114 -45.93 20.13 32.02
CA ARG X 114 -45.39 20.90 33.17
C ARG X 114 -46.50 21.16 34.19
N ASP X 115 -47.75 21.30 33.74
CA ASP X 115 -48.86 21.43 34.66
C ASP X 115 -48.99 20.18 35.54
N GLU X 116 -49.08 19.01 34.91
CA GLU X 116 -49.34 17.76 35.62
C GLU X 116 -48.11 17.04 36.16
N GLY X 117 -46.98 17.74 36.23
CA GLY X 117 -45.77 17.24 36.84
C GLY X 117 -45.24 15.96 36.23
N ASP X 118 -45.27 15.88 34.89
CA ASP X 118 -44.73 14.74 34.15
C ASP X 118 -43.36 15.14 33.63
N PHE X 119 -42.34 14.91 34.44
CA PHE X 119 -41.00 15.41 34.19
C PHE X 119 -40.30 14.75 33.00
N LEU X 120 -40.57 13.45 32.81
CA LEU X 120 -40.14 12.73 31.63
C LEU X 120 -40.77 13.33 30.39
N GLY X 121 -42.06 13.65 30.49
CA GLY X 121 -42.79 14.28 29.40
C GLY X 121 -42.34 15.68 29.09
N GLU X 122 -42.00 16.46 30.12
CA GLU X 122 -41.47 17.79 29.96
C GLU X 122 -40.18 17.67 29.17
N GLN X 123 -39.31 16.77 29.62
CA GLN X 123 -37.96 16.65 29.08
C GLN X 123 -37.93 16.12 27.66
N PHE X 124 -38.84 15.20 27.33
CA PHE X 124 -38.83 14.52 26.06
C PHE X 124 -39.01 15.44 24.87
N MET X 125 -39.72 16.55 25.06
CA MET X 125 -40.17 17.40 23.96
C MET X 125 -39.37 18.68 23.74
N GLN X 126 -38.25 18.78 24.44
CA GLN X 126 -37.32 19.86 24.26
C GLN X 126 -36.71 19.73 22.87
N TRP X 127 -36.52 18.48 22.44
CA TRP X 127 -35.92 18.21 21.15
C TRP X 127 -36.86 18.63 20.03
N PHE X 128 -38.17 18.47 20.28
CA PHE X 128 -39.18 18.87 19.33
C PHE X 128 -39.25 20.38 19.19
N LEU X 129 -39.10 21.09 20.31
CA LEU X 129 -39.00 22.56 20.28
C LEU X 129 -37.79 23.03 19.46
N GLN X 130 -36.65 22.39 19.70
CA GLN X 130 -35.42 22.67 18.96
C GLN X 130 -35.60 22.49 17.47
N GLU X 131 -36.26 21.39 17.08
CA GLU X 131 -36.48 21.10 15.66
C GLU X 131 -37.44 22.07 15.02
N GLN X 132 -38.44 22.50 15.78
CA GLN X 132 -39.39 23.49 15.29
C GLN X 132 -38.77 24.84 14.97
N ILE X 133 -37.78 25.27 15.76
CA ILE X 133 -37.08 26.52 15.49
C ILE X 133 -36.58 26.53 14.04
N GLU X 134 -35.69 25.59 13.74
CA GLU X 134 -35.01 25.50 12.45
C GLU X 134 -35.98 25.20 11.32
N GLU X 135 -36.99 24.37 11.61
CA GLU X 135 -37.99 23.98 10.61
C GLU X 135 -38.88 25.13 10.15
N VAL X 136 -39.42 25.89 11.11
CA VAL X 136 -40.24 27.06 10.78
C VAL X 136 -39.38 28.13 10.11
N ALA X 137 -38.10 28.20 10.52
CA ALA X 137 -37.16 29.13 9.90
C ALA X 137 -37.05 28.85 8.42
N LEU X 138 -36.82 27.57 8.09
CA LEU X 138 -36.64 27.13 6.71
C LEU X 138 -37.88 27.38 5.86
N MET X 139 -39.05 27.05 6.41
CA MET X 139 -40.32 27.26 5.72
C MET X 139 -40.60 28.72 5.44
N ALA X 140 -40.35 29.59 6.42
CA ALA X 140 -40.55 31.02 6.27
C ALA X 140 -39.64 31.57 5.18
N THR X 141 -38.39 31.10 5.18
CA THR X 141 -37.42 31.48 4.17
C THR X 141 -37.91 31.13 2.77
N LEU X 142 -38.41 29.90 2.60
CA LEU X 142 -38.95 29.44 1.32
C LEU X 142 -40.16 30.25 0.84
N VAL X 143 -41.04 30.62 1.77
CA VAL X 143 -42.23 31.39 1.42
C VAL X 143 -41.86 32.80 0.96
N ARG X 144 -40.90 33.42 1.65
CA ARG X 144 -40.39 34.79 1.32
C ARG X 144 -39.67 34.76 -0.03
N VAL X 145 -38.87 33.72 -0.28
CA VAL X 145 -38.18 33.57 -1.55
C VAL X 145 -39.18 33.35 -2.69
N ALA X 146 -40.25 32.60 -2.42
CA ALA X 146 -41.32 32.36 -3.41
C ALA X 146 -42.07 33.63 -3.74
N ASP X 147 -42.19 34.54 -2.77
CA ASP X 147 -42.77 35.85 -3.04
C ASP X 147 -41.86 36.76 -3.87
N ARG X 148 -40.55 36.76 -3.59
CA ARG X 148 -39.54 37.54 -4.37
C ARG X 148 -39.47 37.04 -5.80
N ALA X 149 -39.58 35.72 -6.00
CA ALA X 149 -39.50 35.12 -7.32
C ALA X 149 -40.77 35.44 -8.14
N GLY X 150 -41.93 35.42 -7.49
CA GLY X 150 -43.19 35.64 -8.17
C GLY X 150 -43.47 34.50 -9.14
N ALA X 151 -43.96 34.85 -10.34
CA ALA X 151 -44.30 33.86 -11.34
C ALA X 151 -43.09 33.12 -11.95
N ASN X 152 -41.91 33.77 -11.91
CA ASN X 152 -40.67 33.18 -12.39
C ASN X 152 -40.14 32.14 -11.41
N LEU X 153 -40.54 30.88 -11.62
CA LEU X 153 -40.33 29.82 -10.67
C LEU X 153 -38.94 29.18 -10.68
N PHE X 154 -38.18 29.41 -11.75
CA PHE X 154 -36.85 28.84 -11.87
C PHE X 154 -35.87 29.37 -10.84
N GLU X 155 -36.08 30.62 -10.40
CA GLU X 155 -35.20 31.25 -9.43
C GLU X 155 -35.44 30.69 -8.03
N LEU X 156 -36.71 30.41 -7.72
CA LEU X 156 -37.09 29.63 -6.54
C LEU X 156 -36.41 28.26 -6.57
N GLU X 157 -36.49 27.63 -7.75
CA GLU X 157 -35.88 26.33 -7.99
C GLU X 157 -34.37 26.33 -7.69
N ASN X 158 -33.67 27.35 -8.19
CA ASN X 158 -32.23 27.50 -7.99
C ASN X 158 -31.86 27.79 -6.55
N PHE X 159 -32.70 28.58 -5.88
CA PHE X 159 -32.50 28.87 -4.46
C PHE X 159 -32.59 27.61 -3.63
N VAL X 160 -33.61 26.78 -3.90
CA VAL X 160 -33.77 25.51 -3.19
C VAL X 160 -32.59 24.60 -3.49
N ALA X 161 -32.10 24.61 -4.73
CA ALA X 161 -31.02 23.73 -5.14
C ALA X 161 -29.68 24.04 -4.48
N ARG X 162 -29.31 25.32 -4.44
CA ARG X 162 -27.97 25.76 -3.96
C ARG X 162 -27.95 25.90 -2.44
N GLU X 163 -28.99 26.47 -1.84
CA GLU X 163 -28.90 26.99 -0.47
C GLU X 163 -29.59 26.15 0.58
N VAL X 164 -30.70 25.51 0.22
CA VAL X 164 -31.42 24.62 1.11
C VAL X 164 -30.87 23.22 0.94
N ASP X 165 -30.30 22.68 2.02
CA ASP X 165 -29.72 21.35 2.03
C ASP X 165 -30.24 20.64 3.25
N VAL X 166 -30.59 19.37 3.08
CA VAL X 166 -30.91 18.48 4.20
C VAL X 166 -29.60 17.82 4.64
N ALA X 167 -28.90 18.49 5.57
CA ALA X 167 -27.63 18.05 6.13
C ALA X 167 -27.87 16.79 6.96
N PRO X 168 -26.81 16.00 7.27
CA PRO X 168 -26.96 14.86 8.17
C PRO X 168 -27.57 15.33 9.50
N ALA X 169 -28.53 14.55 10.03
CA ALA X 169 -29.17 14.86 11.30
C ALA X 169 -28.14 14.78 12.39
N ALA X 170 -28.22 15.72 13.34
CA ALA X 170 -27.33 15.76 14.47
C ALA X 170 -27.84 14.77 15.47
N SER X 171 -27.03 14.49 16.50
CA SER X 171 -27.45 13.71 17.64
C SER X 171 -28.40 14.52 18.51
N GLY X 172 -28.86 13.91 19.61
CA GLY X 172 -29.82 14.51 20.51
C GLY X 172 -31.21 14.06 20.13
N ALA X 173 -31.35 13.53 18.90
CA ALA X 173 -32.62 13.04 18.42
C ALA X 173 -32.95 11.80 19.22
N PRO X 174 -34.15 11.72 19.83
CA PRO X 174 -34.54 10.53 20.57
C PRO X 174 -34.77 9.36 19.59
N HIS X 175 -34.87 8.13 20.13
N HIS X 175 -34.87 8.13 20.13
CA HIS X 175 -35.04 6.95 19.31
CA HIS X 175 -35.04 6.95 19.31
C HIS X 175 -36.42 6.94 18.69
C HIS X 175 -36.42 6.94 18.69
N ALA X 176 -36.48 6.62 17.40
CA ALA X 176 -37.73 6.49 16.66
C ALA X 176 -38.03 5.01 16.54
N ALA X 177 -39.31 4.66 16.70
CA ALA X 177 -39.77 3.29 16.64
C ALA X 177 -39.51 2.75 15.24
N GLY X 178 -38.73 1.67 15.17
CA GLY X 178 -38.39 1.03 13.91
C GLY X 178 -37.26 1.70 13.19
N GLY X 179 -36.42 2.41 13.95
CA GLY X 179 -35.26 3.05 13.41
C GLY X 179 -35.65 4.30 12.68
N ARG X 180 -34.91 5.37 12.94
CA ARG X 180 -34.99 6.65 12.20
C ARG X 180 -34.70 6.35 10.73
N LEU X 181 -35.53 6.87 9.81
CA LEU X 181 -35.26 6.81 8.39
C LEU X 181 -34.49 8.07 8.00
#